data_9QWP
#
_entry.id   9QWP
#
_cell.length_a   1.00
_cell.length_b   1.00
_cell.length_c   1.00
_cell.angle_alpha   90.00
_cell.angle_beta   90.00
_cell.angle_gamma   90.00
#
_symmetry.space_group_name_H-M   'P 1'
#
loop_
_entity.id
_entity.type
_entity.pdbx_description
1 polymer 'Ral GTPase-activating protein subunit alpha-2'
2 polymer 'Ral GTPase-activating protein subunit beta'
#
loop_
_entity_poly.entity_id
_entity_poly.type
_entity_poly.pdbx_seq_one_letter_code
_entity_poly.pdbx_strand_id
1 'polypeptide(L)'
;MDYKDHDGDYKDHDIDYKDDDDKLAAAFSRRSHGDVKKSTQKVLDPKKDVLTRLKHLRALLDNVDANDLKQFFETNYSQI
YFIFYENFIALENSLKLKGNNKSQREELDSILFLFEKILQFLPERIFFRWHYQSIGSTLKKLLHTGNSIKIRCEGIRLFL
LWLQALQTNCAEEQVLIFACLVPGFPAVMSSRGPCTLETLINPSPSVADVKIYPEEITPLLPAISGEKIAEDQTCFFLQI
LLKYMVIQAASLEWKNKENQDTGFKFLFTLFRKYYLPHLFPSFTKLTNIYKPVLDIPHLRPKPVYITTTRDNENIYSTKI
PYMAARVVFIKWIVTFFLEKKYLTATQNTKNGVDVLPKIIQTVGGGAVQERAPELDGGGPTEQDKSHSNSSTLSDRRLSN
SSLCSIEEEHRMVYEMVQRILLSTRGYVNFVNEVFHQAFLLPSCEIAVTRKVVQVYRKWILQDKPVFMEEPDRKDVAQED
AEKLGFSETDSKEASSESSGHKRSSSWGRTYSFTSAMSRGCVTEEENTNVKAGVQALLQVFLTNSANIFLLEPCAEVPVL
LKEQVDACKAVLIIFRRMIMELTMNKKTWEQMLQILLRITEAVMQKPKDKQIKDLFAQSLAGLLFRTLMVAWIRANLCVY
ISRELWDDFLGVLSSLTEWEELINEWANIMDSLTAVLARTVYGVEMTNLPLDKLSEQKEKKQRGKGCVLDPQKGTTVGRS
FSLSWRSHPDVTEPMRFRSATTSGAPGVEKARNIVRQKATEVEECQQSENAPAAGSGHLTVGQQQQVLRSSSTSDIPEPL
CSDSSQGQKAENTQNSSSSEPQPIQENKGHVKREHEGITILVRRSSSPAELDLKDDLQQTQGKCRERQKSESTNSDTTLG
CTNEAELSMGPWQTCEEDPELNTPTDVVADADARHWLQLSPTDASNLTDSSECLTDDCSIIAGGSLTGWHPDSAAVLWRR
VLGILGDVNNIQSPKIHARVFCYLYELWYKLAKIRDNLAISLDNQSSPSPPVLIPPLRMFASWLFKAATLPNEYKEGKLQ
AYRLICAMMTRRQDVLPNSDFLVHFYLVMHLGLTSEDQDILNTIIRHCPPRFFSLGFPGFSMLVGDFITAAARVLSTDIL
TAPRSEAVTVLGSLVCFPNTYQEIPLLQSVPEVNEAITGTEDVKHYLINILLKNATEEPNEYARCIAVCSLGVWICEELA
QCTSHPQVKEAINVIGVTLKFPNKIVAQVACDVLQLLVSYWEKLQMFETSLPRKMAEILVATVAFLLPSAEYSSVETDKK
FIVSLLLCLLDWCMALPVSVLLHPVSTAVLEEQHSARAPLLDYIYRVLHCCVCGSSTYTQQSHYILTLADLSSTDYDPFL
PLANVKSSEPVQYHSSAELGNLLTVEEEKKRRSLELIPLTARMVMAHLVNHLGHYPLSGGPAILHSLVSENHDNAHVEGS
ELSFEVFRSPNLQLFVFNDSTLISYLQTPTEGPVGGSPVGSLSDVRVIVRDISGKYSWDGKVLYGPLEGCLAPNGRNPSF
LISSWHRDTFGPQKDSSQVEEGDDVLDKLLENIGHTSPECLLPSQLNLNEPSLTPCGMNYDQEKEIIEVILRQNAQEDEY
IQSHNFDSAMKVTSQGQPSPVEPRGPFYFCRLLLDDLGMNSWDRRKNFHLLKKNSKLLRELKNLDSRQCRETHKIAVFYI
AEGQEDKCSILSNERGSQAYEDFVAGLGWEVDLSTHCGFMGGLQRNGSTGQTAPYYATSTVEVIFHVSTRMPSDSDDSLT
KKLRHLGNDEVHIVWSEHSRDYRRGIIPTAFGDVSIIIYPMKNHMFFIAITKKPEVPFFGPLFDGAIVSGKLLPSLVCAT
CINASRAVKCLIPLYQSFYEERALYLEAIIQNHREVMTFEDFAAQVFSPSPSYSLSGTD
;
A,D
2 'polypeptide(L)'
;MYPYDVPDYAGSYPYDVPDYAGSYPYDVPDYAGSMYSEWRSLHLVIQNDQGHTSVLHSYPESVGREVANAVVRPLGQVLG
TPSVAGSENLLKTDKEVKWTMEVICYGLTLPLDGETVKYCVDVYTDWIMALVLPKDSIPLPVIKEPNQYVQTILKHLQNL
FVPRQEQGSSQIRLCLQVLRAIQKLARESSLMARETWEVLLLFLLQINDILLAPPTVQGGIAENLAEKLIGVLFEVWLLA
CTRCFPTPPYWKTAKEMVANWRHHPAVVEQWSKVICALTSRLLRFTYGPSFPAFKVPDEDASLIPPEMDNECVAQTWFRF
LHMLSNPVDLSNPAIISSTPKFQEQFLNVSGMPQELNQYPCLKHLPQIFFRAMRGISCLVDAFLGISRPRSDSAPPTPVN
RLSMPQSAAVSTTPPHNRRHRAVTVNKATMKTSTVSTAHASKVQHQTSSTSPLSSPNQTSSEPRPLPAPRRPKVNSILNL
FGSWLFDAAFVHCKLHNGINRDSSMTAITTQASMEFRRKGSQMSTDTMVSNPMFDASEFPDNYEAGRAEACGTLCRIFCS
KKTGEEILPAYLSRFYMLLIQGLQINDYVCHPVLASVILNSPPLFCCDLKGIDVVVPYFISALETILPDRELSKFKSYVN
PTELRRSSINILLSLLPLPHHFGTVKSEVVLEGKFSNDDSSSYDKPITFLSLKLRLVNILIGALQTETDPNNTQMILGAM
LNIVQDSALLEAIGCQMEMGGGENNLKSHSRTNSGISSASGGSTEPTTPDSERPAQALLRDYALNTDSAAGLLIRSIHLV
TQRLNSQWRQDMSISLAALELLSGLAKVKVMVDSGDRKRAISSVCTYIVYQCSRPAPLHSRDLHSMIVAAFQCLCVWLTE
HPDMLDEKDCLKEVLEIVELGISGSKSKNNEQEVKYKGDKEPNPASMRVKDAAEATLTCIMQLLGAFPSPSGPASPCSLV
NETTLIKYSRLPTINKHSFRYFVLDNSVILAMLEQPLGNEQNDFFPSVTVLVRGMSGRLAWAQQLCLLPRGAKANQKLFV
PEPRPVPKNDVGFKYSVKHRPFPEEVDKIPFVKADLSIPDLHEIVTEELEERHEKLRSGMAQQIAYEIHLEQQSEEELQK
RSFPDPVTDCKPPPPAQEFQTARLFLSHFGFLSLEALKEPANSRLPPHLIALDSTIPGFFDDIGYLDLLPCRPFDTVFIF
YMKPGQKTNQEILKNVESSRTVQPHFLEFLLSLGWSVDVGRHPGWTGHVSTSWSINCCDDGEGSQQEVISSEDIGASIFN
GQKKVLYYADALTEIAFVVPSPVESLTDSLESNISDQDSDSNMDLMPGILKQPSLTLELFPNHTDNLNSSQRLSPSSRMR
KLPQGRPVPPLGPETRVSVVWVERYDDIENFPLSELMTEISTGVETTANSSTSLRSTTLEKEVPVIFIHPLNTGLFRIKI
QGATGKFNMVIPLVDGMIVSRRALGFLVRQTVINICRRKRLESDSYSPPHVRRKQKITDIVNKYRNKQLEPEFYTSLFQE
VGLKNCSS
;
B,C
#
# COMPACT_ATOMS: atom_id res chain seq x y z
N ASN A 100 38.37 185.84 39.30
CA ASN A 100 37.10 185.15 39.09
C ASN A 100 36.83 184.15 40.21
N ASN A 101 35.55 183.84 40.41
CA ASN A 101 35.12 182.91 41.45
C ASN A 101 33.99 182.05 40.91
N LYS A 102 33.67 180.99 41.65
CA LYS A 102 32.50 180.20 41.32
C LYS A 102 31.23 181.04 41.38
N SER A 103 31.16 181.97 42.35
CA SER A 103 30.06 182.93 42.37
C SER A 103 30.09 183.81 41.12
N GLN A 104 31.28 184.24 40.71
CA GLN A 104 31.38 185.05 39.48
C GLN A 104 31.04 184.23 38.25
N ARG A 105 31.44 182.95 38.23
CA ARG A 105 31.08 182.09 37.11
C ARG A 105 29.57 181.91 37.03
N GLU A 106 28.92 181.71 38.18
CA GLU A 106 27.47 181.61 38.19
C GLU A 106 26.82 182.92 37.78
N GLU A 107 27.42 184.05 38.16
CA GLU A 107 26.88 185.35 37.78
C GLU A 107 26.94 185.55 36.26
N LEU A 108 28.07 185.17 35.65
CA LEU A 108 28.17 185.32 34.19
C LEU A 108 27.27 184.32 33.47
N ASP A 109 27.11 183.11 34.03
CA ASP A 109 26.15 182.17 33.46
C ASP A 109 24.73 182.70 33.55
N SER A 110 24.40 183.36 34.66
CA SER A 110 23.08 183.97 34.80
C SER A 110 22.92 185.14 33.84
N ILE A 111 24.01 185.87 33.56
CA ILE A 111 23.97 186.92 32.55
C ILE A 111 23.65 186.32 31.19
N LEU A 112 24.30 185.21 30.86
CA LEU A 112 24.01 184.52 29.60
C LEU A 112 22.57 184.04 29.56
N PHE A 113 22.06 183.50 30.67
CA PHE A 113 20.69 183.03 30.73
C PHE A 113 19.70 184.18 30.57
N LEU A 114 20.01 185.33 31.17
CA LEU A 114 19.16 186.51 31.00
C LEU A 114 19.21 187.01 29.57
N PHE A 115 20.37 186.92 28.93
CA PHE A 115 20.47 187.24 27.51
C PHE A 115 19.56 186.34 26.68
N GLU A 116 19.60 185.03 26.95
CA GLU A 116 18.74 184.09 26.24
C GLU A 116 17.27 184.39 26.49
N LYS A 117 16.92 184.71 27.74
CA LYS A 117 15.53 185.00 28.07
C LYS A 117 15.05 186.29 27.40
N ILE A 118 15.92 187.29 27.32
CA ILE A 118 15.52 188.56 26.69
C ILE A 118 15.46 188.40 25.18
N LEU A 119 16.20 187.44 24.62
CA LEU A 119 16.04 187.14 23.21
C LEU A 119 14.75 186.37 22.95
N GLN A 120 14.40 185.44 23.84
CA GLN A 120 13.21 184.64 23.65
C GLN A 120 11.94 185.46 23.85
N PHE A 121 11.89 186.27 24.91
CA PHE A 121 10.67 186.97 25.28
C PHE A 121 10.37 188.15 24.36
N LEU A 122 11.39 188.71 23.71
CA LEU A 122 11.24 189.88 22.84
C LEU A 122 11.88 189.59 21.49
N PRO A 123 11.25 188.76 20.66
CA PRO A 123 11.81 188.52 19.31
C PRO A 123 11.54 189.67 18.36
N GLU A 124 10.39 190.33 18.50
CA GLU A 124 10.05 191.43 17.61
C GLU A 124 10.96 192.63 17.84
N ARG A 125 11.32 192.89 19.10
CA ARG A 125 12.26 193.98 19.38
C ARG A 125 13.63 193.70 18.78
N ILE A 126 14.09 192.45 18.87
CA ILE A 126 15.37 192.09 18.26
C ILE A 126 15.29 192.22 16.74
N PHE A 127 14.17 191.81 16.15
CA PHE A 127 13.97 191.98 14.72
C PHE A 127 14.04 193.43 14.29
N PHE A 128 13.78 194.37 15.21
CA PHE A 128 13.90 195.79 14.94
C PHE A 128 15.26 196.34 15.35
N ARG A 129 16.29 195.51 15.28
CA ARG A 129 17.68 195.85 15.62
C ARG A 129 17.77 196.71 16.88
N TRP A 130 17.28 196.16 17.98
CA TRP A 130 17.34 196.83 19.27
C TRP A 130 18.68 196.56 19.93
N HIS A 131 19.37 197.63 20.34
CA HIS A 131 20.67 197.54 21.00
C HIS A 131 21.67 196.76 20.15
N TYR A 132 21.67 197.05 18.85
CA TYR A 132 22.49 196.28 17.91
C TYR A 132 23.97 196.32 18.29
N GLN A 133 24.50 197.52 18.51
CA GLN A 133 25.91 197.64 18.87
C GLN A 133 26.19 197.00 20.23
N SER A 134 25.29 197.18 21.19
CA SER A 134 25.49 196.59 22.51
C SER A 134 25.47 195.07 22.43
N ILE A 135 24.50 194.50 21.69
CA ILE A 135 24.43 193.05 21.56
C ILE A 135 25.66 192.51 20.85
N GLY A 136 26.10 193.20 19.79
CA GLY A 136 27.30 192.75 19.09
C GLY A 136 28.54 192.77 19.96
N SER A 137 28.70 193.85 20.74
CA SER A 137 29.85 193.94 21.64
C SER A 137 29.80 192.87 22.72
N THR A 138 28.60 192.63 23.28
CA THR A 138 28.48 191.59 24.30
C THR A 138 28.79 190.21 23.72
N LEU A 139 28.30 189.93 22.51
CA LEU A 139 28.59 188.65 21.87
C LEU A 139 30.08 188.49 21.60
N LYS A 140 30.73 189.55 21.10
CA LYS A 140 32.16 189.48 20.84
C LYS A 140 32.95 189.25 22.12
N LYS A 141 32.56 189.94 23.20
CA LYS A 141 33.24 189.74 24.47
C LYS A 141 33.04 188.32 24.99
N LEU A 142 31.82 187.77 24.85
CA LEU A 142 31.54 186.43 25.30
C LEU A 142 32.13 185.36 24.38
N LEU A 143 32.47 185.72 23.15
CA LEU A 143 33.11 184.81 22.21
C LEU A 143 34.62 184.77 22.38
N HIS A 144 35.13 185.17 23.55
CA HIS A 144 36.56 185.17 23.79
C HIS A 144 37.11 183.74 23.74
N THR A 145 38.17 183.55 22.96
CA THR A 145 38.76 182.23 22.78
C THR A 145 39.66 181.82 23.95
N GLY A 146 39.99 182.75 24.84
CA GLY A 146 40.82 182.46 25.98
C GLY A 146 40.13 181.79 27.14
N ASN A 147 38.82 181.59 27.05
CA ASN A 147 38.05 180.94 28.11
C ASN A 147 37.96 179.45 27.82
N SER A 148 37.13 178.75 28.57
CA SER A 148 36.98 177.31 28.43
C SER A 148 36.15 176.96 27.20
N ILE A 149 36.06 175.67 26.90
CA ILE A 149 35.24 175.22 25.78
C ILE A 149 33.77 175.50 26.04
N LYS A 150 33.34 175.39 27.30
CA LYS A 150 31.94 175.66 27.64
C LYS A 150 31.58 177.11 27.36
N ILE A 151 32.48 178.05 27.70
CA ILE A 151 32.20 179.45 27.48
C ILE A 151 32.10 179.75 25.99
N ARG A 152 33.01 179.18 25.19
CA ARG A 152 32.95 179.38 23.75
C ARG A 152 31.68 178.78 23.15
N CYS A 153 31.28 177.60 23.62
CA CYS A 153 30.05 177.00 23.14
C CYS A 153 28.84 177.86 23.49
N GLU A 154 28.81 178.40 24.71
CA GLU A 154 27.71 179.28 25.10
C GLU A 154 27.68 180.54 24.26
N GLY A 155 28.85 181.12 23.98
CA GLY A 155 28.89 182.29 23.12
C GLY A 155 28.40 182.00 21.72
N ILE A 156 28.79 180.85 21.16
CA ILE A 156 28.31 180.45 19.84
C ILE A 156 26.81 180.26 19.86
N ARG A 157 26.29 179.63 20.92
CA ARG A 157 24.84 179.44 21.05
C ARG A 157 24.11 180.77 21.11
N LEU A 158 24.63 181.72 21.87
CA LEU A 158 24.00 183.03 21.97
C LEU A 158 24.05 183.77 20.63
N PHE A 159 25.16 183.66 19.91
CA PHE A 159 25.26 184.27 18.59
C PHE A 159 24.25 183.65 17.63
N LEU A 160 24.08 182.33 17.69
CA LEU A 160 23.09 181.66 16.85
C LEU A 160 21.68 182.14 17.18
N LEU A 161 21.35 182.25 18.47
CA LEU A 161 20.03 182.75 18.84
C LEU A 161 19.81 184.18 18.37
N TRP A 162 20.85 185.02 18.50
CA TRP A 162 20.74 186.41 18.05
C TRP A 162 20.49 186.49 16.56
N LEU A 163 21.22 185.70 15.76
CA LEU A 163 21.01 185.77 14.32
C LEU A 163 19.71 185.11 13.90
N GLN A 164 19.24 184.11 14.67
CA GLN A 164 17.95 183.51 14.39
C GLN A 164 16.82 184.50 14.61
N ALA A 165 16.86 185.21 15.75
CA ALA A 165 15.85 186.24 16.01
C ALA A 165 15.96 187.38 15.00
N LEU A 166 17.18 187.75 14.63
CA LEU A 166 17.38 188.80 13.63
C LEU A 166 16.95 188.35 12.24
N GLN A 167 16.89 187.04 12.00
CA GLN A 167 16.45 186.47 10.72
C GLN A 167 17.39 186.93 9.62
N THR A 168 16.90 187.58 8.57
CA THR A 168 17.74 187.99 7.45
C THR A 168 18.33 189.38 7.60
N ASN A 169 18.14 190.01 8.76
CA ASN A 169 18.64 191.36 8.99
C ASN A 169 20.10 191.39 9.43
N CYS A 170 20.75 190.23 9.55
CA CYS A 170 22.14 190.20 9.98
C CYS A 170 23.03 190.87 8.93
N ALA A 171 24.01 191.64 9.42
CA ALA A 171 24.90 192.39 8.54
C ALA A 171 26.01 191.48 8.04
N GLU A 172 27.00 192.07 7.35
CA GLU A 172 28.06 191.27 6.76
C GLU A 172 28.96 190.65 7.83
N GLU A 173 29.22 191.37 8.92
CA GLU A 173 30.10 190.85 9.96
C GLU A 173 29.46 189.67 10.68
N GLN A 174 28.14 189.68 10.84
CA GLN A 174 27.47 188.53 11.45
C GLN A 174 27.61 187.29 10.60
N VAL A 175 27.46 187.44 9.28
CA VAL A 175 27.62 186.30 8.37
C VAL A 175 29.07 185.82 8.38
N LEU A 176 30.03 186.76 8.35
CA LEU A 176 31.44 186.38 8.36
C LEU A 176 31.80 185.63 9.64
N ILE A 177 31.30 186.11 10.79
CA ILE A 177 31.52 185.39 12.05
C ILE A 177 30.86 184.02 11.99
N PHE A 178 29.63 183.97 11.47
CA PHE A 178 28.93 182.69 11.36
C PHE A 178 29.68 181.72 10.47
N ALA A 179 30.21 182.20 9.35
CA ALA A 179 30.97 181.34 8.44
C ALA A 179 32.30 180.89 9.04
N CYS A 180 32.77 181.54 10.12
CA CYS A 180 34.03 181.18 10.76
C CYS A 180 33.82 180.68 12.18
N LEU A 181 32.59 180.33 12.56
CA LEU A 181 32.34 179.84 13.91
C LEU A 181 33.08 178.54 14.19
N VAL A 182 33.06 177.62 13.23
CA VAL A 182 33.72 176.33 13.38
C VAL A 182 35.14 176.45 12.81
N PRO A 183 36.18 176.29 13.61
CA PRO A 183 37.55 176.38 13.09
C PRO A 183 37.91 175.15 12.27
N GLY A 184 39.09 175.19 11.69
CA GLY A 184 39.58 174.12 10.85
C GLY A 184 39.24 174.24 9.38
N PHE A 185 38.27 175.07 9.04
CA PHE A 185 37.88 175.36 7.67
C PHE A 185 38.77 176.44 7.07
N PRO A 186 38.90 176.47 5.74
CA PRO A 186 39.68 177.54 5.11
C PRO A 186 39.06 178.90 5.39
N ALA A 187 39.91 179.91 5.50
CA ALA A 187 39.45 181.26 5.78
C ALA A 187 38.48 181.74 4.71
N VAL A 188 37.37 182.30 5.15
CA VAL A 188 36.31 182.72 4.23
C VAL A 188 36.78 183.93 3.44
N MET A 189 36.61 183.86 2.12
CA MET A 189 37.00 184.96 1.23
C MET A 189 36.02 186.11 1.41
N SER A 190 36.39 187.07 2.24
CA SER A 190 35.57 188.23 2.52
C SER A 190 36.08 189.45 1.75
N SER A 191 35.35 190.56 1.87
CA SER A 191 35.78 191.79 1.23
C SER A 191 37.09 192.29 1.84
N ARG A 192 37.23 192.20 3.16
CA ARG A 192 38.49 192.55 3.80
C ARG A 192 39.58 191.55 3.43
N GLY A 193 39.21 190.28 3.25
CA GLY A 193 40.16 189.25 2.90
C GLY A 193 39.92 187.99 3.71
N PRO A 194 40.85 187.03 3.59
CA PRO A 194 40.74 185.81 4.40
C PRO A 194 40.80 186.14 5.89
N CYS A 195 39.97 185.46 6.66
CA CYS A 195 39.89 185.72 8.10
C CYS A 195 39.26 184.52 8.79
N THR A 196 39.54 184.42 10.09
CA THR A 196 38.95 183.41 10.96
C THR A 196 38.31 184.11 12.15
N LEU A 197 37.72 183.31 13.05
CA LEU A 197 37.07 183.87 14.23
C LEU A 197 38.05 184.60 15.12
N GLU A 198 39.26 184.04 15.30
CA GLU A 198 40.23 184.63 16.20
C GLU A 198 40.66 186.02 15.74
N THR A 199 40.92 186.17 14.43
CA THR A 199 41.29 187.48 13.92
C THR A 199 40.09 188.40 13.71
N LEU A 200 38.87 187.83 13.62
CA LEU A 200 37.69 188.67 13.51
C LEU A 200 37.34 189.31 14.85
N ILE A 201 37.50 188.56 15.95
CA ILE A 201 37.28 189.13 17.27
C ILE A 201 38.49 189.92 17.75
N ASN A 202 39.67 189.66 17.18
CA ASN A 202 40.90 190.37 17.52
C ASN A 202 41.55 190.85 16.23
N PRO A 203 41.03 191.95 15.64
CA PRO A 203 41.57 192.48 14.39
C PRO A 203 42.93 193.14 14.56
N GLU A 227 41.24 167.48 25.84
CA GLU A 227 40.53 168.74 25.62
C GLU A 227 40.91 169.35 24.28
N LYS A 228 41.79 168.67 23.56
CA LYS A 228 42.24 169.15 22.25
C LYS A 228 41.09 169.10 21.26
N ILE A 229 40.97 170.15 20.45
CA ILE A 229 39.94 170.22 19.43
C ILE A 229 40.40 169.40 18.22
N ALA A 230 39.55 168.46 17.79
CA ALA A 230 39.83 167.62 16.64
C ALA A 230 38.97 167.99 15.44
N GLU A 231 38.66 169.28 15.29
CA GLU A 231 37.80 169.80 14.24
C GLU A 231 36.41 169.16 14.31
N ASP A 232 36.05 168.63 15.48
CA ASP A 232 34.75 168.02 15.71
C ASP A 232 33.73 169.01 16.23
N GLN A 233 34.08 170.30 16.29
CA GLN A 233 33.12 171.31 16.70
C GLN A 233 31.98 171.49 15.71
N THR A 234 32.10 170.92 14.51
CA THR A 234 31.01 171.01 13.54
C THR A 234 29.75 170.32 14.07
N CYS A 235 29.89 169.13 14.63
CA CYS A 235 28.73 168.41 15.14
C CYS A 235 28.14 169.10 16.37
N PHE A 236 29.00 169.61 17.26
CA PHE A 236 28.51 170.35 18.41
C PHE A 236 27.77 171.61 17.98
N PHE A 237 28.34 172.33 17.01
CA PHE A 237 27.68 173.51 16.46
C PHE A 237 26.33 173.17 15.84
N LEU A 238 26.27 172.07 15.08
CA LEU A 238 25.01 171.68 14.45
C LEU A 238 23.96 171.29 15.48
N GLN A 239 24.35 170.54 16.51
CA GLN A 239 23.37 170.13 17.51
C GLN A 239 22.95 171.29 18.40
N ILE A 240 23.82 172.30 18.54
CA ILE A 240 23.41 173.53 19.21
C ILE A 240 22.40 174.28 18.34
N LEU A 241 22.66 174.35 17.03
CA LEU A 241 21.76 175.05 16.12
C LEU A 241 20.38 174.39 16.10
N LEU A 242 20.34 173.07 16.06
CA LEU A 242 19.07 172.35 16.00
C LEU A 242 18.21 172.56 17.23
N LYS A 243 18.70 172.16 18.41
CA LYS A 243 17.84 172.13 19.58
C LYS A 243 17.63 173.54 20.15
N TYR A 244 18.31 174.55 19.60
CA TYR A 244 18.08 175.91 20.06
C TYR A 244 17.38 176.74 19.00
N MET A 245 17.20 176.19 17.79
CA MET A 245 16.21 176.73 16.88
C MET A 245 14.80 176.30 17.31
N VAL A 246 14.70 175.16 17.98
CA VAL A 246 13.41 174.59 18.33
C VAL A 246 12.92 175.06 19.69
N ILE A 247 13.76 175.81 20.44
CA ILE A 247 13.25 176.45 21.65
C ILE A 247 12.24 177.52 21.28
N GLN A 248 12.13 177.87 20.01
CA GLN A 248 11.05 178.69 19.49
C GLN A 248 11.04 180.08 20.14
N ALA A 249 12.10 180.85 19.85
CA ALA A 249 12.14 182.24 20.27
C ALA A 249 10.97 183.03 19.71
N ALA A 250 10.38 182.54 18.61
CA ALA A 250 9.12 183.10 18.13
C ALA A 250 8.05 183.00 19.20
N SER A 251 7.31 184.09 19.39
CA SER A 251 6.33 184.14 20.47
C SER A 251 5.08 183.36 20.12
N LEU A 252 4.68 183.37 18.85
CA LEU A 252 3.46 182.79 18.29
C LEU A 252 2.23 183.61 18.70
N GLU A 253 2.40 184.60 19.57
CA GLU A 253 1.37 185.57 19.89
C GLU A 253 1.91 186.94 19.54
N TRP A 254 1.09 187.76 18.88
CA TRP A 254 1.56 188.95 18.15
C TRP A 254 2.52 188.53 17.04
N LYS A 255 2.47 187.26 16.67
CA LYS A 255 3.33 186.65 15.66
C LYS A 255 2.46 185.73 14.81
N ASN A 256 3.09 184.84 14.06
CA ASN A 256 2.35 183.92 13.21
C ASN A 256 2.96 182.52 13.34
N LYS A 257 2.21 181.53 12.85
CA LYS A 257 2.71 180.16 12.84
C LYS A 257 3.90 180.01 11.90
N GLU A 258 4.02 180.91 10.92
CA GLU A 258 5.07 180.79 9.93
C GLU A 258 6.45 181.03 10.53
N ASN A 259 6.50 181.73 11.67
CA ASN A 259 7.78 182.04 12.31
C ASN A 259 8.42 180.79 12.89
N GLN A 260 7.62 179.74 13.12
CA GLN A 260 8.18 178.46 13.53
C GLN A 260 9.12 177.91 12.47
N ASP A 261 8.75 178.04 11.20
CA ASP A 261 9.49 177.47 10.09
C ASP A 261 10.50 178.44 9.48
N THR A 262 10.23 179.75 9.53
CA THR A 262 11.03 180.71 8.79
C THR A 262 12.47 180.76 9.29
N GLY A 263 12.66 180.80 10.61
CA GLY A 263 14.01 180.89 11.14
C GLY A 263 14.86 179.69 10.80
N PHE A 264 14.30 178.49 10.98
CA PHE A 264 15.05 177.28 10.64
C PHE A 264 15.31 177.19 9.15
N LYS A 265 14.36 177.60 8.31
CA LYS A 265 14.59 177.60 6.88
C LYS A 265 15.75 178.54 6.52
N PHE A 266 15.78 179.74 7.11
CA PHE A 266 16.86 180.66 6.84
C PHE A 266 18.20 180.10 7.30
N LEU A 267 18.24 179.50 8.49
CA LEU A 267 19.49 178.93 8.99
C LEU A 267 19.98 177.79 8.11
N PHE A 268 19.08 176.91 7.70
CA PHE A 268 19.47 175.80 6.83
C PHE A 268 19.95 176.32 5.48
N THR A 269 19.28 177.34 4.94
CA THR A 269 19.71 177.92 3.67
C THR A 269 21.10 178.51 3.78
N LEU A 270 21.38 179.24 4.87
CA LEU A 270 22.70 179.82 5.05
C LEU A 270 23.77 178.76 5.21
N PHE A 271 23.47 177.70 5.98
CA PHE A 271 24.44 176.63 6.16
C PHE A 271 24.74 175.93 4.85
N ARG A 272 23.70 175.64 4.06
CA ARG A 272 23.91 175.03 2.76
C ARG A 272 24.66 175.94 1.81
N LYS A 273 24.41 177.25 1.88
CA LYS A 273 25.11 178.18 1.01
C LYS A 273 26.60 178.26 1.35
N TYR A 274 26.95 178.28 2.63
CA TYR A 274 28.33 178.51 3.01
C TYR A 274 29.12 177.22 3.24
N TYR A 275 28.70 176.41 4.21
CA TYR A 275 29.53 175.28 4.62
C TYR A 275 29.38 174.07 3.70
N LEU A 276 28.21 173.87 3.10
CA LEU A 276 27.98 172.68 2.29
C LEU A 276 28.91 172.57 1.08
N PRO A 277 29.11 173.60 0.26
CA PRO A 277 29.97 173.42 -0.93
C PRO A 277 31.37 172.96 -0.60
N HIS A 278 31.96 173.46 0.49
CA HIS A 278 33.28 173.00 0.89
C HIS A 278 33.22 171.62 1.51
N LEU A 279 32.18 171.35 2.32
CA LEU A 279 32.05 170.05 2.97
C LEU A 279 31.85 168.93 1.94
N PHE A 280 31.06 169.18 0.90
CA PHE A 280 30.81 168.23 -0.17
C PHE A 280 31.46 168.74 -1.45
N PRO A 281 32.73 168.43 -1.69
CA PRO A 281 33.37 168.85 -2.95
C PRO A 281 32.74 168.24 -4.18
N SER A 282 32.07 167.09 -4.04
CA SER A 282 31.43 166.41 -5.17
C SER A 282 29.94 166.69 -5.26
N PHE A 283 29.44 167.67 -4.52
CA PHE A 283 28.02 167.98 -4.55
C PHE A 283 27.62 168.51 -5.93
N THR A 284 26.45 168.06 -6.40
CA THR A 284 25.97 168.42 -7.73
C THR A 284 24.45 168.32 -7.73
N LYS A 285 23.84 168.86 -8.78
CA LYS A 285 22.38 168.93 -8.89
C LYS A 285 21.91 167.99 -9.99
N LEU A 286 21.67 166.73 -9.62
CA LEU A 286 21.09 165.75 -10.53
C LEU A 286 19.78 165.16 -10.02
N THR A 287 19.71 164.78 -8.75
CA THR A 287 18.54 164.09 -8.24
C THR A 287 17.33 165.02 -8.23
N ASN A 288 16.25 164.58 -8.86
CA ASN A 288 15.00 165.34 -8.89
C ASN A 288 13.89 164.39 -9.28
N ILE A 289 12.93 164.18 -8.37
CA ILE A 289 11.79 163.33 -8.69
C ILE A 289 10.99 163.91 -9.85
N TYR A 290 10.72 165.21 -9.78
CA TYR A 290 10.10 165.89 -10.91
C TYR A 290 11.08 165.97 -12.07
N LYS A 291 10.61 165.61 -13.26
CA LYS A 291 11.46 165.46 -14.44
C LYS A 291 12.59 164.48 -14.12
N PRO A 292 12.28 163.19 -13.93
CA PRO A 292 13.29 162.23 -13.43
C PRO A 292 14.27 161.77 -14.50
N VAL A 293 15.33 162.56 -14.67
CA VAL A 293 16.42 162.20 -15.59
C VAL A 293 17.28 161.15 -14.92
N LEU A 294 17.42 160.00 -15.56
CA LEU A 294 18.16 158.86 -15.01
C LEU A 294 19.25 158.43 -15.98
N ASP A 295 20.40 158.06 -15.42
CA ASP A 295 21.53 157.58 -16.19
C ASP A 295 22.01 156.24 -15.60
N ILE A 296 23.10 155.73 -16.13
CA ILE A 296 23.68 154.47 -15.70
C ILE A 296 25.00 154.77 -14.99
N PRO A 297 25.11 154.52 -13.68
CA PRO A 297 26.37 154.77 -12.99
C PRO A 297 27.46 153.80 -13.45
N HIS A 298 28.70 154.25 -13.29
CA HIS A 298 29.87 153.47 -13.69
C HIS A 298 30.77 153.23 -12.48
N LEU A 299 31.86 152.51 -12.70
CA LEU A 299 32.78 152.16 -11.64
C LEU A 299 33.59 153.38 -11.18
N ARG A 300 34.18 153.26 -10.00
CA ARG A 300 35.02 154.29 -9.42
C ARG A 300 36.33 153.69 -8.94
N PRO A 301 37.41 154.48 -8.93
CA PRO A 301 38.70 153.97 -8.46
C PRO A 301 38.68 153.71 -6.96
N LYS A 302 39.77 153.10 -6.49
CA LYS A 302 39.88 152.72 -5.08
C LYS A 302 40.70 153.77 -4.33
N PRO A 303 40.12 154.46 -3.35
CA PRO A 303 40.92 155.35 -2.51
C PRO A 303 41.91 154.56 -1.66
N VAL A 304 43.04 155.18 -1.39
CA VAL A 304 44.09 154.54 -0.60
C VAL A 304 43.70 154.55 0.87
N TYR A 305 43.76 153.37 1.50
CA TYR A 305 43.49 153.22 2.92
C TYR A 305 44.81 153.06 3.64
N ILE A 306 45.09 153.98 4.57
CA ILE A 306 46.36 153.94 5.29
C ILE A 306 46.41 152.73 6.21
N THR A 307 45.26 152.20 6.61
CA THR A 307 45.17 151.04 7.50
C THR A 307 45.96 151.27 8.79
N THR A 308 45.80 152.46 9.36
CA THR A 308 46.55 152.87 10.55
C THR A 308 45.58 153.27 11.65
N THR A 309 45.92 152.90 12.88
CA THR A 309 45.13 153.23 14.06
C THR A 309 43.69 152.73 13.96
N GLU A 313 41.56 147.23 18.21
CA GLU A 313 41.36 146.92 16.81
C GLU A 313 41.84 148.07 15.93
N ASN A 314 42.39 147.75 14.76
CA ASN A 314 42.94 148.74 13.85
C ASN A 314 41.84 149.27 12.95
N ILE A 315 41.34 150.47 13.25
CA ILE A 315 40.37 151.11 12.38
C ILE A 315 41.09 151.83 11.24
N TYR A 316 40.37 152.06 10.14
CA TYR A 316 40.96 152.61 8.93
C TYR A 316 40.42 154.01 8.67
N SER A 317 41.01 154.67 7.68
CA SER A 317 40.62 156.02 7.30
C SER A 317 41.13 156.27 5.87
N THR A 318 40.95 157.50 5.41
CA THR A 318 41.35 157.88 4.05
C THR A 318 42.06 159.21 4.10
N LYS A 319 43.04 159.38 3.22
CA LYS A 319 43.86 160.59 3.18
C LYS A 319 43.13 161.81 2.63
N ILE A 320 41.94 161.64 2.07
CA ILE A 320 41.18 162.75 1.51
C ILE A 320 40.79 163.72 2.62
N PRO A 321 41.07 165.01 2.48
CA PRO A 321 40.69 165.96 3.52
C PRO A 321 39.18 166.18 3.56
N TYR A 322 38.71 166.57 4.75
CA TYR A 322 37.30 166.89 4.99
C TYR A 322 36.39 165.73 4.62
N MET A 323 36.55 164.61 5.34
CA MET A 323 35.72 163.44 5.15
C MET A 323 34.93 163.08 6.40
N ALA A 324 35.51 163.28 7.58
CA ALA A 324 34.76 163.08 8.82
C ALA A 324 33.59 164.05 8.92
N ALA A 325 33.75 165.27 8.40
CA ALA A 325 32.64 166.20 8.35
C ALA A 325 31.50 165.66 7.49
N ARG A 326 31.85 165.08 6.34
CA ARG A 326 30.83 164.46 5.49
C ARG A 326 30.13 163.32 6.22
N VAL A 327 30.91 162.50 6.93
CA VAL A 327 30.33 161.38 7.68
C VAL A 327 29.34 161.90 8.72
N VAL A 328 29.74 162.92 9.47
CA VAL A 328 28.88 163.47 10.51
C VAL A 328 27.62 164.07 9.91
N PHE A 329 27.77 164.82 8.82
CA PHE A 329 26.62 165.46 8.18
C PHE A 329 25.62 164.41 7.68
N ILE A 330 26.11 163.38 7.00
CA ILE A 330 25.22 162.35 6.48
C ILE A 330 24.57 161.58 7.62
N LYS A 331 25.34 161.27 8.67
CA LYS A 331 24.76 160.56 9.82
C LYS A 331 23.66 161.38 10.46
N TRP A 332 23.87 162.69 10.62
CA TRP A 332 22.85 163.53 11.22
C TRP A 332 21.59 163.59 10.35
N ILE A 333 21.78 163.77 9.03
CA ILE A 333 20.64 163.81 8.13
C ILE A 333 19.85 162.51 8.21
N VAL A 334 20.56 161.38 8.28
CA VAL A 334 19.88 160.09 8.39
C VAL A 334 19.13 159.98 9.71
N THR A 335 19.76 160.42 10.81
CA THR A 335 19.09 160.36 12.10
C THR A 335 17.82 161.19 12.11
N PHE A 336 17.76 162.25 11.32
CA PHE A 336 16.50 162.97 11.18
C PHE A 336 15.48 162.22 10.32
N PHE A 337 15.90 161.20 9.59
CA PHE A 337 14.98 160.43 8.76
C PHE A 337 14.98 158.96 9.16
N SER A 401 14.89 156.00 10.10
CA SER A 401 15.86 155.86 11.19
C SER A 401 15.49 156.73 12.38
N SER A 402 14.71 157.78 12.11
CA SER A 402 14.25 158.69 13.16
C SER A 402 13.13 158.00 13.94
N LEU A 403 13.54 157.06 14.80
CA LEU A 403 12.61 156.20 15.51
C LEU A 403 12.94 156.18 17.00
N CYS A 404 12.04 155.55 17.75
CA CYS A 404 12.22 155.16 19.15
C CYS A 404 12.15 156.33 20.13
N SER A 405 12.23 157.55 19.61
CA SER A 405 12.06 158.78 20.40
C SER A 405 12.78 158.70 21.75
N ILE A 406 14.09 158.50 21.69
CA ILE A 406 14.86 158.21 22.90
C ILE A 406 14.94 159.43 23.81
N GLU A 407 15.10 160.62 23.23
CA GLU A 407 15.30 161.81 24.05
C GLU A 407 14.09 162.12 24.92
N GLU A 408 12.89 162.09 24.34
CA GLU A 408 11.60 162.27 25.00
C GLU A 408 11.40 163.70 25.52
N GLU A 409 12.39 164.57 25.42
CA GLU A 409 12.21 165.98 25.79
C GLU A 409 12.33 166.93 24.62
N HIS A 410 12.86 166.47 23.48
CA HIS A 410 12.94 167.25 22.26
C HIS A 410 12.39 166.47 21.07
N ARG A 411 11.25 165.78 21.25
CA ARG A 411 10.78 164.89 20.20
C ARG A 411 9.74 165.55 19.30
N MET A 412 8.81 166.32 19.86
CA MET A 412 7.86 167.04 19.02
C MET A 412 8.58 168.04 18.12
N VAL A 413 9.67 168.62 18.62
CA VAL A 413 10.45 169.54 17.81
C VAL A 413 11.24 168.79 16.73
N TYR A 414 11.65 167.54 17.02
CA TYR A 414 12.22 166.71 15.96
C TYR A 414 11.20 166.43 14.88
N GLU A 415 9.94 166.18 15.27
CA GLU A 415 8.88 166.03 14.27
C GLU A 415 8.71 167.32 13.47
N MET A 416 8.79 168.47 14.14
CA MET A 416 8.68 169.74 13.45
C MET A 416 9.79 169.92 12.42
N VAL A 417 11.03 169.63 12.81
CA VAL A 417 12.14 169.80 11.87
C VAL A 417 12.07 168.75 10.77
N GLN A 418 11.51 167.57 11.05
CA GLN A 418 11.28 166.59 9.99
C GLN A 418 10.27 167.11 8.97
N ARG A 419 9.20 167.75 9.45
CA ARG A 419 8.25 168.37 8.53
C ARG A 419 8.91 169.49 7.73
N ILE A 420 9.78 170.26 8.38
CA ILE A 420 10.52 171.31 7.67
C ILE A 420 11.38 170.71 6.58
N LEU A 421 12.09 169.62 6.90
CA LEU A 421 12.94 168.96 5.90
C LEU A 421 12.11 168.41 4.75
N LEU A 422 10.93 167.86 5.04
CA LEU A 422 9.98 167.49 3.99
C LEU A 422 8.76 168.40 4.14
N SER A 423 8.89 169.62 3.63
CA SER A 423 7.75 170.49 3.40
C SER A 423 7.87 171.33 2.13
N THR A 424 8.96 171.19 1.37
CA THR A 424 9.17 172.02 0.19
C THR A 424 9.89 171.19 -0.87
N ARG A 425 9.74 171.62 -2.13
CA ARG A 425 10.39 170.92 -3.24
C ARG A 425 11.90 170.99 -3.15
N GLY A 426 12.43 172.17 -2.81
CA GLY A 426 13.88 172.33 -2.74
C GLY A 426 14.50 171.45 -1.67
N TYR A 427 13.87 171.37 -0.50
CA TYR A 427 14.39 170.48 0.54
C TYR A 427 14.23 169.02 0.15
N VAL A 428 13.18 168.70 -0.61
CA VAL A 428 13.04 167.34 -1.15
C VAL A 428 14.23 166.99 -2.02
N ASN A 429 14.58 167.89 -2.95
CA ASN A 429 15.72 167.64 -3.81
C ASN A 429 17.02 167.58 -3.01
N PHE A 430 17.15 168.42 -1.98
CA PHE A 430 18.35 168.37 -1.16
C PHE A 430 18.48 167.05 -0.42
N VAL A 431 17.37 166.54 0.12
CA VAL A 431 17.41 165.24 0.81
C VAL A 431 17.77 164.13 -0.15
N ASN A 432 17.17 164.16 -1.35
CA ASN A 432 17.50 163.14 -2.34
C ASN A 432 18.96 163.22 -2.74
N GLU A 433 19.50 164.44 -2.87
CA GLU A 433 20.89 164.61 -3.27
C GLU A 433 21.85 164.16 -2.19
N VAL A 434 21.53 164.43 -0.92
CA VAL A 434 22.40 163.95 0.15
C VAL A 434 22.33 162.44 0.26
N PHE A 435 21.17 161.84 -0.01
CA PHE A 435 21.10 160.38 -0.04
C PHE A 435 21.92 159.82 -1.18
N HIS A 436 21.90 160.48 -2.34
CA HIS A 436 22.72 160.05 -3.47
C HIS A 436 24.21 160.20 -3.16
N GLN A 437 24.56 161.25 -2.42
CA GLN A 437 25.94 161.41 -1.97
C GLN A 437 26.33 160.27 -1.02
N ALA A 438 25.40 159.85 -0.17
CA ALA A 438 25.57 158.60 0.53
C ALA A 438 25.58 157.44 -0.47
N PHE A 439 26.09 156.29 -0.03
CA PHE A 439 26.45 155.14 -0.85
C PHE A 439 27.67 155.38 -1.73
N LEU A 440 28.21 156.60 -1.74
CA LEU A 440 29.37 156.93 -2.55
C LEU A 440 30.64 157.08 -1.72
N LEU A 441 30.54 157.03 -0.40
CA LEU A 441 31.70 157.17 0.46
C LEU A 441 32.59 155.94 0.33
N PRO A 442 33.88 156.09 0.63
CA PRO A 442 34.79 154.92 0.60
C PRO A 442 34.36 153.87 1.62
N SER A 443 35.04 152.72 1.54
CA SER A 443 34.68 151.59 2.39
C SER A 443 34.83 151.91 3.87
N CYS A 444 35.69 152.87 4.21
CA CYS A 444 35.83 153.28 5.60
C CYS A 444 34.56 153.94 6.08
N GLU A 445 34.09 153.52 7.25
CA GLU A 445 32.85 154.04 7.85
C GLU A 445 31.68 153.91 6.89
N ILE A 446 31.37 152.65 6.54
CA ILE A 446 30.28 152.36 5.63
C ILE A 446 28.97 152.06 6.34
N ALA A 447 28.98 152.00 7.68
CA ALA A 447 27.75 151.71 8.42
C ALA A 447 26.69 152.78 8.22
N VAL A 448 27.09 154.00 7.85
CA VAL A 448 26.11 155.04 7.58
C VAL A 448 25.26 154.70 6.37
N THR A 449 25.84 154.04 5.37
CA THR A 449 25.07 153.65 4.20
C THR A 449 23.98 152.65 4.56
N ARG A 450 24.28 151.71 5.46
CA ARG A 450 23.27 150.77 5.91
C ARG A 450 22.13 151.48 6.62
N LYS A 451 22.42 152.59 7.29
CA LYS A 451 21.35 153.39 7.88
C LYS A 451 20.43 153.96 6.81
N VAL A 452 21.00 154.43 5.70
CA VAL A 452 20.17 154.90 4.59
C VAL A 452 19.37 153.75 4.00
N VAL A 453 19.96 152.55 3.98
CA VAL A 453 19.23 151.37 3.50
C VAL A 453 18.03 151.09 4.38
N GLN A 454 18.21 151.18 5.70
CA GLN A 454 17.08 151.01 6.62
C GLN A 454 16.04 152.10 6.43
N VAL A 455 16.48 153.33 6.16
CA VAL A 455 15.55 154.43 5.91
C VAL A 455 14.69 154.13 4.69
N TYR A 456 15.32 153.69 3.60
CA TYR A 456 14.56 153.37 2.39
C TYR A 456 13.69 152.13 2.59
N ARG A 457 14.13 151.19 3.43
CA ARG A 457 13.28 150.05 3.76
C ARG A 457 12.03 150.49 4.51
N LYS A 458 12.18 151.46 5.41
CA LYS A 458 11.01 152.01 6.09
C LYS A 458 10.14 152.82 5.15
N TRP A 459 10.74 153.46 4.15
CA TRP A 459 9.96 154.28 3.22
C TRP A 459 9.19 153.43 2.23
N ILE A 460 9.89 152.65 1.40
CA ILE A 460 9.27 151.82 0.38
C ILE A 460 9.03 150.44 0.97
N LEU A 461 7.98 149.76 0.47
CA LEU A 461 7.58 148.45 0.98
C LEU A 461 7.22 148.50 2.46
N GLN A 462 6.77 149.66 2.91
CA GLN A 462 6.39 149.91 4.29
C GLN A 462 5.52 151.17 4.31
N ASP A 463 5.31 151.75 5.49
CA ASP A 463 4.55 152.98 5.61
C ASP A 463 5.11 154.07 4.70
N LYS A 464 4.34 154.47 3.69
CA LYS A 464 4.80 155.47 2.74
C LYS A 464 4.34 156.86 3.19
N PRO A 465 5.26 157.79 3.41
CA PRO A 465 4.86 159.13 3.87
C PRO A 465 4.28 159.97 2.75
N VAL A 466 3.89 161.20 3.08
CA VAL A 466 3.43 162.15 2.06
C VAL A 466 4.54 162.47 1.07
N PHE A 467 5.79 162.24 1.47
CA PHE A 467 6.93 162.48 0.59
C PHE A 467 6.79 161.73 -0.73
N MET A 468 6.34 160.48 -0.68
CA MET A 468 6.12 159.68 -1.87
C MET A 468 4.66 159.50 -2.23
N GLU A 469 3.76 160.19 -1.53
CA GLU A 469 2.34 160.10 -1.84
C GLU A 469 2.05 160.70 -3.21
N GLU A 470 1.19 160.03 -3.97
CA GLU A 470 0.82 160.52 -5.30
C GLU A 470 -0.48 161.32 -5.25
N GLU A 524 13.46 175.69 -7.38
CA GLU A 524 12.57 176.72 -6.85
C GLU A 524 11.31 176.10 -6.24
N GLU A 525 11.01 176.50 -5.01
CA GLU A 525 9.83 175.99 -4.32
C GLU A 525 8.56 176.49 -5.00
N GLU A 526 7.65 175.57 -5.30
CA GLU A 526 6.39 175.91 -5.95
C GLU A 526 5.19 175.63 -5.05
N ASN A 527 5.04 174.40 -4.56
CA ASN A 527 3.92 174.03 -3.71
C ASN A 527 4.44 173.33 -2.46
N THR A 528 3.82 173.61 -1.32
CA THR A 528 4.21 172.97 -0.07
C THR A 528 3.97 171.46 -0.14
N ASN A 529 2.84 171.04 -0.69
CA ASN A 529 2.56 169.62 -0.86
C ASN A 529 3.49 169.02 -1.90
N VAL A 530 4.10 167.89 -1.56
CA VAL A 530 5.03 167.23 -2.49
C VAL A 530 4.26 166.58 -3.63
N LYS A 531 3.40 165.62 -3.29
CA LYS A 531 2.60 164.89 -4.27
C LYS A 531 3.47 164.29 -5.38
N ALA A 532 4.52 163.59 -4.95
CA ALA A 532 5.46 162.96 -5.87
C ALA A 532 5.08 161.50 -6.07
N GLY A 533 5.00 161.07 -7.33
CA GLY A 533 4.66 159.69 -7.61
C GLY A 533 5.73 158.75 -7.08
N VAL A 534 5.27 157.62 -6.52
CA VAL A 534 6.20 156.66 -5.93
C VAL A 534 7.08 156.00 -6.99
N GLN A 535 6.62 155.94 -8.25
CA GLN A 535 7.38 155.29 -9.30
C GLN A 535 8.71 155.99 -9.52
N ALA A 536 8.68 157.32 -9.70
CA ALA A 536 9.92 158.07 -9.89
C ALA A 536 10.81 157.99 -8.65
N LEU A 537 10.21 157.98 -7.46
CA LEU A 537 11.00 157.90 -6.24
C LEU A 537 11.78 156.59 -6.18
N LEU A 538 11.10 155.47 -6.43
CA LEU A 538 11.83 154.20 -6.39
C LEU A 538 12.80 154.08 -7.55
N GLN A 539 12.50 154.69 -8.69
CA GLN A 539 13.44 154.70 -9.80
C GLN A 539 14.75 155.40 -9.42
N VAL A 540 14.64 156.61 -8.86
CA VAL A 540 15.84 157.32 -8.46
C VAL A 540 16.53 156.61 -7.29
N PHE A 541 15.75 155.95 -6.43
CA PHE A 541 16.36 155.18 -5.35
C PHE A 541 17.24 154.06 -5.89
N LEU A 542 16.71 153.26 -6.81
CA LEU A 542 17.52 152.16 -7.37
C LEU A 542 18.70 152.70 -8.16
N THR A 543 18.50 153.80 -8.90
CA THR A 543 19.60 154.38 -9.67
C THR A 543 20.72 154.85 -8.74
N ASN A 544 20.38 155.47 -7.62
CA ASN A 544 21.39 155.94 -6.69
C ASN A 544 22.02 154.80 -5.90
N SER A 545 21.24 153.76 -5.58
CA SER A 545 21.76 152.64 -4.79
C SER A 545 22.53 151.63 -5.62
N ALA A 546 22.48 151.73 -6.94
CA ALA A 546 23.29 150.86 -7.78
C ALA A 546 24.79 151.05 -7.54
N ASN A 547 25.21 152.17 -6.95
CA ASN A 547 26.62 152.46 -6.76
C ASN A 547 27.27 151.61 -5.68
N ILE A 548 26.48 151.00 -4.78
CA ILE A 548 27.08 150.24 -3.70
C ILE A 548 27.77 148.99 -4.24
N PHE A 549 27.21 148.38 -5.29
CA PHE A 549 27.87 147.24 -5.90
C PHE A 549 29.10 147.65 -6.70
N LEU A 550 29.07 148.82 -7.31
CA LEU A 550 30.20 149.36 -8.05
C LEU A 550 31.31 149.88 -7.15
N LEU A 551 31.22 149.61 -5.85
CA LEU A 551 32.24 150.04 -4.91
C LEU A 551 33.58 149.37 -5.23
N GLU A 552 34.66 150.07 -4.91
CA GLU A 552 35.99 149.58 -5.21
C GLU A 552 36.30 148.31 -4.40
N PRO A 553 37.06 147.40 -4.98
CA PRO A 553 37.50 146.22 -4.21
C PRO A 553 38.43 146.64 -3.08
N CYS A 554 38.41 145.84 -2.01
CA CYS A 554 39.22 146.10 -0.82
C CYS A 554 40.26 145.00 -0.64
N ALA A 555 41.42 145.39 -0.14
CA ALA A 555 42.51 144.47 0.14
C ALA A 555 42.48 143.92 1.56
N GLU A 556 41.49 144.31 2.36
CA GLU A 556 41.35 143.85 3.74
C GLU A 556 40.08 143.02 3.84
N VAL A 557 40.24 141.70 3.85
CA VAL A 557 39.09 140.81 3.97
C VAL A 557 38.36 140.97 5.30
N PRO A 558 39.03 140.97 6.46
CA PRO A 558 38.28 140.83 7.72
C PRO A 558 37.24 141.92 7.97
N VAL A 559 37.51 143.16 7.59
CA VAL A 559 36.59 144.25 7.96
C VAL A 559 35.98 144.94 6.75
N LEU A 560 36.83 145.43 5.83
CA LEU A 560 36.30 146.18 4.69
C LEU A 560 35.50 145.29 3.76
N LEU A 561 36.05 144.13 3.41
CA LEU A 561 35.33 143.21 2.53
C LEU A 561 34.06 142.71 3.19
N LYS A 562 34.13 142.41 4.49
CA LYS A 562 32.94 141.95 5.20
C LYS A 562 31.85 143.01 5.21
N GLU A 563 32.21 144.27 5.48
CA GLU A 563 31.21 145.33 5.50
C GLU A 563 30.61 145.55 4.12
N GLN A 564 31.45 145.54 3.08
CA GLN A 564 30.93 145.72 1.72
C GLN A 564 30.00 144.57 1.34
N VAL A 565 30.37 143.34 1.70
CA VAL A 565 29.53 142.18 1.40
C VAL A 565 28.19 142.30 2.12
N ASP A 566 28.22 142.71 3.39
CA ASP A 566 26.98 142.86 4.14
C ASP A 566 26.08 143.94 3.53
N ALA A 567 26.67 145.07 3.15
CA ALA A 567 25.88 146.13 2.53
C ALA A 567 25.26 145.69 1.21
N CYS A 568 26.05 145.02 0.37
CA CYS A 568 25.53 144.55 -0.90
C CYS A 568 24.46 143.47 -0.69
N LYS A 569 24.64 142.62 0.32
CA LYS A 569 23.63 141.63 0.64
C LYS A 569 22.32 142.29 1.07
N ALA A 570 22.41 143.33 1.89
CA ALA A 570 21.20 144.04 2.30
C ALA A 570 20.51 144.69 1.10
N VAL A 571 21.30 145.27 0.19
CA VAL A 571 20.71 145.91 -0.98
C VAL A 571 20.02 144.88 -1.86
N LEU A 572 20.66 143.73 -2.09
CA LEU A 572 20.01 142.72 -2.92
C LEU A 572 18.80 142.12 -2.22
N ILE A 573 18.81 142.03 -0.89
CA ILE A 573 17.64 141.55 -0.17
C ILE A 573 16.47 142.51 -0.33
N ILE A 574 16.73 143.82 -0.22
CA ILE A 574 15.62 144.76 -0.39
C ILE A 574 15.17 144.77 -1.85
N PHE A 575 16.08 144.54 -2.80
CA PHE A 575 15.67 144.39 -4.19
C PHE A 575 14.74 143.20 -4.38
N ARG A 576 15.09 142.06 -3.77
CA ARG A 576 14.24 140.87 -3.86
C ARG A 576 12.90 141.12 -3.18
N ARG A 577 12.90 141.85 -2.07
CA ARG A 577 11.66 142.17 -1.38
C ARG A 577 10.75 143.04 -2.24
N MET A 578 11.32 144.04 -2.90
CA MET A 578 10.53 144.96 -3.71
C MET A 578 10.15 144.37 -5.07
N ILE A 579 10.86 143.33 -5.54
CA ILE A 579 10.57 142.78 -6.85
C ILE A 579 9.30 141.94 -6.88
N MET A 580 8.76 141.57 -5.71
CA MET A 580 7.61 140.69 -5.63
C MET A 580 6.37 141.35 -5.04
N GLU A 581 6.53 142.19 -4.03
CA GLU A 581 5.40 142.79 -3.33
C GLU A 581 5.17 144.24 -3.73
N LEU A 582 5.38 144.57 -5.00
CA LEU A 582 5.18 145.93 -5.47
C LEU A 582 4.75 145.89 -6.93
N THR A 583 4.09 146.95 -7.37
CA THR A 583 3.66 147.11 -8.75
C THR A 583 4.43 148.26 -9.39
N MET A 584 4.63 148.15 -10.71
CA MET A 584 5.43 149.15 -11.42
C MET A 584 5.06 149.09 -12.90
N ASN A 585 5.37 150.17 -13.60
CA ASN A 585 5.09 150.28 -15.03
C ASN A 585 6.29 149.74 -15.81
N LYS A 586 6.21 149.82 -17.14
CA LYS A 586 7.25 149.23 -17.98
C LYS A 586 8.56 150.00 -17.88
N LYS A 587 8.50 151.33 -17.70
CA LYS A 587 9.72 152.12 -17.58
C LYS A 587 10.52 151.70 -16.35
N THR A 588 9.84 151.50 -15.23
CA THR A 588 10.53 151.04 -14.02
C THR A 588 11.12 149.65 -14.23
N TRP A 589 10.38 148.76 -14.88
CA TRP A 589 10.91 147.42 -15.15
C TRP A 589 12.17 147.49 -16.00
N GLU A 590 12.15 148.31 -17.06
CA GLU A 590 13.33 148.44 -17.91
C GLU A 590 14.50 149.01 -17.14
N GLN A 591 14.26 150.03 -16.31
CA GLN A 591 15.34 150.61 -15.52
C GLN A 591 15.92 149.60 -14.55
N MET A 592 15.07 148.83 -13.88
CA MET A 592 15.55 147.82 -12.93
C MET A 592 16.36 146.75 -13.65
N LEU A 593 15.88 146.28 -14.80
CA LEU A 593 16.62 145.27 -15.53
C LEU A 593 17.96 145.79 -16.02
N GLN A 594 18.00 147.05 -16.51
CA GLN A 594 19.26 147.63 -16.94
C GLN A 594 20.23 147.76 -15.77
N ILE A 595 19.74 148.19 -14.61
CA ILE A 595 20.62 148.31 -13.44
C ILE A 595 21.18 146.96 -13.04
N LEU A 596 20.32 145.93 -13.01
CA LEU A 596 20.79 144.60 -12.63
C LEU A 596 21.82 144.07 -13.63
N LEU A 597 21.56 144.26 -14.93
CA LEU A 597 22.52 143.79 -15.93
C LEU A 597 23.85 144.52 -15.81
N ARG A 598 23.82 145.83 -15.60
CA ARG A 598 25.07 146.57 -15.46
C ARG A 598 25.83 146.14 -14.21
N ILE A 599 25.12 145.92 -13.10
CA ILE A 599 25.78 145.48 -11.88
C ILE A 599 26.44 144.12 -12.09
N THR A 600 25.70 143.19 -12.69
CA THR A 600 26.25 141.86 -12.93
C THR A 600 27.46 141.90 -13.86
N GLU A 601 27.38 142.71 -14.92
CA GLU A 601 28.49 142.80 -15.86
C GLU A 601 29.70 143.47 -15.24
N ALA A 602 29.49 144.40 -14.30
CA ALA A 602 30.61 145.13 -13.72
C ALA A 602 31.29 144.34 -12.62
N VAL A 603 30.51 143.80 -11.68
CA VAL A 603 31.12 143.15 -10.52
C VAL A 603 31.75 141.80 -10.83
N MET A 604 31.39 141.19 -11.96
CA MET A 604 31.88 139.86 -12.31
C MET A 604 32.82 139.88 -13.52
N GLN A 605 33.43 141.03 -13.81
CA GLN A 605 34.31 141.17 -14.97
C GLN A 605 35.78 141.21 -14.57
N LYS A 606 36.18 140.41 -13.59
CA LYS A 606 37.57 140.35 -13.13
C LYS A 606 38.05 138.91 -13.14
N PRO A 607 38.32 138.36 -14.33
CA PRO A 607 38.85 136.98 -14.41
C PRO A 607 40.37 136.91 -14.50
N LYS A 608 41.08 138.04 -14.45
CA LYS A 608 42.51 138.05 -14.64
C LYS A 608 43.29 137.53 -13.43
N ASP A 609 42.62 137.33 -12.30
CA ASP A 609 43.28 136.88 -11.08
C ASP A 609 43.08 135.37 -10.91
N LYS A 610 44.18 134.66 -10.67
CA LYS A 610 44.15 133.22 -10.42
C LYS A 610 44.60 132.84 -9.02
N GLN A 611 45.70 133.43 -8.54
CA GLN A 611 46.17 133.15 -7.19
C GLN A 611 45.34 133.84 -6.12
N ILE A 612 44.57 134.87 -6.50
CA ILE A 612 43.71 135.57 -5.56
C ILE A 612 42.33 134.92 -5.60
N LYS A 613 41.85 134.49 -4.44
CA LYS A 613 40.58 133.77 -4.32
C LYS A 613 39.66 134.47 -3.30
N ASP A 614 39.53 135.78 -3.44
CA ASP A 614 38.68 136.54 -2.53
C ASP A 614 37.23 136.08 -2.64
N LEU A 615 36.58 135.96 -1.49
CA LEU A 615 35.20 135.49 -1.44
C LEU A 615 34.20 136.53 -1.94
N PHE A 616 34.65 137.76 -2.20
CA PHE A 616 33.75 138.86 -2.54
C PHE A 616 32.95 138.53 -3.79
N ALA A 617 33.64 138.16 -4.88
CA ALA A 617 32.98 138.00 -6.16
C ALA A 617 31.97 136.85 -6.13
N GLN A 618 32.39 135.68 -5.66
CA GLN A 618 31.48 134.55 -5.62
C GLN A 618 30.33 134.78 -4.64
N SER A 619 30.63 135.40 -3.49
CA SER A 619 29.60 135.66 -2.49
C SER A 619 28.53 136.58 -3.04
N LEU A 620 28.91 137.59 -3.83
CA LEU A 620 27.89 138.43 -4.45
C LEU A 620 27.17 137.68 -5.57
N ALA A 621 27.92 136.98 -6.43
CA ALA A 621 27.32 136.37 -7.61
C ALA A 621 26.28 135.32 -7.24
N GLY A 622 26.51 134.59 -6.14
CA GLY A 622 25.58 133.53 -5.77
C GLY A 622 24.15 134.02 -5.61
N LEU A 623 23.98 135.20 -5.04
CA LEU A 623 22.66 135.81 -4.93
C LEU A 623 22.30 136.65 -6.14
N LEU A 624 23.29 137.28 -6.77
CA LEU A 624 23.02 138.19 -7.89
C LEU A 624 22.43 137.44 -9.08
N PHE A 625 22.94 136.24 -9.37
CA PHE A 625 22.39 135.48 -10.49
C PHE A 625 20.92 135.14 -10.27
N ARG A 626 20.59 134.67 -9.06
CA ARG A 626 19.21 134.32 -8.75
C ARG A 626 18.31 135.55 -8.85
N THR A 627 18.76 136.67 -8.29
CA THR A 627 17.95 137.88 -8.32
C THR A 627 17.72 138.34 -9.76
N LEU A 628 18.77 138.34 -10.57
CA LEU A 628 18.63 138.77 -11.96
C LEU A 628 17.66 137.87 -12.72
N MET A 629 17.79 136.56 -12.57
CA MET A 629 16.90 135.66 -13.31
C MET A 629 15.46 135.80 -12.85
N VAL A 630 15.23 135.89 -11.54
CA VAL A 630 13.86 136.02 -11.04
C VAL A 630 13.25 137.34 -11.52
N ALA A 631 14.01 138.42 -11.46
CA ALA A 631 13.51 139.72 -11.92
C ALA A 631 13.19 139.68 -13.40
N TRP A 632 14.06 139.05 -14.20
CA TRP A 632 13.81 138.96 -15.64
C TRP A 632 12.54 138.17 -15.93
N ILE A 633 12.33 137.06 -15.22
CA ILE A 633 11.13 136.25 -15.43
C ILE A 633 9.89 137.05 -15.04
N ARG A 634 9.93 137.73 -13.89
CA ARG A 634 8.76 138.49 -13.45
C ARG A 634 8.45 139.62 -14.42
N ALA A 635 9.48 140.33 -14.88
CA ALA A 635 9.26 141.42 -15.84
C ALA A 635 8.67 140.90 -17.13
N ASN A 636 9.18 139.77 -17.63
CA ASN A 636 8.66 139.22 -18.87
C ASN A 636 7.21 138.78 -18.72
N LEU A 637 6.85 138.20 -17.57
CA LEU A 637 5.47 137.77 -17.38
C LEU A 637 4.54 138.91 -17.02
N CYS A 638 5.06 140.08 -16.64
CA CYS A 638 4.24 141.20 -16.23
C CYS A 638 4.01 142.20 -17.36
N VAL A 639 5.09 142.72 -17.96
CA VAL A 639 4.98 143.77 -18.96
C VAL A 639 5.81 143.38 -20.18
N TYR A 640 5.55 144.06 -21.30
CA TYR A 640 6.29 143.81 -22.52
C TYR A 640 7.73 144.28 -22.37
N ILE A 641 8.66 143.52 -22.96
CA ILE A 641 10.07 143.83 -22.93
C ILE A 641 10.59 143.86 -24.36
N SER A 642 11.33 144.91 -24.71
CA SER A 642 11.86 145.05 -26.05
C SER A 642 12.90 143.96 -26.33
N ARG A 643 13.02 143.59 -27.61
CA ARG A 643 13.94 142.54 -27.99
C ARG A 643 15.40 142.96 -27.80
N GLU A 644 15.68 144.26 -27.82
CA GLU A 644 17.05 144.73 -27.58
C GLU A 644 17.51 144.36 -26.17
N LEU A 645 16.62 144.51 -25.19
CA LEU A 645 16.96 144.12 -23.83
C LEU A 645 17.20 142.61 -23.75
N TRP A 646 16.39 141.82 -24.47
CA TRP A 646 16.62 140.38 -24.50
C TRP A 646 17.98 140.04 -25.08
N ASP A 647 18.37 140.71 -26.18
CA ASP A 647 19.67 140.45 -26.78
C ASP A 647 20.80 140.86 -25.85
N ASP A 648 20.65 141.99 -25.15
CA ASP A 648 21.67 142.41 -24.20
C ASP A 648 21.80 141.40 -23.06
N PHE A 649 20.67 140.91 -22.56
CA PHE A 649 20.69 139.89 -21.50
C PHE A 649 21.39 138.63 -21.99
N LEU A 650 21.05 138.18 -23.20
CA LEU A 650 21.68 136.97 -23.75
C LEU A 650 23.19 137.15 -23.90
N GLY A 651 23.62 138.31 -24.40
CA GLY A 651 25.04 138.55 -24.56
C GLY A 651 25.79 138.59 -23.24
N VAL A 652 25.23 139.31 -22.26
CA VAL A 652 25.90 139.44 -20.97
C VAL A 652 25.92 138.12 -20.23
N LEU A 653 24.92 137.25 -20.46
CA LEU A 653 24.95 135.93 -19.84
C LEU A 653 25.92 135.00 -20.55
N SER A 654 25.99 135.08 -21.88
CA SER A 654 26.90 134.21 -22.63
C SER A 654 28.36 134.57 -22.34
N SER A 655 28.65 135.85 -22.18
CA SER A 655 30.03 136.26 -21.91
C SER A 655 30.49 135.87 -20.52
N LEU A 656 29.60 135.39 -19.66
CA LEU A 656 29.91 135.04 -18.28
C LEU A 656 29.49 133.61 -17.97
N THR A 657 29.86 132.69 -18.86
CA THR A 657 29.47 131.29 -18.73
C THR A 657 30.55 130.43 -18.08
N GLU A 658 31.49 131.05 -17.38
CA GLU A 658 32.59 130.34 -16.75
C GLU A 658 32.42 130.17 -15.24
N TRP A 659 31.21 130.40 -14.72
CA TRP A 659 30.94 130.31 -13.29
C TRP A 659 29.94 129.19 -13.04
N GLU A 660 30.25 128.34 -12.06
CA GLU A 660 29.40 127.18 -11.78
C GLU A 660 28.11 127.56 -11.07
N GLU A 661 28.15 128.59 -10.22
CA GLU A 661 26.95 129.03 -9.53
C GLU A 661 25.90 129.49 -10.52
N LEU A 662 26.31 130.17 -11.59
CA LEU A 662 25.38 130.54 -12.64
C LEU A 662 24.72 129.31 -13.25
N ILE A 663 25.49 128.24 -13.46
CA ILE A 663 24.94 127.00 -14.00
C ILE A 663 23.90 126.42 -13.05
N ASN A 664 24.21 126.41 -11.75
CA ASN A 664 23.28 125.86 -10.78
C ASN A 664 21.98 126.65 -10.74
N GLU A 665 22.08 127.98 -10.76
CA GLU A 665 20.88 128.80 -10.73
C GLU A 665 20.06 128.63 -12.02
N TRP A 666 20.74 128.51 -13.15
CA TRP A 666 20.04 128.25 -14.40
C TRP A 666 19.31 126.91 -14.34
N ALA A 667 19.95 125.89 -13.77
CA ALA A 667 19.30 124.60 -13.64
C ALA A 667 18.05 124.70 -12.76
N ASN A 668 18.15 125.40 -11.63
CA ASN A 668 17.00 125.50 -10.73
C ASN A 668 15.85 126.26 -11.40
N ILE A 669 16.16 127.38 -12.05
CA ILE A 669 15.10 128.15 -12.69
C ILE A 669 14.50 127.37 -13.85
N MET A 670 15.29 126.60 -14.57
CA MET A 670 14.75 125.78 -15.64
C MET A 670 13.83 124.70 -15.08
N ASP A 671 14.19 124.12 -13.94
CA ASP A 671 13.30 123.15 -13.31
C ASP A 671 11.96 123.79 -12.95
N SER A 672 12.00 125.00 -12.36
CA SER A 672 10.76 125.67 -12.00
C SER A 672 9.91 126.01 -13.22
N LEU A 673 10.55 126.52 -14.28
CA LEU A 673 9.81 126.82 -15.50
C LEU A 673 9.22 125.56 -16.13
N THR A 674 9.94 124.44 -16.09
CA THR A 674 9.40 123.21 -16.65
C THR A 674 8.21 122.71 -15.85
N ALA A 675 8.27 122.84 -14.51
CA ALA A 675 7.11 122.48 -13.70
C ALA A 675 5.92 123.35 -14.05
N VAL A 676 6.15 124.65 -14.23
CA VAL A 676 5.06 125.56 -14.59
C VAL A 676 4.48 125.20 -15.95
N LEU A 677 5.35 124.91 -16.91
CA LEU A 677 4.89 124.55 -18.25
C LEU A 677 4.07 123.26 -18.22
N ALA A 678 4.52 122.26 -17.47
CA ALA A 678 3.78 121.02 -17.35
C ALA A 678 2.42 121.25 -16.72
N ARG A 679 2.36 122.10 -15.70
CA ARG A 679 1.08 122.38 -15.05
C ARG A 679 0.14 123.17 -15.96
N THR A 680 0.68 124.03 -16.82
CA THR A 680 -0.15 124.95 -17.59
C THR A 680 -0.53 124.41 -18.97
N VAL A 681 0.47 124.15 -19.82
CA VAL A 681 0.18 123.91 -21.23
C VAL A 681 -0.33 122.50 -21.50
N TYR A 682 -0.06 121.54 -20.61
CA TYR A 682 -0.45 120.16 -20.83
C TYR A 682 -1.48 119.63 -19.85
N GLY A 683 -1.85 120.41 -18.84
CA GLY A 683 -2.86 119.96 -17.89
C GLY A 683 -2.44 118.74 -17.09
N VAL A 684 -1.17 118.66 -16.71
CA VAL A 684 -0.65 117.55 -15.93
C VAL A 684 0.07 118.11 -14.71
N GLU A 685 -0.30 117.62 -13.53
CA GLU A 685 0.35 118.04 -12.30
C GLU A 685 1.61 117.24 -12.09
N MET A 686 2.71 117.92 -11.75
CA MET A 686 3.97 117.24 -11.52
C MET A 686 4.01 116.54 -10.17
N THR A 687 3.27 117.05 -9.18
CA THR A 687 3.28 116.44 -7.86
C THR A 687 2.56 115.09 -7.87
N ASN A 688 1.38 115.03 -8.49
CA ASN A 688 0.60 113.81 -8.58
C ASN A 688 0.29 113.53 -10.04
N LEU A 689 0.52 112.30 -10.47
CA LEU A 689 0.31 111.90 -11.86
C LEU A 689 -0.49 110.61 -11.90
N PRO A 690 -1.25 110.39 -12.98
CA PRO A 690 -1.94 109.11 -13.13
C PRO A 690 -1.00 107.91 -13.08
N LEU A 691 0.18 108.03 -13.68
CA LEU A 691 1.19 106.98 -13.52
C LEU A 691 1.65 106.91 -12.07
N ASP A 692 1.82 108.06 -11.43
CA ASP A 692 2.18 108.07 -10.02
C ASP A 692 1.08 107.45 -9.17
N LYS A 693 -0.18 107.73 -9.49
CA LYS A 693 -1.29 107.11 -8.78
C LYS A 693 -1.29 105.60 -8.99
N LEU A 694 -1.03 105.15 -10.22
CA LEU A 694 -0.98 103.71 -10.50
C LEU A 694 0.13 103.05 -9.72
N SER A 695 1.29 103.70 -9.62
CA SER A 695 2.37 103.18 -8.79
C SER A 695 1.94 103.13 -7.32
N GLU A 696 1.22 104.16 -6.87
CA GLU A 696 0.66 104.13 -5.51
C GLU A 696 -0.37 103.03 -5.37
N GLN A 697 -1.22 102.84 -6.38
CA GLN A 697 -2.23 101.80 -6.36
C GLN A 697 -1.65 100.45 -6.78
N CYS A 938 -5.16 137.54 -25.37
CA CYS A 938 -3.79 137.12 -25.65
C CYS A 938 -2.83 137.64 -24.58
N SER A 939 -1.73 136.92 -24.37
CA SER A 939 -0.76 137.30 -23.35
C SER A 939 -0.09 138.62 -23.70
N ILE A 940 0.24 139.38 -22.66
CA ILE A 940 0.85 140.69 -22.86
C ILE A 940 2.23 140.55 -23.51
N ILE A 941 3.00 139.55 -23.08
CA ILE A 941 4.30 139.30 -23.69
C ILE A 941 4.16 138.82 -25.13
N ALA A 942 2.98 138.32 -25.51
CA ALA A 942 2.71 137.89 -26.87
C ALA A 942 2.06 138.97 -27.72
N GLY A 943 1.91 140.19 -27.18
CA GLY A 943 1.27 141.27 -27.88
C GLY A 943 -0.15 141.56 -27.47
N GLY A 944 -0.69 140.86 -26.48
CA GLY A 944 -2.03 141.09 -25.98
C GLY A 944 -2.04 141.94 -24.72
N SER A 945 -3.03 141.68 -23.87
CA SER A 945 -3.16 142.44 -22.62
C SER A 945 -3.51 141.55 -21.44
N LEU A 946 -3.20 140.25 -21.51
CA LEU A 946 -3.47 139.33 -20.42
C LEU A 946 -2.18 139.06 -19.64
N THR A 947 -2.24 139.28 -18.32
CA THR A 947 -1.09 139.10 -17.45
C THR A 947 -1.29 137.85 -16.61
N GLY A 948 -0.28 136.99 -16.57
CA GLY A 948 -0.31 135.77 -15.81
C GLY A 948 0.20 134.60 -16.62
N TRP A 949 0.13 133.42 -16.01
CA TRP A 949 0.57 132.19 -16.66
C TRP A 949 -0.47 131.74 -17.68
N HIS A 950 -0.08 131.72 -18.94
CA HIS A 950 -0.94 131.30 -20.04
C HIS A 950 -0.15 130.39 -20.96
N PRO A 951 -0.83 129.54 -21.73
CA PRO A 951 -0.09 128.65 -22.64
C PRO A 951 0.78 129.39 -23.64
N ASP A 952 0.35 130.56 -24.11
CA ASP A 952 1.17 131.33 -25.05
C ASP A 952 2.41 131.88 -24.36
N SER A 953 2.24 132.45 -23.16
CA SER A 953 3.37 133.07 -22.46
C SER A 953 4.35 132.03 -21.94
N ALA A 954 3.84 130.96 -21.31
CA ALA A 954 4.72 129.97 -20.70
C ALA A 954 5.59 129.29 -21.75
N ALA A 955 5.01 128.97 -22.90
CA ALA A 955 5.77 128.27 -23.95
C ALA A 955 6.93 129.12 -24.44
N VAL A 956 6.66 130.37 -24.81
CA VAL A 956 7.72 131.21 -25.34
C VAL A 956 8.74 131.53 -24.26
N LEU A 957 8.29 131.71 -23.02
CA LEU A 957 9.22 131.98 -21.93
C LEU A 957 10.17 130.79 -21.71
N TRP A 958 9.61 129.58 -21.68
CA TRP A 958 10.44 128.40 -21.51
C TRP A 958 11.40 128.22 -22.67
N ARG A 959 10.94 128.45 -23.90
CA ARG A 959 11.81 128.31 -25.06
C ARG A 959 12.95 129.33 -25.03
N ARG A 960 12.65 130.56 -24.62
CA ARG A 960 13.68 131.60 -24.61
C ARG A 960 14.68 131.40 -23.49
N VAL A 961 14.21 131.05 -22.29
CA VAL A 961 15.12 130.84 -21.17
C VAL A 961 16.03 129.64 -21.39
N LEU A 962 15.62 128.70 -22.25
CA LEU A 962 16.44 127.51 -22.49
C LEU A 962 17.79 127.87 -23.10
N GLY A 963 17.82 128.85 -23.99
CA GLY A 963 19.04 129.18 -24.69
C GLY A 963 19.76 130.40 -24.16
N ILE A 964 19.54 130.74 -22.89
CA ILE A 964 20.21 131.88 -22.29
C ILE A 964 21.73 131.67 -22.28
N LEU A 965 22.17 130.45 -21.97
CA LEU A 965 23.60 130.17 -21.92
C LEU A 965 24.23 130.19 -23.30
N GLY A 966 23.41 130.24 -24.35
CA GLY A 966 23.92 130.15 -25.70
C GLY A 966 24.27 128.72 -26.05
N ASP A 967 25.07 128.57 -27.10
CA ASP A 967 25.55 127.26 -27.48
C ASP A 967 26.40 126.67 -26.35
N VAL A 968 25.94 125.55 -25.79
CA VAL A 968 26.59 124.98 -24.62
C VAL A 968 28.00 124.51 -24.96
N ASN A 969 28.19 124.00 -26.18
CA ASN A 969 29.47 123.41 -26.54
C ASN A 969 30.59 124.46 -26.55
N ASN A 970 30.22 125.75 -26.57
CA ASN A 970 31.23 126.79 -26.49
C ASN A 970 31.83 126.92 -25.09
N ILE A 971 31.24 126.25 -24.10
CA ILE A 971 31.77 126.31 -22.73
C ILE A 971 33.15 125.67 -22.70
N GLN A 972 34.08 126.32 -22.00
CA GLN A 972 35.46 125.89 -21.98
C GLN A 972 35.75 124.86 -20.88
N SER A 973 35.31 125.14 -19.66
CA SER A 973 35.64 124.26 -18.54
C SER A 973 34.92 122.93 -18.68
N PRO A 974 35.64 121.80 -18.71
CA PRO A 974 34.97 120.50 -18.86
C PRO A 974 34.00 120.18 -17.74
N LYS A 975 34.29 120.59 -16.51
CA LYS A 975 33.38 120.32 -15.41
C LYS A 975 32.04 121.01 -15.62
N ILE A 976 32.06 122.27 -16.08
CA ILE A 976 30.84 122.99 -16.38
C ILE A 976 30.06 122.28 -17.48
N HIS A 977 30.77 121.82 -18.52
CA HIS A 977 30.11 121.11 -19.61
C HIS A 977 29.43 119.85 -19.10
N ALA A 978 30.12 119.09 -18.25
CA ALA A 978 29.53 117.86 -17.71
C ALA A 978 28.31 118.17 -16.85
N ARG A 979 28.39 119.22 -16.02
CA ARG A 979 27.24 119.58 -15.19
C ARG A 979 26.05 119.98 -16.04
N VAL A 980 26.27 120.79 -17.07
CA VAL A 980 25.18 121.23 -17.93
C VAL A 980 24.55 120.04 -18.64
N PHE A 981 25.37 119.12 -19.13
CA PHE A 981 24.78 117.99 -19.86
C PHE A 981 24.09 117.00 -18.93
N CYS A 982 24.58 116.84 -17.70
CA CYS A 982 23.85 116.02 -16.73
C CYS A 982 22.49 116.63 -16.44
N TYR A 983 22.43 117.94 -16.23
CA TYR A 983 21.13 118.57 -16.04
C TYR A 983 20.26 118.45 -17.27
N LEU A 984 20.85 118.50 -18.46
CA LEU A 984 20.09 118.34 -19.69
C LEU A 984 19.46 116.94 -19.76
N TYR A 985 20.21 115.92 -19.37
CA TYR A 985 19.65 114.58 -19.32
C TYR A 985 18.52 114.49 -18.33
N GLU A 986 18.68 115.11 -17.15
CA GLU A 986 17.59 115.13 -16.18
C GLU A 986 16.35 115.81 -16.75
N LEU A 987 16.56 116.91 -17.47
CA LEU A 987 15.46 117.62 -18.10
C LEU A 987 14.74 116.74 -19.12
N TRP A 988 15.51 116.02 -19.94
CA TRP A 988 14.88 115.11 -20.90
C TRP A 988 14.12 114.01 -20.19
N TYR A 989 14.63 113.52 -19.06
CA TYR A 989 13.92 112.50 -18.31
C TYR A 989 12.59 113.03 -17.80
N LYS A 990 12.57 114.26 -17.29
CA LYS A 990 11.33 114.85 -16.83
C LYS A 990 10.34 115.01 -17.98
N LEU A 991 10.83 115.47 -19.15
CA LEU A 991 9.95 115.62 -20.31
C LEU A 991 9.38 114.27 -20.75
N ALA A 992 10.21 113.23 -20.72
CA ALA A 992 9.73 111.90 -21.10
C ALA A 992 8.69 111.38 -20.13
N LYS A 993 8.90 111.63 -18.83
CA LYS A 993 7.89 111.23 -17.84
C LYS A 993 6.58 111.94 -18.09
N ILE A 994 6.63 113.24 -18.39
CA ILE A 994 5.42 114.00 -18.68
C ILE A 994 4.72 113.43 -19.92
N ARG A 995 5.50 113.12 -20.96
CA ARG A 995 4.90 112.58 -22.18
C ARG A 995 4.26 111.23 -21.94
N ASP A 996 4.93 110.35 -21.20
CA ASP A 996 4.36 109.03 -20.91
C ASP A 996 3.11 109.15 -20.06
N ASN A 997 3.09 110.08 -19.11
CA ASN A 997 1.94 110.24 -18.24
C ASN A 997 0.71 110.76 -18.98
N LEU A 998 0.89 111.38 -20.15
CA LEU A 998 -0.23 111.95 -20.88
C LEU A 998 -1.10 110.85 -21.49
N ALA A 999 -2.38 111.18 -21.70
CA ALA A 999 -3.34 110.30 -22.36
C ALA A 999 -3.48 108.96 -21.63
N ILE A 1000 -3.95 109.04 -20.39
CA ILE A 1000 -4.18 107.87 -19.55
C ILE A 1000 -5.62 107.91 -19.04
N SER A 1001 -6.33 106.80 -19.18
CA SER A 1001 -7.71 106.69 -18.72
C SER A 1001 -7.72 106.43 -17.23
N LEU A 1002 -8.21 107.40 -16.44
CA LEU A 1002 -8.24 107.24 -15.00
C LEU A 1002 -9.27 106.21 -14.57
N ASP A 1003 -10.42 106.17 -15.26
CA ASP A 1003 -11.48 105.24 -14.89
C ASP A 1003 -11.24 103.81 -15.40
N ASN A 1004 -10.27 103.62 -16.29
CA ASN A 1004 -9.98 102.30 -16.86
C ASN A 1004 -11.21 101.70 -17.53
N GLN A 1005 -11.96 102.53 -18.25
CA GLN A 1005 -13.15 102.08 -18.97
C GLN A 1005 -13.24 102.59 -20.40
N SER A 1006 -12.45 103.60 -20.78
CA SER A 1006 -12.49 104.13 -22.14
C SER A 1006 -11.14 104.75 -22.45
N SER A 1007 -10.55 104.35 -23.57
CA SER A 1007 -9.24 104.85 -23.95
C SER A 1007 -9.38 106.17 -24.68
N PRO A 1008 -8.89 107.28 -24.14
CA PRO A 1008 -9.01 108.57 -24.82
C PRO A 1008 -8.08 108.65 -26.02
N SER A 1009 -8.48 109.48 -26.98
CA SER A 1009 -7.63 109.73 -28.14
C SER A 1009 -6.40 110.53 -27.71
N PRO A 1010 -5.24 110.29 -28.33
CA PRO A 1010 -4.03 111.03 -27.96
C PRO A 1010 -4.20 112.52 -28.19
N PRO A 1011 -3.69 113.35 -27.28
CA PRO A 1011 -3.83 114.80 -27.45
C PRO A 1011 -3.01 115.31 -28.62
N VAL A 1012 -3.45 116.44 -29.16
CA VAL A 1012 -2.74 117.07 -30.28
C VAL A 1012 -1.46 117.75 -29.86
N LEU A 1013 -1.25 117.95 -28.56
CA LEU A 1013 -0.05 118.59 -28.03
C LEU A 1013 0.76 117.57 -27.25
N ILE A 1014 2.03 117.40 -27.63
CA ILE A 1014 2.92 116.47 -26.96
C ILE A 1014 4.22 117.19 -26.60
N PRO A 1015 4.89 116.80 -25.52
CA PRO A 1015 6.19 117.40 -25.20
C PRO A 1015 7.19 117.14 -26.30
N PRO A 1016 8.07 118.11 -26.59
CA PRO A 1016 9.12 117.93 -27.61
C PRO A 1016 10.33 117.17 -27.07
N LEU A 1017 10.23 115.84 -27.11
CA LEU A 1017 11.26 114.98 -26.53
C LEU A 1017 12.60 115.17 -27.23
N ARG A 1018 12.60 115.15 -28.56
CA ARG A 1018 13.84 115.24 -29.33
C ARG A 1018 14.02 116.68 -29.83
N MET A 1019 14.44 117.55 -28.92
CA MET A 1019 14.78 118.92 -29.24
C MET A 1019 16.24 119.26 -28.98
N PHE A 1020 16.88 118.63 -27.99
CA PHE A 1020 18.26 118.93 -27.66
C PHE A 1020 19.26 118.17 -28.52
N ALA A 1021 18.80 117.35 -29.46
CA ALA A 1021 19.70 116.49 -30.21
C ALA A 1021 20.73 117.29 -30.99
N SER A 1022 20.39 118.53 -31.38
CA SER A 1022 21.34 119.37 -32.09
C SER A 1022 22.57 119.67 -31.25
N TRP A 1023 22.37 119.93 -29.95
CA TRP A 1023 23.50 120.10 -29.05
C TRP A 1023 24.29 118.81 -28.91
N LEU A 1024 23.60 117.67 -28.77
CA LEU A 1024 24.27 116.41 -28.52
C LEU A 1024 25.16 115.99 -29.69
N PHE A 1025 24.67 116.16 -30.92
CA PHE A 1025 25.43 115.71 -32.07
C PHE A 1025 26.74 116.48 -32.19
N LYS A 1026 26.72 117.79 -31.91
CA LYS A 1026 27.96 118.56 -31.92
C LYS A 1026 28.84 118.22 -30.73
N ALA A 1027 28.23 117.97 -29.57
CA ALA A 1027 29.02 117.60 -28.39
C ALA A 1027 29.70 116.25 -28.57
N ALA A 1028 29.20 115.42 -29.48
CA ALA A 1028 29.79 114.11 -29.72
C ALA A 1028 31.11 114.18 -30.47
N THR A 1029 31.39 115.28 -31.18
CA THR A 1029 32.63 115.41 -31.95
C THR A 1029 33.67 116.27 -31.24
N LEU A 1030 33.46 116.59 -29.96
CA LEU A 1030 34.43 117.38 -29.22
C LEU A 1030 35.70 116.57 -28.99
N PRO A 1031 36.84 117.25 -28.80
CA PRO A 1031 38.09 116.52 -28.54
C PRO A 1031 38.07 115.76 -27.23
N ASN A 1032 39.17 115.04 -26.95
CA ASN A 1032 39.20 114.13 -25.81
C ASN A 1032 39.16 114.84 -24.47
N GLU A 1033 39.40 116.15 -24.43
CA GLU A 1033 39.35 116.87 -23.16
C GLU A 1033 37.95 116.91 -22.56
N TYR A 1034 36.92 116.72 -23.38
CA TYR A 1034 35.53 116.74 -22.95
C TYR A 1034 34.95 115.34 -22.89
N LYS A 1035 35.75 114.37 -22.41
CA LYS A 1035 35.33 112.98 -22.43
C LYS A 1035 34.06 112.76 -21.60
N GLU A 1036 33.99 113.37 -20.42
CA GLU A 1036 32.80 113.19 -19.58
C GLU A 1036 31.55 113.76 -20.25
N GLY A 1037 31.68 114.91 -20.89
CA GLY A 1037 30.56 115.46 -21.64
C GLY A 1037 30.16 114.56 -22.79
N LYS A 1038 31.13 113.97 -23.48
CA LYS A 1038 30.81 113.04 -24.57
C LYS A 1038 30.06 111.83 -24.04
N LEU A 1039 30.49 111.29 -22.89
CA LEU A 1039 29.78 110.15 -22.31
C LEU A 1039 28.35 110.51 -21.95
N GLN A 1040 28.15 111.68 -21.33
CA GLN A 1040 26.80 112.10 -20.97
C GLN A 1040 25.93 112.31 -22.21
N ALA A 1041 26.52 112.91 -23.26
CA ALA A 1041 25.77 113.11 -24.50
C ALA A 1041 25.39 111.78 -25.14
N TYR A 1042 26.31 110.82 -25.15
CA TYR A 1042 25.99 109.50 -25.68
C TYR A 1042 24.87 108.84 -24.90
N ARG A 1043 24.93 108.91 -23.56
CA ARG A 1043 23.85 108.33 -22.78
C ARG A 1043 22.52 108.99 -23.09
N LEU A 1044 22.52 110.32 -23.20
CA LEU A 1044 21.27 111.03 -23.45
C LEU A 1044 20.69 110.69 -24.82
N ILE A 1045 21.53 110.70 -25.86
CA ILE A 1045 21.03 110.42 -27.20
C ILE A 1045 20.57 108.96 -27.31
N CYS A 1046 21.31 108.05 -26.68
CA CYS A 1046 20.92 106.64 -26.74
C CYS A 1046 19.60 106.40 -26.04
N ALA A 1047 19.39 107.03 -24.87
CA ALA A 1047 18.11 106.90 -24.19
C ALA A 1047 16.99 107.62 -24.93
N MET A 1048 17.33 108.66 -25.70
CA MET A 1048 16.32 109.39 -26.45
C MET A 1048 15.82 108.58 -27.64
N MET A 1049 16.72 107.93 -28.36
CA MET A 1049 16.35 107.25 -29.59
C MET A 1049 15.90 105.81 -29.39
N THR A 1050 15.82 105.33 -28.16
CA THR A 1050 15.48 103.94 -27.88
C THR A 1050 14.01 103.76 -27.51
N ARG A 1051 13.20 104.81 -27.56
CA ARG A 1051 11.79 104.75 -27.19
C ARG A 1051 10.92 104.89 -28.43
N ARG A 1052 9.62 104.70 -28.23
CA ARG A 1052 8.66 104.87 -29.32
C ARG A 1052 8.66 106.33 -29.79
N GLN A 1053 8.58 106.51 -31.10
CA GLN A 1053 8.60 107.84 -31.71
C GLN A 1053 7.21 108.14 -32.26
N ASP A 1054 6.61 109.23 -31.76
CA ASP A 1054 5.27 109.61 -32.21
C ASP A 1054 5.27 109.99 -33.69
N VAL A 1055 6.28 110.73 -34.14
CA VAL A 1055 6.39 111.18 -35.52
C VAL A 1055 7.71 110.68 -36.09
N LEU A 1056 7.67 110.23 -37.34
CA LEU A 1056 8.86 109.69 -37.97
C LEU A 1056 9.90 110.79 -38.16
N PRO A 1057 11.15 110.57 -37.77
CA PRO A 1057 12.18 111.59 -37.93
C PRO A 1057 12.54 111.80 -39.39
N ASN A 1058 13.07 112.99 -39.67
CA ASN A 1058 13.45 113.37 -41.02
C ASN A 1058 14.71 112.63 -41.46
N SER A 1059 14.96 112.66 -42.78
CA SER A 1059 16.09 111.93 -43.33
C SER A 1059 17.42 112.48 -42.83
N ASP A 1060 17.56 113.81 -42.77
CA ASP A 1060 18.82 114.40 -42.33
C ASP A 1060 19.11 114.06 -40.87
N PHE A 1061 18.07 114.05 -40.03
CA PHE A 1061 18.26 113.65 -38.64
C PHE A 1061 18.72 112.21 -38.54
N LEU A 1062 18.15 111.33 -39.36
CA LEU A 1062 18.58 109.94 -39.37
C LEU A 1062 20.01 109.81 -39.83
N VAL A 1063 20.42 110.59 -40.83
CA VAL A 1063 21.80 110.55 -41.31
C VAL A 1063 22.75 110.98 -40.20
N HIS A 1064 22.42 112.06 -39.50
CA HIS A 1064 23.27 112.53 -38.42
C HIS A 1064 23.34 111.50 -37.29
N PHE A 1065 22.20 110.89 -36.94
CA PHE A 1065 22.19 109.90 -35.88
C PHE A 1065 23.03 108.69 -36.25
N TYR A 1066 22.90 108.21 -37.49
CA TYR A 1066 23.70 107.07 -37.93
C TYR A 1066 25.18 107.42 -37.93
N LEU A 1067 25.53 108.63 -38.37
CA LEU A 1067 26.94 109.02 -38.38
C LEU A 1067 27.51 109.08 -36.97
N VAL A 1068 26.77 109.68 -36.03
CA VAL A 1068 27.30 109.80 -34.68
C VAL A 1068 27.38 108.44 -34.00
N MET A 1069 26.40 107.56 -34.26
CA MET A 1069 26.46 106.22 -33.68
C MET A 1069 27.62 105.43 -34.26
N HIS A 1070 27.86 105.54 -35.57
CA HIS A 1070 28.99 104.85 -36.19
C HIS A 1070 30.31 105.35 -35.63
N LEU A 1071 30.45 106.66 -35.44
CA LEU A 1071 31.66 107.19 -34.84
C LEU A 1071 31.84 106.71 -33.40
N GLY A 1072 30.74 106.68 -32.64
CA GLY A 1072 30.84 106.25 -31.25
C GLY A 1072 31.21 104.79 -31.11
N LEU A 1073 30.60 103.91 -31.92
CA LEU A 1073 30.83 102.48 -31.76
C LEU A 1073 32.25 102.08 -32.15
N THR A 1074 32.82 102.73 -33.17
CA THR A 1074 34.16 102.42 -33.65
C THR A 1074 35.22 103.28 -32.98
N SER A 1075 34.99 103.73 -31.75
CA SER A 1075 35.96 104.54 -31.03
C SER A 1075 37.04 103.63 -30.42
N GLU A 1076 37.90 104.22 -29.59
CA GLU A 1076 38.97 103.47 -28.95
C GLU A 1076 38.84 103.40 -27.44
N ASP A 1077 38.26 104.41 -26.81
CA ASP A 1077 38.08 104.39 -25.36
C ASP A 1077 37.02 103.34 -24.99
N GLN A 1078 37.35 102.48 -24.03
CA GLN A 1078 36.41 101.46 -23.61
C GLN A 1078 35.21 102.05 -22.89
N ASP A 1079 35.37 103.23 -22.27
CA ASP A 1079 34.25 103.87 -21.60
C ASP A 1079 33.16 104.25 -22.60
N ILE A 1080 33.55 104.67 -23.79
CA ILE A 1080 32.58 105.03 -24.83
C ILE A 1080 31.73 103.81 -25.18
N LEU A 1081 32.40 102.67 -25.41
CA LEU A 1081 31.67 101.45 -25.75
C LEU A 1081 30.78 101.00 -24.60
N ASN A 1082 31.28 101.08 -23.37
CA ASN A 1082 30.47 100.67 -22.22
C ASN A 1082 29.23 101.54 -22.10
N THR A 1083 29.37 102.84 -22.28
CA THR A 1083 28.21 103.73 -22.17
C THR A 1083 27.23 103.51 -23.31
N ILE A 1084 27.73 103.27 -24.52
CA ILE A 1084 26.83 103.13 -25.66
C ILE A 1084 26.17 101.75 -25.72
N ILE A 1085 26.74 100.74 -25.05
CA ILE A 1085 26.11 99.43 -25.05
C ILE A 1085 25.24 99.21 -23.81
N ARG A 1086 25.67 99.71 -22.65
CA ARG A 1086 24.91 99.51 -21.43
C ARG A 1086 23.53 100.13 -21.48
N HIS A 1087 23.30 101.13 -22.34
CA HIS A 1087 22.03 101.83 -22.38
C HIS A 1087 21.31 101.65 -23.71
N CYS A 1088 21.66 100.64 -24.50
CA CYS A 1088 21.07 100.43 -25.82
C CYS A 1088 20.53 99.01 -25.92
N PRO A 1089 19.36 98.76 -25.36
CA PRO A 1089 18.72 97.44 -25.54
C PRO A 1089 18.30 97.24 -26.97
N PRO A 1090 18.02 95.99 -27.39
CA PRO A 1090 17.56 95.75 -28.76
C PRO A 1090 16.23 96.42 -29.10
N ARG A 1091 15.63 97.16 -28.16
CA ARG A 1091 14.44 97.93 -28.50
C ARG A 1091 14.71 98.88 -29.65
N PHE A 1092 15.95 99.36 -29.78
CA PHE A 1092 16.31 100.19 -30.92
C PHE A 1092 16.12 99.43 -32.23
N PHE A 1093 16.53 98.16 -32.27
CA PHE A 1093 16.24 97.33 -33.42
C PHE A 1093 14.75 97.12 -33.60
N SER A 1094 14.02 96.97 -32.49
CA SER A 1094 12.59 96.70 -32.56
C SER A 1094 11.82 97.88 -33.13
N LEU A 1095 12.33 99.11 -32.95
CA LEU A 1095 11.62 100.29 -33.42
C LEU A 1095 11.49 100.31 -34.93
N GLY A 1096 12.37 99.62 -35.64
CA GLY A 1096 12.32 99.60 -37.09
C GLY A 1096 12.60 100.93 -37.75
N PHE A 1097 13.61 101.65 -37.28
CA PHE A 1097 14.00 102.89 -37.94
C PHE A 1097 14.50 102.59 -39.34
N PRO A 1098 14.19 103.42 -40.33
CA PRO A 1098 14.61 103.13 -41.70
C PRO A 1098 16.13 103.10 -41.84
N GLY A 1099 16.62 102.15 -42.64
CA GLY A 1099 18.03 102.08 -42.98
C GLY A 1099 18.97 101.88 -41.81
N PHE A 1100 18.68 100.93 -40.92
CA PHE A 1100 19.51 100.66 -39.76
C PHE A 1100 20.33 99.39 -39.91
N SER A 1101 20.63 98.99 -41.15
CA SER A 1101 21.33 97.73 -41.37
C SER A 1101 22.80 97.81 -40.96
N MET A 1102 23.46 98.94 -41.23
CA MET A 1102 24.87 99.09 -40.88
C MET A 1102 25.09 98.99 -39.37
N LEU A 1103 24.09 99.41 -38.60
CA LEU A 1103 24.18 99.30 -37.15
C LEU A 1103 24.28 97.84 -36.70
N VAL A 1104 23.78 96.90 -37.51
CA VAL A 1104 23.89 95.49 -37.15
C VAL A 1104 25.37 95.10 -37.06
N GLY A 1105 26.13 95.38 -38.12
CA GLY A 1105 27.54 95.06 -38.10
C GLY A 1105 28.31 95.85 -37.07
N ASP A 1106 27.97 97.14 -36.92
CA ASP A 1106 28.67 97.95 -35.93
C ASP A 1106 28.43 97.43 -34.52
N PHE A 1107 27.19 97.04 -34.21
CA PHE A 1107 26.88 96.49 -32.89
C PHE A 1107 27.55 95.15 -32.67
N ILE A 1108 27.63 94.31 -33.72
CA ILE A 1108 28.33 93.04 -33.59
C ILE A 1108 29.79 93.27 -33.22
N THR A 1109 30.44 94.20 -33.93
CA THR A 1109 31.84 94.50 -33.63
C THR A 1109 32.00 95.07 -32.24
N ALA A 1110 31.10 95.96 -31.84
CA ALA A 1110 31.17 96.55 -30.50
C ALA A 1110 30.99 95.50 -29.41
N ALA A 1111 30.04 94.59 -29.60
CA ALA A 1111 29.84 93.53 -28.61
C ALA A 1111 31.06 92.63 -28.52
N ALA A 1112 31.66 92.28 -29.66
CA ALA A 1112 32.87 91.47 -29.63
C ALA A 1112 33.98 92.18 -28.87
N ARG A 1113 34.17 93.48 -29.14
CA ARG A 1113 35.23 94.23 -28.47
C ARG A 1113 34.98 94.31 -26.96
N VAL A 1114 33.74 94.56 -26.55
CA VAL A 1114 33.47 94.71 -25.13
C VAL A 1114 33.57 93.37 -24.41
N LEU A 1115 33.19 92.27 -25.06
CA LEU A 1115 33.29 90.97 -24.42
C LEU A 1115 34.70 90.40 -24.43
N SER A 1116 35.57 90.88 -25.32
CA SER A 1116 36.97 90.46 -25.28
C SER A 1116 37.64 90.92 -23.99
N THR A 1117 37.33 92.13 -23.54
CA THR A 1117 37.89 92.66 -22.31
C THR A 1117 37.35 91.89 -21.11
N ASP A 1118 38.20 91.75 -20.08
CA ASP A 1118 37.86 90.97 -18.89
C ASP A 1118 37.59 91.84 -17.68
N ILE A 1119 37.34 93.13 -17.87
CA ILE A 1119 37.00 94.00 -16.76
C ILE A 1119 35.62 93.62 -16.22
N LEU A 1120 35.52 93.46 -14.91
CA LEU A 1120 34.28 92.98 -14.31
C LEU A 1120 33.19 94.03 -14.29
N THR A 1121 33.52 95.30 -14.50
CA THR A 1121 32.53 96.36 -14.50
C THR A 1121 31.88 96.57 -15.86
N ALA A 1122 32.32 95.84 -16.88
CA ALA A 1122 31.75 95.98 -18.21
C ALA A 1122 30.31 95.45 -18.22
N PRO A 1123 29.44 96.00 -19.07
CA PRO A 1123 28.06 95.51 -19.13
C PRO A 1123 27.95 94.19 -19.85
N ARG A 1124 28.33 93.10 -19.18
CA ARG A 1124 28.33 91.79 -19.83
C ARG A 1124 26.92 91.34 -20.17
N SER A 1125 25.96 91.53 -19.27
CA SER A 1125 24.59 91.08 -19.53
C SER A 1125 24.00 91.80 -20.74
N GLU A 1126 24.14 93.12 -20.78
CA GLU A 1126 23.63 93.87 -21.93
C GLU A 1126 24.37 93.49 -23.21
N ALA A 1127 25.68 93.27 -23.11
CA ALA A 1127 26.44 92.90 -24.29
C ALA A 1127 25.96 91.58 -24.88
N VAL A 1128 25.76 90.56 -24.03
CA VAL A 1128 25.33 89.27 -24.53
C VAL A 1128 23.88 89.33 -25.00
N THR A 1129 23.04 90.14 -24.34
CA THR A 1129 21.67 90.30 -24.80
C THR A 1129 21.62 90.92 -26.19
N VAL A 1130 22.44 91.95 -26.42
CA VAL A 1130 22.51 92.58 -27.74
C VAL A 1130 23.06 91.59 -28.76
N LEU A 1131 24.08 90.83 -28.38
CA LEU A 1131 24.69 89.88 -29.31
C LEU A 1131 23.70 88.80 -29.72
N GLY A 1132 22.92 88.29 -28.77
CA GLY A 1132 21.94 87.26 -29.08
C GLY A 1132 20.69 87.78 -29.75
N SER A 1133 20.42 89.08 -29.66
CA SER A 1133 19.23 89.63 -30.29
C SER A 1133 19.36 89.61 -31.80
N LEU A 1134 20.57 89.79 -32.31
CA LEU A 1134 20.84 89.83 -33.75
C LEU A 1134 20.97 88.46 -34.36
N VAL A 1135 20.69 87.40 -33.60
CA VAL A 1135 20.98 86.04 -34.05
C VAL A 1135 20.12 85.59 -35.22
N CYS A 1136 18.97 86.24 -35.45
CA CYS A 1136 18.08 85.86 -36.54
C CYS A 1136 18.11 86.83 -37.71
N PHE A 1137 18.74 87.99 -37.55
CA PHE A 1137 18.79 88.96 -38.65
C PHE A 1137 19.50 88.44 -39.89
N PRO A 1138 20.70 87.86 -39.83
CA PRO A 1138 21.38 87.49 -41.08
C PRO A 1138 20.63 86.51 -41.93
N ASN A 1139 19.86 85.59 -41.32
CA ASN A 1139 19.12 84.61 -42.11
C ASN A 1139 17.98 85.26 -42.88
N THR A 1140 17.20 86.13 -42.23
CA THR A 1140 16.10 86.81 -42.90
C THR A 1140 16.57 87.99 -43.74
N TYR A 1141 17.65 88.66 -43.34
CA TYR A 1141 18.18 89.79 -44.09
C TYR A 1141 19.32 89.32 -44.99
N GLN A 1142 18.96 88.54 -46.00
CA GLN A 1142 19.94 88.03 -46.93
C GLN A 1142 20.48 89.13 -47.83
N GLU A 1143 21.77 89.05 -48.13
CA GLU A 1143 22.46 89.96 -49.05
C GLU A 1143 22.43 91.40 -48.52
N ILE A 1144 22.74 91.54 -47.23
CA ILE A 1144 22.91 92.85 -46.62
C ILE A 1144 24.34 93.31 -46.84
N PRO A 1145 24.56 94.58 -47.23
CA PRO A 1145 25.94 95.06 -47.38
C PRO A 1145 26.75 95.00 -46.10
N LEU A 1146 26.11 95.19 -44.95
CA LEU A 1146 26.80 95.12 -43.67
C LEU A 1146 26.21 94.03 -42.79
N GLY A 1159 29.98 89.71 -46.13
CA GLY A 1159 28.89 88.94 -46.68
C GLY A 1159 28.00 88.31 -45.63
N THR A 1160 26.80 87.88 -46.04
CA THR A 1160 25.88 87.26 -45.09
C THR A 1160 26.48 86.01 -44.47
N GLU A 1161 27.10 85.16 -45.27
CA GLU A 1161 27.77 83.98 -44.73
C GLU A 1161 28.94 84.38 -43.82
N ASP A 1162 29.70 85.39 -44.23
CA ASP A 1162 30.82 85.84 -43.40
C ASP A 1162 30.33 86.44 -42.08
N VAL A 1163 29.26 87.25 -42.14
CA VAL A 1163 28.72 87.83 -40.92
C VAL A 1163 28.17 86.75 -40.00
N LYS A 1164 27.48 85.76 -40.57
CA LYS A 1164 26.96 84.66 -39.77
C LYS A 1164 28.09 83.86 -39.14
N HIS A 1165 29.17 83.62 -39.88
CA HIS A 1165 30.31 82.89 -39.33
C HIS A 1165 30.95 83.68 -38.19
N TYR A 1166 31.11 84.99 -38.37
CA TYR A 1166 31.69 85.80 -37.30
C TYR A 1166 30.80 85.79 -36.05
N LEU A 1167 29.49 85.94 -36.25
CA LEU A 1167 28.57 85.95 -35.12
C LEU A 1167 28.57 84.62 -34.39
N ILE A 1168 28.56 83.51 -35.13
CA ILE A 1168 28.53 82.21 -34.48
C ILE A 1168 29.86 81.92 -33.78
N ASN A 1169 30.98 82.38 -34.35
CA ASN A 1169 32.26 82.23 -33.66
C ASN A 1169 32.25 82.99 -32.34
N ILE A 1170 31.72 84.22 -32.35
CA ILE A 1170 31.65 85.01 -31.13
C ILE A 1170 30.75 84.33 -30.11
N LEU A 1171 29.61 83.79 -30.56
CA LEU A 1171 28.70 83.10 -29.66
C LEU A 1171 29.35 81.88 -29.04
N LEU A 1172 30.04 81.08 -29.85
CA LEU A 1172 30.72 79.89 -29.33
C LEU A 1172 31.80 80.27 -28.33
N LYS A 1173 32.55 81.33 -28.62
CA LYS A 1173 33.58 81.77 -27.69
C LYS A 1173 32.98 82.24 -26.38
N ASN A 1174 31.85 82.98 -26.45
CA ASN A 1174 31.23 83.47 -25.24
C ASN A 1174 30.62 82.36 -24.40
N ALA A 1175 30.04 81.34 -25.04
CA ALA A 1175 29.36 80.29 -24.31
C ALA A 1175 30.32 79.47 -23.45
N THR A 1176 31.62 79.54 -23.71
CA THR A 1176 32.61 78.76 -22.98
C THR A 1176 33.62 79.63 -22.24
N GLU A 1177 33.40 80.94 -22.17
CA GLU A 1177 34.36 81.83 -21.53
C GLU A 1177 33.75 82.88 -20.60
N GLU A 1178 32.44 83.06 -20.60
CA GLU A 1178 31.83 84.09 -19.77
C GLU A 1178 31.97 83.75 -18.30
N PRO A 1179 32.57 84.61 -17.47
CA PRO A 1179 32.67 84.31 -16.04
C PRO A 1179 31.42 84.64 -15.24
N ASN A 1180 30.46 85.34 -15.82
CA ASN A 1180 29.22 85.69 -15.14
C ASN A 1180 28.13 84.70 -15.51
N GLU A 1181 27.42 84.18 -14.50
CA GLU A 1181 26.42 83.14 -14.74
C GLU A 1181 25.27 83.65 -15.60
N TYR A 1182 24.83 84.89 -15.37
CA TYR A 1182 23.74 85.45 -16.16
C TYR A 1182 24.11 85.54 -17.64
N ALA A 1183 25.30 86.06 -17.92
CA ALA A 1183 25.75 86.17 -19.30
C ALA A 1183 25.88 84.80 -19.95
N ARG A 1184 26.40 83.83 -19.21
CA ARG A 1184 26.54 82.48 -19.76
C ARG A 1184 25.17 81.87 -20.06
N CYS A 1185 24.20 82.05 -19.16
CA CYS A 1185 22.86 81.54 -19.40
C CYS A 1185 22.25 82.16 -20.65
N ILE A 1186 22.40 83.48 -20.79
CA ILE A 1186 21.85 84.15 -21.97
C ILE A 1186 22.55 83.65 -23.23
N ALA A 1187 23.86 83.43 -23.15
CA ALA A 1187 24.60 82.92 -24.30
C ALA A 1187 24.13 81.53 -24.70
N VAL A 1188 23.89 80.66 -23.72
CA VAL A 1188 23.41 79.31 -24.02
C VAL A 1188 22.03 79.36 -24.65
N CYS A 1189 21.14 80.20 -24.11
CA CYS A 1189 19.81 80.33 -24.70
C CYS A 1189 19.88 80.85 -26.12
N SER A 1190 20.75 81.83 -26.37
CA SER A 1190 20.91 82.37 -27.71
C SER A 1190 21.46 81.31 -28.66
N LEU A 1191 22.39 80.49 -28.19
CA LEU A 1191 22.92 79.41 -29.02
C LEU A 1191 21.82 78.42 -29.37
N GLY A 1192 20.96 78.09 -28.40
CA GLY A 1192 19.84 77.22 -28.70
C GLY A 1192 18.88 77.81 -29.72
N VAL A 1193 18.60 79.11 -29.60
CA VAL A 1193 17.74 79.78 -30.56
C VAL A 1193 18.36 79.75 -31.94
N TRP A 1194 19.69 79.96 -32.02
CA TRP A 1194 20.38 79.88 -33.31
C TRP A 1194 20.28 78.49 -33.91
N ILE A 1195 20.45 77.45 -33.09
CA ILE A 1195 20.32 76.09 -33.58
C ILE A 1195 18.93 75.86 -34.13
N CYS A 1196 17.91 76.31 -33.42
CA CYS A 1196 16.53 76.16 -33.88
C CYS A 1196 16.32 76.87 -35.21
N GLU A 1197 16.86 78.08 -35.35
CA GLU A 1197 16.70 78.82 -36.59
C GLU A 1197 17.40 78.10 -37.75
N GLU A 1198 18.62 77.61 -37.52
CA GLU A 1198 19.34 76.91 -38.57
C GLU A 1198 18.60 75.66 -39.01
N LEU A 1199 18.06 74.90 -38.04
CA LEU A 1199 17.28 73.72 -38.40
C LEU A 1199 16.02 74.09 -39.16
N ALA A 1200 15.32 75.14 -38.73
CA ALA A 1200 14.07 75.51 -39.38
C ALA A 1200 14.30 75.97 -40.81
N GLN A 1201 15.33 76.76 -41.05
CA GLN A 1201 15.55 77.27 -42.41
C GLN A 1201 16.23 76.25 -43.31
N CYS A 1202 16.76 75.15 -42.74
CA CYS A 1202 17.45 74.10 -43.49
C CYS A 1202 18.67 74.67 -44.24
N THR A 1203 19.55 75.30 -43.46
CA THR A 1203 20.78 75.86 -44.01
C THR A 1203 21.87 74.81 -44.20
N SER A 1204 21.79 73.69 -43.48
CA SER A 1204 22.84 72.66 -43.50
C SER A 1204 24.20 73.26 -43.15
N HIS A 1205 24.20 74.16 -42.18
CA HIS A 1205 25.45 74.82 -41.79
C HIS A 1205 26.30 73.86 -40.98
N PRO A 1206 27.58 73.68 -41.33
CA PRO A 1206 28.43 72.76 -40.57
C PRO A 1206 28.66 73.17 -39.13
N GLN A 1207 28.47 74.45 -38.80
CA GLN A 1207 28.68 74.92 -37.44
C GLN A 1207 27.63 74.42 -36.46
N VAL A 1208 26.53 73.84 -36.94
CA VAL A 1208 25.47 73.36 -36.05
C VAL A 1208 26.01 72.27 -35.14
N LYS A 1209 26.81 71.35 -35.69
CA LYS A 1209 27.32 70.24 -34.88
C LYS A 1209 28.20 70.75 -33.75
N GLU A 1210 29.01 71.77 -34.01
CA GLU A 1210 29.85 72.33 -32.95
C GLU A 1210 29.00 72.93 -31.83
N ALA A 1211 27.91 73.61 -32.20
CA ALA A 1211 27.01 74.16 -31.18
C ALA A 1211 26.35 73.06 -30.37
N ILE A 1212 25.96 71.97 -31.03
CA ILE A 1212 25.38 70.83 -30.32
C ILE A 1212 26.40 70.25 -29.34
N ASN A 1213 27.65 70.13 -29.78
CA ASN A 1213 28.70 69.66 -28.88
C ASN A 1213 28.88 70.59 -27.70
N VAL A 1214 28.83 71.90 -27.94
CA VAL A 1214 28.97 72.87 -26.85
C VAL A 1214 27.84 72.70 -25.85
N ILE A 1215 26.61 72.51 -26.33
CA ILE A 1215 25.48 72.29 -25.44
C ILE A 1215 25.68 71.01 -24.64
N GLY A 1216 26.12 69.94 -25.31
CA GLY A 1216 26.25 68.66 -24.62
C GLY A 1216 27.28 68.69 -23.50
N VAL A 1217 28.41 69.35 -23.74
CA VAL A 1217 29.43 69.45 -22.70
C VAL A 1217 28.92 70.27 -21.51
N THR A 1218 28.07 71.26 -21.78
CA THR A 1218 27.55 72.12 -20.72
C THR A 1218 26.73 71.33 -19.70
N LEU A 1219 26.26 70.14 -20.06
CA LEU A 1219 25.40 69.36 -19.16
C LEU A 1219 26.13 69.01 -17.87
N LYS A 1220 27.39 68.60 -17.95
CA LYS A 1220 28.16 68.20 -16.78
C LYS A 1220 28.93 69.35 -16.17
N PHE A 1221 28.46 70.59 -16.34
CA PHE A 1221 29.14 71.73 -15.76
C PHE A 1221 29.07 71.67 -14.23
N PRO A 1222 30.13 72.09 -13.53
CA PRO A 1222 30.08 72.07 -12.06
C PRO A 1222 28.96 72.92 -11.48
N ASN A 1223 28.67 74.06 -12.08
CA ASN A 1223 27.54 74.88 -11.63
C ASN A 1223 26.24 74.29 -12.17
N LYS A 1224 25.18 74.41 -11.37
CA LYS A 1224 23.93 73.74 -11.68
C LYS A 1224 22.93 74.60 -12.42
N ILE A 1225 23.02 75.92 -12.33
CA ILE A 1225 22.06 76.78 -13.02
C ILE A 1225 22.31 76.74 -14.53
N VAL A 1226 23.57 76.84 -14.93
CA VAL A 1226 23.91 76.73 -16.35
C VAL A 1226 23.57 75.34 -16.88
N ALA A 1227 23.80 74.32 -16.05
CA ALA A 1227 23.44 72.96 -16.45
C ALA A 1227 21.93 72.84 -16.64
N GLN A 1228 21.14 73.44 -15.75
CA GLN A 1228 19.69 73.41 -15.88
C GLN A 1228 19.24 74.11 -17.16
N VAL A 1229 19.85 75.26 -17.47
CA VAL A 1229 19.51 75.97 -18.69
C VAL A 1229 19.84 75.12 -19.91
N ALA A 1230 21.01 74.46 -19.90
CA ALA A 1230 21.36 73.59 -21.02
C ALA A 1230 20.38 72.43 -21.15
N CYS A 1231 19.94 71.88 -20.01
CA CYS A 1231 18.97 70.79 -20.04
C CYS A 1231 17.64 71.24 -20.62
N ASP A 1232 17.19 72.46 -20.25
CA ASP A 1232 15.97 72.99 -20.84
C ASP A 1232 16.12 73.21 -22.34
N VAL A 1233 17.28 73.69 -22.77
CA VAL A 1233 17.52 73.87 -24.20
C VAL A 1233 17.47 72.52 -24.92
N LEU A 1234 18.07 71.49 -24.32
CA LEU A 1234 17.98 70.16 -24.90
C LEU A 1234 16.54 69.69 -25.00
N GLN A 1235 15.75 69.92 -23.95
CA GLN A 1235 14.34 69.57 -23.98
C GLN A 1235 13.61 70.32 -25.09
N LEU A 1236 14.09 71.51 -25.45
CA LEU A 1236 13.47 72.25 -26.55
C LEU A 1236 13.66 71.54 -27.88
N LEU A 1237 14.83 70.93 -28.10
CA LEU A 1237 15.14 70.33 -29.39
C LEU A 1237 14.22 69.17 -29.77
N VAL A 1238 13.47 68.62 -28.81
CA VAL A 1238 12.62 67.47 -29.11
C VAL A 1238 11.58 67.80 -30.18
N SER A 1239 11.18 69.06 -30.28
CA SER A 1239 10.17 69.47 -31.25
C SER A 1239 10.68 69.51 -32.68
N TYR A 1240 12.00 69.45 -32.89
CA TYR A 1240 12.59 69.53 -34.21
C TYR A 1240 13.37 68.27 -34.57
N TRP A 1241 13.00 67.13 -33.98
CA TRP A 1241 13.75 65.91 -34.24
C TRP A 1241 13.66 65.49 -35.70
N GLU A 1242 12.56 65.82 -36.37
CA GLU A 1242 12.46 65.53 -37.80
C GLU A 1242 13.51 66.32 -38.59
N LYS A 1243 13.69 67.59 -38.25
CA LYS A 1243 14.72 68.40 -38.92
C LYS A 1243 16.11 67.86 -38.64
N LEU A 1244 16.36 67.46 -37.39
CA LEU A 1244 17.66 66.88 -37.06
C LEU A 1244 17.91 65.61 -37.86
N GLN A 1245 16.90 64.76 -37.98
CA GLN A 1245 17.05 63.54 -38.79
C GLN A 1245 17.32 63.89 -40.24
N MET A 1246 16.62 64.88 -40.79
CA MET A 1246 16.86 65.30 -42.16
C MET A 1246 18.27 65.84 -42.35
N PHE A 1247 18.82 66.48 -41.31
CA PHE A 1247 20.17 67.01 -41.40
C PHE A 1247 21.21 65.90 -41.32
N GLU A 1248 21.24 65.17 -40.20
CA GLU A 1248 22.15 64.05 -40.01
C GLU A 1248 21.35 62.88 -39.45
N THR A 1249 21.59 61.68 -40.01
CA THR A 1249 20.76 60.53 -39.67
C THR A 1249 20.91 60.14 -38.21
N SER A 1250 22.14 60.15 -37.70
CA SER A 1250 22.43 59.59 -36.38
C SER A 1250 22.36 60.63 -35.26
N LEU A 1251 21.95 61.86 -35.57
CA LEU A 1251 22.00 62.93 -34.58
C LEU A 1251 21.08 62.69 -33.37
N PRO A 1252 19.79 62.37 -33.53
CA PRO A 1252 18.95 62.16 -32.33
C PRO A 1252 19.43 61.03 -31.45
N ARG A 1253 19.93 59.95 -32.07
CA ARG A 1253 20.51 58.87 -31.29
C ARG A 1253 21.74 59.35 -30.52
N LYS A 1254 22.52 60.25 -31.15
CA LYS A 1254 23.65 60.84 -30.46
C LYS A 1254 23.21 61.66 -29.26
N MET A 1255 22.11 62.41 -29.40
CA MET A 1255 21.60 63.18 -28.27
C MET A 1255 21.16 62.27 -27.14
N ALA A 1256 20.46 61.18 -27.47
CA ALA A 1256 20.05 60.23 -26.43
C ALA A 1256 21.25 59.61 -25.75
N GLU A 1257 22.29 59.25 -26.52
CA GLU A 1257 23.50 58.70 -25.93
C GLU A 1257 24.18 59.71 -25.02
N ILE A 1258 24.19 60.99 -25.42
CA ILE A 1258 24.79 62.02 -24.60
C ILE A 1258 24.07 62.13 -23.27
N LEU A 1259 22.73 62.12 -23.30
CA LEU A 1259 21.96 62.19 -22.07
C LEU A 1259 22.24 60.98 -21.18
N VAL A 1260 22.27 59.79 -21.78
CA VAL A 1260 22.50 58.58 -21.00
C VAL A 1260 23.87 58.62 -20.33
N ALA A 1261 24.90 58.98 -21.11
CA ALA A 1261 26.25 59.02 -20.56
C ALA A 1261 26.37 60.07 -19.47
N THR A 1262 25.75 61.24 -19.66
CA THR A 1262 25.83 62.29 -18.66
C THR A 1262 25.16 61.87 -17.36
N VAL A 1263 23.97 61.27 -17.44
CA VAL A 1263 23.29 60.86 -16.22
C VAL A 1263 24.03 59.70 -15.56
N ALA A 1264 24.73 58.88 -16.34
CA ALA A 1264 25.56 57.83 -15.75
C ALA A 1264 26.75 58.43 -15.02
N PHE A 1265 27.40 59.43 -15.61
CA PHE A 1265 28.58 60.02 -15.00
C PHE A 1265 28.23 60.80 -13.74
N LEU A 1266 27.11 61.52 -13.75
CA LEU A 1266 26.73 62.32 -12.59
C LEU A 1266 26.11 61.48 -11.48
N LEU A 1267 25.76 60.23 -11.75
CA LEU A 1267 25.07 59.40 -10.76
C LEU A 1267 25.88 59.14 -9.50
N PRO A 1268 27.16 58.71 -9.56
CA PRO A 1268 27.83 58.29 -8.32
C PRO A 1268 27.91 59.35 -7.24
N SER A 1269 28.03 60.63 -7.62
CA SER A 1269 28.15 61.71 -6.66
C SER A 1269 26.85 62.46 -6.43
N ALA A 1270 25.73 61.92 -6.91
CA ALA A 1270 24.45 62.63 -6.81
C ALA A 1270 23.66 62.20 -5.57
N GLU A 1271 23.30 60.92 -5.49
CA GLU A 1271 22.44 60.47 -4.40
C GLU A 1271 23.19 60.38 -3.08
N TYR A 1272 24.49 60.10 -3.12
CA TYR A 1272 25.29 60.03 -1.91
C TYR A 1272 25.84 61.40 -1.52
N SER A 1273 24.93 62.37 -1.41
CA SER A 1273 25.28 63.74 -1.07
C SER A 1273 24.09 64.38 -0.38
N SER A 1274 24.36 65.46 0.34
CA SER A 1274 23.34 66.18 1.08
C SER A 1274 22.83 67.41 0.35
N VAL A 1275 23.21 67.60 -0.91
CA VAL A 1275 22.77 68.74 -1.70
C VAL A 1275 21.58 68.30 -2.55
N GLU A 1276 20.46 69.02 -2.42
CA GLU A 1276 19.26 68.68 -3.16
C GLU A 1276 19.31 69.12 -4.62
N THR A 1277 20.16 70.10 -4.93
CA THR A 1277 20.23 70.61 -6.31
C THR A 1277 20.69 69.52 -7.27
N ASP A 1278 21.67 68.71 -6.86
CA ASP A 1278 22.14 67.62 -7.71
C ASP A 1278 21.03 66.60 -7.96
N LYS A 1279 20.26 66.27 -6.93
CA LYS A 1279 19.15 65.35 -7.11
C LYS A 1279 18.10 65.92 -8.07
N LYS A 1280 17.79 67.21 -7.93
CA LYS A 1280 16.82 67.83 -8.82
C LYS A 1280 17.33 67.83 -10.26
N PHE A 1281 18.61 68.11 -10.46
CA PHE A 1281 19.17 68.09 -11.81
C PHE A 1281 19.15 66.69 -12.38
N ILE A 1282 19.41 65.67 -11.56
CA ILE A 1282 19.32 64.29 -12.02
C ILE A 1282 17.89 63.97 -12.45
N VAL A 1283 16.91 64.41 -11.67
CA VAL A 1283 15.51 64.19 -12.02
C VAL A 1283 15.18 64.85 -13.36
N SER A 1284 15.65 66.09 -13.54
CA SER A 1284 15.40 66.79 -14.80
C SER A 1284 16.05 66.06 -15.98
N LEU A 1285 17.27 65.55 -15.78
CA LEU A 1285 17.93 64.79 -16.82
C LEU A 1285 17.13 63.54 -17.18
N LEU A 1286 16.63 62.83 -16.17
CA LEU A 1286 15.84 61.63 -16.44
C LEU A 1286 14.55 61.97 -17.18
N LEU A 1287 13.89 63.06 -16.81
CA LEU A 1287 12.67 63.45 -17.50
C LEU A 1287 12.93 63.82 -18.95
N CYS A 1288 14.03 64.54 -19.21
CA CYS A 1288 14.38 64.87 -20.59
C CYS A 1288 14.72 63.62 -21.38
N LEU A 1289 15.40 62.66 -20.75
CA LEU A 1289 15.68 61.39 -21.41
C LEU A 1289 14.39 60.66 -21.76
N LEU A 1290 13.41 60.68 -20.84
CA LEU A 1290 12.12 60.06 -21.10
C LEU A 1290 11.41 60.72 -22.28
N ASP A 1291 11.46 62.06 -22.34
CA ASP A 1291 10.85 62.76 -23.46
C ASP A 1291 11.52 62.39 -24.78
N TRP A 1292 12.86 62.34 -24.77
CA TRP A 1292 13.57 61.98 -26.00
C TRP A 1292 13.25 60.56 -26.44
N CYS A 1293 13.16 59.63 -25.49
CA CYS A 1293 12.82 58.26 -25.83
C CYS A 1293 11.40 58.16 -26.38
N MET A 1294 10.45 58.88 -25.76
CA MET A 1294 9.07 58.83 -26.22
C MET A 1294 8.93 59.39 -27.63
N ALA A 1295 9.62 60.49 -27.91
CA ALA A 1295 9.51 61.09 -29.24
C ALA A 1295 10.06 60.17 -30.32
N LEU A 1296 11.18 59.52 -30.04
CA LEU A 1296 11.80 58.65 -31.04
C LEU A 1296 10.96 57.38 -31.23
N PRO A 1297 10.93 56.83 -32.43
CA PRO A 1297 10.23 55.56 -32.66
C PRO A 1297 11.00 54.39 -32.06
N VAL A 1298 10.31 53.25 -31.98
CA VAL A 1298 10.91 52.07 -31.37
C VAL A 1298 12.04 51.53 -32.23
N SER A 1299 11.88 51.58 -33.56
CA SER A 1299 12.88 51.00 -34.45
C SER A 1299 14.23 51.67 -34.29
N VAL A 1300 14.25 53.01 -34.16
CA VAL A 1300 15.51 53.72 -34.00
C VAL A 1300 16.17 53.34 -32.68
N LEU A 1301 15.39 53.26 -31.60
CA LEU A 1301 15.97 52.96 -30.29
C LEU A 1301 16.61 51.59 -30.22
N LEU A 1302 16.19 50.65 -31.07
CA LEU A 1302 16.77 49.32 -31.07
C LEU A 1302 18.01 49.21 -31.95
N HIS A 1303 18.36 50.27 -32.67
CA HIS A 1303 19.57 50.23 -33.48
C HIS A 1303 20.80 50.19 -32.58
N PRO A 1304 21.81 49.38 -32.91
CA PRO A 1304 22.98 49.27 -32.04
C PRO A 1304 23.78 50.56 -31.98
N VAL A 1305 24.43 50.77 -30.85
CA VAL A 1305 25.29 51.93 -30.66
C VAL A 1305 26.60 51.71 -31.41
N SER A 1306 27.01 52.69 -32.20
CA SER A 1306 28.22 52.61 -33.00
C SER A 1306 29.23 53.61 -32.43
N THR A 1307 30.14 53.10 -31.59
CA THR A 1307 31.21 53.91 -31.00
C THR A 1307 32.51 53.13 -31.06
N ALA A 1308 33.62 53.87 -31.20
CA ALA A 1308 34.92 53.23 -31.43
C ALA A 1308 35.36 52.40 -30.24
N VAL A 1309 35.18 52.92 -29.02
CA VAL A 1309 35.71 52.25 -27.84
C VAL A 1309 35.05 50.89 -27.66
N LEU A 1310 33.72 50.82 -27.79
CA LEU A 1310 33.03 49.56 -27.65
C LEU A 1310 33.19 48.68 -28.88
N GLU A 1311 33.32 49.27 -30.07
CA GLU A 1311 33.53 48.47 -31.27
C GLU A 1311 34.88 47.78 -31.25
N GLU A 1312 35.87 48.37 -30.58
CA GLU A 1312 37.17 47.71 -30.43
C GLU A 1312 37.02 46.40 -29.66
N GLN A 1313 36.19 46.40 -28.62
CA GLN A 1313 35.92 45.17 -27.89
C GLN A 1313 35.10 44.22 -28.75
N HIS A 1314 35.25 42.92 -28.48
CA HIS A 1314 34.61 41.88 -29.28
C HIS A 1314 33.17 41.61 -28.86
N SER A 1315 32.67 42.29 -27.84
CA SER A 1315 31.30 42.08 -27.40
C SER A 1315 30.31 42.61 -28.44
N ALA A 1316 29.12 42.01 -28.46
CA ALA A 1316 28.09 42.41 -29.40
C ALA A 1316 27.63 43.85 -29.13
N ARG A 1317 27.28 44.55 -30.21
CA ARG A 1317 26.85 45.94 -30.11
C ARG A 1317 25.44 45.98 -29.51
N ALA A 1318 25.36 46.30 -28.22
CA ALA A 1318 24.08 46.38 -27.54
C ALA A 1318 23.27 47.57 -28.07
N PRO A 1319 21.95 47.43 -28.16
CA PRO A 1319 21.13 48.56 -28.61
C PRO A 1319 21.06 49.66 -27.56
N LEU A 1320 20.63 50.84 -28.01
CA LEU A 1320 20.58 52.01 -27.14
C LEU A 1320 19.63 51.78 -25.96
N LEU A 1321 18.48 51.16 -26.22
CA LEU A 1321 17.52 50.90 -25.16
C LEU A 1321 18.12 50.01 -24.07
N ASP A 1322 19.03 49.12 -24.45
CA ASP A 1322 19.71 48.28 -23.47
C ASP A 1322 20.51 49.14 -22.48
N TYR A 1323 21.28 50.10 -23.01
CA TYR A 1323 22.05 50.98 -22.13
C TYR A 1323 21.12 51.86 -21.30
N ILE A 1324 20.02 52.30 -21.89
CA ILE A 1324 19.06 53.13 -21.16
C ILE A 1324 18.54 52.37 -19.95
N TYR A 1325 18.14 51.11 -20.16
CA TYR A 1325 17.61 50.32 -19.05
C TYR A 1325 18.70 49.95 -18.05
N ARG A 1326 19.94 49.76 -18.51
CA ARG A 1326 21.03 49.52 -17.58
C ARG A 1326 21.22 50.72 -16.67
N VAL A 1327 21.21 51.93 -17.23
CA VAL A 1327 21.37 53.14 -16.43
C VAL A 1327 20.20 53.31 -15.47
N LEU A 1328 18.98 53.03 -15.94
CA LEU A 1328 17.82 53.14 -15.07
C LEU A 1328 17.90 52.15 -13.92
N HIS A 1329 18.34 50.93 -14.19
CA HIS A 1329 18.52 49.94 -13.13
C HIS A 1329 19.58 50.39 -12.13
N CYS A 1330 20.67 50.96 -12.63
CA CYS A 1330 21.71 51.48 -11.73
C CYS A 1330 21.15 52.59 -10.86
N CYS A 1331 20.33 53.47 -11.44
CA CYS A 1331 19.73 54.55 -10.67
C CYS A 1331 18.79 54.01 -9.59
N VAL A 1332 17.94 53.05 -9.94
CA VAL A 1332 16.95 52.57 -8.97
C VAL A 1332 17.61 51.72 -7.88
N CYS A 1333 18.68 50.99 -8.21
CA CYS A 1333 19.32 50.14 -7.21
C CYS A 1333 20.47 50.86 -6.50
N GLY A 1334 21.46 51.32 -7.26
CA GLY A 1334 22.59 52.02 -6.68
C GLY A 1334 23.73 52.21 -7.66
N SER A 1335 24.51 53.28 -7.46
CA SER A 1335 25.64 53.54 -8.34
C SER A 1335 26.71 52.45 -8.22
N SER A 1336 26.95 51.98 -7.01
CA SER A 1336 27.96 50.96 -6.77
C SER A 1336 27.41 49.59 -7.15
N THR A 1337 28.12 48.53 -6.76
CA THR A 1337 27.72 47.14 -6.99
C THR A 1337 27.62 46.80 -8.47
N TYR A 1338 28.21 47.62 -9.35
CA TYR A 1338 28.25 47.32 -10.78
C TYR A 1338 29.59 47.83 -11.31
N THR A 1339 30.58 46.94 -11.37
CA THR A 1339 31.93 47.30 -11.76
C THR A 1339 32.43 46.42 -12.91
N GLN A 1340 31.52 45.95 -13.76
CA GLN A 1340 31.94 45.17 -14.92
C GLN A 1340 32.81 46.00 -15.85
N GLN A 1341 32.54 47.31 -15.91
CA GLN A 1341 33.39 48.34 -16.53
C GLN A 1341 33.71 48.05 -17.99
N SER A 1342 33.04 47.05 -18.58
CA SER A 1342 33.26 46.73 -19.98
C SER A 1342 32.14 47.27 -20.86
N HIS A 1343 30.92 46.79 -20.64
CA HIS A 1343 29.76 47.26 -21.39
C HIS A 1343 28.54 47.51 -20.53
N TYR A 1344 28.60 47.29 -19.22
CA TYR A 1344 27.40 47.35 -18.40
C TYR A 1344 26.86 48.78 -18.31
N ILE A 1345 27.73 49.78 -18.26
CA ILE A 1345 27.33 51.17 -18.20
C ILE A 1345 28.07 51.94 -19.29
N LEU A 1346 27.35 52.75 -20.05
CA LEU A 1346 27.99 53.60 -21.05
C LEU A 1346 28.70 54.76 -20.36
N THR A 1347 29.92 55.03 -20.78
CA THR A 1347 30.76 56.06 -20.19
C THR A 1347 30.92 57.23 -21.15
N LEU A 1348 31.43 58.34 -20.60
CA LEU A 1348 31.56 59.57 -21.38
C LEU A 1348 32.51 59.38 -22.56
N ALA A 1349 33.62 58.68 -22.35
CA ALA A 1349 34.62 58.52 -23.40
C ALA A 1349 34.08 57.77 -24.60
N ASP A 1350 33.00 57.00 -24.44
CA ASP A 1350 32.41 56.29 -25.56
C ASP A 1350 31.77 57.24 -26.57
N LEU A 1351 31.35 58.42 -26.14
CA LEU A 1351 30.69 59.36 -27.04
C LEU A 1351 31.64 59.98 -28.06
N SER A 1352 32.95 59.88 -27.83
CA SER A 1352 33.91 60.54 -28.72
C SER A 1352 33.80 59.99 -30.14
N SER A 1353 33.86 60.89 -31.11
CA SER A 1353 33.79 60.53 -32.51
C SER A 1353 34.61 61.54 -33.31
N THR A 1354 34.42 61.52 -34.64
CA THR A 1354 35.19 62.41 -35.51
C THR A 1354 34.89 63.87 -35.23
N ASP A 1355 33.61 64.21 -35.05
CA ASP A 1355 33.17 65.59 -34.88
C ASP A 1355 32.41 65.77 -33.57
N TYR A 1356 32.93 65.19 -32.49
CA TYR A 1356 32.34 65.40 -31.16
C TYR A 1356 33.42 65.11 -30.12
N ASP A 1357 33.82 66.14 -29.38
CA ASP A 1357 34.78 65.97 -28.30
C ASP A 1357 34.07 66.14 -26.96
N PRO A 1358 33.89 65.07 -26.18
CA PRO A 1358 33.16 65.17 -24.92
C PRO A 1358 33.94 65.82 -23.78
N PHE A 1359 35.09 66.41 -24.05
CA PHE A 1359 35.91 67.05 -23.02
C PHE A 1359 36.39 68.43 -23.48
N LEU A 1360 35.48 69.21 -24.05
CA LEU A 1360 35.85 70.56 -24.47
C LEU A 1360 36.18 71.42 -23.26
N PRO A 1361 37.17 72.30 -23.37
CA PRO A 1361 37.51 73.17 -22.24
C PRO A 1361 36.35 74.09 -21.87
N LEU A 1362 36.19 74.33 -20.58
CA LEU A 1362 35.17 75.23 -20.08
C LEU A 1362 35.77 76.08 -18.97
N ALA A 1363 35.25 77.30 -18.84
CA ALA A 1363 35.67 78.22 -17.80
C ALA A 1363 34.63 78.25 -16.69
N ASN A 1364 35.03 77.86 -15.49
CA ASN A 1364 34.10 77.84 -14.36
C ASN A 1364 33.63 79.25 -14.03
N VAL A 1365 32.33 79.39 -13.78
CA VAL A 1365 31.74 80.69 -13.47
C VAL A 1365 32.07 81.06 -12.03
N LYS A 1366 31.84 82.33 -11.69
CA LYS A 1366 32.17 82.80 -10.35
C LYS A 1366 31.29 82.19 -9.28
N SER A 1367 30.13 81.64 -9.64
CA SER A 1367 29.22 80.97 -8.72
C SER A 1367 28.81 81.89 -7.57
N SER A 1393 10.19 60.53 3.42
CA SER A 1393 10.66 61.20 2.22
C SER A 1393 11.48 60.26 1.34
N LEU A 1394 10.80 59.59 0.41
CA LEU A 1394 11.49 58.71 -0.52
C LEU A 1394 12.44 59.49 -1.41
N GLU A 1395 13.60 58.91 -1.68
CA GLU A 1395 14.57 59.53 -2.55
C GLU A 1395 13.99 59.72 -3.95
N LEU A 1396 14.23 60.89 -4.53
CA LEU A 1396 13.60 61.23 -5.80
C LEU A 1396 14.10 60.36 -6.94
N ILE A 1397 15.39 60.00 -6.92
CA ILE A 1397 15.97 59.25 -8.03
C ILE A 1397 15.33 57.88 -8.20
N PRO A 1398 15.16 57.06 -7.14
CA PRO A 1398 14.48 55.76 -7.34
C PRO A 1398 13.07 55.89 -7.85
N LEU A 1399 12.28 56.82 -7.30
CA LEU A 1399 10.91 57.00 -7.78
C LEU A 1399 10.89 57.41 -9.24
N THR A 1400 11.77 58.34 -9.63
CA THR A 1400 11.84 58.76 -11.02
C THR A 1400 12.24 57.60 -11.93
N ALA A 1401 13.20 56.78 -11.48
CA ALA A 1401 13.61 55.64 -12.29
C ALA A 1401 12.45 54.65 -12.48
N ARG A 1402 11.71 54.37 -11.40
CA ARG A 1402 10.58 53.46 -11.51
C ARG A 1402 9.52 54.02 -12.44
N MET A 1403 9.22 55.31 -12.31
CA MET A 1403 8.21 55.93 -13.18
C MET A 1403 8.65 55.90 -14.63
N VAL A 1404 9.92 56.18 -14.90
CA VAL A 1404 10.42 56.17 -16.27
C VAL A 1404 10.34 54.76 -16.86
N MET A 1405 10.74 53.76 -16.08
CA MET A 1405 10.66 52.39 -16.57
C MET A 1405 9.23 51.99 -16.87
N ALA A 1406 8.30 52.31 -15.96
CA ALA A 1406 6.89 51.97 -16.20
C ALA A 1406 6.35 52.68 -17.43
N HIS A 1407 6.67 53.97 -17.58
CA HIS A 1407 6.19 54.73 -18.72
C HIS A 1407 6.73 54.18 -20.02
N LEU A 1408 8.03 53.85 -20.06
CA LEU A 1408 8.62 53.28 -21.26
C LEU A 1408 8.00 51.93 -21.59
N VAL A 1409 7.77 51.09 -20.59
CA VAL A 1409 7.16 49.79 -20.85
C VAL A 1409 5.75 49.94 -21.39
N ASN A 1410 4.97 50.87 -20.83
CA ASN A 1410 3.57 50.97 -21.19
C ASN A 1410 3.36 51.71 -22.50
N HIS A 1411 3.77 52.98 -22.57
CA HIS A 1411 3.31 53.88 -23.63
C HIS A 1411 4.25 53.96 -24.83
N LEU A 1412 5.41 53.30 -24.81
CA LEU A 1412 6.32 53.40 -25.94
C LEU A 1412 5.73 52.70 -27.15
N GLY A 1413 5.44 53.47 -28.19
CA GLY A 1413 4.80 52.92 -29.38
C GLY A 1413 3.29 52.80 -29.29
N HIS A 1414 2.69 53.17 -28.17
CA HIS A 1414 1.24 53.06 -27.98
C HIS A 1414 0.59 54.36 -27.57
N TYR A 1415 1.32 55.46 -27.50
CA TYR A 1415 0.73 56.71 -26.98
C TYR A 1415 -0.40 57.23 -27.85
N PRO A 1416 -0.27 57.33 -29.18
CA PRO A 1416 -1.44 57.80 -29.96
C PRO A 1416 -2.49 56.71 -30.14
N LEU A 1417 -3.33 56.54 -29.12
CA LEU A 1417 -4.39 55.55 -29.17
C LEU A 1417 -5.52 56.03 -30.08
N SER A 1418 -6.53 55.17 -30.25
CA SER A 1418 -7.65 55.51 -31.12
C SER A 1418 -8.47 56.65 -30.56
N GLY A 1419 -8.45 56.86 -29.25
CA GLY A 1419 -9.21 57.92 -28.63
C GLY A 1419 -8.59 59.29 -28.68
N GLY A 1420 -7.42 59.42 -29.28
CA GLY A 1420 -6.74 60.69 -29.36
C GLY A 1420 -5.79 60.91 -28.21
N PRO A 1421 -4.81 61.80 -28.39
CA PRO A 1421 -3.83 62.04 -27.32
C PRO A 1421 -4.42 62.65 -26.07
N ALA A 1422 -5.65 63.15 -26.13
CA ALA A 1422 -6.27 63.74 -24.94
C ALA A 1422 -6.53 62.70 -23.86
N ILE A 1423 -6.81 61.47 -24.25
CA ILE A 1423 -7.15 60.39 -23.32
C ILE A 1423 -5.99 59.41 -23.27
N LEU A 1424 -5.53 59.10 -22.05
CA LEU A 1424 -4.38 58.24 -21.86
C LEU A 1424 -4.72 56.98 -21.07
N HIS A 1425 -5.42 57.12 -19.95
CA HIS A 1425 -5.80 56.00 -19.11
C HIS A 1425 -7.31 55.78 -19.19
N SER A 1426 -7.72 54.53 -19.05
CA SER A 1426 -9.14 54.20 -19.17
C SER A 1426 -9.95 54.89 -18.09
N LEU A 1427 -11.12 55.39 -18.48
CA LEU A 1427 -12.00 56.12 -17.58
C LEU A 1427 -13.02 55.24 -16.88
N VAL A 1428 -12.96 53.93 -17.08
CA VAL A 1428 -13.94 53.02 -16.51
C VAL A 1428 -13.69 52.84 -15.02
N SER A 1429 -14.67 52.28 -14.31
CA SER A 1429 -14.54 51.99 -12.89
C SER A 1429 -15.48 50.86 -12.55
N GLU A 1430 -15.66 50.61 -11.25
CA GLU A 1430 -16.50 49.50 -10.82
C GLU A 1430 -17.98 49.77 -11.07
N ASN A 1431 -18.39 51.03 -11.04
CA ASN A 1431 -19.80 51.36 -11.21
C ASN A 1431 -20.29 50.99 -12.61
N HIS A 1432 -19.46 51.20 -13.62
CA HIS A 1432 -19.86 50.93 -14.99
C HIS A 1432 -20.06 49.44 -15.22
N ASP A 1433 -21.07 49.10 -16.01
CA ASP A 1433 -21.36 47.71 -16.41
C ASP A 1433 -21.64 46.82 -15.21
N ASN A 1434 -22.20 47.38 -14.15
CA ASN A 1434 -22.57 46.62 -12.96
C ASN A 1434 -24.09 46.46 -12.95
N ALA A 1435 -24.55 45.22 -12.95
CA ALA A 1435 -25.99 44.97 -12.98
C ALA A 1435 -26.65 45.36 -11.66
N HIS A 1436 -25.98 45.14 -10.54
CA HIS A 1436 -26.58 45.39 -9.24
C HIS A 1436 -26.73 46.87 -8.91
N VAL A 1437 -26.04 47.74 -9.64
CA VAL A 1437 -26.11 49.18 -9.42
C VAL A 1437 -26.50 49.85 -10.72
N GLU A 1438 -27.63 50.54 -10.72
CA GLU A 1438 -28.14 51.21 -11.92
C GLU A 1438 -27.58 52.62 -12.09
N GLY A 1439 -26.92 53.17 -11.07
CA GLY A 1439 -26.37 54.51 -11.19
C GLY A 1439 -25.13 54.57 -12.05
N SER A 1440 -24.83 55.78 -12.50
CA SER A 1440 -23.64 56.05 -13.30
C SER A 1440 -22.47 56.57 -12.47
N GLU A 1441 -22.62 56.65 -11.15
CA GLU A 1441 -21.58 57.15 -10.27
C GLU A 1441 -21.31 56.13 -9.18
N LEU A 1442 -20.11 56.21 -8.61
CA LEU A 1442 -19.73 55.28 -7.55
C LEU A 1442 -20.56 55.49 -6.30
N SER A 1443 -20.92 54.39 -5.64
CA SER A 1443 -21.72 54.43 -4.43
C SER A 1443 -21.44 53.17 -3.63
N PHE A 1444 -21.89 53.18 -2.37
CA PHE A 1444 -21.68 52.03 -1.51
C PHE A 1444 -22.37 50.77 -2.04
N GLU A 1445 -23.43 50.92 -2.82
CA GLU A 1445 -24.08 49.76 -3.41
C GLU A 1445 -23.15 49.02 -4.37
N VAL A 1446 -22.21 49.73 -4.97
CA VAL A 1446 -21.23 49.08 -5.84
C VAL A 1446 -20.39 48.09 -5.04
N PHE A 1447 -19.95 48.49 -3.85
CA PHE A 1447 -19.27 47.56 -2.96
C PHE A 1447 -20.22 46.50 -2.43
N ARG A 1448 -21.51 46.83 -2.32
CA ARG A 1448 -22.51 45.85 -1.91
C ARG A 1448 -22.72 44.76 -2.95
N SER A 1449 -22.20 44.93 -4.17
CA SER A 1449 -22.39 43.93 -5.20
C SER A 1449 -21.79 42.60 -4.77
N PRO A 1450 -22.43 41.47 -5.07
CA PRO A 1450 -21.90 40.18 -4.63
C PRO A 1450 -20.93 39.57 -5.62
N ASN A 1451 -20.42 40.37 -6.56
CA ASN A 1451 -19.47 39.88 -7.56
C ASN A 1451 -18.36 40.88 -7.78
N LEU A 1452 -17.84 41.46 -6.70
CA LEU A 1452 -16.75 42.42 -6.76
C LEU A 1452 -15.77 42.16 -5.63
N GLN A 1453 -14.48 42.23 -5.93
CA GLN A 1453 -13.46 41.98 -4.94
C GLN A 1453 -12.20 42.76 -5.31
N LEU A 1454 -11.49 43.24 -4.29
CA LEU A 1454 -10.32 44.07 -4.47
C LEU A 1454 -9.11 43.39 -3.81
N PHE A 1455 -7.97 43.45 -4.50
CA PHE A 1455 -6.75 42.81 -4.03
C PHE A 1455 -5.59 43.78 -4.08
N VAL A 1456 -4.56 43.48 -3.29
CA VAL A 1456 -3.30 44.21 -3.28
C VAL A 1456 -2.20 43.26 -3.72
N PHE A 1457 -1.43 43.66 -4.72
CA PHE A 1457 -0.41 42.81 -5.32
C PHE A 1457 0.94 43.51 -5.21
N ASN A 1458 1.94 42.77 -4.71
CA ASN A 1458 3.30 43.27 -4.51
C ASN A 1458 3.34 44.51 -3.61
N ASP A 1459 2.30 44.72 -2.81
CA ASP A 1459 2.19 45.85 -1.89
C ASP A 1459 2.26 47.21 -2.60
N SER A 1460 2.21 47.22 -3.93
CA SER A 1460 2.29 48.47 -4.68
C SER A 1460 1.36 48.49 -5.89
N THR A 1461 0.24 47.76 -5.81
CA THR A 1461 -0.69 47.69 -6.93
C THR A 1461 -2.05 47.27 -6.41
N LEU A 1462 -3.11 47.91 -6.92
CA LEU A 1462 -4.48 47.56 -6.57
C LEU A 1462 -5.12 46.87 -7.77
N ILE A 1463 -5.57 45.63 -7.58
CA ILE A 1463 -6.22 44.85 -8.63
C ILE A 1463 -7.67 44.65 -8.25
N SER A 1464 -8.57 45.00 -9.16
CA SER A 1464 -10.00 44.85 -8.96
C SER A 1464 -10.55 43.80 -9.92
N TYR A 1465 -11.18 42.77 -9.37
CA TYR A 1465 -11.80 41.72 -10.16
C TYR A 1465 -13.31 41.88 -10.11
N LEU A 1466 -13.94 41.84 -11.26
CA LEU A 1466 -15.39 42.03 -11.33
C LEU A 1466 -15.93 41.19 -12.48
N GLN A 1467 -16.87 40.29 -12.16
CA GLN A 1467 -17.51 39.47 -13.18
C GLN A 1467 -18.71 40.23 -13.72
N THR A 1468 -18.54 40.83 -14.90
CA THR A 1468 -19.64 41.51 -15.55
C THR A 1468 -20.68 40.49 -16.01
N PRO A 1469 -21.93 40.91 -16.16
CA PRO A 1469 -22.91 40.05 -16.83
C PRO A 1469 -22.41 39.71 -18.23
N THR A 1470 -22.67 38.48 -18.66
CA THR A 1470 -22.03 37.94 -19.85
C THR A 1470 -22.42 38.73 -21.10
N GLU A 1471 -21.49 39.55 -21.58
CA GLU A 1471 -21.71 40.27 -22.83
C GLU A 1471 -21.51 39.36 -24.03
N GLY A 1472 -20.57 38.43 -23.94
CA GLY A 1472 -20.24 37.56 -25.04
C GLY A 1472 -18.96 38.00 -25.72
N PRO A 1473 -18.99 38.09 -27.06
CA PRO A 1473 -17.83 38.54 -27.84
C PRO A 1473 -17.56 40.03 -27.67
N ASP A 1484 -17.58 36.82 -19.30
CA ASP A 1484 -16.40 37.66 -19.39
C ASP A 1484 -15.90 38.06 -18.00
N VAL A 1485 -14.63 38.43 -17.92
CA VAL A 1485 -14.00 38.89 -16.69
C VAL A 1485 -13.42 40.27 -16.95
N ARG A 1486 -13.71 41.21 -16.05
CA ARG A 1486 -13.21 42.58 -16.15
C ARG A 1486 -12.22 42.84 -15.02
N VAL A 1487 -11.02 43.29 -15.38
CA VAL A 1487 -9.96 43.57 -14.42
C VAL A 1487 -9.58 45.05 -14.54
N ILE A 1488 -9.58 45.75 -13.42
CA ILE A 1488 -9.21 47.16 -13.36
C ILE A 1488 -8.06 47.31 -12.38
N VAL A 1489 -6.96 47.91 -12.83
CA VAL A 1489 -5.72 47.99 -12.07
C VAL A 1489 -5.36 49.46 -11.87
N ARG A 1490 -5.05 49.83 -10.63
CA ARG A 1490 -4.60 51.17 -10.30
C ARG A 1490 -3.20 51.10 -9.69
N ASP A 1491 -2.27 51.85 -10.26
CA ASP A 1491 -0.90 51.91 -9.78
C ASP A 1491 -0.41 53.34 -9.90
N ILE A 1492 0.91 53.54 -9.75
CA ILE A 1492 1.45 54.89 -9.85
C ILE A 1492 1.47 55.40 -11.28
N SER A 1493 1.33 54.52 -12.27
CA SER A 1493 1.36 54.91 -13.66
C SER A 1493 -0.03 55.21 -14.23
N GLY A 1494 -1.08 55.10 -13.43
CA GLY A 1494 -2.42 55.39 -13.90
C GLY A 1494 -3.43 54.29 -13.62
N LYS A 1495 -4.31 54.01 -14.58
CA LYS A 1495 -5.32 52.98 -14.43
C LYS A 1495 -5.61 52.37 -15.79
N TYR A 1496 -5.85 51.06 -15.80
CA TYR A 1496 -6.08 50.31 -17.03
C TYR A 1496 -7.19 49.30 -16.81
N SER A 1497 -7.84 48.90 -17.90
CA SER A 1497 -8.96 47.96 -17.85
C SER A 1497 -8.72 46.82 -18.82
N TRP A 1498 -9.04 45.60 -18.39
CA TRP A 1498 -8.89 44.41 -19.21
C TRP A 1498 -10.20 43.64 -19.21
N ASP A 1499 -10.70 43.31 -20.39
CA ASP A 1499 -11.87 42.45 -20.55
C ASP A 1499 -11.42 41.13 -21.17
N GLY A 1500 -11.68 40.03 -20.48
CA GLY A 1500 -11.20 38.74 -20.93
C GLY A 1500 -12.27 37.68 -20.80
N LYS A 1501 -12.22 36.72 -21.72
CA LYS A 1501 -13.14 35.60 -21.74
C LYS A 1501 -12.36 34.31 -21.97
N VAL A 1502 -12.91 33.21 -21.50
CA VAL A 1502 -12.28 31.91 -21.68
C VAL A 1502 -12.64 31.37 -23.06
N LEU A 1503 -11.81 30.48 -23.56
CA LEU A 1503 -12.03 29.82 -24.85
C LEU A 1503 -12.11 28.32 -24.58
N TYR A 1504 -13.31 27.84 -24.25
CA TYR A 1504 -13.50 26.43 -23.96
C TYR A 1504 -13.48 25.59 -25.22
N GLY A 1505 -14.41 25.86 -26.14
CA GLY A 1505 -14.59 25.03 -27.30
C GLY A 1505 -13.47 25.16 -28.31
N PRO A 1506 -13.39 24.21 -29.24
CA PRO A 1506 -12.37 24.28 -30.30
C PRO A 1506 -12.69 25.40 -31.28
N LEU A 1507 -11.64 25.85 -31.96
CA LEU A 1507 -11.76 26.90 -32.97
C LEU A 1507 -11.74 26.27 -34.36
N GLU A 1508 -12.59 26.78 -35.24
CA GLU A 1508 -12.70 26.31 -36.62
C GLU A 1508 -13.01 24.81 -36.68
N PHE A 1520 -25.17 3.93 -27.24
CA PHE A 1520 -26.04 4.56 -28.22
C PHE A 1520 -27.12 3.60 -28.70
N LEU A 1521 -28.26 4.15 -29.11
CA LEU A 1521 -29.39 3.36 -29.60
C LEU A 1521 -29.12 3.01 -31.05
N ILE A 1522 -28.47 1.87 -31.28
CA ILE A 1522 -28.20 1.38 -32.62
C ILE A 1522 -29.47 0.73 -33.16
N SER A 1523 -29.90 1.17 -34.34
CA SER A 1523 -31.14 0.67 -34.92
C SER A 1523 -31.00 -0.79 -35.33
N SER A 1524 -32.02 -1.58 -35.01
CA SER A 1524 -32.06 -3.02 -35.34
C SER A 1524 -30.88 -3.76 -34.75
N TRP A 1525 -30.45 -3.39 -33.55
CA TRP A 1525 -29.31 -4.01 -32.90
C TRP A 1525 -29.52 -4.37 -31.43
N HIS A 1526 -30.56 -3.85 -30.78
CA HIS A 1526 -30.70 -4.00 -29.35
C HIS A 1526 -31.60 -5.17 -28.98
N ARG A 1527 -31.76 -5.38 -27.67
CA ARG A 1527 -32.54 -6.49 -27.15
C ARG A 1527 -34.01 -6.37 -27.52
N ASP A 1528 -34.57 -5.16 -27.37
CA ASP A 1528 -35.99 -4.97 -27.67
C ASP A 1528 -36.30 -5.20 -29.14
N THR A 1529 -35.42 -4.73 -30.03
CA THR A 1529 -35.65 -4.91 -31.45
C THR A 1529 -35.46 -6.37 -31.87
N PHE A 1530 -34.44 -7.02 -31.35
CA PHE A 1530 -34.17 -8.42 -31.69
C PHE A 1530 -35.27 -9.32 -31.15
N GLY A 1531 -35.58 -10.38 -31.90
CA GLY A 1531 -36.59 -11.33 -31.50
C GLY A 1531 -36.27 -12.73 -31.99
N PRO A 1532 -37.10 -13.71 -31.61
CA PRO A 1532 -36.91 -15.10 -32.02
C PRO A 1532 -37.22 -15.34 -33.50
N ASP A 1544 -22.96 -41.60 -16.70
CA ASP A 1544 -22.23 -41.45 -15.45
C ASP A 1544 -21.52 -42.77 -15.09
N VAL A 1545 -20.23 -42.67 -14.76
CA VAL A 1545 -19.45 -43.85 -14.46
C VAL A 1545 -19.94 -44.53 -13.19
N LEU A 1546 -20.38 -43.73 -12.20
CA LEU A 1546 -20.94 -44.32 -10.99
C LEU A 1546 -22.20 -45.11 -11.29
N ASP A 1547 -23.05 -44.59 -12.19
CA ASP A 1547 -24.24 -45.34 -12.59
C ASP A 1547 -23.88 -46.65 -13.27
N LYS A 1548 -22.84 -46.63 -14.13
CA LYS A 1548 -22.40 -47.86 -14.77
C LYS A 1548 -21.89 -48.87 -13.74
N LEU A 1549 -21.11 -48.40 -12.76
CA LEU A 1549 -20.62 -49.29 -11.71
C LEU A 1549 -21.77 -49.88 -10.91
N LEU A 1550 -22.76 -49.05 -10.56
CA LEU A 1550 -23.89 -49.55 -9.77
C LEU A 1550 -24.70 -50.57 -10.56
N GLU A 1551 -24.96 -50.31 -11.83
CA GLU A 1551 -25.73 -51.26 -12.62
C GLU A 1551 -24.96 -52.55 -12.85
N ASN A 1552 -23.63 -52.45 -13.03
CA ASN A 1552 -22.83 -53.66 -13.18
C ASN A 1552 -22.85 -54.50 -11.91
N ILE A 1553 -22.74 -53.85 -10.74
CA ILE A 1553 -22.80 -54.59 -9.48
C ILE A 1553 -24.17 -55.22 -9.30
N GLY A 1554 -25.24 -54.48 -9.63
CA GLY A 1554 -26.58 -55.03 -9.50
C GLY A 1554 -26.83 -56.22 -10.41
N HIS A 1555 -26.34 -56.15 -11.65
CA HIS A 1555 -26.56 -57.24 -12.58
C HIS A 1555 -25.67 -58.44 -12.28
N THR A 1556 -24.48 -58.21 -11.75
CA THR A 1556 -23.54 -59.30 -11.46
C THR A 1556 -23.65 -59.81 -10.03
N SER A 1557 -24.56 -59.28 -9.23
CA SER A 1557 -24.71 -59.74 -7.84
C SER A 1557 -26.11 -59.46 -7.33
N PRO A 1558 -27.11 -60.25 -7.73
CA PRO A 1558 -28.48 -60.03 -7.21
C PRO A 1558 -28.60 -60.29 -5.71
N GLU A 1559 -27.68 -61.04 -5.11
CA GLU A 1559 -27.81 -61.39 -3.69
C GLU A 1559 -27.68 -60.15 -2.81
N CYS A 1560 -26.76 -59.24 -3.14
CA CYS A 1560 -26.47 -58.10 -2.28
C CYS A 1560 -27.53 -57.01 -2.34
N LEU A 1561 -28.61 -57.22 -3.09
CA LEU A 1561 -29.67 -56.24 -3.16
C LEU A 1561 -30.41 -56.14 -1.83
N LEU A 1562 -31.00 -54.98 -1.58
CA LEU A 1562 -31.73 -54.76 -0.34
C LEU A 1562 -32.99 -55.62 -0.31
N PRO A 1563 -33.47 -55.99 0.89
CA PRO A 1563 -34.69 -56.82 0.98
C PRO A 1563 -35.94 -56.05 0.58
N SER A 1564 -36.03 -55.68 -0.70
CA SER A 1564 -37.15 -54.97 -1.31
C SER A 1564 -37.29 -53.55 -0.80
N GLN A 1565 -36.48 -53.12 0.16
CA GLN A 1565 -36.56 -51.75 0.66
C GLN A 1565 -35.98 -50.75 -0.33
N LEU A 1566 -34.84 -51.07 -0.93
CA LEU A 1566 -34.12 -50.15 -1.79
C LEU A 1566 -33.68 -50.85 -3.07
N ASN A 1567 -33.67 -50.11 -4.16
CA ASN A 1567 -33.09 -50.56 -5.42
C ASN A 1567 -31.97 -49.60 -5.80
N LEU A 1568 -30.95 -50.13 -6.48
CA LEU A 1568 -29.76 -49.34 -6.78
C LEU A 1568 -30.10 -48.19 -7.74
N ASN A 1569 -30.68 -48.52 -8.90
CA ASN A 1569 -30.99 -47.49 -9.88
C ASN A 1569 -32.21 -46.66 -9.47
N GLU A 1570 -33.25 -47.32 -8.97
CA GLU A 1570 -34.47 -46.63 -8.64
C GLU A 1570 -34.33 -45.88 -7.31
N PRO A 1571 -35.09 -44.82 -7.11
CA PRO A 1571 -35.05 -44.10 -5.83
C PRO A 1571 -35.55 -44.96 -4.69
N SER A 1572 -35.04 -44.68 -3.50
CA SER A 1572 -35.43 -45.42 -2.31
C SER A 1572 -36.85 -45.05 -1.90
N LEU A 1573 -37.39 -45.82 -0.95
CA LEU A 1573 -38.75 -45.58 -0.47
C LEU A 1573 -38.80 -44.32 0.39
N THR A 1574 -40.02 -43.97 0.80
CA THR A 1574 -40.22 -42.75 1.56
C THR A 1574 -39.52 -42.85 2.93
N PRO A 1575 -38.98 -41.76 3.44
CA PRO A 1575 -38.39 -41.78 4.78
C PRO A 1575 -39.44 -42.01 5.85
N CYS A 1576 -38.98 -42.53 7.00
CA CYS A 1576 -39.90 -42.91 8.07
C CYS A 1576 -40.63 -41.70 8.64
N GLY A 1577 -39.98 -40.53 8.63
CA GLY A 1577 -40.57 -39.36 9.25
C GLY A 1577 -41.70 -38.71 8.48
N MET A 1578 -41.82 -38.98 7.19
CA MET A 1578 -42.79 -38.32 6.33
C MET A 1578 -43.72 -39.34 5.69
N ASN A 1579 -45.02 -39.06 5.72
CA ASN A 1579 -45.99 -39.90 5.03
C ASN A 1579 -46.03 -39.57 3.55
N TYR A 1580 -46.68 -40.45 2.78
CA TYR A 1580 -46.68 -40.29 1.32
C TYR A 1580 -47.54 -39.11 0.88
N ASP A 1581 -48.65 -38.88 1.58
CA ASP A 1581 -49.54 -37.78 1.21
C ASP A 1581 -48.86 -36.43 1.38
N GLN A 1582 -48.06 -36.27 2.44
CA GLN A 1582 -47.33 -35.03 2.63
C GLN A 1582 -46.36 -34.78 1.49
N GLU A 1583 -45.65 -35.83 1.05
CA GLU A 1583 -44.74 -35.69 -0.08
C GLU A 1583 -45.51 -35.34 -1.36
N LYS A 1584 -46.67 -35.96 -1.56
CA LYS A 1584 -47.48 -35.66 -2.75
C LYS A 1584 -47.98 -34.23 -2.74
N GLU A 1585 -48.26 -33.68 -1.55
CA GLU A 1585 -48.64 -32.27 -1.46
C GLU A 1585 -47.44 -31.36 -1.72
N ILE A 1586 -46.28 -31.71 -1.16
CA ILE A 1586 -45.10 -30.85 -1.27
C ILE A 1586 -44.64 -30.78 -2.73
N ILE A 1587 -44.67 -31.90 -3.44
CA ILE A 1587 -44.19 -31.89 -4.83
C ILE A 1587 -45.05 -30.97 -5.69
N GLU A 1588 -46.37 -31.04 -5.55
CA GLU A 1588 -47.23 -30.18 -6.36
C GLU A 1588 -47.12 -28.72 -5.92
N VAL A 1589 -46.92 -28.47 -4.63
CA VAL A 1589 -46.70 -27.10 -4.18
C VAL A 1589 -45.44 -26.53 -4.82
N ILE A 1590 -44.37 -27.33 -4.86
CA ILE A 1590 -43.12 -26.87 -5.47
C ILE A 1590 -43.30 -26.61 -6.96
N LEU A 1591 -44.00 -27.51 -7.65
CA LEU A 1591 -44.23 -27.32 -9.08
C LEU A 1591 -45.04 -26.07 -9.35
N ARG A 1592 -46.08 -25.82 -8.55
CA ARG A 1592 -46.88 -24.62 -8.73
C ARG A 1592 -46.06 -23.37 -8.45
N GLN A 1593 -45.22 -23.40 -7.42
CA GLN A 1593 -44.35 -22.26 -7.13
C GLN A 1593 -43.44 -21.96 -8.32
N ASN A 1594 -42.79 -22.99 -8.88
CA ASN A 1594 -41.90 -22.76 -9.99
C ASN A 1594 -42.64 -22.23 -11.21
N ALA A 1595 -43.82 -22.81 -11.51
CA ALA A 1595 -44.59 -22.35 -12.66
C ALA A 1595 -45.02 -20.90 -12.49
N GLN A 1596 -45.48 -20.53 -11.30
CA GLN A 1596 -45.92 -19.15 -11.06
C GLN A 1596 -44.75 -18.18 -11.20
N GLU A 1597 -43.58 -18.53 -10.64
CA GLU A 1597 -42.44 -17.64 -10.75
C GLU A 1597 -41.98 -17.49 -12.20
N ASP A 1598 -41.95 -18.59 -12.95
CA ASP A 1598 -41.56 -18.51 -14.35
C ASP A 1598 -42.54 -17.64 -15.15
N GLU A 1599 -43.84 -17.82 -14.89
CA GLU A 1599 -44.84 -17.01 -15.60
C GLU A 1599 -44.68 -15.53 -15.27
N TYR A 1600 -44.47 -15.22 -13.99
CA TYR A 1600 -44.29 -13.81 -13.60
C TYR A 1600 -43.05 -13.21 -14.24
N ILE A 1601 -41.95 -13.97 -14.26
CA ILE A 1601 -40.71 -13.46 -14.85
C ILE A 1601 -40.89 -13.22 -16.33
N GLN A 1602 -41.53 -14.16 -17.04
CA GLN A 1602 -41.70 -14.01 -18.48
C GLN A 1602 -42.65 -12.86 -18.81
N SER A 1603 -43.74 -12.71 -18.05
CA SER A 1603 -44.74 -11.72 -18.39
C SER A 1603 -44.28 -10.30 -18.09
N HIS A 1604 -43.61 -10.11 -16.94
CA HIS A 1604 -43.24 -8.78 -16.47
C HIS A 1604 -41.92 -8.29 -17.05
N ASN A 1605 -41.44 -8.93 -18.13
CA ASN A 1605 -40.19 -8.50 -18.75
C ASN A 1605 -40.30 -7.10 -19.34
N PHE A 1606 -41.42 -6.78 -19.97
CA PHE A 1606 -41.60 -5.49 -20.63
C PHE A 1606 -41.76 -4.34 -19.65
N ASP A 1607 -41.95 -4.63 -18.36
CA ASP A 1607 -42.16 -3.56 -17.39
C ASP A 1607 -40.91 -2.71 -17.23
N SER A 1608 -41.12 -1.41 -16.98
CA SER A 1608 -40.02 -0.49 -16.78
C SER A 1608 -39.24 -0.78 -15.51
N ALA A 1609 -39.83 -1.53 -14.57
CA ALA A 1609 -39.11 -1.91 -13.36
C ALA A 1609 -37.90 -2.79 -13.70
N MET A 1610 -38.08 -3.74 -14.60
CA MET A 1610 -37.00 -4.60 -15.05
C MET A 1610 -36.22 -4.02 -16.22
N LYS A 1611 -36.55 -2.81 -16.65
CA LYS A 1611 -35.85 -2.14 -17.74
C LYS A 1611 -34.85 -1.15 -17.15
N VAL A 1612 -33.63 -1.15 -17.70
CA VAL A 1612 -32.54 -0.31 -17.23
C VAL A 1612 -32.29 0.78 -18.27
N THR A 1613 -32.10 2.01 -17.80
CA THR A 1613 -31.86 3.13 -18.69
C THR A 1613 -30.42 3.11 -19.19
N SER A 1614 -30.25 3.23 -20.51
CA SER A 1614 -28.92 3.27 -21.09
C SER A 1614 -28.22 4.57 -20.72
N GLN A 1615 -26.91 4.47 -20.47
CA GLN A 1615 -26.13 5.65 -20.09
C GLN A 1615 -26.05 6.63 -21.25
N GLY A 1616 -26.17 7.92 -20.92
CA GLY A 1616 -26.11 8.96 -21.92
C GLY A 1616 -25.08 10.01 -21.55
N GLN A 1617 -24.54 10.66 -22.58
CA GLN A 1617 -23.51 11.67 -22.39
C GLN A 1617 -24.11 12.91 -21.76
N PRO A 1618 -23.62 13.37 -20.61
CA PRO A 1618 -24.18 14.58 -20.00
C PRO A 1618 -23.89 15.81 -20.84
N SER A 1619 -24.82 16.76 -20.79
CA SER A 1619 -24.73 18.00 -21.54
C SER A 1619 -24.01 19.07 -20.73
N PRO A 1620 -23.35 20.02 -21.40
CA PRO A 1620 -22.68 21.11 -20.67
C PRO A 1620 -23.67 21.91 -19.84
N VAL A 1621 -23.22 22.34 -18.66
CA VAL A 1621 -24.05 23.09 -17.73
C VAL A 1621 -23.33 24.38 -17.36
N GLU A 1622 -24.08 25.49 -17.33
CA GLU A 1622 -23.49 26.77 -17.00
C GLU A 1622 -23.07 26.81 -15.53
N PRO A 1623 -21.97 27.50 -15.22
CA PRO A 1623 -21.54 27.61 -13.83
C PRO A 1623 -22.61 28.30 -12.98
N ARG A 1624 -22.74 27.84 -11.73
CA ARG A 1624 -23.80 28.31 -10.85
C ARG A 1624 -23.42 29.57 -10.09
N GLY A 1625 -22.16 29.69 -9.68
CA GLY A 1625 -21.73 30.80 -8.86
C GLY A 1625 -21.69 32.11 -9.62
N PRO A 1626 -21.89 33.22 -8.92
CA PRO A 1626 -21.76 34.55 -9.54
C PRO A 1626 -20.32 35.06 -9.61
N PHE A 1627 -19.36 34.30 -9.09
CA PHE A 1627 -17.96 34.69 -9.03
C PHE A 1627 -17.06 33.59 -9.57
N TYR A 1628 -17.60 32.73 -10.44
CA TYR A 1628 -16.86 31.54 -10.87
C TYR A 1628 -15.69 31.92 -11.76
N PHE A 1629 -15.91 32.78 -12.76
CA PHE A 1629 -14.87 33.06 -13.73
C PHE A 1629 -13.71 33.83 -13.11
N CYS A 1630 -14.00 34.80 -12.25
CA CYS A 1630 -12.94 35.52 -11.56
C CYS A 1630 -12.14 34.59 -10.67
N ARG A 1631 -12.81 33.68 -9.97
CA ARG A 1631 -12.12 32.71 -9.13
C ARG A 1631 -11.23 31.80 -9.97
N LEU A 1632 -11.73 31.37 -11.14
CA LEU A 1632 -10.94 30.53 -12.02
C LEU A 1632 -9.70 31.27 -12.52
N LEU A 1633 -9.85 32.53 -12.90
CA LEU A 1633 -8.70 33.32 -13.33
C LEU A 1633 -7.70 33.51 -12.21
N LEU A 1634 -8.20 33.75 -10.98
CA LEU A 1634 -7.30 33.91 -9.84
C LEU A 1634 -6.51 32.64 -9.58
N ASP A 1635 -7.18 31.49 -9.59
CA ASP A 1635 -6.50 30.25 -9.25
C ASP A 1635 -5.75 29.63 -10.42
N ASP A 1636 -5.92 30.16 -11.63
CA ASP A 1636 -5.18 29.65 -12.78
C ASP A 1636 -3.83 30.35 -12.97
N LEU A 1637 -3.61 31.47 -12.29
CA LEU A 1637 -2.34 32.19 -12.35
C LEU A 1637 -1.45 31.88 -11.15
N GLY A 1638 -1.83 30.91 -10.33
CA GLY A 1638 -1.03 30.56 -9.16
C GLY A 1638 -1.21 31.49 -7.98
N MET A 1639 -2.23 32.35 -7.98
CA MET A 1639 -2.40 33.30 -6.88
C MET A 1639 -2.72 32.60 -5.57
N ASN A 1640 -3.12 31.33 -5.60
CA ASN A 1640 -3.46 30.59 -4.39
C ASN A 1640 -2.34 29.65 -3.96
N SER A 1641 -1.19 29.68 -4.62
CA SER A 1641 -0.07 28.83 -4.24
C SER A 1641 0.50 29.29 -2.90
N TRP A 1642 1.34 28.43 -2.32
CA TRP A 1642 1.88 28.72 -0.99
C TRP A 1642 2.77 29.96 -1.01
N ASP A 1643 3.56 30.14 -2.08
CA ASP A 1643 4.49 31.26 -2.13
C ASP A 1643 3.76 32.59 -2.16
N ARG A 1644 2.64 32.66 -2.88
CA ARG A 1644 1.90 33.91 -3.03
C ARG A 1644 1.21 34.34 -1.74
N ARG A 1645 1.16 33.49 -0.73
CA ARG A 1645 0.43 33.82 0.50
C ARG A 1645 1.10 34.90 1.34
N LYS A 1646 2.17 35.52 0.85
CA LYS A 1646 2.85 36.58 1.57
C LYS A 1646 2.59 37.95 0.96
N ASN A 1647 2.95 38.15 -0.30
CA ASN A 1647 2.78 39.44 -0.97
C ASN A 1647 1.44 39.51 -1.70
N PHE A 1648 0.37 39.23 -0.94
CA PHE A 1648 -0.97 39.26 -1.51
C PHE A 1648 -2.00 39.28 -0.39
N HIS A 1649 -2.93 40.24 -0.41
CA HIS A 1649 -3.86 40.40 0.68
C HIS A 1649 -5.19 40.90 0.12
N LEU A 1650 -6.08 41.32 1.03
CA LEU A 1650 -7.40 41.83 0.69
C LEU A 1650 -7.54 43.27 1.19
N LEU A 1651 -8.65 43.88 0.83
CA LEU A 1651 -8.95 45.26 1.22
C LEU A 1651 -10.32 45.32 1.87
N LYS A 1652 -10.40 45.98 3.02
CA LYS A 1652 -11.68 46.17 3.69
C LYS A 1652 -12.58 47.04 2.82
N LYS A 1653 -13.82 46.59 2.61
CA LYS A 1653 -14.77 47.26 1.76
C LYS A 1653 -15.70 48.13 2.61
N ASN A 1654 -15.60 49.44 2.45
CA ASN A 1654 -16.44 50.38 3.20
C ASN A 1654 -16.47 51.71 2.44
N SER A 1655 -17.15 52.69 3.03
CA SER A 1655 -17.27 53.99 2.39
C SER A 1655 -15.94 54.72 2.30
N LYS A 1656 -15.08 54.56 3.31
CA LYS A 1656 -13.80 55.25 3.30
C LYS A 1656 -12.94 54.80 2.12
N LEU A 1657 -12.91 53.50 1.84
CA LEU A 1657 -12.13 53.00 0.71
C LEU A 1657 -12.67 53.55 -0.60
N LEU A 1658 -14.00 53.59 -0.75
CA LEU A 1658 -14.58 54.13 -1.97
C LEU A 1658 -14.24 55.60 -2.15
N ARG A 1659 -14.33 56.38 -1.07
CA ARG A 1659 -13.99 57.80 -1.16
C ARG A 1659 -12.52 57.99 -1.51
N GLU A 1660 -11.63 57.22 -0.90
CA GLU A 1660 -10.21 57.34 -1.19
C GLU A 1660 -9.89 56.93 -2.62
N LEU A 1661 -10.54 55.87 -3.12
CA LEU A 1661 -10.34 55.47 -4.51
C LEU A 1661 -10.81 56.56 -5.46
N LYS A 1662 -11.97 57.16 -5.18
CA LYS A 1662 -12.45 58.24 -6.03
C LYS A 1662 -11.50 59.43 -6.00
N ASN A 1663 -11.00 59.78 -4.82
CA ASN A 1663 -10.04 60.87 -4.72
C ASN A 1663 -8.76 60.58 -5.49
N LEU A 1664 -8.26 59.34 -5.39
CA LEU A 1664 -7.06 58.97 -6.13
C LEU A 1664 -7.30 59.04 -7.64
N ASP A 1665 -8.47 58.58 -8.09
CA ASP A 1665 -8.78 58.66 -9.51
C ASP A 1665 -8.95 60.11 -9.96
N SER A 1666 -9.33 61.01 -9.05
CA SER A 1666 -9.48 62.41 -9.41
C SER A 1666 -8.15 63.05 -9.78
N ARG A 1667 -7.07 62.67 -9.11
CA ARG A 1667 -5.77 63.27 -9.38
C ARG A 1667 -5.30 62.95 -10.79
N GLN A 1668 -4.58 63.90 -11.38
CA GLN A 1668 -4.10 63.75 -12.74
C GLN A 1668 -2.93 62.76 -12.78
N CYS A 1669 -2.60 62.32 -14.00
CA CYS A 1669 -1.52 61.36 -14.22
C CYS A 1669 -0.42 61.91 -15.13
N ARG A 1670 -0.48 63.19 -15.48
CA ARG A 1670 0.53 63.82 -16.31
C ARG A 1670 0.86 65.19 -15.73
N GLU A 1671 1.61 65.98 -16.48
CA GLU A 1671 1.94 67.34 -16.07
C GLU A 1671 0.93 68.29 -16.72
N THR A 1672 0.23 69.07 -15.90
CA THR A 1672 -0.82 69.96 -16.36
C THR A 1672 -0.36 71.41 -16.20
N HIS A 1673 -0.57 72.21 -17.24
CA HIS A 1673 -0.21 73.62 -17.23
C HIS A 1673 -1.38 74.45 -17.74
N LYS A 1674 -1.51 75.65 -17.19
CA LYS A 1674 -2.61 76.55 -17.50
C LYS A 1674 -2.03 77.90 -17.92
N ILE A 1675 -2.41 78.36 -19.11
CA ILE A 1675 -1.82 79.54 -19.73
C ILE A 1675 -2.94 80.47 -20.22
N ALA A 1676 -2.76 81.76 -20.00
CA ALA A 1676 -3.70 82.78 -20.44
C ALA A 1676 -3.11 83.55 -21.62
N VAL A 1677 -3.92 83.74 -22.66
CA VAL A 1677 -3.50 84.47 -23.85
C VAL A 1677 -4.45 85.65 -24.04
N PHE A 1678 -3.89 86.85 -24.20
CA PHE A 1678 -4.64 88.06 -24.40
C PHE A 1678 -4.48 88.55 -25.84
N TYR A 1679 -5.04 89.73 -26.11
CA TYR A 1679 -4.89 90.36 -27.41
C TYR A 1679 -5.16 91.85 -27.25
N ILE A 1680 -4.36 92.67 -27.92
CA ILE A 1680 -4.48 94.12 -27.87
C ILE A 1680 -4.53 94.65 -29.30
N ALA A 1681 -5.52 95.48 -29.59
CA ALA A 1681 -5.62 96.17 -30.86
C ALA A 1681 -5.14 97.60 -30.71
N GLU A 1682 -4.92 98.26 -31.85
CA GLU A 1682 -4.39 99.62 -31.84
C GLU A 1682 -5.36 100.56 -31.12
N GLY A 1683 -4.82 101.36 -30.21
CA GLY A 1683 -5.61 102.34 -29.50
C GLY A 1683 -6.37 101.82 -28.31
N GLN A 1684 -6.09 100.61 -27.84
CA GLN A 1684 -6.76 100.05 -26.67
C GLN A 1684 -5.82 100.12 -25.48
N GLU A 1685 -6.27 100.80 -24.41
CA GLU A 1685 -5.45 100.92 -23.21
C GLU A 1685 -6.28 100.78 -21.94
N ASP A 1686 -7.43 100.11 -22.01
CA ASP A 1686 -8.32 99.96 -20.88
C ASP A 1686 -8.76 98.51 -20.75
N LYS A 1687 -9.17 98.13 -19.54
CA LYS A 1687 -9.59 96.76 -19.28
C LYS A 1687 -10.82 96.39 -20.10
N CYS A 1688 -11.79 97.30 -20.20
CA CYS A 1688 -13.07 96.96 -20.82
C CYS A 1688 -12.89 96.60 -22.30
N SER A 1689 -12.15 97.40 -23.05
CA SER A 1689 -12.00 97.11 -24.48
C SER A 1689 -11.01 95.97 -24.71
N ILE A 1690 -10.01 95.83 -23.84
CA ILE A 1690 -9.04 94.75 -24.02
C ILE A 1690 -9.69 93.40 -23.75
N LEU A 1691 -10.66 93.34 -22.83
CA LEU A 1691 -11.33 92.09 -22.53
C LEU A 1691 -12.58 91.85 -23.38
N SER A 1692 -13.00 92.82 -24.19
CA SER A 1692 -14.19 92.67 -25.01
C SER A 1692 -13.88 92.23 -26.43
N ASN A 1693 -12.61 91.97 -26.75
CA ASN A 1693 -12.26 91.55 -28.10
C ASN A 1693 -12.84 90.18 -28.40
N GLU A 1694 -13.38 90.03 -29.61
CA GLU A 1694 -13.91 88.76 -30.06
C GLU A 1694 -13.18 88.19 -31.27
N ARG A 1695 -12.22 88.91 -31.82
CA ARG A 1695 -11.41 88.42 -32.93
C ARG A 1695 -10.10 89.20 -32.94
N GLY A 1696 -9.11 88.63 -33.62
CA GLY A 1696 -7.79 89.22 -33.70
C GLY A 1696 -7.30 89.30 -35.14
N SER A 1697 -6.07 89.78 -35.27
CA SER A 1697 -5.44 89.92 -36.58
C SER A 1697 -5.14 88.54 -37.17
N GLN A 1698 -4.83 88.54 -38.46
CA GLN A 1698 -4.48 87.28 -39.12
C GLN A 1698 -3.21 86.67 -38.53
N ALA A 1699 -2.20 87.51 -38.27
CA ALA A 1699 -0.98 87.00 -37.66
C ALA A 1699 -1.25 86.44 -36.27
N TYR A 1700 -2.09 87.12 -35.49
CA TYR A 1700 -2.43 86.63 -34.16
C TYR A 1700 -3.14 85.29 -34.23
N GLU A 1701 -4.10 85.16 -35.15
CA GLU A 1701 -4.82 83.91 -35.28
C GLU A 1701 -3.90 82.78 -35.73
N ASP A 1702 -2.98 83.07 -36.64
CA ASP A 1702 -2.01 82.07 -37.06
C ASP A 1702 -1.11 81.66 -35.89
N PHE A 1703 -0.66 82.62 -35.10
CA PHE A 1703 0.18 82.31 -33.95
C PHE A 1703 -0.56 81.44 -32.94
N VAL A 1704 -1.81 81.78 -32.63
CA VAL A 1704 -2.58 80.97 -31.69
C VAL A 1704 -2.85 79.59 -32.29
N ALA A 1705 -3.08 79.53 -33.60
CA ALA A 1705 -3.30 78.25 -34.26
C ALA A 1705 -2.09 77.33 -34.16
N GLY A 1706 -0.90 77.89 -33.96
CA GLY A 1706 0.31 77.10 -33.83
C GLY A 1706 0.62 76.63 -32.43
N LEU A 1707 -0.25 76.91 -31.46
CA LEU A 1707 -0.04 76.48 -30.08
C LEU A 1707 -0.75 75.18 -29.76
N GLY A 1708 -1.42 74.57 -30.71
CA GLY A 1708 -2.10 73.30 -30.49
C GLY A 1708 -3.41 73.24 -31.26
N TRP A 1709 -3.94 72.02 -31.39
CA TRP A 1709 -5.19 71.80 -32.10
C TRP A 1709 -6.37 72.27 -31.26
N GLU A 1710 -7.52 72.38 -31.92
CA GLU A 1710 -8.74 72.83 -31.26
C GLU A 1710 -9.56 71.65 -30.76
N VAL A 1711 -10.12 71.81 -29.56
CA VAL A 1711 -10.93 70.77 -28.92
C VAL A 1711 -12.29 71.34 -28.58
N ASP A 1712 -13.33 70.57 -28.88
CA ASP A 1712 -14.69 70.96 -28.53
C ASP A 1712 -14.91 70.71 -27.04
N LEU A 1713 -15.20 71.77 -26.29
CA LEU A 1713 -15.34 71.66 -24.85
C LEU A 1713 -16.55 70.82 -24.45
N SER A 1714 -17.53 70.65 -25.34
CA SER A 1714 -18.72 69.90 -24.98
C SER A 1714 -18.39 68.44 -24.71
N THR A 1715 -17.52 67.84 -25.51
CA THR A 1715 -17.20 66.42 -25.43
C THR A 1715 -15.70 66.21 -25.30
N HIS A 1716 -15.06 66.96 -24.41
CA HIS A 1716 -13.63 66.85 -24.17
C HIS A 1716 -13.41 66.14 -22.84
N CYS A 1717 -12.66 65.05 -22.87
CA CYS A 1717 -12.41 64.22 -21.69
C CYS A 1717 -11.06 64.49 -21.04
N GLY A 1718 -10.32 65.47 -21.52
CA GLY A 1718 -9.00 65.77 -21.00
C GLY A 1718 -9.02 66.83 -19.91
N PHE A 1719 -7.91 67.54 -19.78
CA PHE A 1719 -7.79 68.58 -18.77
C PHE A 1719 -8.69 69.76 -19.12
N MET A 1720 -9.24 70.39 -18.07
CA MET A 1720 -10.14 71.52 -18.21
C MET A 1720 -9.54 72.84 -17.79
N GLY A 1721 -8.93 72.89 -16.60
CA GLY A 1721 -8.38 74.14 -16.11
C GLY A 1721 -9.41 75.20 -15.79
N GLY A 1722 -10.53 74.80 -15.19
CA GLY A 1722 -11.55 75.75 -14.78
C GLY A 1722 -12.62 76.03 -15.81
N LEU A 1723 -12.47 75.53 -17.04
CA LEU A 1723 -13.50 75.74 -18.05
C LEU A 1723 -14.74 74.90 -17.73
N GLN A 1724 -15.85 75.26 -18.35
CA GLN A 1724 -17.14 74.65 -18.06
C GLN A 1724 -17.73 74.02 -19.30
N ARG A 1725 -18.51 72.95 -19.09
CA ARG A 1725 -19.10 72.21 -20.20
C ARG A 1725 -20.26 72.94 -20.86
N ASN A 1726 -20.91 73.86 -20.14
CA ASN A 1726 -22.14 74.47 -20.63
C ASN A 1726 -21.92 75.39 -21.82
N GLY A 1727 -20.66 75.72 -22.15
CA GLY A 1727 -20.37 76.63 -23.23
C GLY A 1727 -20.34 78.09 -22.85
N SER A 1728 -20.55 78.42 -21.58
CA SER A 1728 -20.47 79.81 -21.13
C SER A 1728 -19.07 80.36 -21.30
N THR A 1729 -18.05 79.54 -21.01
CA THR A 1729 -16.66 79.98 -21.10
C THR A 1729 -16.09 79.85 -22.50
N GLY A 1730 -16.87 79.38 -23.47
CA GLY A 1730 -16.42 79.27 -24.84
C GLY A 1730 -16.71 77.88 -25.39
N GLN A 1731 -16.68 77.78 -26.72
CA GLN A 1731 -16.97 76.53 -27.39
C GLN A 1731 -15.71 75.82 -27.88
N THR A 1732 -14.65 76.55 -28.20
CA THR A 1732 -13.40 75.96 -28.67
C THR A 1732 -12.23 76.60 -27.94
N ALA A 1733 -11.13 75.86 -27.85
CA ALA A 1733 -9.93 76.33 -27.20
C ALA A 1733 -8.74 75.54 -27.71
N PRO A 1734 -7.57 76.15 -27.89
CA PRO A 1734 -6.41 75.39 -28.36
C PRO A 1734 -5.93 74.40 -27.30
N TYR A 1735 -5.35 73.31 -27.77
CA TYR A 1735 -4.96 72.21 -26.89
C TYR A 1735 -3.68 71.58 -27.41
N TYR A 1736 -2.69 71.45 -26.52
CA TYR A 1736 -1.42 70.83 -26.86
C TYR A 1736 -1.01 69.92 -25.71
N ALA A 1737 -0.91 68.62 -25.98
CA ALA A 1737 -0.55 67.65 -24.96
C ALA A 1737 0.43 66.64 -25.54
N THR A 1738 1.27 66.11 -24.65
CA THR A 1738 2.28 65.12 -25.02
C THR A 1738 2.16 63.88 -24.16
N SER A 1739 3.16 62.99 -24.23
CA SER A 1739 3.11 61.76 -23.45
C SER A 1739 3.11 62.04 -21.95
N THR A 1740 3.67 63.17 -21.53
CA THR A 1740 3.75 63.50 -20.11
C THR A 1740 3.36 64.93 -19.77
N VAL A 1741 3.25 65.83 -20.74
CA VAL A 1741 2.93 67.23 -20.48
C VAL A 1741 1.67 67.59 -21.24
N GLU A 1742 0.72 68.21 -20.55
CA GLU A 1742 -0.54 68.63 -21.13
C GLU A 1742 -0.76 70.12 -20.83
N VAL A 1743 -1.03 70.90 -21.87
CA VAL A 1743 -1.17 72.34 -21.75
C VAL A 1743 -2.44 72.77 -22.45
N ILE A 1744 -3.26 73.60 -21.79
CA ILE A 1744 -4.47 74.15 -22.36
C ILE A 1744 -4.42 75.67 -22.21
N PHE A 1745 -4.80 76.39 -23.26
CA PHE A 1745 -4.70 77.84 -23.30
C PHE A 1745 -6.07 78.47 -23.09
N HIS A 1746 -6.13 79.48 -22.21
CA HIS A 1746 -7.33 80.25 -21.97
C HIS A 1746 -7.30 81.48 -22.87
N VAL A 1747 -7.51 81.25 -24.17
CA VAL A 1747 -7.47 82.34 -25.13
C VAL A 1747 -8.64 83.29 -24.88
N SER A 1748 -8.34 84.59 -24.80
CA SER A 1748 -9.35 85.59 -24.49
C SER A 1748 -10.19 86.00 -25.69
N THR A 1749 -9.81 85.60 -26.90
CA THR A 1749 -10.59 85.91 -28.09
C THR A 1749 -11.58 84.82 -28.45
N ARG A 1750 -11.70 83.78 -27.63
CA ARG A 1750 -12.66 82.71 -27.87
C ARG A 1750 -13.83 82.72 -26.89
N MET A 1751 -13.70 83.40 -25.76
CA MET A 1751 -14.74 83.42 -24.75
C MET A 1751 -15.70 84.58 -25.02
N PRO A 1752 -16.99 84.32 -25.19
CA PRO A 1752 -17.92 85.43 -25.47
C PRO A 1752 -17.98 86.43 -24.32
N SER A 1753 -18.12 87.70 -24.68
CA SER A 1753 -18.13 88.80 -23.72
C SER A 1753 -19.26 89.77 -24.04
N ASP A 1754 -20.46 89.25 -24.28
CA ASP A 1754 -21.59 90.06 -24.68
C ASP A 1754 -22.39 90.62 -23.50
N SER A 1755 -21.92 90.40 -22.27
CA SER A 1755 -22.63 90.91 -21.10
C SER A 1755 -21.64 91.14 -19.97
N ASP A 1756 -22.06 91.94 -18.99
CA ASP A 1756 -21.17 92.32 -17.89
C ASP A 1756 -20.79 91.10 -17.04
N ASP A 1757 -21.75 90.21 -16.77
CA ASP A 1757 -21.41 89.00 -16.03
C ASP A 1757 -20.43 88.14 -16.80
N SER A 1758 -20.55 88.12 -18.13
CA SER A 1758 -19.56 87.43 -18.94
C SER A 1758 -18.18 88.05 -18.79
N LEU A 1759 -18.11 89.39 -18.73
CA LEU A 1759 -16.83 90.06 -18.51
C LEU A 1759 -16.25 89.68 -17.15
N THR A 1760 -17.08 89.65 -16.12
CA THR A 1760 -16.59 89.27 -14.80
C THR A 1760 -16.09 87.83 -14.79
N LYS A 1761 -16.81 86.92 -15.43
CA LYS A 1761 -16.38 85.53 -15.50
C LYS A 1761 -15.06 85.41 -16.26
N LYS A 1762 -14.92 86.12 -17.37
CA LYS A 1762 -13.68 86.07 -18.13
C LYS A 1762 -12.51 86.61 -17.32
N LEU A 1763 -12.74 87.71 -16.60
CA LEU A 1763 -11.67 88.27 -15.79
C LEU A 1763 -11.27 87.33 -14.66
N ARG A 1764 -12.24 86.71 -13.99
CA ARG A 1764 -11.91 85.81 -12.89
C ARG A 1764 -11.33 84.49 -13.38
N HIS A 1765 -11.56 84.14 -14.64
CA HIS A 1765 -10.90 82.95 -15.20
C HIS A 1765 -9.48 83.25 -15.63
N LEU A 1766 -9.26 84.37 -16.32
CA LEU A 1766 -7.92 84.69 -16.81
C LEU A 1766 -7.00 85.17 -15.71
N GLY A 1767 -7.55 85.74 -14.63
CA GLY A 1767 -6.73 86.29 -13.56
C GLY A 1767 -6.14 85.26 -12.63
N ASN A 1768 -6.54 84.00 -12.73
CA ASN A 1768 -6.02 82.95 -11.88
C ASN A 1768 -4.83 82.21 -12.49
N ASP A 1769 -4.35 82.65 -13.65
CA ASP A 1769 -3.25 81.99 -14.32
C ASP A 1769 -1.93 82.67 -13.97
N GLU A 1770 -0.86 81.88 -13.99
CA GLU A 1770 0.46 82.35 -13.59
C GLU A 1770 1.33 82.75 -14.77
N VAL A 1771 0.85 82.55 -16.00
CA VAL A 1771 1.60 82.94 -17.19
C VAL A 1771 0.65 83.62 -18.17
N HIS A 1772 1.05 84.80 -18.64
CA HIS A 1772 0.25 85.56 -19.60
C HIS A 1772 1.06 85.76 -20.88
N ILE A 1773 0.46 85.41 -22.01
CA ILE A 1773 1.04 85.70 -23.33
C ILE A 1773 0.30 86.94 -23.83
N VAL A 1774 0.84 88.12 -23.51
CA VAL A 1774 0.16 89.38 -23.82
C VAL A 1774 0.64 89.82 -25.20
N TRP A 1775 -0.05 89.34 -26.24
CA TRP A 1775 0.16 89.87 -27.57
C TRP A 1775 -0.27 91.33 -27.60
N SER A 1776 0.47 92.15 -28.34
CA SER A 1776 0.21 93.59 -28.34
C SER A 1776 0.68 94.19 -29.66
N GLU A 1777 -0.26 94.67 -30.46
CA GLU A 1777 0.05 95.45 -31.65
C GLU A 1777 -0.10 96.95 -31.40
N HIS A 1778 -0.28 97.36 -30.15
CA HIS A 1778 -0.51 98.75 -29.82
C HIS A 1778 0.73 99.59 -30.14
N SER A 1779 0.49 100.86 -30.47
CA SER A 1779 1.57 101.77 -30.79
C SER A 1779 2.35 102.23 -29.56
N ARG A 1780 1.88 101.93 -28.35
CA ARG A 1780 2.57 102.28 -27.13
C ARG A 1780 2.96 101.01 -26.38
N ASP A 1781 4.02 101.11 -25.59
CA ASP A 1781 4.50 99.96 -24.83
C ASP A 1781 3.46 99.49 -23.83
N TYR A 1782 3.39 98.18 -23.63
CA TYR A 1782 2.48 97.61 -22.64
C TYR A 1782 2.88 98.04 -21.24
N ARG A 1783 1.88 98.33 -20.41
CA ARG A 1783 2.09 98.83 -19.06
C ARG A 1783 1.52 97.85 -18.05
N ARG A 1784 2.28 97.58 -17.00
CA ARG A 1784 1.79 96.72 -15.93
C ARG A 1784 0.64 97.39 -15.20
N GLY A 1785 -0.38 96.59 -14.88
CA GLY A 1785 -1.54 97.07 -14.17
C GLY A 1785 -2.76 97.37 -15.01
N ILE A 1786 -2.68 97.20 -16.33
CA ILE A 1786 -3.86 97.40 -17.17
C ILE A 1786 -4.92 96.37 -16.84
N ILE A 1787 -4.53 95.11 -16.67
CA ILE A 1787 -5.45 94.04 -16.33
C ILE A 1787 -5.15 93.57 -14.92
N PRO A 1788 -5.94 93.97 -13.92
CA PRO A 1788 -5.62 93.60 -12.54
C PRO A 1788 -5.74 92.10 -12.33
N THR A 1789 -4.80 91.56 -11.56
CA THR A 1789 -4.77 90.14 -11.23
C THR A 1789 -3.76 89.91 -10.11
N ALA A 1790 -4.13 89.06 -9.15
CA ALA A 1790 -3.21 88.73 -8.07
C ALA A 1790 -2.02 87.93 -8.58
N PHE A 1791 -2.25 87.01 -9.50
CA PHE A 1791 -1.19 86.20 -10.09
C PHE A 1791 -0.58 86.94 -11.28
N GLY A 1792 0.22 86.24 -12.07
CA GLY A 1792 0.86 86.86 -13.22
C GLY A 1792 2.33 87.14 -13.02
N ASP A 1793 3.03 86.18 -12.41
CA ASP A 1793 4.45 86.37 -12.13
C ASP A 1793 5.29 86.42 -13.39
N VAL A 1794 4.80 85.89 -14.51
CA VAL A 1794 5.50 85.95 -15.78
C VAL A 1794 4.53 86.50 -16.82
N SER A 1795 4.99 87.47 -17.61
CA SER A 1795 4.14 88.13 -18.61
C SER A 1795 4.94 88.27 -19.90
N ILE A 1796 4.85 87.28 -20.77
CA ILE A 1796 5.52 87.33 -22.07
C ILE A 1796 4.75 88.28 -22.98
N ILE A 1797 5.45 89.22 -23.59
CA ILE A 1797 4.85 90.25 -24.42
C ILE A 1797 5.49 90.20 -25.80
N ILE A 1798 4.66 90.22 -26.85
CA ILE A 1798 5.12 90.12 -28.22
C ILE A 1798 4.72 91.38 -28.97
N TYR A 1799 5.70 92.03 -29.59
CA TYR A 1799 5.46 93.21 -30.41
C TYR A 1799 5.79 92.90 -31.85
N PRO A 1800 4.82 92.87 -32.75
CA PRO A 1800 5.13 92.58 -34.17
C PRO A 1800 6.03 93.64 -34.76
N MET A 1801 6.86 93.23 -35.71
CA MET A 1801 7.79 94.10 -36.40
C MET A 1801 7.61 93.96 -37.90
N LYS A 1802 8.48 94.62 -38.65
CA LYS A 1802 8.44 94.53 -40.09
C LYS A 1802 9.15 93.26 -40.56
N ASN A 1803 8.91 92.90 -41.82
CA ASN A 1803 9.52 91.72 -42.45
C ASN A 1803 9.22 90.45 -41.66
N HIS A 1804 8.01 90.36 -41.12
CA HIS A 1804 7.47 89.20 -40.42
C HIS A 1804 8.25 88.85 -39.15
N MET A 1805 9.23 89.65 -38.77
CA MET A 1805 9.95 89.42 -37.53
C MET A 1805 9.07 89.77 -36.33
N PHE A 1806 9.52 89.34 -35.16
CA PHE A 1806 8.78 89.59 -33.92
C PHE A 1806 9.76 89.95 -32.82
N PHE A 1807 9.25 90.68 -31.83
CA PHE A 1807 10.02 91.09 -30.66
C PHE A 1807 9.38 90.50 -29.42
N ILE A 1808 10.21 89.98 -28.52
CA ILE A 1808 9.74 89.31 -27.32
C ILE A 1808 10.36 89.99 -26.11
N ALA A 1809 9.52 90.48 -25.21
CA ALA A 1809 9.96 91.09 -23.96
C ALA A 1809 9.32 90.37 -22.79
N ILE A 1810 10.11 90.10 -21.76
CA ILE A 1810 9.68 89.31 -20.62
C ILE A 1810 9.82 90.16 -19.36
N THR A 1811 8.74 90.26 -18.59
CA THR A 1811 8.75 90.91 -17.29
C THR A 1811 8.36 89.89 -16.24
N LYS A 1812 9.18 89.74 -15.21
CA LYS A 1812 8.95 88.74 -14.19
C LYS A 1812 9.16 89.34 -12.81
N LYS A 1813 8.55 88.70 -11.82
CA LYS A 1813 8.74 89.10 -10.44
C LYS A 1813 10.19 88.83 -10.02
N PRO A 1814 10.71 89.62 -9.07
CA PRO A 1814 12.11 89.40 -8.64
C PRO A 1814 12.37 88.02 -8.08
N GLU A 1815 11.38 87.39 -7.45
CA GLU A 1815 11.59 86.10 -6.82
C GLU A 1815 11.83 85.00 -7.85
N VAL A 1816 11.20 85.08 -9.02
CA VAL A 1816 11.31 84.05 -10.04
C VAL A 1816 12.72 84.09 -10.64
N PRO A 1817 13.46 83.00 -10.61
CA PRO A 1817 14.80 82.97 -11.20
C PRO A 1817 14.73 82.82 -12.72
N PHE A 1818 15.90 82.78 -13.34
CA PHE A 1818 15.97 82.61 -14.79
C PHE A 1818 15.39 81.26 -15.18
N PHE A 1819 14.45 81.28 -16.11
CA PHE A 1819 13.69 80.08 -16.43
C PHE A 1819 13.71 79.68 -17.90
N GLY A 1820 13.57 80.63 -18.81
CA GLY A 1820 13.20 80.31 -20.16
C GLY A 1820 14.35 80.24 -21.14
N PRO A 1821 14.11 79.56 -22.27
CA PRO A 1821 15.06 79.61 -23.38
C PRO A 1821 14.94 80.87 -24.23
N LEU A 1822 14.06 81.79 -23.88
CA LEU A 1822 13.92 83.08 -24.57
C LEU A 1822 14.33 84.19 -23.61
N PHE A 1823 15.51 84.76 -23.85
CA PHE A 1823 15.99 85.85 -23.03
C PHE A 1823 15.21 87.14 -23.32
N ASP A 1824 15.25 88.05 -22.37
CA ASP A 1824 14.59 89.34 -22.54
C ASP A 1824 15.16 90.07 -23.74
N GLY A 1825 14.28 90.61 -24.57
CA GLY A 1825 14.70 91.31 -25.77
C GLY A 1825 15.07 90.43 -26.93
N ALA A 1826 14.74 89.14 -26.89
CA ALA A 1826 15.05 88.26 -28.00
C ALA A 1826 14.20 88.60 -29.21
N ILE A 1827 14.79 88.45 -30.39
CA ILE A 1827 14.11 88.67 -31.66
C ILE A 1827 14.10 87.35 -32.42
N VAL A 1828 12.90 86.88 -32.78
CA VAL A 1828 12.73 85.61 -33.46
C VAL A 1828 11.86 85.83 -34.69
N SER A 1829 12.03 84.95 -35.67
CA SER A 1829 11.22 84.99 -36.87
C SER A 1829 9.87 84.33 -36.61
N GLY A 1830 8.98 84.39 -37.61
CA GLY A 1830 7.64 83.84 -37.42
C GLY A 1830 7.61 82.34 -37.25
N LYS A 1831 8.50 81.63 -37.94
CA LYS A 1831 8.48 80.17 -37.89
C LYS A 1831 8.76 79.65 -36.49
N LEU A 1832 9.72 80.25 -35.80
CA LEU A 1832 10.12 79.77 -34.48
C LEU A 1832 9.23 80.27 -33.36
N LEU A 1833 8.35 81.23 -33.63
CA LEU A 1833 7.60 81.88 -32.55
C LEU A 1833 6.72 80.92 -31.75
N PRO A 1834 5.87 80.08 -32.37
CA PRO A 1834 5.00 79.22 -31.53
C PRO A 1834 5.77 78.24 -30.66
N SER A 1835 6.74 77.53 -31.23
CA SER A 1835 7.47 76.52 -30.47
C SER A 1835 8.23 77.16 -29.31
N LEU A 1836 8.96 78.24 -29.59
CA LEU A 1836 9.73 78.91 -28.55
C LEU A 1836 8.82 79.48 -27.47
N VAL A 1837 7.70 80.09 -27.86
CA VAL A 1837 6.79 80.65 -26.88
C VAL A 1837 6.19 79.56 -26.00
N CYS A 1838 5.78 78.44 -26.60
CA CYS A 1838 5.21 77.35 -25.82
C CYS A 1838 6.23 76.77 -24.85
N ALA A 1839 7.46 76.55 -25.31
CA ALA A 1839 8.49 76.01 -24.43
C ALA A 1839 8.81 76.98 -23.30
N THR A 1840 8.89 78.28 -23.61
CA THR A 1840 9.16 79.27 -22.58
C THR A 1840 8.04 79.30 -21.55
N CYS A 1841 6.79 79.22 -22.01
CA CYS A 1841 5.68 79.22 -21.07
C CYS A 1841 5.69 77.98 -20.18
N ILE A 1842 6.00 76.82 -20.76
CA ILE A 1842 6.09 75.61 -19.95
C ILE A 1842 7.18 75.74 -18.90
N ASN A 1843 8.34 76.24 -19.29
CA ASN A 1843 9.44 76.40 -18.32
C ASN A 1843 9.08 77.42 -17.25
N ALA A 1844 8.40 78.50 -17.63
CA ALA A 1844 7.98 79.51 -16.66
C ALA A 1844 6.99 78.92 -15.67
N SER A 1845 6.05 78.12 -16.15
CA SER A 1845 5.11 77.46 -15.24
C SER A 1845 5.83 76.53 -14.30
N ARG A 1846 6.82 75.79 -14.80
CA ARG A 1846 7.60 74.91 -13.93
C ARG A 1846 8.32 75.71 -12.86
N ALA A 1847 8.93 76.83 -13.23
CA ALA A 1847 9.64 77.65 -12.27
C ALA A 1847 8.70 78.23 -11.22
N VAL A 1848 7.54 78.71 -11.64
CA VAL A 1848 6.57 79.27 -10.70
C VAL A 1848 6.08 78.20 -9.74
N LYS A 1849 5.80 77.00 -10.25
CA LYS A 1849 5.37 75.92 -9.38
C LYS A 1849 6.46 75.54 -8.39
N CYS A 1850 7.71 75.46 -8.85
CA CYS A 1850 8.81 75.13 -7.96
C CYS A 1850 9.07 76.23 -6.94
N LEU A 1851 8.65 77.46 -7.23
CA LEU A 1851 8.78 78.52 -6.24
C LEU A 1851 7.96 78.23 -4.99
N ILE A 1852 6.79 77.63 -5.17
CA ILE A 1852 5.93 77.30 -4.03
C ILE A 1852 6.64 76.30 -3.13
N PRO A 1853 6.69 76.50 -1.81
CA PRO A 1853 7.35 75.54 -0.93
C PRO A 1853 6.62 74.21 -0.89
N LEU A 1854 7.38 73.16 -0.58
CA LEU A 1854 6.87 71.79 -0.43
C LEU A 1854 5.99 71.38 -1.61
N TYR A 1855 6.37 71.78 -2.81
CA TYR A 1855 5.66 71.39 -4.01
C TYR A 1855 6.11 70.01 -4.45
N GLN A 1856 5.15 69.11 -4.64
CA GLN A 1856 5.43 67.73 -5.03
C GLN A 1856 4.89 67.47 -6.42
N SER A 1857 5.66 66.74 -7.22
CA SER A 1857 5.24 66.41 -8.58
C SER A 1857 4.05 65.45 -8.54
N PHE A 1858 3.44 65.25 -9.71
CA PHE A 1858 2.23 64.45 -9.78
C PHE A 1858 2.50 63.00 -9.38
N TYR A 1859 3.60 62.42 -9.86
CA TYR A 1859 3.86 61.01 -9.58
C TYR A 1859 4.17 60.79 -8.11
N GLU A 1860 4.91 61.71 -7.48
CA GLU A 1860 5.19 61.58 -6.06
C GLU A 1860 3.92 61.63 -5.23
N GLU A 1861 3.03 62.58 -5.55
CA GLU A 1861 1.76 62.66 -4.82
C GLU A 1861 0.92 61.41 -5.03
N ARG A 1862 0.85 60.92 -6.27
CA ARG A 1862 0.06 59.72 -6.54
C ARG A 1862 0.62 58.52 -5.79
N ALA A 1863 1.95 58.36 -5.78
CA ALA A 1863 2.56 57.25 -5.08
C ALA A 1863 2.32 57.34 -3.57
N LEU A 1864 2.45 58.54 -3.01
CA LEU A 1864 2.22 58.70 -1.57
C LEU A 1864 0.78 58.40 -1.21
N TYR A 1865 -0.17 58.88 -2.02
CA TYR A 1865 -1.58 58.61 -1.74
C TYR A 1865 -1.89 57.13 -1.87
N LEU A 1866 -1.34 56.46 -2.89
CA LEU A 1866 -1.56 55.03 -3.06
C LEU A 1866 -0.98 54.25 -1.88
N GLU A 1867 0.21 54.61 -1.44
CA GLU A 1867 0.81 53.94 -0.29
C GLU A 1867 -0.02 54.15 0.97
N ALA A 1868 -0.54 55.37 1.16
CA ALA A 1868 -1.39 55.63 2.31
C ALA A 1868 -2.65 54.79 2.27
N ILE A 1869 -3.27 54.69 1.09
CA ILE A 1869 -4.48 53.88 0.95
C ILE A 1869 -4.18 52.42 1.27
N ILE A 1870 -3.08 51.90 0.72
CA ILE A 1870 -2.72 50.50 0.95
C ILE A 1870 -2.47 50.24 2.43
N GLN A 1871 -1.72 51.14 3.08
CA GLN A 1871 -1.42 50.94 4.50
C GLN A 1871 -2.67 51.01 5.34
N ASN A 1872 -3.58 51.95 5.04
CA ASN A 1872 -4.75 52.13 5.88
C ASN A 1872 -5.75 50.99 5.70
N HIS A 1873 -5.98 50.55 4.47
CA HIS A 1873 -7.07 49.62 4.18
C HIS A 1873 -6.61 48.18 4.01
N ARG A 1874 -5.35 47.87 4.28
CA ARG A 1874 -4.90 46.49 4.20
C ARG A 1874 -5.50 45.67 5.33
N GLU A 1875 -5.91 44.44 5.00
CA GLU A 1875 -6.57 43.55 5.94
C GLU A 1875 -5.71 42.32 6.16
N VAL A 1876 -5.49 41.97 7.43
CA VAL A 1876 -4.72 40.80 7.81
C VAL A 1876 -5.69 39.74 8.33
N MET A 1877 -5.65 38.55 7.72
CA MET A 1877 -6.60 37.51 8.05
C MET A 1877 -5.96 36.15 7.82
N THR A 1878 -6.55 35.13 8.43
CA THR A 1878 -6.08 33.76 8.25
C THR A 1878 -6.37 33.29 6.83
N PHE A 1879 -5.65 32.24 6.42
CA PHE A 1879 -5.81 31.72 5.06
C PHE A 1879 -7.22 31.18 4.84
N GLU A 1880 -7.87 30.68 5.89
CA GLU A 1880 -9.22 30.15 5.74
C GLU A 1880 -10.19 31.26 5.32
N ASP A 1881 -10.13 32.40 6.00
CA ASP A 1881 -11.00 33.51 5.64
C ASP A 1881 -10.70 34.03 4.24
N PHE A 1882 -9.41 34.13 3.88
CA PHE A 1882 -9.06 34.60 2.55
C PHE A 1882 -9.58 33.67 1.47
N ALA A 1883 -9.45 32.35 1.68
CA ALA A 1883 -9.94 31.40 0.71
C ALA A 1883 -11.46 31.43 0.63
N ALA A 1884 -12.14 31.63 1.77
CA ALA A 1884 -13.59 31.76 1.75
C ALA A 1884 -14.03 32.99 0.98
N GLN A 1885 -13.33 34.11 1.17
CA GLN A 1885 -13.66 35.33 0.45
C GLN A 1885 -13.41 35.19 -1.05
N VAL A 1886 -12.32 34.52 -1.42
CA VAL A 1886 -12.05 34.28 -2.84
C VAL A 1886 -13.12 33.39 -3.44
N PHE A 1887 -13.51 32.33 -2.72
CA PHE A 1887 -14.56 31.44 -3.21
C PHE A 1887 -15.89 32.17 -3.34
N SER A 1888 -16.23 33.00 -2.36
CA SER A 1888 -17.46 33.78 -2.38
C SER A 1888 -17.17 35.17 -1.82
N PRO A 1889 -17.24 36.22 -2.65
CA PRO A 1889 -16.89 37.56 -2.14
C PRO A 1889 -17.80 38.02 -1.02
N SER A 1890 -19.10 38.05 -1.25
CA SER A 1890 -20.02 38.26 -0.14
C SER A 1890 -20.00 37.05 0.78
N PRO A 1891 -20.20 37.24 2.08
CA PRO A 1891 -20.17 36.10 3.01
C PRO A 1891 -21.18 35.02 2.63
N SER A 1892 -20.69 33.86 2.21
CA SER A 1892 -21.51 32.75 1.75
C SER A 1892 -22.54 33.16 0.71
N GLN B 50 -20.61 -78.57 18.57
CA GLN B 50 -20.86 -79.76 17.77
C GLN B 50 -19.63 -80.66 17.74
N GLY B 51 -18.70 -80.37 16.81
CA GLY B 51 -17.49 -81.14 16.66
C GLY B 51 -16.35 -80.76 17.58
N HIS B 52 -16.53 -79.73 18.40
CA HIS B 52 -15.47 -79.29 19.31
C HIS B 52 -15.57 -79.94 20.69
N THR B 53 -16.56 -80.80 20.92
CA THR B 53 -16.69 -81.46 22.20
C THR B 53 -15.57 -82.49 22.38
N SER B 54 -14.94 -82.47 23.54
CA SER B 54 -13.83 -83.37 23.82
C SER B 54 -14.35 -84.71 24.34
N VAL B 55 -13.61 -85.77 24.02
CA VAL B 55 -14.01 -87.12 24.44
C VAL B 55 -13.92 -87.26 25.95
N LEU B 56 -12.97 -86.56 26.58
CA LEU B 56 -12.69 -86.73 28.00
C LEU B 56 -13.76 -86.10 28.89
N HIS B 57 -14.72 -85.37 28.33
CA HIS B 57 -15.73 -84.71 29.15
C HIS B 57 -16.60 -85.69 29.92
N SER B 58 -16.74 -86.93 29.43
CA SER B 58 -17.60 -87.90 30.10
C SER B 58 -17.09 -88.22 31.50
N TYR B 59 -15.78 -88.33 31.65
CA TYR B 59 -15.19 -88.64 32.95
C TYR B 59 -15.41 -87.48 33.93
N PRO B 60 -15.38 -87.77 35.23
CA PRO B 60 -15.52 -86.70 36.22
C PRO B 60 -14.45 -85.63 36.08
N GLU B 61 -14.74 -84.47 36.66
CA GLU B 61 -13.88 -83.30 36.48
C GLU B 61 -12.49 -83.52 37.08
N SER B 62 -12.42 -84.10 38.28
CA SER B 62 -11.13 -84.25 38.96
C SER B 62 -10.20 -85.18 38.20
N VAL B 63 -10.70 -86.36 37.82
CA VAL B 63 -9.86 -87.31 37.11
C VAL B 63 -9.47 -86.79 35.73
N GLY B 64 -10.41 -86.09 35.08
CA GLY B 64 -10.09 -85.49 33.79
C GLY B 64 -9.00 -84.44 33.89
N ARG B 65 -9.08 -83.58 34.91
CA ARG B 65 -8.02 -82.61 35.13
C ARG B 65 -6.70 -83.29 35.41
N GLU B 66 -6.72 -84.35 36.23
CA GLU B 66 -5.48 -85.04 36.58
C GLU B 66 -4.83 -85.66 35.34
N VAL B 67 -5.62 -86.33 34.51
CA VAL B 67 -5.05 -86.98 33.33
C VAL B 67 -4.58 -85.93 32.31
N ALA B 68 -5.33 -84.84 32.17
CA ALA B 68 -4.90 -83.78 31.25
C ALA B 68 -3.58 -83.16 31.70
N ASN B 69 -3.45 -82.88 33.01
CA ASN B 69 -2.20 -82.34 33.53
C ASN B 69 -1.05 -83.33 33.35
N ALA B 70 -1.31 -84.61 33.62
CA ALA B 70 -0.27 -85.62 33.49
C ALA B 70 0.21 -85.74 32.05
N VAL B 71 -0.71 -85.67 31.10
CA VAL B 71 -0.31 -85.74 29.69
C VAL B 71 0.43 -84.48 29.28
N VAL B 72 -0.05 -83.31 29.70
CA VAL B 72 0.51 -82.06 29.20
C VAL B 72 1.81 -81.68 29.88
N ARG B 73 2.13 -82.26 31.04
CA ARG B 73 3.37 -81.89 31.72
C ARG B 73 4.61 -82.25 30.92
N PRO B 74 4.88 -83.53 30.59
CA PRO B 74 6.11 -83.81 29.83
C PRO B 74 6.01 -83.39 28.38
N LEU B 75 4.87 -83.63 27.73
CA LEU B 75 4.71 -83.23 26.34
C LEU B 75 4.82 -81.72 26.18
N GLY B 76 4.17 -80.97 27.09
CA GLY B 76 4.29 -79.52 27.04
C GLY B 76 5.71 -79.06 27.36
N GLN B 77 6.31 -79.63 28.40
CA GLN B 77 7.66 -79.25 28.79
C GLN B 77 8.71 -79.61 27.74
N VAL B 78 8.38 -80.50 26.81
CA VAL B 78 9.30 -80.82 25.73
C VAL B 78 9.00 -79.96 24.52
N LEU B 79 7.80 -80.09 23.96
CA LEU B 79 7.49 -79.41 22.70
C LEU B 79 7.38 -77.90 22.90
N GLY B 80 6.61 -77.45 23.89
CA GLY B 80 6.38 -76.03 24.05
C GLY B 80 7.63 -75.27 24.49
N THR B 81 8.38 -75.84 25.42
CA THR B 81 9.55 -75.16 25.93
C THR B 81 10.65 -75.09 24.86
N PRO B 82 11.42 -74.02 24.82
CA PRO B 82 12.51 -73.92 23.84
C PRO B 82 13.71 -74.78 24.21
N SER B 83 14.80 -74.66 23.44
CA SER B 83 16.04 -75.41 23.68
C SER B 83 15.78 -76.92 23.66
N VAL B 84 14.95 -77.37 22.72
CA VAL B 84 14.64 -78.78 22.56
C VAL B 84 14.92 -79.26 21.13
N ALA B 85 15.78 -78.54 20.41
CA ALA B 85 16.11 -78.92 19.05
C ALA B 85 16.89 -80.22 19.02
N GLY B 86 16.60 -81.06 18.02
CA GLY B 86 17.27 -82.33 17.86
C GLY B 86 16.58 -83.50 18.53
N SER B 87 15.56 -83.26 19.34
CA SER B 87 14.85 -84.34 20.01
C SER B 87 13.87 -85.00 19.04
N GLU B 88 13.80 -86.33 19.11
CA GLU B 88 12.89 -87.07 18.24
C GLU B 88 11.45 -86.80 18.64
N ASN B 89 10.57 -86.72 17.64
CA ASN B 89 9.16 -86.48 17.88
C ASN B 89 8.54 -87.64 18.64
N LEU B 90 7.68 -87.32 19.60
CA LEU B 90 6.98 -88.34 20.38
C LEU B 90 5.79 -88.92 19.62
N LEU B 91 5.46 -88.40 18.45
CA LEU B 91 4.33 -88.84 17.66
C LEU B 91 4.82 -89.39 16.34
N LYS B 92 4.37 -90.60 15.99
CA LYS B 92 4.84 -91.24 14.77
C LYS B 92 3.67 -91.78 13.94
N THR B 93 2.55 -92.08 14.58
CA THR B 93 1.42 -92.71 13.93
C THR B 93 0.18 -91.83 14.01
N ASP B 94 -0.76 -92.07 13.10
CA ASP B 94 -1.98 -91.28 13.05
C ASP B 94 -2.81 -91.47 14.32
N LYS B 95 -2.85 -92.70 14.85
CA LYS B 95 -3.54 -92.93 16.11
C LYS B 95 -2.88 -92.15 17.24
N GLU B 96 -1.55 -92.11 17.25
CA GLU B 96 -0.82 -91.34 18.25
C GLU B 96 -1.22 -89.87 18.20
N VAL B 97 -1.19 -89.27 17.00
CA VAL B 97 -1.46 -87.84 16.89
C VAL B 97 -2.92 -87.54 17.20
N LYS B 98 -3.84 -88.43 16.83
CA LYS B 98 -5.25 -88.22 17.15
C LYS B 98 -5.48 -88.28 18.65
N TRP B 99 -4.88 -89.27 19.32
CA TRP B 99 -4.98 -89.37 20.77
C TRP B 99 -4.43 -88.12 21.44
N THR B 100 -3.26 -87.67 20.99
CA THR B 100 -2.64 -86.48 21.57
C THR B 100 -3.51 -85.25 21.34
N MET B 101 -4.06 -85.09 20.14
CA MET B 101 -4.89 -83.94 19.85
C MET B 101 -6.14 -83.92 20.72
N GLU B 102 -6.78 -85.07 20.91
CA GLU B 102 -7.98 -85.10 21.74
C GLU B 102 -7.64 -84.79 23.20
N VAL B 103 -6.58 -85.40 23.72
CA VAL B 103 -6.26 -85.18 25.14
C VAL B 103 -5.84 -83.73 25.38
N ILE B 104 -5.15 -83.11 24.43
CA ILE B 104 -4.82 -81.69 24.57
C ILE B 104 -6.08 -80.83 24.43
N CYS B 105 -6.99 -81.23 23.55
CA CYS B 105 -8.21 -80.46 23.32
C CYS B 105 -9.07 -80.40 24.58
N TYR B 106 -9.12 -81.50 25.34
CA TYR B 106 -9.89 -81.45 26.58
C TYR B 106 -9.28 -80.48 27.58
N GLY B 107 -7.97 -80.21 27.48
CA GLY B 107 -7.31 -79.38 28.48
C GLY B 107 -7.70 -77.92 28.44
N LEU B 108 -8.23 -77.44 27.31
CA LEU B 108 -8.58 -76.03 27.20
C LEU B 108 -9.68 -75.63 28.17
N THR B 109 -10.70 -76.50 28.33
CA THR B 109 -11.83 -76.19 29.21
C THR B 109 -11.39 -76.02 30.66
N LEU B 110 -10.25 -76.59 31.04
CA LEU B 110 -9.78 -76.51 32.40
C LEU B 110 -9.43 -75.07 32.77
N PRO B 111 -9.53 -74.70 34.04
CA PRO B 111 -9.18 -73.34 34.44
C PRO B 111 -7.71 -73.05 34.20
N LEU B 112 -7.41 -71.76 34.01
CA LEU B 112 -6.06 -71.31 33.67
C LEU B 112 -5.06 -71.43 34.81
N ASP B 113 -5.39 -72.02 35.96
CA ASP B 113 -4.40 -72.17 37.02
C ASP B 113 -3.27 -73.08 36.56
N GLY B 114 -2.04 -72.67 36.88
CA GLY B 114 -0.87 -73.43 36.47
C GLY B 114 -0.48 -73.14 35.04
N GLU B 115 0.60 -73.81 34.62
CA GLU B 115 1.15 -73.65 33.28
C GLU B 115 0.60 -74.68 32.29
N THR B 116 -0.36 -75.51 32.71
CA THR B 116 -0.94 -76.49 31.79
C THR B 116 -1.62 -75.80 30.61
N VAL B 117 -2.41 -74.77 30.89
CA VAL B 117 -3.04 -74.01 29.82
C VAL B 117 -1.99 -73.29 28.98
N LYS B 118 -0.92 -72.81 29.64
CA LYS B 118 0.16 -72.15 28.91
C LYS B 118 0.83 -73.13 27.95
N TYR B 119 1.12 -74.35 28.42
CA TYR B 119 1.70 -75.36 27.54
C TYR B 119 0.74 -75.71 26.40
N CYS B 120 -0.55 -75.82 26.70
CA CYS B 120 -1.53 -76.16 25.66
C CYS B 120 -1.56 -75.08 24.58
N VAL B 121 -1.65 -73.81 24.98
CA VAL B 121 -1.71 -72.74 23.99
C VAL B 121 -0.39 -72.61 23.25
N ASP B 122 0.74 -72.88 23.92
CA ASP B 122 2.03 -72.80 23.26
C ASP B 122 2.17 -73.89 22.20
N VAL B 123 1.78 -75.13 22.54
CA VAL B 123 1.87 -76.20 21.56
C VAL B 123 0.86 -75.99 20.44
N TYR B 124 -0.29 -75.38 20.74
CA TYR B 124 -1.22 -75.01 19.68
C TYR B 124 -0.62 -74.00 18.73
N THR B 125 -0.01 -72.94 19.26
CA THR B 125 0.61 -71.92 18.41
C THR B 125 1.74 -72.52 17.59
N ASP B 126 2.52 -73.42 18.19
CA ASP B 126 3.58 -74.09 17.43
C ASP B 126 3.00 -74.97 16.33
N TRP B 127 1.90 -75.66 16.61
CA TRP B 127 1.32 -76.57 15.62
C TRP B 127 0.68 -75.81 14.47
N ILE B 128 -0.06 -74.73 14.77
CA ILE B 128 -0.71 -73.97 13.70
C ILE B 128 0.29 -73.25 12.82
N MET B 129 1.50 -72.97 13.32
CA MET B 129 2.53 -72.34 12.51
C MET B 129 3.13 -73.28 11.48
N ALA B 130 2.81 -74.58 11.54
CA ALA B 130 3.35 -75.53 10.58
C ALA B 130 2.89 -75.21 9.16
N LEU B 131 1.72 -74.59 9.01
CA LEU B 131 1.26 -74.19 7.68
C LEU B 131 2.17 -73.14 7.07
N VAL B 132 2.63 -72.18 7.86
CA VAL B 132 3.53 -71.15 7.36
C VAL B 132 4.87 -71.75 6.97
N LEU B 133 5.43 -72.58 7.83
CA LEU B 133 6.72 -73.21 7.59
C LEU B 133 6.88 -74.45 8.46
N PRO B 134 7.35 -75.57 7.91
CA PRO B 134 7.57 -76.76 8.73
C PRO B 134 8.63 -76.52 9.80
N LYS B 135 8.46 -77.18 10.93
CA LYS B 135 9.39 -77.09 12.05
C LYS B 135 9.81 -78.49 12.48
N ASP B 136 10.95 -78.55 13.16
CA ASP B 136 11.47 -79.83 13.64
C ASP B 136 10.53 -80.46 14.67
N SER B 137 9.96 -79.64 15.56
CA SER B 137 9.08 -80.16 16.60
C SER B 137 7.76 -80.66 16.04
N ILE B 138 7.41 -80.27 14.82
CA ILE B 138 6.14 -80.70 14.23
C ILE B 138 6.25 -82.17 13.83
N PRO B 139 5.30 -83.02 14.24
CA PRO B 139 5.37 -84.44 13.84
C PRO B 139 5.25 -84.60 12.33
N LEU B 140 5.91 -85.65 11.83
CA LEU B 140 5.88 -85.92 10.39
C LEU B 140 4.48 -86.15 9.84
N PRO B 141 3.60 -86.94 10.48
CA PRO B 141 2.25 -87.09 9.93
C PRO B 141 1.48 -85.78 9.86
N VAL B 142 1.77 -84.83 10.75
CA VAL B 142 1.13 -83.52 10.67
C VAL B 142 1.52 -82.83 9.37
N ILE B 143 2.81 -82.87 9.03
CA ILE B 143 3.26 -82.27 7.77
C ILE B 143 2.69 -83.04 6.58
N LYS B 144 2.54 -84.35 6.70
CA LYS B 144 2.04 -85.15 5.59
C LYS B 144 0.62 -84.75 5.23
N GLU B 145 -0.24 -84.56 6.23
CA GLU B 145 -1.64 -84.18 6.02
C GLU B 145 -1.95 -82.97 6.90
N PRO B 146 -1.57 -81.77 6.44
CA PRO B 146 -1.71 -80.59 7.31
C PRO B 146 -3.13 -80.05 7.40
N ASN B 147 -3.90 -80.16 6.31
CA ASN B 147 -5.19 -79.47 6.25
C ASN B 147 -6.16 -79.98 7.31
N GLN B 148 -6.35 -81.30 7.37
CA GLN B 148 -7.30 -81.87 8.32
C GLN B 148 -6.87 -81.60 9.76
N TYR B 149 -5.57 -81.73 10.03
CA TYR B 149 -5.08 -81.54 11.39
C TYR B 149 -5.23 -80.09 11.84
N VAL B 150 -4.92 -79.13 10.97
CA VAL B 150 -5.09 -77.73 11.36
C VAL B 150 -6.57 -77.39 11.47
N GLN B 151 -7.43 -78.02 10.66
CA GLN B 151 -8.87 -77.83 10.82
C GLN B 151 -9.33 -78.31 12.19
N THR B 152 -8.86 -79.48 12.61
CA THR B 152 -9.24 -80.00 13.93
C THR B 152 -8.69 -79.12 15.04
N ILE B 153 -7.47 -78.60 14.88
CA ILE B 153 -6.90 -77.72 15.89
C ILE B 153 -7.71 -76.43 15.99
N LEU B 154 -8.09 -75.86 14.85
CA LEU B 154 -8.92 -74.65 14.86
C LEU B 154 -10.28 -74.92 15.51
N LYS B 155 -10.85 -76.09 15.25
CA LYS B 155 -12.09 -76.47 15.91
C LYS B 155 -11.91 -76.55 17.42
N HIS B 156 -10.77 -77.10 17.86
CA HIS B 156 -10.51 -77.22 19.29
C HIS B 156 -10.27 -75.85 19.92
N LEU B 157 -9.62 -74.93 19.19
CA LEU B 157 -9.29 -73.62 19.73
C LEU B 157 -10.52 -72.78 20.07
N GLN B 158 -11.69 -73.15 19.56
CA GLN B 158 -12.91 -72.39 19.86
C GLN B 158 -13.19 -72.37 21.36
N ASN B 159 -12.95 -73.49 22.04
CA ASN B 159 -13.21 -73.57 23.47
C ASN B 159 -12.33 -72.64 24.29
N LEU B 160 -11.16 -72.27 23.77
CA LEU B 160 -10.24 -71.42 24.53
C LEU B 160 -10.83 -70.03 24.77
N PHE B 161 -11.48 -69.45 23.76
CA PHE B 161 -11.92 -68.07 23.84
C PHE B 161 -13.11 -67.88 24.78
N VAL B 162 -13.70 -68.95 25.28
CA VAL B 162 -14.84 -68.82 26.20
C VAL B 162 -14.40 -68.08 27.45
N PRO B 163 -15.11 -67.04 27.88
CA PRO B 163 -14.69 -66.30 29.08
C PRO B 163 -14.74 -67.18 30.31
N ARG B 164 -13.85 -66.89 31.25
CA ARG B 164 -13.70 -67.65 32.48
C ARG B 164 -14.02 -66.75 33.69
N GLN B 165 -13.84 -67.32 34.88
CA GLN B 165 -14.36 -66.68 36.09
C GLN B 165 -13.46 -65.55 36.57
N GLU B 166 -12.22 -65.87 36.95
CA GLU B 166 -11.35 -64.89 37.58
C GLU B 166 -9.93 -64.86 37.01
N GLN B 167 -9.65 -65.63 35.95
CA GLN B 167 -8.31 -65.70 35.38
C GLN B 167 -8.16 -64.82 34.15
N GLY B 168 -8.82 -63.67 34.12
CA GLY B 168 -8.76 -62.81 32.96
C GLY B 168 -7.41 -62.15 32.76
N SER B 169 -6.63 -62.01 33.84
CA SER B 169 -5.33 -61.37 33.74
C SER B 169 -4.41 -62.12 32.79
N SER B 170 -4.41 -63.45 32.88
CA SER B 170 -3.67 -64.27 31.93
C SER B 170 -4.50 -64.61 30.69
N GLN B 171 -5.83 -64.61 30.82
CA GLN B 171 -6.68 -64.93 29.68
C GLN B 171 -6.53 -63.90 28.58
N ILE B 172 -6.41 -62.62 28.94
CA ILE B 172 -6.25 -61.58 27.93
C ILE B 172 -4.95 -61.80 27.16
N ARG B 173 -3.87 -62.11 27.86
CA ARG B 173 -2.58 -62.33 27.20
C ARG B 173 -2.64 -63.56 26.29
N LEU B 174 -3.21 -64.66 26.79
CA LEU B 174 -3.30 -65.86 25.96
C LEU B 174 -4.17 -65.64 24.74
N CYS B 175 -5.29 -64.94 24.91
CA CYS B 175 -6.18 -64.67 23.79
C CYS B 175 -5.50 -63.79 22.75
N LEU B 176 -4.79 -62.75 23.19
CA LEU B 176 -4.12 -61.89 22.22
C LEU B 176 -2.98 -62.64 21.53
N GLN B 177 -2.30 -63.52 22.25
CA GLN B 177 -1.26 -64.34 21.63
C GLN B 177 -1.84 -65.24 20.55
N VAL B 178 -2.97 -65.90 20.85
CA VAL B 178 -3.60 -66.76 19.86
C VAL B 178 -4.09 -65.93 18.67
N LEU B 179 -4.66 -64.76 18.95
CA LEU B 179 -5.18 -63.91 17.89
C LEU B 179 -4.05 -63.47 16.94
N ARG B 180 -2.93 -63.05 17.52
CA ARG B 180 -1.81 -62.61 16.67
C ARG B 180 -1.15 -63.79 15.97
N ALA B 181 -1.15 -64.97 16.59
CA ALA B 181 -0.65 -66.16 15.92
C ALA B 181 -1.49 -66.47 14.69
N ILE B 182 -2.82 -66.41 14.82
CA ILE B 182 -3.70 -66.65 13.67
C ILE B 182 -3.54 -65.53 12.65
N GLN B 183 -3.36 -64.30 13.12
CA GLN B 183 -3.19 -63.16 12.22
C GLN B 183 -1.95 -63.32 11.36
N LYS B 184 -0.83 -63.72 11.97
CA LYS B 184 0.38 -63.95 11.19
C LYS B 184 0.30 -65.23 10.37
N LEU B 185 -0.49 -66.21 10.84
CA LEU B 185 -0.72 -67.41 10.04
C LEU B 185 -1.44 -67.08 8.74
N ALA B 186 -2.42 -66.18 8.80
CA ALA B 186 -3.17 -65.81 7.61
C ALA B 186 -2.44 -64.76 6.77
N ARG B 187 -1.64 -63.90 7.41
CA ARG B 187 -0.96 -62.84 6.67
C ARG B 187 0.09 -63.40 5.72
N GLU B 188 0.93 -64.33 6.20
CA GLU B 188 1.94 -64.98 5.38
C GLU B 188 1.58 -66.44 5.10
N SER B 189 0.29 -66.70 4.90
CA SER B 189 -0.19 -68.06 4.71
C SER B 189 0.35 -68.66 3.41
N SER B 190 0.66 -69.95 3.45
CA SER B 190 0.99 -70.69 2.26
C SER B 190 -0.30 -71.07 1.53
N LEU B 191 -0.18 -71.78 0.42
CA LEU B 191 -1.36 -72.20 -0.32
C LEU B 191 -2.10 -73.30 0.44
N MET B 192 -3.42 -73.15 0.54
CA MET B 192 -4.25 -74.14 1.21
C MET B 192 -5.65 -74.09 0.62
N ALA B 193 -6.39 -75.16 0.83
CA ALA B 193 -7.72 -75.29 0.25
C ALA B 193 -8.69 -74.29 0.88
N ARG B 194 -9.73 -73.95 0.12
CA ARG B 194 -10.71 -72.99 0.58
C ARG B 194 -11.50 -73.51 1.79
N GLU B 195 -11.54 -74.82 2.00
CA GLU B 195 -12.21 -75.36 3.17
C GLU B 195 -11.56 -74.87 4.45
N THR B 196 -10.22 -74.83 4.48
CA THR B 196 -9.52 -74.31 5.64
C THR B 196 -9.86 -72.84 5.87
N TRP B 197 -9.94 -72.04 4.80
CA TRP B 197 -10.32 -70.65 4.94
C TRP B 197 -11.72 -70.51 5.51
N GLU B 198 -12.66 -71.32 5.01
CA GLU B 198 -14.03 -71.26 5.51
C GLU B 198 -14.08 -71.65 6.98
N VAL B 199 -13.34 -72.69 7.37
CA VAL B 199 -13.30 -73.10 8.77
C VAL B 199 -12.73 -71.98 9.64
N LEU B 200 -11.66 -71.33 9.17
CA LEU B 200 -11.07 -70.24 9.93
C LEU B 200 -12.05 -69.09 10.09
N LEU B 201 -12.75 -68.74 9.01
CA LEU B 201 -13.72 -67.64 9.10
C LEU B 201 -14.86 -67.98 10.05
N LEU B 202 -15.37 -69.22 9.99
CA LEU B 202 -16.42 -69.62 10.91
C LEU B 202 -15.93 -69.61 12.35
N PHE B 203 -14.69 -70.04 12.58
CA PHE B 203 -14.12 -70.01 13.92
C PHE B 203 -14.01 -68.59 14.45
N LEU B 204 -13.55 -67.66 13.61
CA LEU B 204 -13.44 -66.27 14.02
C LEU B 204 -14.82 -65.68 14.33
N LEU B 205 -15.81 -65.96 13.48
CA LEU B 205 -17.15 -65.48 13.73
C LEU B 205 -17.70 -66.04 15.04
N GLN B 206 -17.46 -67.34 15.29
CA GLN B 206 -17.97 -67.96 16.49
C GLN B 206 -17.33 -67.37 17.76
N ILE B 207 -16.01 -67.17 17.73
CA ILE B 207 -15.36 -66.63 18.93
C ILE B 207 -15.77 -65.18 19.16
N ASN B 208 -15.94 -64.40 18.08
CA ASN B 208 -16.40 -63.04 18.23
C ASN B 208 -17.83 -63.01 18.78
N ASP B 209 -18.68 -63.93 18.34
CA ASP B 209 -20.03 -64.01 18.87
C ASP B 209 -20.00 -64.39 20.35
N ILE B 210 -19.10 -65.29 20.73
CA ILE B 210 -19.00 -65.69 22.13
C ILE B 210 -18.56 -64.52 23.00
N LEU B 211 -17.59 -63.74 22.52
CA LEU B 211 -17.00 -62.68 23.33
C LEU B 211 -17.63 -61.32 23.14
N LEU B 212 -18.65 -61.18 22.30
CA LEU B 212 -19.22 -59.87 22.04
C LEU B 212 -20.73 -59.81 22.29
N ALA B 213 -21.43 -60.90 22.00
CA ALA B 213 -22.89 -60.89 22.12
C ALA B 213 -23.39 -60.57 23.52
N PRO B 214 -22.85 -61.13 24.60
CA PRO B 214 -23.38 -60.81 25.93
C PRO B 214 -23.15 -59.34 26.24
N PRO B 215 -23.99 -58.75 27.09
CA PRO B 215 -23.82 -57.33 27.43
C PRO B 215 -22.49 -57.08 28.11
N THR B 216 -21.92 -55.91 27.84
CA THR B 216 -20.59 -55.57 28.33
C THR B 216 -20.66 -55.23 29.82
N VAL B 217 -19.82 -55.89 30.61
CA VAL B 217 -19.68 -55.59 32.02
C VAL B 217 -18.31 -54.97 32.24
N GLN B 218 -18.28 -53.86 32.98
CA GLN B 218 -17.04 -53.13 33.19
C GLN B 218 -15.99 -54.01 33.86
N GLY B 219 -14.76 -53.93 33.36
CA GLY B 219 -13.68 -54.76 33.84
C GLY B 219 -13.60 -56.14 33.23
N GLY B 220 -14.46 -56.44 32.26
CA GLY B 220 -14.43 -57.76 31.66
C GLY B 220 -13.36 -57.89 30.59
N ILE B 221 -13.16 -59.14 30.15
CA ILE B 221 -12.19 -59.41 29.08
C ILE B 221 -12.67 -58.80 27.78
N ALA B 222 -13.98 -58.82 27.55
CA ALA B 222 -14.52 -58.35 26.28
C ALA B 222 -14.18 -56.88 26.03
N GLU B 223 -14.24 -56.05 27.08
CA GLU B 223 -13.91 -54.64 26.91
C GLU B 223 -12.49 -54.47 26.41
N ASN B 224 -11.54 -55.23 26.96
CA ASN B 224 -10.15 -55.09 26.58
C ASN B 224 -9.80 -55.82 25.28
N LEU B 225 -10.64 -56.74 24.81
CA LEU B 225 -10.32 -57.55 23.64
C LEU B 225 -11.20 -57.27 22.43
N ALA B 226 -12.22 -56.43 22.55
CA ALA B 226 -13.12 -56.20 21.43
C ALA B 226 -12.38 -55.62 20.23
N GLU B 227 -11.51 -54.64 20.47
CA GLU B 227 -10.79 -54.00 19.37
C GLU B 227 -9.92 -55.02 18.64
N LYS B 228 -9.17 -55.84 19.38
CA LYS B 228 -8.33 -56.84 18.75
C LYS B 228 -9.15 -57.86 17.98
N LEU B 229 -10.25 -58.32 18.56
CA LEU B 229 -11.09 -59.31 17.88
C LEU B 229 -11.64 -58.76 16.57
N ILE B 230 -12.21 -57.56 16.61
CA ILE B 230 -12.81 -57.02 15.40
C ILE B 230 -11.74 -56.70 14.36
N GLY B 231 -10.58 -56.21 14.80
CA GLY B 231 -9.51 -55.93 13.86
C GLY B 231 -9.01 -57.17 13.16
N VAL B 232 -8.77 -58.24 13.92
CA VAL B 232 -8.28 -59.47 13.31
C VAL B 232 -9.34 -60.08 12.42
N LEU B 233 -10.62 -59.99 12.82
CA LEU B 233 -11.69 -60.50 11.97
C LEU B 233 -11.71 -59.77 10.63
N PHE B 234 -11.64 -58.45 10.67
CA PHE B 234 -11.68 -57.68 9.42
C PHE B 234 -10.45 -57.96 8.56
N GLU B 235 -9.27 -58.06 9.19
CA GLU B 235 -8.06 -58.35 8.42
C GLU B 235 -8.14 -59.71 7.73
N VAL B 236 -8.57 -60.73 8.48
CA VAL B 236 -8.67 -62.06 7.90
C VAL B 236 -9.73 -62.11 6.83
N TRP B 237 -10.83 -61.39 7.02
CA TRP B 237 -11.87 -61.36 5.99
C TRP B 237 -11.38 -60.70 4.71
N LEU B 238 -10.64 -59.60 4.84
CA LEU B 238 -10.08 -58.95 3.65
C LEU B 238 -9.08 -59.88 2.96
N LEU B 239 -8.24 -60.57 3.73
CA LEU B 239 -7.30 -61.50 3.13
C LEU B 239 -8.01 -62.64 2.41
N ALA B 240 -9.10 -63.13 2.99
CA ALA B 240 -9.88 -64.19 2.35
C ALA B 240 -10.53 -63.70 1.06
N CYS B 241 -11.11 -62.50 1.07
CA CYS B 241 -11.68 -61.94 -0.15
C CYS B 241 -10.63 -61.63 -1.19
N THR B 242 -9.37 -61.46 -0.79
CA THR B 242 -8.30 -61.27 -1.76
C THR B 242 -8.16 -62.46 -2.69
N ARG B 243 -8.24 -63.67 -2.15
CA ARG B 243 -8.02 -64.89 -2.94
C ARG B 243 -9.25 -65.78 -3.00
N CYS B 244 -9.81 -66.15 -1.84
CA CYS B 244 -10.89 -67.14 -1.83
C CYS B 244 -12.21 -66.54 -2.27
N PHE B 245 -12.49 -65.29 -1.89
CA PHE B 245 -13.78 -64.65 -2.13
C PHE B 245 -14.91 -65.51 -1.59
N PRO B 246 -15.12 -65.52 -0.28
CA PRO B 246 -16.07 -66.46 0.33
C PRO B 246 -17.46 -66.38 -0.27
N THR B 247 -18.17 -67.51 -0.23
CA THR B 247 -19.46 -67.66 -0.89
C THR B 247 -20.53 -66.81 -0.21
N PRO B 248 -21.61 -66.50 -0.91
CA PRO B 248 -22.66 -65.64 -0.35
C PRO B 248 -23.24 -66.13 0.97
N PRO B 249 -23.38 -67.45 1.18
CA PRO B 249 -23.87 -67.88 2.51
C PRO B 249 -23.00 -67.40 3.65
N TYR B 250 -21.67 -67.37 3.47
CA TYR B 250 -20.80 -66.86 4.52
C TYR B 250 -21.01 -65.37 4.73
N TRP B 251 -21.22 -64.62 3.64
CA TRP B 251 -21.53 -63.21 3.77
C TRP B 251 -22.81 -63.00 4.57
N LYS B 252 -23.85 -63.78 4.27
CA LYS B 252 -25.11 -63.65 4.99
C LYS B 252 -24.95 -63.99 6.46
N THR B 253 -24.20 -65.06 6.76
CA THR B 253 -23.97 -65.43 8.15
C THR B 253 -23.21 -64.34 8.90
N ALA B 254 -22.18 -63.78 8.27
CA ALA B 254 -21.43 -62.71 8.91
C ALA B 254 -22.29 -61.48 9.15
N LYS B 255 -23.11 -61.11 8.17
CA LYS B 255 -23.98 -59.95 8.33
C LYS B 255 -24.99 -60.17 9.45
N GLU B 256 -25.55 -61.38 9.53
CA GLU B 256 -26.48 -61.68 10.62
C GLU B 256 -25.78 -61.64 11.97
N MET B 257 -24.56 -62.18 12.05
CA MET B 257 -23.88 -62.23 13.34
C MET B 257 -23.35 -60.87 13.75
N VAL B 258 -22.84 -60.08 12.80
CA VAL B 258 -22.25 -58.79 13.14
C VAL B 258 -23.28 -57.81 13.66
N ALA B 259 -24.55 -57.98 13.29
CA ALA B 259 -25.58 -57.05 13.73
C ALA B 259 -25.81 -57.09 15.23
N ASN B 260 -25.34 -58.14 15.92
CA ASN B 260 -25.53 -58.27 17.35
C ASN B 260 -24.40 -57.66 18.16
N TRP B 261 -23.36 -57.14 17.51
CA TRP B 261 -22.22 -56.55 18.20
C TRP B 261 -22.15 -55.04 18.03
N ARG B 262 -23.26 -54.40 17.65
CA ARG B 262 -23.25 -52.97 17.39
C ARG B 262 -23.12 -52.12 18.65
N HIS B 263 -23.29 -52.72 19.84
CA HIS B 263 -23.16 -51.96 21.07
C HIS B 263 -21.71 -51.82 21.54
N HIS B 264 -20.77 -52.44 20.85
CA HIS B 264 -19.35 -52.27 21.18
C HIS B 264 -18.76 -51.14 20.34
N PRO B 265 -18.20 -50.10 20.96
CA PRO B 265 -17.76 -48.93 20.18
C PRO B 265 -16.68 -49.24 19.16
N ALA B 266 -15.91 -50.31 19.33
CA ALA B 266 -14.82 -50.59 18.40
C ALA B 266 -15.33 -51.07 17.05
N VAL B 267 -16.52 -51.70 17.03
CA VAL B 267 -17.02 -52.30 15.79
C VAL B 267 -17.28 -51.22 14.74
N VAL B 268 -17.98 -50.16 15.13
CA VAL B 268 -18.31 -49.11 14.16
C VAL B 268 -17.05 -48.38 13.71
N GLU B 269 -16.09 -48.18 14.61
CA GLU B 269 -14.86 -47.50 14.24
C GLU B 269 -14.06 -48.33 13.24
N GLN B 270 -13.93 -49.64 13.49
CA GLN B 270 -13.21 -50.49 12.54
C GLN B 270 -13.93 -50.56 11.20
N TRP B 271 -15.26 -50.66 11.23
CA TRP B 271 -16.03 -50.67 9.98
C TRP B 271 -15.83 -49.38 9.20
N SER B 272 -15.84 -48.24 9.89
CA SER B 272 -15.62 -46.96 9.24
C SER B 272 -14.23 -46.88 8.61
N LYS B 273 -13.21 -47.32 9.34
CA LYS B 273 -11.85 -47.28 8.80
C LYS B 273 -11.74 -48.17 7.57
N VAL B 274 -12.28 -49.38 7.63
CA VAL B 274 -12.13 -50.31 6.52
C VAL B 274 -12.93 -49.83 5.31
N ILE B 275 -14.12 -49.29 5.53
CA ILE B 275 -14.90 -48.81 4.39
C ILE B 275 -14.26 -47.57 3.79
N CYS B 276 -13.62 -46.71 4.60
CA CYS B 276 -12.89 -45.59 4.05
C CYS B 276 -11.73 -46.07 3.18
N ALA B 277 -11.00 -47.09 3.65
CA ALA B 277 -9.90 -47.62 2.85
C ALA B 277 -10.41 -48.22 1.53
N LEU B 278 -11.49 -49.00 1.60
CA LEU B 278 -12.04 -49.58 0.37
C LEU B 278 -12.53 -48.52 -0.60
N THR B 279 -13.22 -47.49 -0.10
CA THR B 279 -13.73 -46.48 -1.02
C THR B 279 -12.60 -45.64 -1.60
N SER B 280 -11.53 -45.40 -0.83
CA SER B 280 -10.36 -44.73 -1.39
C SER B 280 -9.74 -45.57 -2.50
N ARG B 281 -9.59 -46.88 -2.26
CA ARG B 281 -9.05 -47.75 -3.29
C ARG B 281 -9.94 -47.79 -4.52
N LEU B 282 -11.26 -47.78 -4.32
CA LEU B 282 -12.20 -47.82 -5.43
C LEU B 282 -12.11 -46.55 -6.27
N LEU B 283 -12.17 -45.39 -5.63
CA LEU B 283 -12.11 -44.13 -6.38
C LEU B 283 -10.70 -43.84 -6.90
N ARG B 284 -9.69 -44.57 -6.45
CA ARG B 284 -8.36 -44.41 -7.02
C ARG B 284 -8.32 -44.78 -8.48
N PHE B 285 -9.21 -45.67 -8.92
CA PHE B 285 -9.26 -46.09 -10.32
C PHE B 285 -10.63 -45.93 -10.97
N THR B 286 -11.68 -45.63 -10.21
CA THR B 286 -13.01 -45.50 -10.80
C THR B 286 -13.07 -44.34 -11.78
N TYR B 287 -12.51 -43.19 -11.39
CA TYR B 287 -12.48 -42.00 -12.25
C TYR B 287 -11.12 -41.82 -12.91
N GLY B 288 -10.04 -41.85 -12.12
CA GLY B 288 -8.71 -41.70 -12.65
C GLY B 288 -7.86 -40.77 -11.81
N PRO B 289 -6.61 -40.55 -12.22
CA PRO B 289 -5.74 -39.63 -11.47
C PRO B 289 -6.23 -38.19 -11.48
N SER B 290 -7.04 -37.79 -12.45
CA SER B 290 -7.56 -36.43 -12.48
C SER B 290 -8.44 -36.15 -11.27
N PHE B 291 -9.27 -37.11 -10.89
CA PHE B 291 -10.11 -36.94 -9.71
C PHE B 291 -9.24 -36.81 -8.46
N PRO B 292 -9.60 -35.92 -7.54
CA PRO B 292 -8.81 -35.77 -6.32
C PRO B 292 -8.75 -37.06 -5.54
N ALA B 293 -7.57 -37.34 -4.97
CA ALA B 293 -7.34 -38.58 -4.23
C ALA B 293 -7.84 -38.43 -2.80
N PHE B 294 -8.56 -39.47 -2.34
CA PHE B 294 -9.06 -39.47 -0.98
C PHE B 294 -7.92 -39.72 0.00
N LYS B 295 -7.80 -38.84 0.99
CA LYS B 295 -6.79 -39.03 2.03
C LYS B 295 -7.14 -40.23 2.89
N VAL B 296 -6.13 -40.99 3.29
CA VAL B 296 -6.34 -42.19 4.09
C VAL B 296 -5.06 -42.48 4.87
N PRO B 297 -5.15 -42.90 6.13
CA PRO B 297 -3.94 -43.26 6.87
C PRO B 297 -3.21 -44.42 6.22
N ASP B 298 -1.88 -44.44 6.39
CA ASP B 298 -1.06 -45.46 5.75
C ASP B 298 -1.41 -46.85 6.25
N GLU B 299 -1.64 -47.00 7.55
CA GLU B 299 -1.98 -48.31 8.10
C GLU B 299 -3.29 -48.84 7.52
N ASP B 300 -4.31 -47.98 7.45
CA ASP B 300 -5.60 -48.41 6.92
C ASP B 300 -5.48 -48.81 5.45
N ALA B 301 -4.69 -48.06 4.69
CA ALA B 301 -4.43 -48.45 3.30
C ALA B 301 -3.65 -49.75 3.24
N SER B 302 -2.85 -50.05 4.26
CA SER B 302 -2.10 -51.30 4.31
C SER B 302 -2.94 -52.47 4.76
N LEU B 303 -4.10 -52.23 5.36
CA LEU B 303 -5.00 -53.33 5.71
C LEU B 303 -5.40 -54.13 4.47
N ILE B 304 -5.74 -53.44 3.39
CA ILE B 304 -6.08 -54.11 2.13
C ILE B 304 -4.79 -54.43 1.38
N PRO B 305 -4.67 -55.61 0.80
CA PRO B 305 -3.47 -55.94 0.03
C PRO B 305 -3.58 -55.43 -1.39
N PRO B 306 -2.45 -55.14 -2.04
CA PRO B 306 -2.49 -54.62 -3.41
C PRO B 306 -2.68 -55.68 -4.49
N GLU B 307 -2.82 -56.95 -4.12
CA GLU B 307 -2.98 -58.01 -5.11
C GLU B 307 -4.36 -58.01 -5.74
N MET B 308 -5.35 -57.41 -5.09
CA MET B 308 -6.71 -57.44 -5.60
C MET B 308 -6.80 -56.73 -6.94
N ASP B 309 -7.49 -57.37 -7.89
CA ASP B 309 -7.72 -56.77 -9.19
C ASP B 309 -8.82 -55.72 -9.10
N ASN B 310 -8.90 -54.88 -10.14
CA ASN B 310 -9.85 -53.78 -10.14
C ASN B 310 -11.29 -54.27 -10.07
N GLU B 311 -11.61 -55.33 -10.81
CA GLU B 311 -12.99 -55.82 -10.87
C GLU B 311 -13.45 -56.33 -9.51
N CYS B 312 -12.58 -57.05 -8.80
CA CYS B 312 -12.99 -57.66 -7.53
C CYS B 312 -13.20 -56.63 -6.42
N VAL B 313 -12.65 -55.42 -6.58
CA VAL B 313 -12.75 -54.42 -5.51
C VAL B 313 -14.20 -53.95 -5.35
N ALA B 314 -14.94 -53.82 -6.45
CA ALA B 314 -16.28 -53.26 -6.37
C ALA B 314 -17.22 -54.16 -5.57
N GLN B 315 -17.17 -55.47 -5.81
CA GLN B 315 -18.06 -56.39 -5.12
C GLN B 315 -17.80 -56.37 -3.61
N THR B 316 -16.53 -56.49 -3.21
CA THR B 316 -16.21 -56.50 -1.80
C THR B 316 -16.50 -55.15 -1.15
N TRP B 317 -16.31 -54.06 -1.90
CA TRP B 317 -16.62 -52.74 -1.36
C TRP B 317 -18.11 -52.61 -1.07
N PHE B 318 -18.95 -53.00 -2.03
CA PHE B 318 -20.39 -52.93 -1.79
C PHE B 318 -20.81 -53.84 -0.65
N ARG B 319 -20.28 -55.07 -0.63
CA ARG B 319 -20.67 -56.02 0.41
C ARG B 319 -20.24 -55.56 1.79
N PHE B 320 -19.07 -54.92 1.89
CA PHE B 320 -18.65 -54.41 3.19
C PHE B 320 -19.40 -53.14 3.57
N LEU B 321 -19.77 -52.32 2.58
CA LEU B 321 -20.59 -51.15 2.87
C LEU B 321 -21.92 -51.56 3.46
N HIS B 322 -22.53 -52.62 2.93
CA HIS B 322 -23.77 -53.14 3.49
C HIS B 322 -23.55 -54.22 4.54
N MET B 323 -22.30 -54.47 4.94
CA MET B 323 -22.03 -55.50 5.94
C MET B 323 -22.72 -55.18 7.26
N LEU B 324 -22.51 -53.97 7.78
CA LEU B 324 -23.24 -53.53 8.95
C LEU B 324 -24.68 -53.21 8.54
N SER B 325 -25.60 -53.33 9.50
CA SER B 325 -26.99 -53.00 9.25
C SER B 325 -27.14 -51.50 9.03
N ASN B 326 -28.38 -51.07 8.83
CA ASN B 326 -28.65 -49.66 8.64
C ASN B 326 -28.14 -48.87 9.86
N PRO B 327 -27.25 -47.89 9.67
CA PRO B 327 -26.72 -47.15 10.83
C PRO B 327 -27.79 -46.39 11.59
N VAL B 328 -28.94 -46.14 10.97
CA VAL B 328 -30.06 -45.47 11.62
C VAL B 328 -30.56 -46.32 12.78
N ASP B 329 -30.34 -47.64 12.69
CA ASP B 329 -30.78 -48.54 13.76
C ASP B 329 -30.11 -48.19 15.08
N LEU B 330 -28.88 -47.69 15.02
CA LEU B 330 -28.18 -47.29 16.23
C LEU B 330 -28.92 -46.17 16.97
N SER B 331 -29.69 -45.36 16.25
CA SER B 331 -30.45 -44.30 16.90
C SER B 331 -31.50 -44.88 17.84
N ASN B 332 -32.15 -45.95 17.45
CA ASN B 332 -33.18 -46.57 18.26
C ASN B 332 -32.55 -47.39 19.37
N PRO B 333 -32.80 -47.07 20.65
CA PRO B 333 -32.22 -47.89 21.72
C PRO B 333 -32.93 -49.21 21.93
N ALA B 334 -34.24 -49.28 21.63
CA ALA B 334 -34.96 -50.53 21.81
C ALA B 334 -34.51 -51.59 20.81
N ILE B 335 -34.23 -51.20 19.57
CA ILE B 335 -33.82 -52.16 18.55
C ILE B 335 -32.49 -52.79 18.92
N ILE B 336 -31.54 -51.98 19.40
CA ILE B 336 -30.24 -52.52 19.80
C ILE B 336 -30.40 -53.48 20.97
N SER B 337 -31.22 -53.12 21.95
CA SER B 337 -31.45 -53.99 23.10
C SER B 337 -32.54 -55.02 22.82
N SER B 338 -32.42 -55.72 21.68
CA SER B 338 -33.38 -56.76 21.33
C SER B 338 -32.70 -57.98 20.72
N THR B 339 -31.40 -58.12 20.89
CA THR B 339 -30.69 -59.27 20.35
C THR B 339 -31.10 -60.55 21.09
N PRO B 340 -30.96 -61.71 20.44
CA PRO B 340 -31.31 -62.96 21.13
C PRO B 340 -30.57 -63.15 22.44
N LYS B 341 -29.30 -62.76 22.51
CA LYS B 341 -28.58 -62.81 23.77
C LYS B 341 -29.17 -61.82 24.78
N PHE B 342 -29.56 -60.63 24.31
CA PHE B 342 -30.21 -59.66 25.19
C PHE B 342 -31.55 -60.20 25.69
N GLN B 343 -32.31 -60.85 24.80
CA GLN B 343 -33.57 -61.46 25.22
C GLN B 343 -33.33 -62.54 26.26
N GLU B 344 -32.31 -63.37 26.06
CA GLU B 344 -31.91 -64.33 27.08
C GLU B 344 -31.43 -63.61 28.34
N GLN B 345 -30.67 -62.52 28.16
CA GLN B 345 -30.31 -61.68 29.29
C GLN B 345 -31.53 -61.04 29.93
N PHE B 346 -32.52 -60.66 29.12
CA PHE B 346 -33.75 -60.09 29.66
C PHE B 346 -34.46 -61.07 30.57
N LEU B 347 -34.33 -62.37 30.31
CA LEU B 347 -34.85 -63.38 31.23
C LEU B 347 -34.14 -63.29 32.58
N ASN B 348 -32.82 -63.08 32.55
CA ASN B 348 -32.04 -62.89 33.77
C ASN B 348 -32.21 -61.49 34.35
N VAL B 349 -32.78 -60.55 33.60
CA VAL B 349 -32.97 -59.19 34.09
C VAL B 349 -34.10 -59.19 35.12
N SER B 350 -33.76 -58.81 36.36
CA SER B 350 -34.76 -58.74 37.42
C SER B 350 -34.58 -57.52 38.31
N GLY B 351 -33.71 -56.59 37.95
CA GLY B 351 -33.44 -55.44 38.79
C GLY B 351 -34.28 -54.21 38.44
N MET B 352 -33.61 -53.16 38.00
CA MET B 352 -34.33 -51.94 37.64
C MET B 352 -35.23 -52.17 36.45
N PRO B 353 -36.45 -51.62 36.46
CA PRO B 353 -37.36 -51.83 35.32
C PRO B 353 -36.88 -51.21 34.02
N GLN B 354 -35.96 -50.23 34.09
CA GLN B 354 -35.49 -49.53 32.90
C GLN B 354 -34.30 -50.21 32.24
N GLU B 355 -34.08 -51.50 32.51
CA GLU B 355 -32.94 -52.19 31.91
C GLU B 355 -33.02 -52.24 30.39
N LEU B 356 -34.22 -52.09 29.83
CA LEU B 356 -34.35 -52.00 28.38
C LEU B 356 -33.66 -50.75 27.81
N ASN B 357 -33.43 -49.74 28.66
CA ASN B 357 -32.73 -48.53 28.24
C ASN B 357 -31.67 -48.07 29.24
N GLN B 358 -31.39 -48.88 30.27
CA GLN B 358 -30.38 -48.52 31.26
C GLN B 358 -29.39 -49.66 31.47
N TYR B 359 -29.08 -50.40 30.42
CA TYR B 359 -27.99 -51.35 30.49
C TYR B 359 -26.66 -50.61 30.59
N PRO B 360 -25.64 -51.23 31.17
CA PRO B 360 -24.33 -50.58 31.21
C PRO B 360 -23.76 -50.28 29.83
N CYS B 361 -24.05 -51.11 28.83
CA CYS B 361 -23.51 -50.94 27.49
C CYS B 361 -24.40 -50.10 26.59
N LEU B 362 -25.53 -49.62 27.08
CA LEU B 362 -26.40 -48.74 26.30
C LEU B 362 -26.13 -47.26 26.54
N LYS B 363 -25.11 -46.91 27.32
CA LYS B 363 -24.77 -45.51 27.53
C LYS B 363 -23.89 -44.93 26.44
N HIS B 364 -23.33 -45.76 25.56
CA HIS B 364 -22.43 -45.32 24.51
C HIS B 364 -23.13 -45.16 23.16
N LEU B 365 -24.45 -45.29 23.12
CA LEU B 365 -25.16 -45.22 21.84
C LEU B 365 -25.01 -43.87 21.14
N PRO B 366 -25.18 -42.72 21.80
CA PRO B 366 -25.03 -41.45 21.07
C PRO B 366 -23.66 -41.29 20.42
N GLN B 367 -22.60 -41.66 21.12
CA GLN B 367 -21.26 -41.51 20.56
C GLN B 367 -21.05 -42.44 19.37
N ILE B 368 -21.56 -43.68 19.47
CA ILE B 368 -21.44 -44.63 18.37
C ILE B 368 -22.20 -44.12 17.14
N PHE B 369 -23.42 -43.61 17.36
CA PHE B 369 -24.20 -43.09 16.25
C PHE B 369 -23.51 -41.89 15.61
N PHE B 370 -22.95 -41.00 16.43
CA PHE B 370 -22.22 -39.85 15.89
C PHE B 370 -21.00 -40.29 15.09
N ARG B 371 -20.29 -41.32 15.58
CA ARG B 371 -19.13 -41.81 14.85
C ARG B 371 -19.53 -42.42 13.51
N ALA B 372 -20.63 -43.18 13.49
CA ALA B 372 -21.09 -43.77 12.23
C ALA B 372 -21.50 -42.67 11.26
N MET B 373 -22.19 -41.64 11.75
CA MET B 373 -22.58 -40.53 10.88
C MET B 373 -21.37 -39.78 10.36
N ARG B 374 -20.35 -39.59 11.20
CA ARG B 374 -19.13 -38.94 10.74
C ARG B 374 -18.45 -39.77 9.66
N GLY B 375 -18.42 -41.09 9.84
CA GLY B 375 -17.83 -41.95 8.82
C GLY B 375 -18.56 -41.88 7.49
N ILE B 376 -19.89 -41.95 7.53
CA ILE B 376 -20.64 -41.88 6.28
C ILE B 376 -20.52 -40.50 5.64
N SER B 377 -20.44 -39.44 6.46
CA SER B 377 -20.23 -38.11 5.92
C SER B 377 -18.87 -38.00 5.23
N CYS B 378 -17.84 -38.60 5.84
CA CYS B 378 -16.53 -38.61 5.21
C CYS B 378 -16.56 -39.36 3.88
N LEU B 379 -17.29 -40.48 3.84
CA LEU B 379 -17.43 -41.21 2.59
C LEU B 379 -18.09 -40.34 1.52
N VAL B 380 -19.18 -39.65 1.89
CA VAL B 380 -19.89 -38.81 0.93
C VAL B 380 -19.00 -37.67 0.45
N ASP B 381 -18.24 -37.08 1.36
CA ASP B 381 -17.31 -36.02 0.98
C ASP B 381 -16.26 -36.53 0.01
N ALA B 382 -15.75 -37.73 0.24
CA ALA B 382 -14.78 -38.32 -0.68
C ALA B 382 -15.39 -38.53 -2.06
N PHE B 383 -16.62 -39.05 -2.10
CA PHE B 383 -17.28 -39.24 -3.40
C PHE B 383 -17.51 -37.90 -4.11
N LEU B 384 -17.95 -36.89 -3.37
CA LEU B 384 -18.33 -35.63 -4.01
C LEU B 384 -17.11 -34.88 -4.55
N GLY B 385 -16.03 -34.85 -3.78
CA GLY B 385 -14.83 -34.15 -4.21
C GLY B 385 -14.28 -33.22 -3.16
N ILE B 386 -15.00 -33.08 -2.06
CA ILE B 386 -14.57 -32.20 -0.95
C ILE B 386 -13.70 -33.08 -0.05
N SER B 387 -12.43 -33.21 -0.44
CA SER B 387 -11.51 -34.08 0.29
C SER B 387 -11.20 -33.51 1.67
N ARG B 388 -10.92 -32.21 1.75
CA ARG B 388 -10.61 -31.58 3.00
C ARG B 388 -11.87 -31.45 3.86
N PRO B 389 -11.72 -31.23 5.17
CA PRO B 389 -12.91 -31.09 6.03
C PRO B 389 -13.77 -29.91 5.60
N ARG B 390 -15.07 -30.04 5.87
CA ARG B 390 -16.07 -29.04 5.51
C ARG B 390 -16.13 -28.85 4.00
N GLU B 462 -11.70 -23.60 8.51
CA GLU B 462 -10.95 -24.26 7.45
C GLU B 462 -11.70 -24.20 6.13
N PRO B 463 -11.03 -23.69 5.09
CA PRO B 463 -11.69 -23.57 3.78
C PRO B 463 -11.98 -24.92 3.16
N ARG B 464 -13.04 -24.96 2.36
CA ARG B 464 -13.45 -26.16 1.64
C ARG B 464 -13.10 -26.03 0.17
N PRO B 465 -12.41 -27.00 -0.41
CA PRO B 465 -12.07 -26.91 -1.83
C PRO B 465 -13.30 -26.97 -2.72
N LEU B 466 -13.17 -26.41 -3.91
CA LEU B 466 -14.26 -26.45 -4.87
C LEU B 466 -14.52 -27.88 -5.32
N PRO B 467 -15.79 -28.23 -5.57
CA PRO B 467 -16.10 -29.59 -6.04
C PRO B 467 -15.42 -29.88 -7.37
N ALA B 468 -14.99 -31.13 -7.53
CA ALA B 468 -14.31 -31.53 -8.75
C ALA B 468 -15.27 -31.53 -9.93
N PRO B 469 -14.80 -31.16 -11.12
CA PRO B 469 -15.69 -31.17 -12.29
C PRO B 469 -16.15 -32.55 -12.71
N ARG B 470 -15.48 -33.61 -12.27
CA ARG B 470 -15.80 -34.97 -12.67
C ARG B 470 -16.69 -35.69 -11.67
N ARG B 471 -17.24 -34.97 -10.69
CA ARG B 471 -18.08 -35.59 -9.69
C ARG B 471 -19.35 -36.16 -10.33
N PRO B 472 -19.92 -37.21 -9.75
CA PRO B 472 -21.16 -37.77 -10.31
C PRO B 472 -22.34 -36.86 -10.06
N LYS B 473 -23.45 -37.17 -10.74
CA LYS B 473 -24.67 -36.39 -10.59
C LYS B 473 -25.21 -36.53 -9.17
N VAL B 474 -25.97 -35.51 -8.75
CA VAL B 474 -26.49 -35.50 -7.38
C VAL B 474 -27.50 -36.61 -7.16
N ASN B 475 -28.28 -36.97 -8.18
CA ASN B 475 -29.29 -38.00 -8.01
C ASN B 475 -28.65 -39.36 -7.71
N SER B 476 -27.52 -39.66 -8.37
CA SER B 476 -26.84 -40.92 -8.09
C SER B 476 -26.33 -40.98 -6.66
N ILE B 477 -25.77 -39.88 -6.17
CA ILE B 477 -25.30 -39.84 -4.78
C ILE B 477 -26.48 -40.01 -3.83
N LEU B 478 -27.62 -39.39 -4.15
CA LEU B 478 -28.81 -39.57 -3.32
C LEU B 478 -29.27 -41.02 -3.32
N ASN B 479 -29.26 -41.67 -4.48
CA ASN B 479 -29.63 -43.08 -4.54
C ASN B 479 -28.69 -43.93 -3.70
N LEU B 480 -27.40 -43.64 -3.75
CA LEU B 480 -26.41 -44.48 -3.08
C LEU B 480 -26.40 -44.28 -1.57
N PHE B 481 -26.58 -43.05 -1.09
CA PHE B 481 -26.36 -42.77 0.33
C PHE B 481 -27.52 -42.06 1.00
N GLY B 482 -28.27 -41.26 0.24
CA GLY B 482 -29.23 -40.35 0.84
C GLY B 482 -30.32 -41.03 1.64
N SER B 483 -30.65 -42.28 1.29
CA SER B 483 -31.66 -43.01 2.05
C SER B 483 -31.24 -43.14 3.51
N TRP B 484 -30.01 -43.58 3.74
CA TRP B 484 -29.48 -43.62 5.10
C TRP B 484 -29.44 -42.24 5.72
N LEU B 485 -29.00 -41.24 4.95
CA LEU B 485 -28.90 -39.88 5.48
C LEU B 485 -30.28 -39.33 5.82
N PHE B 486 -31.26 -39.52 4.92
CA PHE B 486 -32.60 -39.02 5.18
C PHE B 486 -33.21 -39.70 6.39
N ASP B 487 -33.06 -41.02 6.49
CA ASP B 487 -33.62 -41.74 7.63
C ASP B 487 -32.96 -41.29 8.93
N ALA B 488 -31.63 -41.11 8.91
CA ALA B 488 -30.92 -40.69 10.12
C ALA B 488 -31.34 -39.28 10.54
N ALA B 489 -31.54 -38.39 9.58
CA ALA B 489 -31.98 -37.04 9.91
C ALA B 489 -33.39 -37.06 10.50
N PHE B 490 -34.31 -37.77 9.85
CA PHE B 490 -35.71 -37.70 10.26
C PHE B 490 -35.98 -38.49 11.54
N VAL B 491 -35.19 -39.52 11.82
CA VAL B 491 -35.45 -40.32 13.01
C VAL B 491 -35.19 -39.50 14.27
N HIS B 492 -34.19 -38.62 14.23
CA HIS B 492 -33.98 -37.70 15.34
C HIS B 492 -34.75 -36.41 15.18
N CYS B 493 -35.23 -36.10 13.97
CA CYS B 493 -36.20 -35.02 13.82
C CYS B 493 -37.47 -35.34 14.59
N LYS B 494 -37.94 -36.58 14.50
CA LYS B 494 -39.05 -37.02 15.33
C LYS B 494 -38.64 -37.18 16.79
N LEU B 495 -37.34 -37.28 17.07
CA LEU B 495 -36.85 -37.42 18.43
C LEU B 495 -36.20 -36.12 18.91
N ASP B 541 -32.90 -33.82 23.03
CA ASP B 541 -31.49 -33.51 22.96
C ASP B 541 -30.65 -34.68 23.49
N ASN B 542 -30.73 -35.81 22.80
CA ASN B 542 -30.00 -37.01 23.18
C ASN B 542 -28.98 -37.43 22.13
N TYR B 543 -29.38 -37.55 20.88
CA TYR B 543 -28.51 -37.93 19.78
C TYR B 543 -28.33 -36.76 18.80
N GLU B 544 -28.17 -35.55 19.34
CA GLU B 544 -28.17 -34.35 18.49
C GLU B 544 -26.98 -34.31 17.56
N ALA B 545 -25.84 -34.89 17.95
CA ALA B 545 -24.66 -34.83 17.09
C ALA B 545 -24.90 -35.57 15.78
N GLY B 546 -25.48 -36.77 15.86
CA GLY B 546 -25.79 -37.50 14.65
C GLY B 546 -26.79 -36.78 13.76
N ARG B 547 -27.83 -36.22 14.37
CA ARG B 547 -28.82 -35.47 13.59
C ARG B 547 -28.19 -34.27 12.90
N ALA B 548 -27.30 -33.56 13.62
CA ALA B 548 -26.63 -32.42 13.01
C ALA B 548 -25.75 -32.84 11.85
N GLU B 549 -24.97 -33.91 12.02
CA GLU B 549 -24.13 -34.41 10.92
C GLU B 549 -24.98 -34.88 9.75
N ALA B 550 -26.20 -35.35 10.01
CA ALA B 550 -27.05 -35.87 8.95
C ALA B 550 -27.32 -34.81 7.90
N CYS B 551 -27.82 -33.64 8.29
CA CYS B 551 -27.96 -32.64 7.23
C CYS B 551 -26.67 -31.85 7.04
N GLY B 552 -25.66 -32.02 7.87
CA GLY B 552 -24.37 -31.52 7.46
C GLY B 552 -24.11 -32.10 6.08
N THR B 553 -24.16 -33.43 6.02
CA THR B 553 -23.98 -34.13 4.75
C THR B 553 -25.04 -33.74 3.73
N LEU B 554 -26.32 -33.80 4.11
CA LEU B 554 -27.40 -33.54 3.15
C LEU B 554 -27.34 -32.10 2.64
N CYS B 555 -27.53 -31.14 3.54
CA CYS B 555 -27.38 -29.70 3.31
C CYS B 555 -26.19 -29.42 2.39
N ARG B 556 -25.06 -30.12 2.58
CA ARG B 556 -23.90 -29.89 1.73
C ARG B 556 -24.06 -30.55 0.35
N ILE B 557 -24.79 -31.66 0.27
CA ILE B 557 -24.89 -32.38 -1.01
C ILE B 557 -25.60 -31.53 -2.05
N PHE B 558 -26.74 -30.93 -1.68
CA PHE B 558 -27.55 -30.21 -2.64
C PHE B 558 -26.87 -28.95 -3.15
N CYS B 559 -26.05 -28.31 -2.31
CA CYS B 559 -25.37 -27.08 -2.72
C CYS B 559 -24.28 -27.32 -3.74
N SER B 560 -23.92 -28.58 -4.00
CA SER B 560 -22.87 -28.91 -4.95
C SER B 560 -23.41 -29.31 -6.31
N LYS B 561 -24.69 -29.09 -6.57
CA LYS B 561 -25.28 -29.51 -7.84
C LYS B 561 -24.70 -28.69 -8.99
N LYS B 562 -24.50 -29.35 -10.12
CA LYS B 562 -24.05 -28.66 -11.32
C LYS B 562 -25.17 -27.78 -11.87
N THR B 563 -24.77 -26.70 -12.53
CA THR B 563 -25.76 -25.78 -13.09
C THR B 563 -26.56 -26.46 -14.19
N GLY B 564 -27.85 -26.17 -14.23
CA GLY B 564 -28.73 -26.79 -15.22
C GLY B 564 -28.81 -28.29 -15.12
N GLU B 565 -28.87 -28.82 -13.89
CA GLU B 565 -28.92 -30.25 -13.65
C GLU B 565 -30.27 -30.61 -13.04
N GLU B 566 -30.95 -31.57 -13.65
CA GLU B 566 -32.26 -31.98 -13.16
C GLU B 566 -32.12 -32.84 -11.91
N ILE B 567 -33.03 -32.63 -10.96
CA ILE B 567 -33.09 -33.39 -9.73
C ILE B 567 -34.48 -33.99 -9.60
N LEU B 568 -34.55 -35.24 -9.20
CA LEU B 568 -35.84 -35.91 -9.05
C LEU B 568 -36.67 -35.18 -7.99
N PRO B 569 -37.92 -34.84 -8.29
CA PRO B 569 -38.69 -33.97 -7.37
C PRO B 569 -38.91 -34.59 -5.99
N ALA B 570 -38.89 -35.92 -5.87
CA ALA B 570 -39.07 -36.53 -4.56
C ALA B 570 -37.94 -36.14 -3.62
N TYR B 571 -36.70 -36.15 -4.12
CA TYR B 571 -35.57 -35.75 -3.29
C TYR B 571 -35.69 -34.28 -2.88
N LEU B 572 -36.12 -33.42 -3.80
CA LEU B 572 -36.30 -32.01 -3.46
C LEU B 572 -37.38 -31.84 -2.40
N SER B 573 -38.47 -32.58 -2.51
CA SER B 573 -39.53 -32.51 -1.51
C SER B 573 -39.03 -32.95 -0.13
N ARG B 574 -38.28 -34.05 -0.10
CA ARG B 574 -37.74 -34.52 1.18
C ARG B 574 -36.78 -33.50 1.77
N PHE B 575 -35.92 -32.91 0.94
CA PHE B 575 -34.97 -31.93 1.44
C PHE B 575 -35.67 -30.68 1.95
N TYR B 576 -36.71 -30.22 1.26
CA TYR B 576 -37.45 -29.06 1.72
C TYR B 576 -38.16 -29.35 3.03
N MET B 577 -38.73 -30.56 3.16
CA MET B 577 -39.36 -30.93 4.42
C MET B 577 -38.34 -30.95 5.56
N LEU B 578 -37.14 -31.48 5.29
CA LEU B 578 -36.09 -31.49 6.30
C LEU B 578 -35.71 -30.07 6.70
N LEU B 579 -35.57 -29.17 5.72
CA LEU B 579 -35.21 -27.79 6.02
C LEU B 579 -36.29 -27.10 6.85
N ILE B 580 -37.56 -27.34 6.51
CA ILE B 580 -38.65 -26.77 7.30
C ILE B 580 -38.63 -27.30 8.72
N GLN B 581 -38.43 -28.61 8.88
CA GLN B 581 -38.40 -29.19 10.22
C GLN B 581 -37.25 -28.65 11.04
N GLY B 582 -36.07 -28.49 10.43
CA GLY B 582 -34.91 -28.05 11.18
C GLY B 582 -35.03 -26.63 11.69
N LEU B 583 -35.57 -25.73 10.87
CA LEU B 583 -35.64 -24.31 11.20
C LEU B 583 -36.91 -24.04 12.00
N GLN B 584 -36.83 -24.33 13.30
CA GLN B 584 -37.93 -24.06 14.23
C GLN B 584 -37.36 -23.43 15.48
N ILE B 585 -38.09 -22.45 16.02
CA ILE B 585 -37.60 -21.67 17.15
C ILE B 585 -38.55 -21.70 18.35
N ASN B 586 -39.86 -21.92 18.15
CA ASN B 586 -40.81 -21.75 19.24
C ASN B 586 -40.53 -22.71 20.39
N ASP B 587 -40.73 -24.01 20.16
CA ASP B 587 -40.49 -24.99 21.21
C ASP B 587 -39.64 -26.14 20.69
N TYR B 588 -39.76 -26.44 19.40
CA TYR B 588 -39.00 -27.53 18.78
C TYR B 588 -37.71 -26.99 18.16
N VAL B 589 -36.90 -26.36 19.01
CA VAL B 589 -35.65 -25.76 18.60
C VAL B 589 -34.50 -26.62 19.11
N CYS B 590 -33.59 -26.97 18.22
CA CYS B 590 -32.37 -27.70 18.58
C CYS B 590 -31.20 -26.91 18.01
N HIS B 591 -30.38 -26.34 18.89
CA HIS B 591 -29.28 -25.49 18.46
C HIS B 591 -28.28 -26.19 17.55
N PRO B 592 -27.81 -27.41 17.84
CA PRO B 592 -26.80 -28.00 16.95
C PRO B 592 -27.28 -28.22 15.53
N VAL B 593 -28.49 -28.75 15.33
CA VAL B 593 -28.95 -29.02 13.97
C VAL B 593 -29.22 -27.71 13.23
N LEU B 594 -29.76 -26.72 13.93
CA LEU B 594 -29.99 -25.42 13.31
C LEU B 594 -28.68 -24.79 12.87
N ALA B 595 -27.67 -24.82 13.74
CA ALA B 595 -26.37 -24.26 13.39
C ALA B 595 -25.76 -25.01 12.22
N SER B 596 -25.86 -26.33 12.22
CA SER B 596 -25.31 -27.10 11.11
C SER B 596 -26.00 -26.78 9.79
N VAL B 597 -27.33 -26.66 9.82
CA VAL B 597 -28.07 -26.36 8.60
C VAL B 597 -27.70 -24.98 8.08
N ILE B 598 -27.60 -23.99 8.98
CA ILE B 598 -27.22 -22.64 8.56
C ILE B 598 -25.81 -22.64 7.98
N LEU B 599 -24.88 -23.34 8.64
CA LEU B 599 -23.48 -23.24 8.26
C LEU B 599 -23.19 -24.00 6.98
N ASN B 600 -23.81 -25.17 6.79
CA ASN B 600 -23.43 -26.05 5.69
C ASN B 600 -23.92 -25.58 4.33
N SER B 601 -24.89 -24.67 4.27
CA SER B 601 -25.52 -24.27 3.01
C SER B 601 -25.54 -22.76 2.84
N PRO B 602 -24.39 -22.14 2.57
CA PRO B 602 -24.39 -20.74 2.13
C PRO B 602 -25.02 -20.57 0.76
N PRO B 603 -24.60 -21.34 -0.27
CA PRO B 603 -25.10 -21.04 -1.62
C PRO B 603 -26.46 -21.66 -1.90
N LEU B 604 -27.17 -22.06 -0.84
CA LEU B 604 -28.43 -22.79 -1.00
C LEU B 604 -29.39 -22.04 -1.92
N PHE B 605 -29.63 -20.76 -1.64
CA PHE B 605 -30.55 -20.00 -2.48
C PHE B 605 -29.94 -19.62 -3.83
N CYS B 606 -28.62 -19.54 -3.92
CA CYS B 606 -27.96 -19.13 -5.14
C CYS B 606 -27.87 -20.25 -6.18
N CYS B 607 -28.14 -21.50 -5.79
CA CYS B 607 -28.04 -22.63 -6.69
C CYS B 607 -29.31 -22.84 -7.52
N ASP B 608 -30.19 -21.84 -7.57
CA ASP B 608 -31.44 -21.87 -8.32
C ASP B 608 -32.15 -23.22 -8.21
N LEU B 609 -32.30 -23.69 -6.97
CA LEU B 609 -33.08 -24.89 -6.71
C LEU B 609 -34.55 -24.65 -7.04
N LYS B 610 -35.17 -25.64 -7.66
CA LYS B 610 -36.57 -25.51 -8.08
C LYS B 610 -37.46 -25.46 -6.85
N GLY B 611 -38.19 -24.36 -6.67
CA GLY B 611 -39.12 -24.21 -5.58
C GLY B 611 -38.50 -23.92 -4.23
N ILE B 612 -37.20 -23.59 -4.19
CA ILE B 612 -36.54 -23.31 -2.92
C ILE B 612 -37.14 -22.09 -2.24
N ASP B 613 -37.79 -21.21 -2.99
CA ASP B 613 -38.33 -19.97 -2.44
C ASP B 613 -39.49 -20.19 -1.48
N VAL B 614 -40.02 -21.42 -1.39
CA VAL B 614 -41.11 -21.68 -0.47
C VAL B 614 -40.63 -21.57 0.97
N VAL B 615 -39.39 -21.98 1.24
CA VAL B 615 -38.88 -22.06 2.61
C VAL B 615 -38.30 -20.71 3.01
N VAL B 616 -38.48 -19.69 2.17
CA VAL B 616 -37.91 -18.37 2.46
C VAL B 616 -38.43 -17.79 3.77
N PRO B 617 -39.74 -17.76 4.05
CA PRO B 617 -40.19 -17.18 5.33
C PRO B 617 -39.59 -17.87 6.54
N TYR B 618 -39.39 -19.18 6.49
CA TYR B 618 -38.79 -19.88 7.61
C TYR B 618 -37.35 -19.43 7.84
N PHE B 619 -36.59 -19.26 6.76
CA PHE B 619 -35.23 -18.74 6.90
C PHE B 619 -35.23 -17.32 7.44
N ILE B 620 -36.16 -16.49 6.98
CA ILE B 620 -36.25 -15.12 7.49
C ILE B 620 -36.53 -15.13 8.97
N SER B 621 -37.46 -15.98 9.41
CA SER B 621 -37.77 -16.08 10.84
C SER B 621 -36.57 -16.59 11.63
N ALA B 622 -35.82 -17.55 11.06
CA ALA B 622 -34.68 -18.11 11.76
C ALA B 622 -33.58 -17.06 11.96
N LEU B 623 -33.30 -16.25 10.95
CA LEU B 623 -32.22 -15.28 11.04
C LEU B 623 -32.51 -14.19 12.06
N GLU B 624 -33.77 -13.90 12.34
CA GLU B 624 -34.12 -12.86 13.30
C GLU B 624 -33.70 -13.20 14.73
N THR B 625 -33.36 -14.46 15.00
CA THR B 625 -33.00 -14.89 16.35
C THR B 625 -31.51 -15.17 16.50
N ILE B 626 -30.71 -14.88 15.47
CA ILE B 626 -29.27 -15.16 15.53
C ILE B 626 -28.47 -13.88 15.30
N LEU B 627 -28.83 -13.12 14.27
CA LEU B 627 -28.10 -11.88 13.98
C LEU B 627 -28.22 -10.85 15.08
N PRO B 628 -29.41 -10.53 15.61
CA PRO B 628 -29.47 -9.55 16.71
C PRO B 628 -28.76 -9.98 17.97
N ASP B 629 -28.49 -11.27 18.15
CA ASP B 629 -27.79 -11.74 19.33
C ASP B 629 -26.37 -11.20 19.37
N ARG B 630 -25.91 -10.92 20.58
CA ARG B 630 -24.60 -10.28 20.75
C ARG B 630 -23.46 -11.29 20.67
N GLU B 631 -23.46 -12.29 21.55
CA GLU B 631 -22.36 -13.23 21.65
C GLU B 631 -22.74 -14.66 21.28
N LEU B 632 -24.03 -14.95 21.09
CA LEU B 632 -24.51 -16.29 20.74
C LEU B 632 -24.06 -17.31 21.79
N SER B 633 -24.56 -17.12 23.02
CA SER B 633 -24.19 -18.00 24.12
C SER B 633 -24.64 -19.44 23.86
N LYS B 634 -25.83 -19.61 23.30
CA LYS B 634 -26.35 -20.95 23.08
C LYS B 634 -25.54 -21.72 22.04
N PHE B 635 -25.13 -21.05 20.96
CA PHE B 635 -24.42 -21.70 19.87
C PHE B 635 -22.92 -21.71 20.04
N LYS B 636 -22.38 -21.06 21.08
CA LYS B 636 -20.93 -20.96 21.21
C LYS B 636 -20.29 -22.28 21.61
N SER B 637 -21.07 -23.24 22.11
CA SER B 637 -20.54 -24.53 22.52
C SER B 637 -20.61 -25.57 21.41
N TYR B 638 -21.09 -25.22 20.23
CA TYR B 638 -21.21 -26.16 19.13
C TYR B 638 -20.43 -25.73 17.90
N VAL B 639 -20.47 -24.45 17.53
CA VAL B 639 -19.77 -23.95 16.37
C VAL B 639 -19.08 -22.64 16.72
N ASN B 640 -18.12 -22.25 15.89
CA ASN B 640 -17.41 -21.00 16.09
C ASN B 640 -18.35 -19.82 15.79
N PRO B 641 -18.52 -18.88 16.72
CA PRO B 641 -19.49 -17.80 16.48
C PRO B 641 -19.20 -16.96 15.25
N THR B 642 -17.92 -16.72 14.95
CA THR B 642 -17.60 -15.89 13.80
C THR B 642 -17.99 -16.58 12.48
N GLU B 643 -17.70 -17.88 12.36
CA GLU B 643 -18.07 -18.59 11.15
C GLU B 643 -19.59 -18.67 11.00
N LEU B 644 -20.30 -18.89 12.11
CA LEU B 644 -21.76 -18.90 12.06
C LEU B 644 -22.31 -17.54 11.63
N ARG B 645 -21.72 -16.47 12.15
CA ARG B 645 -22.15 -15.13 11.75
C ARG B 645 -21.87 -14.89 10.28
N ARG B 646 -20.73 -15.35 9.78
CA ARG B 646 -20.42 -15.21 8.37
C ARG B 646 -21.42 -15.96 7.50
N SER B 647 -21.78 -17.17 7.90
CA SER B 647 -22.76 -17.94 7.13
C SER B 647 -24.13 -17.27 7.17
N SER B 648 -24.52 -16.73 8.32
CA SER B 648 -25.79 -16.01 8.41
C SER B 648 -25.79 -14.79 7.52
N ILE B 649 -24.69 -14.05 7.50
CA ILE B 649 -24.59 -12.87 6.63
C ILE B 649 -24.66 -13.28 5.16
N ASN B 650 -24.00 -14.37 4.80
CA ASN B 650 -24.06 -14.86 3.42
C ASN B 650 -25.49 -15.24 3.04
N ILE B 651 -26.22 -15.88 3.95
CA ILE B 651 -27.60 -16.25 3.68
C ILE B 651 -28.47 -15.02 3.52
N LEU B 652 -28.34 -14.05 4.44
CA LEU B 652 -29.17 -12.86 4.39
C LEU B 652 -28.89 -12.04 3.14
N LEU B 653 -27.61 -11.89 2.79
CA LEU B 653 -27.23 -11.09 1.64
C LEU B 653 -27.74 -11.68 0.33
N SER B 654 -28.04 -12.98 0.30
CA SER B 654 -28.59 -13.62 -0.87
C SER B 654 -30.11 -13.50 -0.95
N LEU B 655 -30.74 -12.87 0.02
CA LEU B 655 -32.19 -12.71 0.02
C LEU B 655 -32.66 -11.26 -0.10
N LEU B 656 -31.76 -10.29 0.01
CA LEU B 656 -32.17 -8.90 -0.12
C LEU B 656 -32.79 -8.55 -1.46
N PRO B 657 -32.26 -8.97 -2.61
CA PRO B 657 -32.93 -8.61 -3.88
C PRO B 657 -34.31 -9.21 -4.07
N LEU B 658 -34.67 -10.25 -3.32
CA LEU B 658 -35.92 -10.95 -3.58
C LEU B 658 -37.15 -10.06 -3.50
N PRO B 659 -37.34 -9.23 -2.46
CA PRO B 659 -38.56 -8.39 -2.44
C PRO B 659 -38.70 -7.48 -3.64
N HIS B 660 -37.70 -6.64 -3.90
CA HIS B 660 -37.81 -5.70 -5.02
C HIS B 660 -37.87 -6.42 -6.36
N HIS B 661 -37.29 -7.61 -6.45
CA HIS B 661 -37.34 -8.34 -7.72
C HIS B 661 -38.72 -8.94 -7.95
N PHE B 662 -39.37 -9.45 -6.89
CA PHE B 662 -40.68 -10.07 -7.02
C PHE B 662 -41.81 -9.13 -6.64
N GLY B 663 -41.76 -8.58 -5.43
CA GLY B 663 -42.75 -7.61 -5.01
C GLY B 663 -44.07 -8.22 -4.58
N THR B 664 -45.09 -8.09 -5.42
CA THR B 664 -46.43 -8.55 -5.09
C THR B 664 -46.67 -10.03 -5.37
N VAL B 665 -45.66 -10.74 -5.88
CA VAL B 665 -45.85 -12.15 -6.20
C VAL B 665 -46.06 -12.95 -4.91
N LYS B 666 -47.11 -13.75 -4.90
CA LYS B 666 -47.44 -14.56 -3.74
C LYS B 666 -46.45 -15.69 -3.57
N SER B 667 -46.25 -16.10 -2.31
CA SER B 667 -45.43 -17.24 -1.97
C SER B 667 -46.29 -18.30 -1.30
N GLU B 668 -46.25 -19.52 -1.83
CA GLU B 668 -47.09 -20.59 -1.30
C GLU B 668 -46.70 -20.92 0.13
N VAL B 669 -47.70 -21.32 0.92
CA VAL B 669 -47.51 -21.71 2.31
C VAL B 669 -47.91 -23.18 2.45
N VAL B 670 -47.11 -23.95 3.16
CA VAL B 670 -47.38 -25.35 3.42
C VAL B 670 -47.74 -25.48 4.90
N LEU B 671 -49.03 -25.65 5.17
CA LEU B 671 -49.54 -25.72 6.54
C LEU B 671 -49.94 -27.16 6.82
N GLU B 672 -49.01 -27.92 7.40
CA GLU B 672 -49.25 -29.31 7.77
C GLU B 672 -49.26 -29.50 9.28
N GLY B 673 -49.36 -28.41 10.02
CA GLY B 673 -49.34 -28.44 11.47
C GLY B 673 -48.76 -27.15 12.02
N LYS B 674 -48.18 -27.25 13.21
CA LYS B 674 -47.55 -26.11 13.87
C LYS B 674 -46.09 -25.97 13.43
N PHE B 675 -45.93 -25.79 12.11
CA PHE B 675 -44.61 -25.58 11.52
C PHE B 675 -44.29 -24.10 11.33
N SER B 676 -45.27 -23.29 10.97
CA SER B 676 -45.04 -21.87 10.78
C SER B 676 -44.77 -21.19 12.12
N ASN B 677 -43.81 -20.26 12.10
CA ASN B 677 -43.42 -19.57 13.32
C ASN B 677 -44.21 -18.28 13.55
N ASP B 678 -44.76 -17.69 12.49
CA ASP B 678 -45.49 -16.43 12.62
C ASP B 678 -46.76 -16.63 13.44
N ASP B 679 -47.15 -15.59 14.15
CA ASP B 679 -48.36 -15.59 14.97
C ASP B 679 -49.29 -14.45 14.56
N SER B 680 -49.40 -14.22 13.25
CA SER B 680 -50.25 -13.17 12.71
C SER B 680 -51.63 -13.68 12.31
N SER B 681 -51.92 -14.96 12.58
CA SER B 681 -53.20 -15.57 12.23
C SER B 681 -53.50 -15.43 10.74
N SER B 682 -52.47 -15.60 9.91
CA SER B 682 -52.59 -15.54 8.46
C SER B 682 -51.92 -16.75 7.82
N TYR B 683 -52.04 -17.90 8.46
CA TYR B 683 -51.40 -19.11 7.94
C TYR B 683 -51.98 -19.51 6.59
N ASP B 684 -53.30 -19.39 6.43
CA ASP B 684 -53.96 -19.70 5.17
C ASP B 684 -53.97 -18.47 4.25
N LYS B 685 -52.80 -17.90 4.02
CA LYS B 685 -52.66 -16.72 3.17
C LYS B 685 -51.24 -16.64 2.62
N PRO B 686 -51.08 -16.69 1.30
CA PRO B 686 -49.73 -16.53 0.72
C PRO B 686 -49.16 -15.14 1.02
N ILE B 687 -48.04 -15.13 1.73
CA ILE B 687 -47.42 -13.88 2.16
C ILE B 687 -46.61 -13.30 1.01
N THR B 688 -46.84 -12.02 0.71
CA THR B 688 -46.07 -11.34 -0.31
C THR B 688 -44.78 -10.78 0.28
N PHE B 689 -43.78 -10.57 -0.59
CA PHE B 689 -42.45 -10.16 -0.15
C PHE B 689 -42.41 -8.73 0.37
N LEU B 690 -43.45 -7.93 0.13
CA LEU B 690 -43.43 -6.55 0.59
C LEU B 690 -43.36 -6.48 2.10
N SER B 691 -44.08 -7.36 2.80
CA SER B 691 -43.98 -7.40 4.25
C SER B 691 -42.61 -7.91 4.70
N LEU B 692 -41.98 -8.78 3.90
CA LEU B 692 -40.67 -9.31 4.24
C LEU B 692 -39.56 -8.29 4.04
N LYS B 693 -39.80 -7.27 3.21
CA LYS B 693 -38.77 -6.25 2.99
C LYS B 693 -38.43 -5.52 4.27
N LEU B 694 -39.44 -5.17 5.07
CA LEU B 694 -39.20 -4.48 6.33
C LEU B 694 -38.39 -5.36 7.29
N ARG B 695 -38.74 -6.65 7.37
CA ARG B 695 -38.00 -7.57 8.23
C ARG B 695 -36.54 -7.67 7.78
N LEU B 696 -36.32 -7.78 6.47
CA LEU B 696 -34.96 -7.86 5.96
C LEU B 696 -34.16 -6.62 6.31
N VAL B 697 -34.75 -5.43 6.12
CA VAL B 697 -34.03 -4.20 6.42
C VAL B 697 -33.72 -4.12 7.90
N ASN B 698 -34.69 -4.48 8.75
CA ASN B 698 -34.47 -4.40 10.19
C ASN B 698 -33.36 -5.35 10.64
N ILE B 699 -33.36 -6.58 10.13
CA ILE B 699 -32.33 -7.52 10.55
C ILE B 699 -30.96 -7.10 10.02
N LEU B 700 -30.91 -6.52 8.81
CA LEU B 700 -29.63 -6.03 8.30
C LEU B 700 -29.10 -4.90 9.16
N ILE B 701 -29.98 -3.98 9.58
CA ILE B 701 -29.56 -2.88 10.44
C ILE B 701 -29.06 -3.42 11.78
N GLY B 702 -29.77 -4.38 12.36
CA GLY B 702 -29.33 -4.98 13.60
C GLY B 702 -27.99 -5.67 13.48
N ALA B 703 -27.78 -6.39 12.37
CA ALA B 703 -26.50 -7.06 12.14
C ALA B 703 -25.37 -6.05 12.01
N LEU B 704 -25.63 -4.93 11.32
CA LEU B 704 -24.63 -3.88 11.25
C LEU B 704 -24.32 -3.32 12.63
N GLN B 705 -25.35 -3.11 13.45
CA GLN B 705 -25.14 -2.53 14.78
C GLN B 705 -24.33 -3.46 15.68
N THR B 706 -24.60 -4.76 15.61
CA THR B 706 -24.01 -5.70 16.56
C THR B 706 -22.71 -6.34 16.08
N GLU B 707 -22.21 -5.98 14.90
CA GLU B 707 -21.06 -6.68 14.35
C GLU B 707 -19.75 -6.07 14.85
N THR B 708 -18.75 -6.94 14.99
CA THR B 708 -17.40 -6.53 15.38
C THR B 708 -16.29 -7.07 14.47
N ASP B 709 -16.54 -8.13 13.73
CA ASP B 709 -15.52 -8.67 12.83
C ASP B 709 -15.32 -7.76 11.63
N PRO B 710 -14.10 -7.63 11.11
CA PRO B 710 -13.87 -6.77 9.95
C PRO B 710 -14.57 -7.23 8.67
N ASN B 711 -14.36 -8.49 8.30
CA ASN B 711 -14.90 -8.99 7.04
C ASN B 711 -16.43 -8.98 7.04
N ASN B 712 -17.03 -9.36 8.16
CA ASN B 712 -18.49 -9.31 8.28
C ASN B 712 -18.99 -7.87 8.12
N THR B 713 -18.30 -6.92 8.74
CA THR B 713 -18.70 -5.52 8.62
C THR B 713 -18.60 -5.04 7.18
N GLN B 714 -17.53 -5.42 6.48
CA GLN B 714 -17.40 -5.03 5.08
C GLN B 714 -18.52 -5.61 4.23
N MET B 715 -18.86 -6.88 4.46
CA MET B 715 -19.96 -7.49 3.70
C MET B 715 -21.27 -6.79 3.99
N ILE B 716 -21.51 -6.45 5.26
CA ILE B 716 -22.74 -5.75 5.62
C ILE B 716 -22.82 -4.39 4.95
N LEU B 717 -21.69 -3.66 4.93
CA LEU B 717 -21.69 -2.35 4.28
C LEU B 717 -21.98 -2.47 2.78
N GLY B 718 -21.37 -3.47 2.12
CA GLY B 718 -21.68 -3.68 0.72
C GLY B 718 -23.15 -3.99 0.48
N ALA B 719 -23.73 -4.84 1.33
CA ALA B 719 -25.15 -5.15 1.20
C ALA B 719 -26.01 -3.92 1.40
N MET B 720 -25.65 -3.07 2.37
CA MET B 720 -26.41 -1.85 2.60
C MET B 720 -26.36 -0.93 1.39
N LEU B 721 -25.18 -0.77 0.79
CA LEU B 721 -25.08 0.05 -0.40
C LEU B 721 -25.95 -0.51 -1.51
N ASN B 722 -25.91 -1.83 -1.71
CA ASN B 722 -26.70 -2.44 -2.78
C ASN B 722 -28.18 -2.22 -2.57
N ILE B 723 -28.67 -2.44 -1.35
CA ILE B 723 -30.10 -2.34 -1.11
C ILE B 723 -30.56 -0.88 -1.22
N VAL B 724 -29.74 0.06 -0.73
CA VAL B 724 -30.11 1.47 -0.84
C VAL B 724 -30.19 1.89 -2.29
N GLN B 725 -29.20 1.50 -3.09
CA GLN B 725 -29.21 1.87 -4.51
C GLN B 725 -30.40 1.25 -5.23
N ASP B 726 -30.70 -0.02 -4.94
CA ASP B 726 -31.81 -0.68 -5.62
C ASP B 726 -33.13 -0.01 -5.27
N SER B 727 -33.36 0.27 -3.98
CA SER B 727 -34.60 0.93 -3.59
C SER B 727 -34.71 2.32 -4.20
N ALA B 728 -33.60 3.07 -4.22
CA ALA B 728 -33.63 4.41 -4.80
C ALA B 728 -33.97 4.37 -6.28
N LEU B 729 -33.35 3.46 -7.03
CA LEU B 729 -33.63 3.40 -8.46
C LEU B 729 -35.05 2.92 -8.72
N LEU B 730 -35.54 1.98 -7.90
CA LEU B 730 -36.92 1.52 -8.05
C LEU B 730 -37.91 2.65 -7.81
N GLU B 731 -37.67 3.46 -6.77
CA GLU B 731 -38.57 4.58 -6.50
C GLU B 731 -38.48 5.63 -7.61
N ALA B 732 -37.28 5.90 -8.11
CA ALA B 732 -37.12 6.89 -9.17
C ALA B 732 -37.82 6.44 -10.45
N ILE B 733 -37.71 5.16 -10.80
CA ILE B 733 -38.38 4.68 -12.01
C ILE B 733 -39.88 4.49 -11.81
N GLY B 734 -40.35 4.50 -10.57
CA GLY B 734 -41.77 4.33 -10.29
C GLY B 734 -42.47 5.63 -9.96
N LEU B 784 -43.84 3.89 8.21
CA LEU B 784 -42.65 4.24 8.99
C LEU B 784 -41.54 4.75 8.08
N ASN B 785 -41.78 4.68 6.77
CA ASN B 785 -40.91 5.20 5.72
C ASN B 785 -39.52 4.55 5.71
N THR B 786 -39.32 3.47 6.47
CA THR B 786 -38.06 2.75 6.37
C THR B 786 -37.92 2.09 5.02
N ASP B 787 -39.02 1.57 4.46
CA ASP B 787 -39.00 1.04 3.11
C ASP B 787 -38.78 2.12 2.06
N SER B 788 -39.09 3.38 2.38
CA SER B 788 -38.87 4.46 1.45
C SER B 788 -37.38 4.71 1.24
N ALA B 789 -37.02 5.08 0.01
CA ALA B 789 -35.61 5.25 -0.33
C ALA B 789 -34.97 6.37 0.48
N ALA B 790 -35.67 7.50 0.64
CA ALA B 790 -35.09 8.64 1.34
C ALA B 790 -34.82 8.31 2.80
N GLY B 791 -35.80 7.74 3.49
CA GLY B 791 -35.61 7.40 4.90
C GLY B 791 -34.53 6.34 5.08
N LEU B 792 -34.50 5.35 4.20
CA LEU B 792 -33.47 4.31 4.28
C LEU B 792 -32.08 4.91 4.09
N LEU B 793 -31.93 5.82 3.12
CA LEU B 793 -30.65 6.47 2.91
C LEU B 793 -30.25 7.32 4.12
N ILE B 794 -31.21 8.04 4.69
CA ILE B 794 -30.92 8.86 5.87
C ILE B 794 -30.44 7.99 7.01
N ARG B 795 -31.15 6.89 7.27
CA ARG B 795 -30.77 6.00 8.37
C ARG B 795 -29.41 5.36 8.12
N SER B 796 -29.14 4.96 6.87
CA SER B 796 -27.86 4.37 6.54
C SER B 796 -26.73 5.35 6.77
N ILE B 797 -26.89 6.60 6.30
CA ILE B 797 -25.85 7.60 6.49
C ILE B 797 -25.64 7.88 7.98
N HIS B 798 -26.74 8.00 8.73
CA HIS B 798 -26.62 8.27 10.16
C HIS B 798 -25.86 7.16 10.87
N LEU B 799 -26.25 5.90 10.60
CA LEU B 799 -25.59 4.76 11.26
C LEU B 799 -24.11 4.69 10.88
N VAL B 800 -23.81 4.87 9.59
CA VAL B 800 -22.42 4.75 9.15
C VAL B 800 -21.56 5.84 9.77
N THR B 801 -22.06 7.07 9.80
CA THR B 801 -21.30 8.16 10.40
C THR B 801 -21.11 7.93 11.90
N GLN B 802 -22.16 7.48 12.59
CA GLN B 802 -22.03 7.21 14.01
C GLN B 802 -20.99 6.13 14.29
N ARG B 803 -21.00 5.06 13.50
CA ARG B 803 -20.01 4.00 13.68
C ARG B 803 -18.60 4.49 13.36
N LEU B 804 -18.46 5.29 12.30
CA LEU B 804 -17.15 5.79 11.92
C LEU B 804 -16.57 6.70 13.00
N ASN B 805 -17.39 7.55 13.59
CA ASN B 805 -16.92 8.43 14.64
C ASN B 805 -16.86 7.77 16.01
N SER B 806 -17.45 6.57 16.16
CA SER B 806 -17.54 5.91 17.46
C SER B 806 -16.50 4.83 17.65
N GLN B 807 -16.46 3.84 16.77
CA GLN B 807 -15.62 2.67 16.96
C GLN B 807 -14.62 2.42 15.83
N TRP B 808 -14.98 2.74 14.58
CA TRP B 808 -14.12 2.41 13.45
C TRP B 808 -13.02 3.44 13.27
N ARG B 809 -12.27 3.72 14.32
CA ARG B 809 -11.15 4.66 14.25
C ARG B 809 -9.80 3.98 14.41
N GLN B 810 -9.70 2.97 15.27
CA GLN B 810 -8.45 2.25 15.45
C GLN B 810 -8.24 1.16 14.41
N ASP B 811 -9.20 0.95 13.52
CA ASP B 811 -9.10 -0.06 12.47
C ASP B 811 -8.89 0.61 11.12
N MET B 812 -8.18 -0.09 10.24
CA MET B 812 -7.87 0.41 8.92
C MET B 812 -8.82 -0.11 7.85
N SER B 813 -9.01 -1.43 7.78
CA SER B 813 -9.87 -2.00 6.75
C SER B 813 -11.31 -1.53 6.92
N ILE B 814 -11.81 -1.54 8.15
CA ILE B 814 -13.20 -1.12 8.39
C ILE B 814 -13.38 0.35 8.06
N SER B 815 -12.43 1.19 8.45
CA SER B 815 -12.54 2.62 8.16
C SER B 815 -12.50 2.88 6.66
N LEU B 816 -11.61 2.20 5.95
CA LEU B 816 -11.55 2.36 4.49
C LEU B 816 -12.86 1.88 3.85
N ALA B 817 -13.42 0.79 4.37
CA ALA B 817 -14.72 0.33 3.89
C ALA B 817 -15.79 1.39 4.10
N ALA B 818 -15.82 1.99 5.28
CA ALA B 818 -16.83 3.01 5.57
C ALA B 818 -16.66 4.22 4.64
N LEU B 819 -15.40 4.62 4.39
CA LEU B 819 -15.15 5.72 3.48
C LEU B 819 -15.62 5.40 2.07
N GLU B 820 -15.35 4.18 1.61
CA GLU B 820 -15.81 3.79 0.27
C GLU B 820 -17.33 3.76 0.21
N LEU B 821 -17.99 3.33 1.28
CA LEU B 821 -19.46 3.33 1.29
C LEU B 821 -20.00 4.75 1.25
N LEU B 822 -19.42 5.66 2.05
CA LEU B 822 -19.88 7.05 2.03
C LEU B 822 -19.65 7.68 0.67
N SER B 823 -18.55 7.34 0.01
CA SER B 823 -18.32 7.82 -1.36
C SER B 823 -19.36 7.25 -2.31
N GLY B 824 -19.73 5.98 -2.13
CA GLY B 824 -20.70 5.36 -3.01
C GLY B 824 -22.08 5.97 -2.92
N LEU B 825 -22.50 6.34 -1.71
CA LEU B 825 -23.85 6.86 -1.52
C LEU B 825 -24.06 8.21 -2.20
N ALA B 826 -22.98 8.95 -2.49
CA ALA B 826 -23.12 10.26 -3.10
C ALA B 826 -23.73 10.17 -4.49
N LYS B 827 -23.38 9.14 -5.26
CA LYS B 827 -23.89 8.99 -6.62
C LYS B 827 -25.41 8.76 -6.66
N VAL B 828 -26.03 8.41 -5.54
CA VAL B 828 -27.47 8.17 -5.53
C VAL B 828 -28.21 9.47 -5.73
N LYS B 829 -29.14 9.49 -6.68
CA LYS B 829 -29.90 10.69 -7.02
C LYS B 829 -31.28 10.59 -6.40
N VAL B 830 -31.37 10.99 -5.14
CA VAL B 830 -32.63 11.02 -4.39
C VAL B 830 -32.69 12.29 -3.59
N MET B 831 -33.82 12.99 -3.64
CA MET B 831 -34.00 14.21 -2.87
C MET B 831 -33.91 13.89 -1.37
N VAL B 832 -33.15 14.70 -0.65
CA VAL B 832 -32.92 14.48 0.77
C VAL B 832 -32.57 15.82 1.40
N ASP B 833 -32.86 15.94 2.69
CA ASP B 833 -32.55 17.17 3.41
C ASP B 833 -31.05 17.39 3.45
N SER B 834 -30.64 18.66 3.35
CA SER B 834 -29.22 18.99 3.37
C SER B 834 -28.58 18.70 4.72
N GLY B 835 -29.38 18.54 5.77
CA GLY B 835 -28.81 18.27 7.09
C GLY B 835 -28.04 16.97 7.13
N ASP B 836 -28.55 15.94 6.46
CA ASP B 836 -27.87 14.64 6.46
C ASP B 836 -26.52 14.72 5.75
N ARG B 837 -26.48 15.39 4.60
CA ARG B 837 -25.22 15.55 3.88
C ARG B 837 -24.23 16.39 4.69
N LYS B 838 -24.73 17.45 5.34
CA LYS B 838 -23.87 18.24 6.20
C LYS B 838 -23.30 17.40 7.35
N ARG B 839 -24.13 16.54 7.93
CA ARG B 839 -23.66 15.65 8.99
C ARG B 839 -22.61 14.68 8.47
N ALA B 840 -22.80 14.17 7.25
CA ALA B 840 -21.83 13.25 6.67
C ALA B 840 -20.47 13.94 6.49
N ILE B 841 -20.46 15.14 5.92
CA ILE B 841 -19.20 15.85 5.73
C ILE B 841 -18.58 16.24 7.07
N SER B 842 -19.42 16.60 8.05
CA SER B 842 -18.90 16.91 9.38
C SER B 842 -18.22 15.70 10.00
N SER B 843 -18.82 14.51 9.85
CA SER B 843 -18.21 13.29 10.36
C SER B 843 -16.89 13.00 9.65
N VAL B 844 -16.84 13.18 8.33
CA VAL B 844 -15.61 12.95 7.60
C VAL B 844 -14.52 13.90 8.07
N CYS B 845 -14.87 15.18 8.25
CA CYS B 845 -13.91 16.17 8.71
C CYS B 845 -13.41 15.85 10.12
N THR B 846 -14.31 15.42 11.00
CA THR B 846 -13.89 15.04 12.35
C THR B 846 -12.97 13.83 12.31
N TYR B 847 -13.23 12.88 11.41
CA TYR B 847 -12.33 11.76 11.23
C TYR B 847 -10.95 12.22 10.76
N ILE B 848 -10.92 13.17 9.83
CA ILE B 848 -9.64 13.73 9.38
C ILE B 848 -8.90 14.36 10.54
N VAL B 849 -9.61 15.16 11.35
CA VAL B 849 -8.96 15.82 12.48
C VAL B 849 -8.40 14.79 13.46
N TYR B 850 -9.19 13.75 13.75
CA TYR B 850 -8.73 12.72 14.69
C TYR B 850 -7.51 11.98 14.17
N GLN B 851 -7.52 11.61 12.88
CA GLN B 851 -6.42 10.83 12.33
C GLN B 851 -5.15 11.65 12.20
N CYS B 852 -5.28 12.93 11.82
CA CYS B 852 -4.12 13.79 11.69
C CYS B 852 -3.54 14.24 13.02
N SER B 853 -4.23 13.97 14.12
CA SER B 853 -3.76 14.34 15.46
C SER B 853 -3.10 13.18 16.19
N ARG B 854 -2.82 12.08 15.50
CA ARG B 854 -2.21 10.93 16.14
C ARG B 854 -0.76 11.26 16.55
N PRO B 855 -0.27 10.63 17.61
CA PRO B 855 1.13 10.86 18.01
C PRO B 855 2.11 10.41 16.95
N ALA B 856 3.26 11.09 16.93
CA ALA B 856 4.28 10.78 15.92
C ALA B 856 4.71 9.32 15.90
N PRO B 857 4.93 8.63 17.03
CA PRO B 857 5.30 7.20 16.94
C PRO B 857 4.25 6.35 16.25
N LEU B 858 2.96 6.69 16.38
CA LEU B 858 1.91 5.91 15.75
C LEU B 858 1.76 6.20 14.27
N HIS B 859 2.39 7.25 13.75
CA HIS B 859 2.28 7.57 12.33
C HIS B 859 2.97 6.51 11.49
N SER B 860 2.36 6.19 10.35
CA SER B 860 2.90 5.20 9.43
C SER B 860 2.37 5.48 8.04
N ARG B 861 2.77 4.65 7.08
CA ARG B 861 2.33 4.85 5.70
C ARG B 861 0.84 4.56 5.53
N ASP B 862 0.32 3.57 6.25
CA ASP B 862 -1.10 3.24 6.15
C ASP B 862 -1.97 4.39 6.62
N LEU B 863 -1.52 5.11 7.65
CA LEU B 863 -2.28 6.27 8.13
C LEU B 863 -2.38 7.34 7.05
N HIS B 864 -1.27 7.60 6.36
CA HIS B 864 -1.28 8.60 5.30
C HIS B 864 -2.13 8.14 4.12
N SER B 865 -2.09 6.84 3.81
CA SER B 865 -2.95 6.32 2.75
C SER B 865 -4.43 6.48 3.10
N MET B 866 -4.78 6.23 4.36
CA MET B 866 -6.14 6.44 4.81
C MET B 866 -6.54 7.90 4.71
N ILE B 867 -5.62 8.81 5.07
CA ILE B 867 -5.88 10.23 4.95
C ILE B 867 -6.14 10.62 3.51
N VAL B 868 -5.33 10.10 2.59
CA VAL B 868 -5.52 10.41 1.17
C VAL B 868 -6.88 9.89 0.68
N ALA B 869 -7.24 8.67 1.09
CA ALA B 869 -8.52 8.11 0.68
C ALA B 869 -9.68 8.94 1.21
N ALA B 870 -9.59 9.39 2.46
CA ALA B 870 -10.64 10.21 3.03
C ALA B 870 -10.74 11.56 2.34
N PHE B 871 -9.60 12.15 1.97
CA PHE B 871 -9.62 13.38 1.19
C PHE B 871 -10.31 13.16 -0.15
N GLN B 872 -10.04 12.05 -0.82
CA GLN B 872 -10.68 11.79 -2.10
C GLN B 872 -12.18 11.60 -1.92
N CYS B 873 -12.59 10.92 -0.84
CA CYS B 873 -14.02 10.76 -0.56
C CYS B 873 -14.69 12.11 -0.32
N LEU B 874 -14.04 12.98 0.46
CA LEU B 874 -14.59 14.31 0.69
C LEU B 874 -14.69 15.10 -0.60
N CYS B 875 -13.69 14.98 -1.47
CA CYS B 875 -13.74 15.65 -2.76
C CYS B 875 -14.91 15.16 -3.60
N VAL B 876 -15.14 13.84 -3.60
CA VAL B 876 -16.28 13.29 -4.33
C VAL B 876 -17.59 13.84 -3.78
N TRP B 877 -17.71 13.87 -2.45
CA TRP B 877 -18.94 14.38 -1.83
C TRP B 877 -19.17 15.84 -2.19
N LEU B 878 -18.12 16.65 -2.16
CA LEU B 878 -18.26 18.06 -2.52
C LEU B 878 -18.65 18.21 -3.98
N THR B 879 -18.01 17.47 -4.88
CA THR B 879 -18.27 17.63 -6.30
C THR B 879 -19.68 17.19 -6.66
N GLU B 880 -20.16 16.10 -6.06
CA GLU B 880 -21.46 15.57 -6.47
C GLU B 880 -22.61 16.47 -6.00
N HIS B 881 -22.42 17.18 -4.89
CA HIS B 881 -23.43 18.09 -4.35
C HIS B 881 -22.79 19.46 -4.13
N PRO B 882 -22.61 20.24 -5.20
CA PRO B 882 -22.05 21.60 -5.02
C PRO B 882 -22.98 22.55 -4.28
N ASP B 883 -24.26 22.24 -4.18
CA ASP B 883 -25.22 23.17 -3.59
C ASP B 883 -24.93 23.44 -2.12
N MET B 884 -24.62 22.40 -1.35
CA MET B 884 -24.57 22.53 0.11
C MET B 884 -23.36 23.33 0.60
N LEU B 885 -22.41 23.65 -0.26
CA LEU B 885 -21.28 24.49 0.16
C LEU B 885 -21.66 25.96 0.32
N ASP B 886 -22.88 26.35 -0.04
CA ASP B 886 -23.33 27.71 0.21
C ASP B 886 -23.46 28.00 1.70
N GLU B 887 -23.59 26.96 2.53
CA GLU B 887 -23.68 27.17 3.97
C GLU B 887 -22.36 27.67 4.53
N LYS B 888 -22.45 28.51 5.56
CA LYS B 888 -21.25 29.04 6.20
C LYS B 888 -20.45 27.94 6.88
N ASP B 889 -21.13 27.11 7.68
CA ASP B 889 -20.43 26.13 8.50
C ASP B 889 -19.75 25.07 7.64
N CYS B 890 -20.43 24.58 6.60
CA CYS B 890 -19.85 23.55 5.74
C CYS B 890 -18.59 24.06 5.04
N LEU B 891 -18.67 25.27 4.47
CA LEU B 891 -17.52 25.84 3.79
C LEU B 891 -16.38 26.09 4.76
N LYS B 892 -16.70 26.60 5.96
CA LYS B 892 -15.65 26.86 6.95
C LYS B 892 -14.97 25.57 7.36
N GLU B 893 -15.74 24.50 7.60
CA GLU B 893 -15.14 23.23 7.99
C GLU B 893 -14.28 22.66 6.88
N VAL B 894 -14.76 22.73 5.63
CA VAL B 894 -13.98 22.18 4.52
C VAL B 894 -12.66 22.95 4.37
N LEU B 895 -12.71 24.28 4.44
CA LEU B 895 -11.48 25.05 4.30
C LEU B 895 -10.54 24.84 5.48
N GLU B 896 -11.08 24.66 6.68
CA GLU B 896 -10.23 24.34 7.82
C GLU B 896 -9.53 23.01 7.62
N ILE B 897 -10.25 22.01 7.10
CA ILE B 897 -9.63 20.71 6.84
C ILE B 897 -8.53 20.84 5.78
N VAL B 898 -8.80 21.61 4.72
CA VAL B 898 -7.78 21.78 3.68
C VAL B 898 -6.55 22.48 4.24
N GLU B 899 -6.77 23.50 5.07
CA GLU B 899 -5.64 24.22 5.69
C GLU B 899 -4.84 23.30 6.61
N LEU B 900 -5.53 22.45 7.38
CA LEU B 900 -4.82 21.49 8.22
C LEU B 900 -4.01 20.51 7.38
N GLY B 901 -4.58 20.08 6.26
CA GLY B 901 -3.85 19.16 5.39
C GLY B 901 -2.62 19.78 4.76
N ILE B 902 -2.71 21.07 4.40
CA ILE B 902 -1.59 21.72 3.73
C ILE B 902 -0.53 22.16 4.75
N SER B 903 -0.91 23.06 5.66
CA SER B 903 0.06 23.64 6.58
C SER B 903 0.46 22.68 7.68
N GLY B 904 -0.41 21.75 8.06
CA GLY B 904 -0.14 20.83 9.14
C GLY B 904 -0.85 21.15 10.44
N SER B 905 -1.43 22.35 10.57
CA SER B 905 -2.18 22.71 11.75
C SER B 905 -3.22 23.75 11.36
N LYS B 906 -4.41 23.64 11.96
CA LYS B 906 -5.48 24.60 11.68
C LYS B 906 -5.09 25.98 12.19
N SER B 907 -5.46 27.01 11.42
CA SER B 907 -5.08 28.37 11.79
C SER B 907 -5.70 28.79 13.11
N LYS B 908 -6.99 28.49 13.30
CA LYS B 908 -7.66 28.85 14.54
C LYS B 908 -7.38 27.78 15.61
N ASN B 909 -7.16 28.22 16.83
CA ASN B 909 -6.91 27.33 17.95
C ASN B 909 -7.83 27.69 19.10
N ASN B 910 -8.19 26.67 19.89
CA ASN B 910 -9.11 26.88 21.00
C ASN B 910 -8.53 27.81 22.06
N GLU B 911 -7.25 27.63 22.39
CA GLU B 911 -6.63 28.44 23.44
C GLU B 911 -5.35 29.10 22.94
N GLN B 912 -4.67 28.45 22.00
CA GLN B 912 -3.41 28.98 21.49
C GLN B 912 -3.65 30.21 20.63
N GLU B 913 -2.59 30.99 20.44
CA GLU B 913 -2.68 32.21 19.65
C GLU B 913 -2.95 31.88 18.19
N VAL B 914 -3.76 32.72 17.55
CA VAL B 914 -4.09 32.52 16.14
C VAL B 914 -2.89 32.87 15.27
N LYS B 915 -2.95 32.41 14.02
CA LYS B 915 -1.89 32.68 13.05
C LYS B 915 -2.52 33.19 11.76
N TYR B 916 -1.76 34.03 11.06
CA TYR B 916 -2.20 34.64 9.81
C TYR B 916 -1.43 34.04 8.64
N LYS B 917 -1.91 34.34 7.44
CA LYS B 917 -1.24 33.85 6.24
C LYS B 917 0.08 34.56 6.04
N GLY B 918 1.07 33.83 5.54
CA GLY B 918 2.37 34.41 5.25
C GLY B 918 3.40 34.18 6.33
N ASP B 919 2.99 34.29 7.59
CA ASP B 919 3.89 34.09 8.73
C ASP B 919 3.64 32.75 9.41
N LYS B 920 3.16 31.77 8.66
CA LYS B 920 2.95 30.42 9.17
C LYS B 920 3.96 29.49 8.50
N GLU B 921 4.78 28.84 9.30
CA GLU B 921 5.79 27.94 8.76
C GLU B 921 5.13 26.70 8.17
N PRO B 922 5.62 26.21 7.02
CA PRO B 922 5.04 25.01 6.40
C PRO B 922 5.53 23.75 7.08
N ASN B 923 4.64 23.07 7.79
CA ASN B 923 4.94 21.81 8.48
C ASN B 923 3.90 20.77 8.13
N PRO B 924 3.89 20.29 6.89
CA PRO B 924 2.89 19.28 6.51
C PRO B 924 3.17 17.95 7.17
N ALA B 925 2.10 17.16 7.33
CA ALA B 925 2.27 15.82 7.89
C ALA B 925 3.13 14.94 7.00
N SER B 926 2.90 14.99 5.69
CA SER B 926 3.71 14.24 4.74
C SER B 926 3.49 14.83 3.36
N MET B 927 4.32 14.39 2.41
CA MET B 927 4.19 14.86 1.04
C MET B 927 2.87 14.40 0.42
N ARG B 928 2.47 13.15 0.70
CA ARG B 928 1.23 12.64 0.12
C ARG B 928 0.01 13.42 0.62
N VAL B 929 -0.04 13.71 1.92
CA VAL B 929 -1.17 14.46 2.48
C VAL B 929 -1.20 15.87 1.90
N LYS B 930 -0.03 16.51 1.80
CA LYS B 930 0.02 17.86 1.23
C LYS B 930 -0.46 17.87 -0.21
N ASP B 931 -0.02 16.89 -1.01
CA ASP B 931 -0.44 16.84 -2.41
C ASP B 931 -1.94 16.57 -2.52
N ALA B 932 -2.48 15.69 -1.68
CA ALA B 932 -3.91 15.42 -1.71
C ALA B 932 -4.71 16.67 -1.33
N ALA B 933 -4.25 17.40 -0.31
CA ALA B 933 -4.94 18.61 0.10
C ALA B 933 -4.88 19.67 -1.00
N GLU B 934 -3.74 19.81 -1.65
CA GLU B 934 -3.62 20.77 -2.75
C GLU B 934 -4.54 20.40 -3.91
N ALA B 935 -4.62 19.10 -4.22
CA ALA B 935 -5.54 18.66 -5.27
C ALA B 935 -6.99 18.94 -4.89
N THR B 936 -7.34 18.72 -3.62
CA THR B 936 -8.69 19.04 -3.15
C THR B 936 -8.98 20.52 -3.28
N LEU B 937 -8.03 21.37 -2.92
CA LEU B 937 -8.23 22.81 -3.05
C LEU B 937 -8.39 23.22 -4.51
N THR B 938 -7.58 22.65 -5.39
CA THR B 938 -7.72 22.95 -6.82
C THR B 938 -9.09 22.52 -7.33
N CYS B 939 -9.56 21.35 -6.93
CA CYS B 939 -10.87 20.88 -7.37
C CYS B 939 -11.97 21.79 -6.84
N ILE B 940 -11.93 22.13 -5.56
CA ILE B 940 -12.98 22.97 -4.99
C ILE B 940 -12.95 24.38 -5.56
N MET B 941 -11.80 24.83 -6.07
CA MET B 941 -11.73 26.16 -6.66
C MET B 941 -12.14 26.18 -8.13
N GLN B 942 -11.84 25.13 -8.89
CA GLN B 942 -12.10 25.15 -10.33
C GLN B 942 -13.15 24.14 -10.74
N LEU B 943 -12.97 22.86 -10.41
CA LEU B 943 -13.88 21.82 -10.90
C LEU B 943 -15.22 21.81 -10.17
N LEU B 944 -15.28 22.36 -8.96
CA LEU B 944 -16.52 22.35 -8.19
C LEU B 944 -17.59 23.16 -8.91
N GLY B 945 -18.69 22.52 -9.27
CA GLY B 945 -19.74 23.18 -10.00
C GLY B 945 -19.45 23.25 -11.48
N ALA B 946 -20.44 22.89 -12.29
CA ALA B 946 -20.32 22.89 -13.76
C ALA B 946 -19.15 22.03 -14.22
N PHE B 947 -19.22 20.74 -13.86
CA PHE B 947 -18.19 19.81 -14.31
C PHE B 947 -18.14 19.66 -15.82
N PRO B 948 -19.25 19.43 -16.53
CA PRO B 948 -19.14 19.30 -17.99
C PRO B 948 -18.89 20.65 -18.66
N SER B 949 -17.66 20.88 -19.09
CA SER B 949 -17.32 22.10 -19.80
C SER B 949 -17.86 22.04 -21.22
N PRO B 950 -18.02 23.20 -21.87
CA PRO B 950 -18.45 23.18 -23.28
C PRO B 950 -17.50 22.41 -24.19
N SER B 951 -16.24 22.22 -23.77
CA SER B 951 -15.33 21.37 -24.51
C SER B 951 -15.76 19.91 -24.50
N GLY B 952 -16.53 19.50 -23.50
CA GLY B 952 -16.95 18.12 -23.38
C GLY B 952 -16.49 17.50 -22.07
N PRO B 953 -17.26 16.55 -21.55
CA PRO B 953 -16.86 15.89 -20.30
C PRO B 953 -15.58 15.08 -20.41
N ALA B 954 -15.19 14.69 -21.63
CA ALA B 954 -13.99 13.88 -21.79
C ALA B 954 -12.73 14.64 -21.41
N SER B 955 -12.62 15.90 -21.84
CA SER B 955 -11.42 16.71 -21.61
C SER B 955 -11.75 17.94 -20.80
N PRO B 956 -11.41 17.96 -19.50
CA PRO B 956 -11.66 19.19 -18.71
C PRO B 956 -10.90 20.39 -19.23
N CYS B 957 -9.71 20.20 -19.78
CA CYS B 957 -8.94 21.31 -20.32
C CYS B 957 -9.52 21.75 -21.66
N SER B 958 -9.25 23.00 -22.02
CA SER B 958 -9.69 23.52 -23.31
C SER B 958 -9.02 22.77 -24.44
N LEU B 959 -9.77 22.60 -25.54
CA LEU B 959 -9.31 21.83 -26.69
C LEU B 959 -8.60 22.67 -27.73
N VAL B 960 -7.97 23.78 -27.33
CA VAL B 960 -7.24 24.64 -28.24
C VAL B 960 -5.78 24.65 -27.84
N ASN B 961 -4.89 24.61 -28.83
CA ASN B 961 -3.46 24.65 -28.58
C ASN B 961 -2.77 25.57 -29.57
N GLU B 962 -1.43 25.58 -29.55
CA GLU B 962 -0.69 26.49 -30.41
C GLU B 962 -0.94 26.19 -31.89
N THR B 963 -0.96 24.91 -32.26
CA THR B 963 -1.22 24.55 -33.64
C THR B 963 -2.62 24.98 -34.07
N THR B 964 -3.61 24.82 -33.19
CA THR B 964 -4.96 25.25 -33.51
C THR B 964 -5.03 26.76 -33.75
N LEU B 965 -4.38 27.54 -32.87
CA LEU B 965 -4.37 28.99 -33.05
C LEU B 965 -3.68 29.37 -34.35
N ILE B 966 -2.56 28.72 -34.66
CA ILE B 966 -1.83 29.04 -35.89
C ILE B 966 -2.68 28.73 -37.11
N LYS B 967 -3.34 27.58 -37.13
CA LYS B 967 -4.14 27.21 -38.29
C LYS B 967 -5.45 27.98 -38.37
N TYR B 968 -5.90 28.57 -37.25
CA TYR B 968 -7.12 29.37 -37.27
C TYR B 968 -6.86 30.83 -37.61
N SER B 969 -5.67 31.36 -37.29
CA SER B 969 -5.38 32.74 -37.60
C SER B 969 -5.33 33.00 -39.10
N ARG B 970 -4.91 32.00 -39.88
CA ARG B 970 -4.85 32.09 -41.35
C ARG B 970 -3.97 33.26 -41.79
N LEU B 971 -2.86 33.48 -41.08
CA LEU B 971 -1.92 34.54 -41.41
C LEU B 971 -0.55 33.94 -41.65
N PRO B 972 0.04 34.12 -42.83
CA PRO B 972 1.38 33.56 -43.09
C PRO B 972 2.45 34.10 -42.15
N THR B 973 2.27 35.32 -41.63
CA THR B 973 3.25 35.89 -40.72
C THR B 973 3.37 35.08 -39.44
N ILE B 974 2.23 34.63 -38.90
CA ILE B 974 2.24 33.88 -37.65
C ILE B 974 2.87 32.51 -37.88
N ASN B 975 3.84 32.16 -37.03
CA ASN B 975 4.48 30.85 -37.10
C ASN B 975 4.56 30.24 -35.72
N LYS B 976 5.26 29.12 -35.59
CA LYS B 976 5.38 28.46 -34.28
C LYS B 976 6.27 29.26 -33.33
N HIS B 977 7.07 30.19 -33.84
CA HIS B 977 7.96 30.98 -33.00
C HIS B 977 7.34 32.32 -32.57
N SER B 978 6.12 32.62 -33.01
CA SER B 978 5.52 33.90 -32.67
C SER B 978 5.15 34.00 -31.19
N PHE B 979 5.11 32.88 -30.48
CA PHE B 979 4.74 32.89 -29.08
C PHE B 979 5.91 33.31 -28.20
N ARG B 980 5.59 33.89 -27.06
CA ARG B 980 6.58 34.28 -26.05
C ARG B 980 6.24 33.57 -24.75
N TYR B 981 7.08 32.62 -24.35
CA TYR B 981 6.80 31.79 -23.20
C TYR B 981 7.38 32.42 -21.95
N PHE B 982 6.58 32.46 -20.89
CA PHE B 982 6.99 33.01 -19.60
C PHE B 982 6.62 32.03 -18.49
N VAL B 983 7.43 32.02 -17.44
CA VAL B 983 7.20 31.16 -16.29
C VAL B 983 7.04 32.04 -15.06
N LEU B 984 5.95 31.84 -14.33
CA LEU B 984 5.63 32.63 -13.15
C LEU B 984 5.78 31.75 -11.91
N ASP B 985 6.61 32.20 -10.97
CA ASP B 985 6.77 31.55 -9.67
C ASP B 985 7.17 30.08 -9.81
N ASN B 986 7.85 29.74 -10.91
CA ASN B 986 8.36 28.40 -11.15
C ASN B 986 7.26 27.34 -11.21
N SER B 987 6.01 27.75 -11.40
CA SER B 987 4.91 26.80 -11.42
C SER B 987 4.01 26.91 -12.64
N VAL B 988 3.79 28.13 -13.14
CA VAL B 988 2.84 28.38 -14.22
C VAL B 988 3.62 28.73 -15.48
N ILE B 989 3.20 28.18 -16.61
CA ILE B 989 3.83 28.43 -17.91
C ILE B 989 2.82 29.12 -18.80
N LEU B 990 3.22 30.23 -19.41
CA LEU B 990 2.37 31.00 -20.30
C LEU B 990 2.88 30.89 -21.73
N ALA B 991 2.00 31.19 -22.68
CA ALA B 991 2.35 31.20 -24.10
C ALA B 991 1.48 32.27 -24.76
N MET B 992 2.03 33.47 -24.91
CA MET B 992 1.26 34.64 -25.31
C MET B 992 1.44 34.91 -26.80
N LEU B 993 0.33 35.10 -27.50
CA LEU B 993 0.32 35.50 -28.90
C LEU B 993 -0.16 36.94 -28.99
N GLU B 994 0.59 37.76 -29.73
CA GLU B 994 0.34 39.20 -29.80
C GLU B 994 -0.44 39.59 -31.05
N GLN B 995 -1.35 38.74 -31.51
CA GLN B 995 -2.11 38.98 -32.72
C GLN B 995 -3.59 38.81 -32.42
N PRO B 996 -4.43 39.79 -32.75
CA PRO B 996 -5.88 39.61 -32.57
C PRO B 996 -6.39 38.47 -33.44
N LEU B 997 -7.35 37.72 -32.90
CA LEU B 997 -7.96 36.60 -33.61
C LEU B 997 -9.28 36.97 -34.28
N GLY B 998 -9.69 38.23 -34.19
CA GLY B 998 -10.95 38.64 -34.78
C GLY B 998 -12.17 38.34 -33.94
N ASN B 999 -12.01 37.79 -32.74
CA ASN B 999 -13.15 37.52 -31.89
C ASN B 999 -13.86 38.80 -31.46
N GLU B 1000 -13.08 39.83 -31.14
CA GLU B 1000 -13.63 41.13 -30.74
C GLU B 1000 -13.59 42.07 -31.94
N GLN B 1001 -14.71 42.78 -32.17
CA GLN B 1001 -14.80 43.69 -33.29
C GLN B 1001 -13.91 44.92 -33.13
N ASN B 1002 -13.36 45.16 -31.94
CA ASN B 1002 -12.49 46.30 -31.69
C ASN B 1002 -11.10 45.97 -32.23
N ASP B 1003 -10.96 46.10 -33.55
CA ASP B 1003 -9.67 45.89 -34.20
C ASP B 1003 -8.69 47.03 -33.94
N PHE B 1004 -9.16 48.13 -33.34
CA PHE B 1004 -8.32 49.28 -33.03
C PHE B 1004 -7.73 49.21 -31.64
N PHE B 1005 -7.90 48.10 -30.93
CA PHE B 1005 -7.44 47.96 -29.57
C PHE B 1005 -6.53 46.76 -29.42
N PRO B 1006 -5.60 46.78 -28.46
CA PRO B 1006 -4.68 45.66 -28.30
C PRO B 1006 -5.40 44.38 -27.90
N SER B 1007 -4.84 43.25 -28.33
CA SER B 1007 -5.40 41.94 -28.02
C SER B 1007 -4.28 40.94 -27.82
N VAL B 1008 -4.41 40.11 -26.79
CA VAL B 1008 -3.44 39.06 -26.49
C VAL B 1008 -4.21 37.76 -26.26
N THR B 1009 -3.51 36.64 -26.49
CA THR B 1009 -4.10 35.31 -26.33
C THR B 1009 -3.25 34.52 -25.35
N VAL B 1010 -3.57 34.64 -24.07
CA VAL B 1010 -2.85 33.92 -23.02
C VAL B 1010 -3.27 32.46 -23.06
N LEU B 1011 -2.29 31.55 -22.97
CA LEU B 1011 -2.53 30.11 -23.01
C LEU B 1011 -1.85 29.49 -21.79
N VAL B 1012 -2.57 29.42 -20.69
CA VAL B 1012 -2.00 29.00 -19.41
C VAL B 1012 -1.90 27.49 -19.36
N ARG B 1013 -0.73 26.97 -18.99
CA ARG B 1013 -0.52 25.54 -18.74
C ARG B 1013 -0.06 25.40 -17.30
N GLY B 1014 -1.01 25.33 -16.37
CA GLY B 1014 -0.70 25.18 -14.96
C GLY B 1014 -0.59 23.71 -14.56
N MET B 1015 -0.55 23.50 -13.25
CA MET B 1015 -0.54 22.14 -12.73
C MET B 1015 -1.91 21.48 -12.88
N SER B 1016 -2.99 22.28 -12.84
CA SER B 1016 -4.33 21.72 -12.99
C SER B 1016 -4.58 21.27 -14.42
N GLY B 1017 -4.22 22.07 -15.40
CA GLY B 1017 -4.40 21.71 -16.78
C GLY B 1017 -4.39 22.92 -17.68
N ARG B 1018 -4.34 22.65 -18.97
CA ARG B 1018 -4.31 23.72 -19.97
C ARG B 1018 -5.60 24.51 -19.93
N LEU B 1019 -5.50 25.81 -20.17
CA LEU B 1019 -6.67 26.68 -20.21
C LEU B 1019 -6.32 27.91 -21.04
N ALA B 1020 -7.22 28.28 -21.94
CA ALA B 1020 -7.00 29.41 -22.83
C ALA B 1020 -7.66 30.67 -22.28
N TRP B 1021 -7.29 31.81 -22.87
CA TRP B 1021 -7.86 33.10 -22.51
C TRP B 1021 -7.76 34.01 -23.71
N ALA B 1022 -8.50 35.12 -23.65
CA ALA B 1022 -8.44 36.15 -24.69
C ALA B 1022 -8.69 37.49 -24.00
N GLN B 1023 -7.61 38.17 -23.63
CA GLN B 1023 -7.69 39.44 -22.94
C GLN B 1023 -7.73 40.58 -23.96
N GLN B 1024 -8.49 41.62 -23.63
CA GLN B 1024 -8.60 42.81 -24.47
C GLN B 1024 -8.42 44.05 -23.62
N LEU B 1025 -7.83 45.08 -24.22
CA LEU B 1025 -7.61 46.36 -23.56
C LEU B 1025 -8.63 47.36 -24.08
N CYS B 1026 -9.40 47.97 -23.18
CA CYS B 1026 -10.41 48.93 -23.54
C CYS B 1026 -10.22 50.21 -22.73
N LEU B 1027 -10.36 51.35 -23.41
CA LEU B 1027 -10.21 52.65 -22.77
C LEU B 1027 -11.54 53.26 -22.36
N LEU B 1028 -12.59 53.09 -23.19
CA LEU B 1028 -13.90 53.65 -22.93
C LEU B 1028 -14.86 52.55 -22.48
N PRO B 1029 -15.83 52.88 -21.62
CA PRO B 1029 -16.76 51.86 -21.13
C PRO B 1029 -17.72 51.36 -22.20
N ARG B 1030 -18.62 50.45 -21.81
CA ARG B 1030 -19.55 49.85 -22.76
C ARG B 1030 -20.56 50.85 -23.30
N GLY B 1031 -20.73 51.99 -22.64
CA GLY B 1031 -21.73 52.96 -23.07
C GLY B 1031 -21.42 53.64 -24.39
N ALA B 1032 -20.15 53.70 -24.77
CA ALA B 1032 -19.75 54.38 -26.00
C ALA B 1032 -18.73 53.55 -26.77
N LYS B 1033 -18.94 52.23 -26.81
CA LYS B 1033 -18.03 51.37 -27.56
C LYS B 1033 -18.10 51.66 -29.06
N ALA B 1034 -19.30 51.87 -29.59
CA ALA B 1034 -19.49 52.15 -31.00
C ALA B 1034 -19.41 53.64 -31.33
N ASN B 1035 -19.25 54.49 -30.33
CA ASN B 1035 -19.20 55.93 -30.54
C ASN B 1035 -17.78 56.47 -30.71
N GLN B 1036 -16.77 55.61 -30.60
CA GLN B 1036 -15.40 56.05 -30.74
C GLN B 1036 -14.99 56.06 -32.21
N LYS B 1037 -14.14 57.03 -32.56
CA LYS B 1037 -13.65 57.19 -33.92
C LYS B 1037 -12.36 58.00 -33.87
N LEU B 1038 -11.88 58.43 -35.03
CA LEU B 1038 -10.67 59.22 -35.10
C LEU B 1038 -10.89 60.59 -34.48
N PHE B 1039 -9.81 61.18 -33.97
CA PHE B 1039 -9.86 62.49 -33.34
C PHE B 1039 -9.64 63.56 -34.41
N VAL B 1040 -10.70 64.26 -34.78
CA VAL B 1040 -10.65 65.30 -35.80
C VAL B 1040 -10.73 66.65 -35.09
N PRO B 1041 -9.69 67.46 -35.13
CA PRO B 1041 -9.73 68.75 -34.44
C PRO B 1041 -10.73 69.71 -35.07
N GLU B 1042 -11.28 70.60 -34.24
CA GLU B 1042 -12.25 71.57 -34.71
C GLU B 1042 -11.60 72.60 -35.63
N PRO B 1043 -12.33 73.11 -36.61
CA PRO B 1043 -11.77 74.13 -37.50
C PRO B 1043 -11.49 75.43 -36.76
N ARG B 1044 -10.48 76.15 -37.26
CA ARG B 1044 -10.11 77.43 -36.65
C ARG B 1044 -11.12 78.50 -37.02
N PRO B 1045 -11.38 79.46 -36.13
CA PRO B 1045 -12.24 80.59 -36.48
C PRO B 1045 -11.57 81.49 -37.52
N VAL B 1046 -12.41 82.16 -38.30
CA VAL B 1046 -11.93 83.09 -39.33
C VAL B 1046 -11.62 84.44 -38.70
N PRO B 1047 -10.44 85.00 -38.95
CA PRO B 1047 -10.09 86.30 -38.36
C PRO B 1047 -10.48 87.47 -39.26
N LYS B 1048 -10.69 88.61 -38.62
CA LYS B 1048 -10.96 89.87 -39.31
C LYS B 1048 -9.82 90.84 -39.03
N ASN B 1049 -9.28 91.44 -40.09
CA ASN B 1049 -8.11 92.30 -39.94
C ASN B 1049 -8.47 93.64 -39.31
N ASP B 1050 -9.63 94.21 -39.68
CA ASP B 1050 -10.01 95.54 -39.24
C ASP B 1050 -10.60 95.45 -37.84
N VAL B 1051 -9.72 95.38 -36.86
CA VAL B 1051 -10.09 95.36 -35.45
C VAL B 1051 -9.32 96.45 -34.72
N GLY B 1052 -10.03 97.29 -33.98
CA GLY B 1052 -9.41 98.33 -33.19
C GLY B 1052 -9.46 99.68 -33.89
N PHE B 1053 -9.35 100.73 -33.08
CA PHE B 1053 -9.42 102.09 -33.59
C PHE B 1053 -8.12 102.47 -34.31
N LYS B 1054 -8.24 103.43 -35.22
CA LYS B 1054 -7.11 103.97 -35.95
C LYS B 1054 -7.17 105.49 -35.89
N TYR B 1055 -6.04 106.14 -35.62
CA TYR B 1055 -5.97 107.57 -35.47
C TYR B 1055 -4.87 108.14 -36.34
N SER B 1056 -5.17 109.27 -37.00
CA SER B 1056 -4.20 109.99 -37.83
C SER B 1056 -4.39 111.48 -37.55
N VAL B 1057 -3.63 112.00 -36.59
CA VAL B 1057 -3.72 113.40 -36.19
C VAL B 1057 -2.37 114.08 -36.39
N LYS B 1058 -2.32 115.38 -36.12
CA LYS B 1058 -1.10 116.16 -36.23
C LYS B 1058 -0.64 116.58 -34.83
N HIS B 1059 0.62 116.33 -34.53
CA HIS B 1059 1.18 116.64 -33.22
C HIS B 1059 2.03 117.90 -33.30
N ARG B 1060 1.74 118.86 -32.43
CA ARG B 1060 2.50 120.10 -32.35
C ARG B 1060 2.97 120.30 -30.92
N PRO B 1061 4.27 120.47 -30.70
CA PRO B 1061 4.76 120.70 -29.33
C PRO B 1061 4.18 121.94 -28.68
N PHE B 1062 3.87 122.97 -29.46
CA PHE B 1062 3.32 124.22 -28.96
C PHE B 1062 2.13 124.65 -29.80
N PRO B 1063 1.19 125.39 -29.22
CA PRO B 1063 0.03 125.85 -30.00
C PRO B 1063 0.45 126.81 -31.09
N GLU B 1064 -0.40 126.88 -32.13
CA GLU B 1064 -0.10 127.71 -33.29
C GLU B 1064 -0.02 129.19 -32.96
N GLU B 1065 -0.65 129.63 -31.86
CA GLU B 1065 -0.56 131.03 -31.47
C GLU B 1065 0.86 131.42 -31.10
N VAL B 1066 1.67 130.46 -30.65
CA VAL B 1066 3.07 130.74 -30.31
C VAL B 1066 3.86 131.07 -31.57
N ASP B 1067 3.57 130.40 -32.68
CA ASP B 1067 4.34 130.59 -33.90
C ASP B 1067 4.26 132.02 -34.42
N LYS B 1068 3.18 132.74 -34.07
CA LYS B 1068 3.04 134.12 -34.54
C LYS B 1068 4.09 135.04 -33.95
N ILE B 1069 4.60 134.72 -32.77
CA ILE B 1069 5.57 135.60 -32.10
C ILE B 1069 6.88 135.61 -32.87
N PRO B 1070 7.43 136.77 -33.19
CA PRO B 1070 8.72 136.81 -33.89
C PRO B 1070 9.84 136.25 -33.02
N PHE B 1071 10.82 135.64 -33.67
CA PHE B 1071 11.95 135.05 -32.97
C PHE B 1071 12.93 136.12 -32.52
N VAL B 1072 13.66 135.82 -31.45
CA VAL B 1072 14.68 136.71 -30.92
C VAL B 1072 16.03 136.00 -31.01
N LYS B 1073 17.10 136.67 -30.57
CA LYS B 1073 18.43 136.06 -30.63
C LYS B 1073 18.57 134.88 -29.69
N ALA B 1074 17.72 134.78 -28.66
CA ALA B 1074 17.81 133.64 -27.75
C ALA B 1074 17.26 132.37 -28.38
N ASP B 1075 16.31 132.49 -29.31
CA ASP B 1075 15.72 131.33 -29.95
C ASP B 1075 16.67 130.64 -30.93
N LEU B 1076 17.81 131.26 -31.25
CA LEU B 1076 18.78 130.69 -32.15
C LEU B 1076 19.94 130.01 -31.42
N SER B 1077 19.81 129.82 -30.11
CA SER B 1077 20.88 129.17 -29.35
C SER B 1077 21.08 127.72 -29.81
N ILE B 1078 20.00 127.01 -30.06
CA ILE B 1078 20.08 125.63 -30.55
C ILE B 1078 20.37 125.68 -32.04
N PRO B 1079 21.54 125.22 -32.48
CA PRO B 1079 21.89 125.33 -33.90
C PRO B 1079 21.04 124.41 -34.76
N ASP B 1080 20.83 124.84 -36.00
CA ASP B 1080 20.15 124.00 -36.97
C ASP B 1080 21.07 122.88 -37.45
N LEU B 1081 20.46 121.78 -37.90
CA LEU B 1081 21.23 120.64 -38.37
C LEU B 1081 22.07 120.98 -39.59
N HIS B 1082 21.68 121.99 -40.36
CA HIS B 1082 22.46 122.39 -41.53
C HIS B 1082 23.84 122.90 -41.12
N GLU B 1083 23.91 123.69 -40.05
CA GLU B 1083 25.15 124.27 -39.60
C GLU B 1083 25.94 123.37 -38.66
N ILE B 1084 25.42 122.19 -38.33
CA ILE B 1084 26.09 121.33 -37.35
C ILE B 1084 27.24 120.53 -37.94
N VAL B 1085 27.34 120.45 -39.26
CA VAL B 1085 28.39 119.68 -39.92
C VAL B 1085 29.59 120.58 -40.16
N THR B 1086 30.78 120.06 -39.90
CA THR B 1086 32.02 120.79 -40.11
C THR B 1086 32.69 120.35 -41.40
N GLU B 1087 33.75 121.07 -41.78
CA GLU B 1087 34.47 120.77 -43.00
C GLU B 1087 35.24 119.46 -42.92
N GLU B 1088 35.53 118.96 -41.72
CA GLU B 1088 36.27 117.72 -41.56
C GLU B 1088 35.39 116.48 -41.66
N LEU B 1089 34.07 116.64 -41.77
CA LEU B 1089 33.16 115.50 -41.81
C LEU B 1089 32.26 115.53 -43.05
N GLU B 1090 32.61 116.33 -44.06
CA GLU B 1090 31.76 116.43 -45.25
C GLU B 1090 31.77 115.15 -46.05
N GLU B 1091 32.95 114.58 -46.30
CA GLU B 1091 33.04 113.34 -47.05
C GLU B 1091 32.35 112.20 -46.30
N ARG B 1092 32.53 112.14 -44.99
CA ARG B 1092 31.85 111.13 -44.18
C ARG B 1092 30.34 111.32 -44.25
N HIS B 1093 29.88 112.57 -44.18
CA HIS B 1093 28.45 112.83 -44.26
C HIS B 1093 27.87 112.36 -45.60
N GLU B 1094 28.58 112.66 -46.70
CA GLU B 1094 28.10 112.23 -48.00
C GLU B 1094 28.10 110.71 -48.13
N LYS B 1095 29.14 110.06 -47.60
CA LYS B 1095 29.19 108.59 -47.67
C LYS B 1095 28.06 107.97 -46.87
N LEU B 1096 27.80 108.48 -45.67
CA LEU B 1096 26.67 107.98 -44.88
C LEU B 1096 25.34 108.22 -45.59
N ARG B 1097 25.18 109.38 -46.23
CA ARG B 1097 23.94 109.64 -46.94
C ARG B 1097 23.73 108.65 -48.08
N SER B 1098 24.78 108.40 -48.86
CA SER B 1098 24.66 107.44 -49.96
C SER B 1098 24.37 106.03 -49.43
N GLY B 1099 25.07 105.63 -48.36
CA GLY B 1099 24.81 104.32 -47.79
C GLY B 1099 23.40 104.18 -47.26
N MET B 1100 22.89 105.24 -46.62
CA MET B 1100 21.52 105.20 -46.11
C MET B 1100 20.51 105.11 -47.24
N ALA B 1101 20.75 105.82 -48.34
CA ALA B 1101 19.85 105.72 -49.49
C ALA B 1101 19.85 104.30 -50.04
N GLN B 1102 21.03 103.69 -50.16
CA GLN B 1102 21.10 102.32 -50.64
C GLN B 1102 20.36 101.37 -49.69
N GLN B 1103 20.53 101.57 -48.39
CA GLN B 1103 19.84 100.73 -47.42
C GLN B 1103 18.33 100.91 -47.49
N ILE B 1104 17.86 102.13 -47.73
CA ILE B 1104 16.43 102.37 -47.86
C ILE B 1104 15.88 101.61 -49.06
N ALA B 1105 16.59 101.69 -50.19
CA ALA B 1105 16.14 100.93 -51.37
C ALA B 1105 16.11 99.43 -51.09
N TYR B 1106 17.15 98.93 -50.43
CA TYR B 1106 17.22 97.50 -50.12
C TYR B 1106 16.08 97.08 -49.20
N GLU B 1107 15.78 97.88 -48.17
CA GLU B 1107 14.70 97.55 -47.25
C GLU B 1107 13.34 97.64 -47.94
N ILE B 1108 13.17 98.58 -48.86
CA ILE B 1108 11.91 98.63 -49.62
C ILE B 1108 11.74 97.36 -50.44
N HIS B 1109 12.82 96.91 -51.09
CA HIS B 1109 12.74 95.67 -51.86
C HIS B 1109 12.40 94.48 -50.97
N LEU B 1110 13.04 94.40 -49.80
CA LEU B 1110 12.74 93.31 -48.88
C LEU B 1110 11.31 93.37 -48.37
N GLU B 1111 10.80 94.57 -48.10
CA GLU B 1111 9.41 94.70 -47.68
C GLU B 1111 8.46 94.23 -48.76
N GLN B 1112 8.74 94.58 -50.02
CA GLN B 1112 7.91 94.13 -51.13
C GLN B 1112 7.89 92.61 -51.23
N GLN B 1113 9.08 91.99 -51.17
CA GLN B 1113 9.13 90.54 -51.31
C GLN B 1113 8.48 89.86 -50.11
N SER B 1114 8.63 90.43 -48.91
CA SER B 1114 8.03 89.84 -47.72
C SER B 1114 6.51 89.91 -47.77
N GLU B 1115 5.95 91.06 -48.20
CA GLU B 1115 4.51 91.14 -48.30
C GLU B 1115 3.96 90.24 -49.41
N GLU B 1116 4.71 90.09 -50.51
CA GLU B 1116 4.30 89.14 -51.54
C GLU B 1116 4.28 87.72 -51.01
N GLU B 1117 5.31 87.34 -50.25
CA GLU B 1117 5.34 86.01 -49.66
C GLU B 1117 4.20 85.80 -48.67
N LEU B 1118 3.91 86.82 -47.86
CA LEU B 1118 2.82 86.70 -46.89
C LEU B 1118 1.48 86.55 -47.58
N GLN B 1119 1.24 87.32 -48.64
CA GLN B 1119 -0.02 87.18 -49.37
C GLN B 1119 -0.09 85.88 -50.16
N LYS B 1120 1.06 85.28 -50.47
CA LYS B 1120 1.04 83.98 -51.14
C LYS B 1120 0.59 82.87 -50.20
N ARG B 1121 0.95 82.95 -48.92
CA ARG B 1121 0.62 81.91 -47.96
C ARG B 1121 -0.87 81.93 -47.62
N SER B 1122 -1.37 80.79 -47.15
CA SER B 1122 -2.76 80.65 -46.72
C SER B 1122 -2.85 80.76 -45.21
N PHE B 1123 -4.09 80.89 -44.73
CA PHE B 1123 -4.30 81.00 -43.28
C PHE B 1123 -3.86 79.76 -42.52
N PRO B 1124 -4.25 78.53 -42.89
CA PRO B 1124 -3.71 77.38 -42.14
C PRO B 1124 -2.30 77.02 -42.59
N ASP B 1125 -1.33 77.76 -42.07
CA ASP B 1125 0.08 77.63 -42.45
C ASP B 1125 0.60 76.24 -42.10
N PRO B 1126 0.88 75.40 -43.10
CA PRO B 1126 1.32 74.03 -42.80
C PRO B 1126 2.62 73.96 -42.02
N VAL B 1127 3.53 74.91 -42.22
CA VAL B 1127 4.84 74.83 -41.57
C VAL B 1127 4.76 75.09 -40.07
N THR B 1128 3.65 75.64 -39.58
CA THR B 1128 3.54 75.92 -38.15
C THR B 1128 2.16 75.58 -37.59
N ASP B 1129 1.40 74.71 -38.25
CA ASP B 1129 0.08 74.32 -37.76
C ASP B 1129 0.22 73.06 -36.93
N CYS B 1130 -0.04 73.17 -35.63
CA CYS B 1130 0.06 72.04 -34.73
C CYS B 1130 -1.12 71.10 -34.94
N LYS B 1131 -0.84 69.83 -35.13
CA LYS B 1131 -1.86 68.81 -35.35
C LYS B 1131 -1.59 67.59 -34.48
N PRO B 1132 -2.63 66.84 -34.12
CA PRO B 1132 -2.42 65.66 -33.30
C PRO B 1132 -1.59 64.62 -34.05
N PRO B 1133 -0.80 63.83 -33.34
CA PRO B 1133 -0.01 62.81 -34.02
C PRO B 1133 -0.91 61.71 -34.57
N PRO B 1134 -0.49 61.03 -35.63
CA PRO B 1134 -1.31 59.95 -36.17
C PRO B 1134 -1.39 58.79 -35.19
N PRO B 1135 -2.50 58.05 -35.19
CA PRO B 1135 -2.64 56.94 -34.25
C PRO B 1135 -1.67 55.80 -34.54
N ALA B 1136 -1.32 55.07 -33.48
CA ALA B 1136 -0.42 53.94 -33.62
C ALA B 1136 -1.10 52.77 -34.30
N GLN B 1137 -0.29 51.89 -34.90
CA GLN B 1137 -0.79 50.74 -35.63
C GLN B 1137 -0.42 49.42 -34.96
N GLU B 1138 0.87 49.18 -34.72
CA GLU B 1138 1.30 47.93 -34.13
C GLU B 1138 1.10 47.96 -32.61
N PHE B 1139 1.07 46.76 -32.02
CA PHE B 1139 0.85 46.63 -30.58
C PHE B 1139 1.63 45.43 -30.06
N GLN B 1140 2.54 45.67 -29.13
CA GLN B 1140 3.23 44.60 -28.41
C GLN B 1140 2.51 44.40 -27.08
N THR B 1141 1.35 43.72 -27.15
CA THR B 1141 0.47 43.61 -26.00
C THR B 1141 1.08 42.80 -24.86
N ALA B 1142 2.11 42.00 -25.13
CA ALA B 1142 2.68 41.14 -24.11
C ALA B 1142 3.26 41.94 -22.95
N ARG B 1143 4.02 42.99 -23.27
CA ARG B 1143 4.61 43.79 -22.20
C ARG B 1143 3.55 44.55 -21.43
N LEU B 1144 2.49 45.00 -22.12
CA LEU B 1144 1.38 45.64 -21.44
C LEU B 1144 0.73 44.68 -20.45
N PHE B 1145 0.51 43.43 -20.87
CA PHE B 1145 -0.12 42.46 -19.99
C PHE B 1145 0.76 42.15 -18.79
N LEU B 1146 2.06 41.96 -19.01
CA LEU B 1146 2.94 41.68 -17.88
C LEU B 1146 3.02 42.84 -16.91
N SER B 1147 3.10 44.08 -17.42
CA SER B 1147 3.27 45.22 -16.54
C SER B 1147 2.00 45.59 -15.81
N HIS B 1148 0.85 45.47 -16.46
CA HIS B 1148 -0.41 45.90 -15.85
C HIS B 1148 -0.75 45.04 -14.63
N PHE B 1149 -0.53 43.73 -14.71
CA PHE B 1149 -0.88 42.84 -13.61
C PHE B 1149 0.14 42.87 -12.47
N GLY B 1150 1.25 43.58 -12.64
CA GLY B 1150 2.25 43.67 -11.60
C GLY B 1150 3.26 42.54 -11.57
N PHE B 1151 3.22 41.62 -12.53
CA PHE B 1151 4.21 40.55 -12.58
C PHE B 1151 5.60 41.10 -12.86
N LEU B 1152 5.70 42.10 -13.73
CA LEU B 1152 6.98 42.61 -14.20
C LEU B 1152 7.46 43.71 -13.26
N SER B 1153 8.54 43.44 -12.54
CA SER B 1153 9.13 44.42 -11.63
C SER B 1153 10.57 44.01 -11.35
N LEU B 1154 11.34 44.95 -10.80
CA LEU B 1154 12.74 44.69 -10.51
C LEU B 1154 12.89 43.60 -9.45
N GLU B 1155 12.06 43.64 -8.41
CA GLU B 1155 12.13 42.62 -7.37
C GLU B 1155 11.77 41.24 -7.93
N ALA B 1156 10.77 41.18 -8.81
CA ALA B 1156 10.37 39.90 -9.37
C ALA B 1156 11.50 39.27 -10.19
N LEU B 1157 12.20 40.07 -10.98
CA LEU B 1157 13.27 39.56 -11.82
C LEU B 1157 14.58 39.35 -11.06
N LYS B 1158 14.68 39.83 -9.83
CA LYS B 1158 15.93 39.72 -9.08
C LYS B 1158 16.23 38.27 -8.76
N GLU B 1159 17.50 37.88 -8.94
CA GLU B 1159 17.91 36.52 -8.63
C GLU B 1159 17.81 36.25 -7.15
N PRO B 1160 17.25 35.12 -6.72
CA PRO B 1160 17.19 34.82 -5.29
C PRO B 1160 18.58 34.66 -4.70
N ALA B 1161 18.70 35.01 -3.43
CA ALA B 1161 19.97 34.95 -2.71
C ALA B 1161 20.09 33.62 -1.97
N ASN B 1162 21.21 32.95 -2.17
CA ASN B 1162 21.52 31.68 -1.49
C ASN B 1162 20.43 30.63 -1.75
N SER B 1163 20.07 30.49 -3.02
CA SER B 1163 19.07 29.50 -3.42
C SER B 1163 19.27 29.16 -4.89
N ARG B 1164 18.66 28.05 -5.31
CA ARG B 1164 18.75 27.62 -6.69
C ARG B 1164 17.43 27.70 -7.43
N LEU B 1165 16.33 28.01 -6.75
CA LEU B 1165 15.06 28.20 -7.43
C LEU B 1165 15.12 29.43 -8.32
N PRO B 1166 14.53 29.39 -9.51
CA PRO B 1166 14.60 30.54 -10.41
C PRO B 1166 13.80 31.71 -9.88
N PRO B 1167 14.10 32.92 -10.35
CA PRO B 1167 13.32 34.09 -9.92
C PRO B 1167 11.86 33.96 -10.29
N HIS B 1168 11.06 34.90 -9.77
CA HIS B 1168 9.61 34.81 -9.91
C HIS B 1168 9.17 34.91 -11.36
N LEU B 1169 9.96 35.54 -12.21
CA LEU B 1169 9.66 35.66 -13.63
C LEU B 1169 10.82 35.12 -14.45
N ILE B 1170 10.50 34.27 -15.42
CA ILE B 1170 11.50 33.61 -16.25
C ILE B 1170 11.02 33.63 -17.69
N ALA B 1171 11.93 33.91 -18.61
CA ALA B 1171 11.64 33.86 -20.03
C ALA B 1171 12.27 32.60 -20.62
N LEU B 1172 11.46 31.81 -21.33
CA LEU B 1172 11.95 30.59 -21.94
C LEU B 1172 12.51 30.88 -23.33
N ASP B 1173 12.89 29.82 -24.03
CA ASP B 1173 13.50 29.93 -25.35
C ASP B 1173 12.77 29.03 -26.32
N SER B 1174 12.59 29.52 -27.55
CA SER B 1174 11.96 28.75 -28.61
C SER B 1174 12.97 28.34 -29.69
N THR B 1175 14.26 28.54 -29.45
CA THR B 1175 15.29 28.17 -30.40
C THR B 1175 16.10 26.95 -29.99
N ILE B 1176 16.16 26.63 -28.71
CA ILE B 1176 16.87 25.42 -28.26
C ILE B 1176 16.15 24.20 -28.81
N PRO B 1177 16.85 23.27 -29.45
CA PRO B 1177 16.16 22.10 -30.02
C PRO B 1177 15.47 21.27 -28.95
N GLY B 1178 14.33 20.71 -29.32
CA GLY B 1178 13.55 19.87 -28.43
C GLY B 1178 12.58 20.58 -27.52
N PHE B 1179 12.41 21.90 -27.67
CA PHE B 1179 11.49 22.63 -26.81
C PHE B 1179 10.04 22.23 -27.11
N PHE B 1180 9.67 22.19 -28.38
CA PHE B 1180 8.30 21.83 -28.73
C PHE B 1180 8.00 20.37 -28.38
N ASP B 1181 8.99 19.50 -28.47
CA ASP B 1181 8.79 18.12 -28.05
C ASP B 1181 8.47 18.04 -26.56
N ASP B 1182 9.18 18.82 -25.73
CA ASP B 1182 8.88 18.84 -24.31
C ASP B 1182 7.53 19.48 -24.03
N ILE B 1183 7.13 20.48 -24.83
CA ILE B 1183 5.79 21.04 -24.69
C ILE B 1183 4.73 19.97 -24.98
N GLY B 1184 4.95 19.16 -26.02
CA GLY B 1184 4.05 18.06 -26.28
C GLY B 1184 4.04 17.04 -25.16
N TYR B 1185 5.21 16.77 -24.58
CA TYR B 1185 5.29 15.91 -23.40
C TYR B 1185 4.40 16.43 -22.29
N LEU B 1186 4.48 17.73 -22.02
CA LEU B 1186 3.65 18.32 -20.97
C LEU B 1186 2.17 18.24 -21.33
N ASP B 1187 1.83 18.42 -22.60
CA ASP B 1187 0.44 18.35 -23.03
C ASP B 1187 -0.15 16.95 -22.84
N LEU B 1188 0.61 15.91 -23.20
CA LEU B 1188 0.06 14.56 -23.16
C LEU B 1188 -0.14 14.04 -21.75
N LEU B 1189 0.41 14.68 -20.73
CA LEU B 1189 0.21 14.23 -19.37
C LEU B 1189 -1.22 14.54 -18.93
N PRO B 1190 -2.00 13.56 -18.51
CA PRO B 1190 -3.37 13.82 -18.07
C PRO B 1190 -3.40 14.42 -16.68
N CYS B 1191 -4.56 14.97 -16.33
CA CYS B 1191 -4.76 15.64 -15.05
C CYS B 1191 -5.61 14.84 -14.07
N ARG B 1192 -6.24 13.75 -14.50
CA ARG B 1192 -7.04 12.91 -13.63
C ARG B 1192 -6.74 11.44 -13.93
N PRO B 1193 -6.86 10.58 -12.92
CA PRO B 1193 -6.53 9.16 -13.14
C PRO B 1193 -7.46 8.51 -14.15
N PHE B 1194 -6.92 7.53 -14.87
CA PHE B 1194 -7.68 6.79 -15.87
C PHE B 1194 -7.46 5.30 -15.69
N ASP B 1195 -8.48 4.52 -16.07
CA ASP B 1195 -8.47 3.07 -15.90
C ASP B 1195 -8.84 2.41 -17.22
N THR B 1196 -8.88 1.08 -17.21
CA THR B 1196 -9.26 0.30 -18.38
C THR B 1196 -9.93 -0.99 -17.93
N VAL B 1197 -10.98 -1.38 -18.64
CA VAL B 1197 -11.75 -2.58 -18.31
C VAL B 1197 -11.93 -3.41 -19.58
N PHE B 1198 -11.67 -4.71 -19.47
CA PHE B 1198 -11.85 -5.65 -20.56
C PHE B 1198 -13.03 -6.56 -20.26
N ILE B 1199 -13.79 -6.90 -21.30
CA ILE B 1199 -15.03 -7.66 -21.17
C ILE B 1199 -14.97 -8.89 -22.06
N PHE B 1200 -15.28 -10.05 -21.50
CA PHE B 1200 -15.25 -11.31 -22.22
C PHE B 1200 -16.56 -12.07 -22.03
N TYR B 1201 -16.87 -12.94 -22.99
CA TYR B 1201 -18.07 -13.76 -22.97
C TYR B 1201 -17.67 -15.22 -23.04
N MET B 1202 -18.33 -16.06 -22.23
CA MET B 1202 -18.00 -17.47 -22.14
C MET B 1202 -19.23 -18.33 -22.43
N LYS B 1203 -19.02 -19.39 -23.21
CA LYS B 1203 -20.00 -20.41 -23.49
C LYS B 1203 -19.59 -21.72 -22.84
N PRO B 1204 -20.51 -22.64 -22.59
CA PRO B 1204 -20.15 -23.90 -21.94
C PRO B 1204 -19.14 -24.68 -22.78
N GLY B 1205 -18.23 -25.36 -22.08
CA GLY B 1205 -17.21 -26.16 -22.74
C GLY B 1205 -16.21 -25.35 -23.54
N GLN B 1206 -15.73 -24.24 -23.00
CA GLN B 1206 -14.72 -23.41 -23.66
C GLN B 1206 -13.54 -23.23 -22.73
N LYS B 1207 -12.35 -23.56 -23.21
CA LYS B 1207 -11.13 -23.43 -22.44
C LYS B 1207 -10.00 -22.71 -23.16
N THR B 1208 -10.13 -22.47 -24.47
CA THR B 1208 -9.09 -21.82 -25.25
C THR B 1208 -9.40 -20.33 -25.40
N ASN B 1209 -8.34 -19.52 -25.42
CA ASN B 1209 -8.52 -18.08 -25.56
C ASN B 1209 -9.14 -17.73 -26.91
N GLN B 1210 -8.80 -18.48 -27.96
CA GLN B 1210 -9.30 -18.16 -29.28
C GLN B 1210 -10.82 -18.26 -29.35
N GLU B 1211 -11.39 -19.33 -28.76
CA GLU B 1211 -12.84 -19.49 -28.79
C GLU B 1211 -13.53 -18.41 -27.96
N ILE B 1212 -12.94 -18.04 -26.82
CA ILE B 1212 -13.52 -17.01 -25.98
C ILE B 1212 -13.53 -15.67 -26.69
N LEU B 1213 -12.45 -15.35 -27.41
CA LEU B 1213 -12.45 -14.13 -28.21
C LEU B 1213 -13.43 -14.24 -29.38
N LYS B 1214 -13.58 -15.45 -29.94
CA LYS B 1214 -14.39 -15.62 -31.14
C LYS B 1214 -15.87 -15.46 -30.85
N ASN B 1215 -16.33 -15.94 -29.70
CA ASN B 1215 -17.77 -15.94 -29.44
C ASN B 1215 -18.32 -14.52 -29.35
N VAL B 1216 -17.47 -13.56 -28.95
CA VAL B 1216 -17.92 -12.18 -28.80
C VAL B 1216 -18.24 -11.56 -30.16
N GLU B 1217 -17.33 -11.69 -31.12
CA GLU B 1217 -17.46 -10.97 -32.38
C GLU B 1217 -18.70 -11.38 -33.16
N SER B 1218 -19.26 -12.55 -32.89
CA SER B 1218 -20.49 -12.94 -33.53
C SER B 1218 -21.67 -12.13 -33.00
N SER B 1219 -22.70 -11.99 -33.81
CA SER B 1219 -23.92 -11.29 -33.45
C SER B 1219 -25.04 -12.31 -33.29
N ARG B 1220 -26.06 -11.93 -32.52
CA ARG B 1220 -27.29 -12.70 -32.29
C ARG B 1220 -27.03 -14.08 -31.70
N THR B 1221 -25.80 -14.37 -31.29
CA THR B 1221 -25.44 -15.66 -30.71
C THR B 1221 -25.23 -15.58 -29.21
N VAL B 1222 -25.60 -14.47 -28.56
CA VAL B 1222 -25.44 -14.29 -27.13
C VAL B 1222 -26.75 -13.79 -26.54
N GLN B 1223 -26.83 -13.87 -25.22
CA GLN B 1223 -28.04 -13.41 -24.53
C GLN B 1223 -28.21 -11.91 -24.72
N PRO B 1224 -29.43 -11.44 -24.96
CA PRO B 1224 -29.65 -9.99 -25.06
C PRO B 1224 -29.30 -9.24 -23.79
N HIS B 1225 -29.38 -9.91 -22.64
CA HIS B 1225 -29.03 -9.26 -21.38
C HIS B 1225 -27.58 -8.81 -21.36
N PHE B 1226 -26.70 -9.51 -22.08
CA PHE B 1226 -25.30 -9.08 -22.16
C PHE B 1226 -25.20 -7.73 -22.86
N LEU B 1227 -25.92 -7.56 -23.97
CA LEU B 1227 -25.91 -6.27 -24.65
C LEU B 1227 -26.54 -5.19 -23.79
N GLU B 1228 -27.63 -5.53 -23.09
CA GLU B 1228 -28.26 -4.54 -22.22
C GLU B 1228 -27.32 -4.09 -21.10
N PHE B 1229 -26.58 -5.04 -20.53
CA PHE B 1229 -25.59 -4.70 -19.51
C PHE B 1229 -24.45 -3.87 -20.11
N LEU B 1230 -24.04 -4.18 -21.34
CA LEU B 1230 -23.00 -3.40 -21.99
C LEU B 1230 -23.41 -1.94 -22.17
N LEU B 1231 -24.61 -1.72 -22.70
CA LEU B 1231 -25.03 -0.35 -23.00
C LEU B 1231 -25.32 0.46 -21.74
N SER B 1232 -25.34 -0.16 -20.57
CA SER B 1232 -25.58 0.55 -19.33
C SER B 1232 -24.30 0.95 -18.61
N LEU B 1233 -23.15 0.77 -19.24
CA LEU B 1233 -21.87 1.13 -18.64
C LEU B 1233 -21.42 2.54 -19.00
N GLY B 1234 -21.63 2.96 -20.25
CA GLY B 1234 -21.23 4.29 -20.66
C GLY B 1234 -21.64 4.53 -22.10
N TRP B 1235 -21.41 5.76 -22.55
CA TRP B 1235 -21.77 6.14 -23.90
C TRP B 1235 -20.74 5.63 -24.89
N SER B 1236 -20.99 5.87 -26.18
CA SER B 1236 -20.12 5.41 -27.26
C SER B 1236 -19.45 6.61 -27.90
N VAL B 1237 -18.13 6.56 -28.06
CA VAL B 1237 -17.35 7.62 -28.67
C VAL B 1237 -16.36 7.00 -29.65
N ASP B 1238 -16.23 7.62 -30.81
CA ASP B 1238 -15.28 7.15 -31.81
C ASP B 1238 -13.86 7.34 -31.32
N VAL B 1239 -12.98 6.38 -31.66
CA VAL B 1239 -11.61 6.43 -31.17
C VAL B 1239 -10.85 7.59 -31.80
N GLY B 1240 -11.12 7.88 -33.08
CA GLY B 1240 -10.40 8.95 -33.75
C GLY B 1240 -10.71 10.32 -33.18
N ARG B 1241 -11.98 10.58 -32.88
CA ARG B 1241 -12.42 11.88 -32.41
C ARG B 1241 -12.42 12.01 -30.90
N HIS B 1242 -11.97 10.99 -30.18
CA HIS B 1242 -11.99 11.04 -28.71
C HIS B 1242 -10.83 11.89 -28.21
N PRO B 1243 -11.09 12.94 -27.43
CA PRO B 1243 -9.99 13.75 -26.89
C PRO B 1243 -9.41 13.22 -25.59
N GLY B 1244 -9.88 12.07 -25.10
CA GLY B 1244 -9.40 11.54 -23.84
C GLY B 1244 -8.90 10.11 -23.95
N TRP B 1245 -8.77 9.43 -22.81
CA TRP B 1245 -8.27 8.06 -22.81
C TRP B 1245 -9.25 7.13 -23.50
N THR B 1246 -8.70 6.22 -24.32
CA THR B 1246 -9.53 5.28 -25.07
C THR B 1246 -9.11 3.84 -24.85
N GLY B 1247 -8.24 3.57 -23.88
CA GLY B 1247 -7.75 2.24 -23.61
C GLY B 1247 -6.48 1.85 -24.32
N HIS B 1248 -5.99 2.66 -25.26
CA HIS B 1248 -4.75 2.33 -25.96
C HIS B 1248 -4.00 3.62 -26.25
N VAL B 1249 -2.69 3.61 -25.99
CA VAL B 1249 -1.93 4.86 -26.01
C VAL B 1249 -1.88 5.44 -27.42
N SER B 1250 -1.71 4.59 -28.43
CA SER B 1250 -1.38 5.09 -29.77
C SER B 1250 -2.54 5.88 -30.39
N THR B 1251 -3.76 5.67 -29.92
CA THR B 1251 -4.91 6.35 -30.49
C THR B 1251 -5.70 7.08 -29.43
N SER B 1252 -5.00 7.69 -28.48
CA SER B 1252 -5.64 8.42 -27.39
C SER B 1252 -5.13 9.85 -27.34
N TRP B 1253 -5.94 10.72 -26.71
CA TRP B 1253 -5.61 12.13 -26.56
C TRP B 1253 -5.38 12.80 -27.91
N SER B 1254 -6.21 12.44 -28.89
CA SER B 1254 -6.13 13.03 -30.23
C SER B 1254 -7.06 14.24 -30.26
N ILE B 1255 -6.51 15.41 -29.92
CA ILE B 1255 -7.30 16.64 -29.90
C ILE B 1255 -7.65 17.14 -31.28
N ASN B 1256 -7.00 16.61 -32.32
CA ASN B 1256 -7.25 17.03 -33.70
C ASN B 1256 -8.36 16.14 -34.27
N CYS B 1257 -9.56 16.68 -34.38
CA CYS B 1257 -10.69 15.93 -34.90
C CYS B 1257 -10.67 15.90 -36.42
N GLU B 1272 -27.17 -6.30 -41.84
CA GLU B 1272 -25.77 -6.15 -41.50
C GLU B 1272 -25.61 -5.95 -39.99
N ASP B 1273 -25.21 -7.02 -39.30
CA ASP B 1273 -25.01 -6.98 -37.85
C ASP B 1273 -23.60 -7.45 -37.53
N ILE B 1274 -22.93 -6.72 -36.64
CA ILE B 1274 -21.57 -7.05 -36.22
C ILE B 1274 -21.49 -7.39 -34.74
N GLY B 1275 -22.45 -6.97 -33.92
CA GLY B 1275 -22.46 -7.31 -32.53
C GLY B 1275 -21.57 -6.40 -31.69
N ALA B 1276 -21.16 -6.93 -30.54
CA ALA B 1276 -20.35 -6.19 -29.58
C ALA B 1276 -18.88 -6.14 -29.95
N SER B 1277 -18.53 -6.47 -31.19
CA SER B 1277 -17.14 -6.35 -31.63
C SER B 1277 -16.80 -4.96 -32.14
N ILE B 1278 -17.79 -4.08 -32.28
CA ILE B 1278 -17.50 -2.69 -32.65
C ILE B 1278 -16.64 -2.04 -31.59
N PHE B 1279 -16.84 -2.41 -30.33
CA PHE B 1279 -16.14 -1.81 -29.21
C PHE B 1279 -14.79 -2.46 -28.94
N ASN B 1280 -14.18 -3.07 -29.96
CA ASN B 1280 -12.90 -3.74 -29.79
C ASN B 1280 -11.74 -2.77 -29.61
N GLY B 1281 -11.93 -1.49 -29.89
CA GLY B 1281 -10.89 -0.49 -29.69
C GLY B 1281 -10.33 0.11 -30.97
N GLN B 1282 -10.87 -0.25 -32.14
CA GLN B 1282 -10.39 0.31 -33.38
C GLN B 1282 -11.38 1.24 -34.06
N LYS B 1283 -12.65 1.17 -33.71
CA LYS B 1283 -13.64 2.09 -34.27
C LYS B 1283 -14.47 2.79 -33.20
N LYS B 1284 -14.81 2.09 -32.12
CA LYS B 1284 -15.58 2.70 -31.04
C LYS B 1284 -15.13 2.08 -29.72
N VAL B 1285 -15.34 2.81 -28.64
CA VAL B 1285 -14.97 2.36 -27.29
C VAL B 1285 -15.97 2.93 -26.30
N LEU B 1286 -16.51 2.06 -25.44
CA LEU B 1286 -17.34 2.53 -24.34
C LEU B 1286 -16.54 3.39 -23.39
N TYR B 1287 -17.10 4.53 -23.00
CA TYR B 1287 -16.38 5.52 -22.24
C TYR B 1287 -17.25 6.01 -21.09
N TYR B 1288 -16.60 6.37 -19.98
CA TYR B 1288 -17.26 7.00 -18.87
C TYR B 1288 -16.30 8.00 -18.24
N ALA B 1289 -16.83 9.15 -17.82
CA ALA B 1289 -15.98 10.19 -17.26
C ALA B 1289 -16.75 10.96 -16.20
N ASP B 1290 -16.08 11.16 -15.06
CA ASP B 1290 -16.61 12.02 -14.00
C ASP B 1290 -15.60 13.12 -13.70
N ALA B 1291 -15.85 13.90 -12.66
CA ALA B 1291 -14.93 14.97 -12.32
C ALA B 1291 -13.64 14.46 -11.70
N LEU B 1292 -13.59 13.19 -11.30
CA LEU B 1292 -12.41 12.64 -10.66
C LEU B 1292 -11.98 11.28 -11.20
N THR B 1293 -12.74 10.69 -12.12
CA THR B 1293 -12.41 9.38 -12.66
C THR B 1293 -12.67 9.35 -14.16
N GLU B 1294 -11.98 8.44 -14.84
CA GLU B 1294 -12.17 8.23 -16.28
C GLU B 1294 -11.90 6.78 -16.58
N ILE B 1295 -12.90 6.10 -17.16
CA ILE B 1295 -12.83 4.67 -17.43
C ILE B 1295 -13.14 4.44 -18.90
N ALA B 1296 -12.38 3.55 -19.53
CA ALA B 1296 -12.60 3.17 -20.92
C ALA B 1296 -12.89 1.68 -20.98
N PHE B 1297 -14.13 1.33 -21.30
CA PHE B 1297 -14.55 -0.07 -21.41
C PHE B 1297 -14.36 -0.54 -22.84
N VAL B 1298 -13.53 -1.56 -23.03
CA VAL B 1298 -13.21 -2.09 -24.35
C VAL B 1298 -13.41 -3.59 -24.32
N VAL B 1299 -14.03 -4.13 -25.36
CA VAL B 1299 -14.34 -5.56 -25.45
C VAL B 1299 -13.40 -6.18 -26.48
N PRO B 1300 -12.41 -6.96 -26.07
CA PRO B 1300 -11.45 -7.52 -27.03
C PRO B 1300 -12.12 -8.41 -28.05
N SER B 1301 -11.58 -8.41 -29.26
CA SER B 1301 -12.08 -9.18 -30.40
C SER B 1301 -10.92 -9.88 -31.06
N PRO B 1302 -11.18 -10.96 -31.81
CA PRO B 1302 -10.09 -11.66 -32.50
C PRO B 1302 -9.39 -10.76 -33.49
N VAL B 1303 -8.10 -11.01 -33.68
CA VAL B 1303 -7.27 -10.21 -34.58
C VAL B 1303 -7.27 -10.86 -35.96
N GLU B 1304 -7.79 -10.15 -36.94
CA GLU B 1304 -7.82 -10.63 -38.32
C GLU B 1304 -7.37 -9.52 -39.26
N SER B 1305 -6.88 -9.92 -40.42
CA SER B 1305 -6.41 -8.97 -41.43
C SER B 1305 -7.57 -8.17 -42.01
N GLN B 1364 7.68 6.20 -30.86
CA GLN B 1364 8.37 7.46 -30.64
C GLN B 1364 7.56 8.62 -31.22
N GLY B 1365 6.67 8.31 -32.15
CA GLY B 1365 5.81 9.32 -32.73
C GLY B 1365 4.81 9.90 -31.75
N ARG B 1366 4.52 9.18 -30.68
CA ARG B 1366 3.64 9.66 -29.60
C ARG B 1366 4.40 9.50 -28.29
N PRO B 1367 5.38 10.36 -28.04
CA PRO B 1367 6.20 10.20 -26.83
C PRO B 1367 5.45 10.55 -25.56
N VAL B 1368 5.14 9.53 -24.77
CA VAL B 1368 4.37 9.68 -23.53
C VAL B 1368 5.28 9.35 -22.36
N PRO B 1369 5.46 10.24 -21.40
CA PRO B 1369 6.27 9.94 -20.22
C PRO B 1369 5.62 8.86 -19.38
N PRO B 1370 6.41 8.13 -18.58
CA PRO B 1370 5.83 7.06 -17.76
C PRO B 1370 4.78 7.58 -16.77
N LEU B 1371 3.53 7.14 -16.95
CA LEU B 1371 2.46 7.56 -16.06
C LEU B 1371 2.62 6.95 -14.67
N GLY B 1372 2.83 5.63 -14.61
CA GLY B 1372 2.87 4.93 -13.36
C GLY B 1372 2.24 3.57 -13.49
N PRO B 1373 1.99 2.90 -12.35
CA PRO B 1373 1.44 1.54 -12.41
C PRO B 1373 0.05 1.51 -13.02
N GLU B 1374 -0.08 0.91 -14.20
CA GLU B 1374 -1.38 0.83 -14.85
C GLU B 1374 -2.28 -0.13 -14.10
N THR B 1375 -3.56 0.25 -13.97
CA THR B 1375 -4.56 -0.56 -13.30
C THR B 1375 -5.63 -0.95 -14.31
N ARG B 1376 -5.87 -2.25 -14.45
CA ARG B 1376 -6.92 -2.76 -15.32
C ARG B 1376 -7.65 -3.89 -14.62
N VAL B 1377 -8.95 -3.98 -14.86
CA VAL B 1377 -9.81 -4.99 -14.26
C VAL B 1377 -10.63 -5.63 -15.37
N SER B 1378 -10.76 -6.95 -15.33
CA SER B 1378 -11.47 -7.70 -16.36
C SER B 1378 -12.83 -8.16 -15.85
N VAL B 1379 -13.84 -8.06 -16.70
CA VAL B 1379 -15.20 -8.49 -16.40
C VAL B 1379 -15.56 -9.62 -17.35
N VAL B 1380 -15.99 -10.76 -16.80
CA VAL B 1380 -16.27 -11.95 -17.57
C VAL B 1380 -17.73 -12.33 -17.38
N TRP B 1381 -18.42 -12.57 -18.49
CA TRP B 1381 -19.82 -12.99 -18.48
C TRP B 1381 -19.84 -14.50 -18.73
N VAL B 1382 -20.06 -15.27 -17.66
CA VAL B 1382 -20.06 -16.73 -17.73
C VAL B 1382 -21.49 -17.23 -17.73
N GLU B 1383 -21.79 -18.18 -18.62
CA GLU B 1383 -23.13 -18.74 -18.69
C GLU B 1383 -23.31 -19.89 -17.70
N ARG B 1384 -22.27 -20.70 -17.50
CA ARG B 1384 -22.31 -21.82 -16.56
C ARG B 1384 -21.32 -21.57 -15.43
N TYR B 1385 -21.78 -21.72 -14.20
CA TYR B 1385 -20.95 -21.39 -13.04
C TYR B 1385 -19.75 -22.31 -12.91
N ASP B 1386 -19.84 -23.54 -13.42
CA ASP B 1386 -18.75 -24.48 -13.27
C ASP B 1386 -17.54 -24.12 -14.13
N ASP B 1387 -17.72 -23.26 -15.13
CA ASP B 1387 -16.62 -22.86 -16.01
C ASP B 1387 -15.82 -21.68 -15.46
N ILE B 1388 -16.18 -21.16 -14.28
CA ILE B 1388 -15.47 -20.03 -13.71
C ILE B 1388 -14.02 -20.39 -13.43
N GLU B 1389 -13.79 -21.56 -12.83
CA GLU B 1389 -12.42 -21.96 -12.54
C GLU B 1389 -11.63 -22.23 -13.80
N ASN B 1390 -12.29 -22.66 -14.87
CA ASN B 1390 -11.61 -22.98 -16.13
C ASN B 1390 -11.63 -21.76 -17.05
N PHE B 1391 -10.99 -20.69 -16.58
CA PHE B 1391 -10.88 -19.47 -17.35
C PHE B 1391 -9.42 -19.22 -17.70
N PRO B 1392 -9.04 -19.25 -18.98
CA PRO B 1392 -7.63 -19.07 -19.37
C PRO B 1392 -7.18 -17.62 -19.30
N LEU B 1393 -7.06 -17.12 -18.06
CA LEU B 1393 -6.63 -15.74 -17.87
C LEU B 1393 -5.20 -15.52 -18.33
N SER B 1394 -4.34 -16.51 -18.12
CA SER B 1394 -2.93 -16.36 -18.49
C SER B 1394 -2.77 -16.23 -20.00
N GLU B 1395 -3.50 -17.02 -20.77
CA GLU B 1395 -3.31 -17.05 -22.22
C GLU B 1395 -3.75 -15.76 -22.91
N LEU B 1396 -4.55 -14.94 -22.26
CA LEU B 1396 -5.07 -13.71 -22.86
C LEU B 1396 -4.35 -12.46 -22.36
N MET B 1397 -3.25 -12.61 -21.63
CA MET B 1397 -2.48 -11.44 -21.21
C MET B 1397 -1.92 -10.70 -22.42
N THR B 1398 -1.40 -11.43 -23.40
CA THR B 1398 -0.81 -10.81 -24.57
C THR B 1398 -1.84 -10.19 -25.51
N GLU B 1399 -3.10 -10.56 -25.38
CA GLU B 1399 -4.16 -10.03 -26.24
C GLU B 1399 -4.85 -8.81 -25.65
N ILE B 1400 -4.45 -8.36 -24.46
CA ILE B 1400 -5.08 -7.20 -23.83
C ILE B 1400 -4.02 -6.14 -23.54
N SER B 1401 -2.99 -6.08 -24.38
CA SER B 1401 -1.98 -5.04 -24.23
C SER B 1401 -2.58 -3.67 -24.56
N THR B 1402 -2.40 -2.72 -23.65
CA THR B 1402 -2.97 -1.39 -23.80
C THR B 1402 -1.98 -0.39 -24.40
N GLY B 1403 -0.76 -0.80 -24.68
CA GLY B 1403 0.28 0.12 -25.10
C GLY B 1403 0.97 0.83 -23.97
N VAL B 1404 0.45 0.75 -22.75
CA VAL B 1404 1.11 1.34 -21.59
C VAL B 1404 2.27 0.48 -21.12
N GLU B 1405 2.41 -0.74 -21.64
CA GLU B 1405 3.51 -1.61 -21.24
C GLU B 1405 4.85 -1.01 -21.63
N THR B 1406 4.95 -0.43 -22.83
CA THR B 1406 6.17 0.25 -23.22
C THR B 1406 6.45 1.44 -22.31
N THR B 1407 5.41 2.21 -22.00
CA THR B 1407 5.51 3.28 -21.02
C THR B 1407 5.40 2.69 -19.61
N ALA B 1408 5.16 3.55 -18.62
CA ALA B 1408 4.95 3.12 -17.23
C ALA B 1408 6.15 2.35 -16.71
N ASN B 1409 7.35 2.76 -17.13
CA ASN B 1409 8.58 2.13 -16.70
C ASN B 1409 9.13 2.73 -15.41
N SER B 1410 8.44 3.71 -14.84
CA SER B 1410 8.85 4.35 -13.59
C SER B 1410 10.27 4.92 -13.69
N SER B 1416 4.58 -11.63 -19.29
CA SER B 1416 3.19 -11.39 -18.94
C SER B 1416 2.73 -12.32 -17.83
N THR B 1417 3.61 -13.26 -17.46
CA THR B 1417 3.28 -14.21 -16.40
C THR B 1417 3.09 -13.52 -15.06
N THR B 1418 3.94 -12.53 -14.76
CA THR B 1418 3.83 -11.83 -13.48
C THR B 1418 2.64 -10.89 -13.42
N LEU B 1419 2.05 -10.54 -14.56
CA LEU B 1419 0.91 -9.63 -14.59
C LEU B 1419 -0.42 -10.33 -14.36
N GLU B 1420 -0.44 -11.67 -14.36
CA GLU B 1420 -1.70 -12.39 -14.15
C GLU B 1420 -2.24 -12.16 -12.75
N LYS B 1421 -1.36 -12.17 -11.74
CA LYS B 1421 -1.79 -11.92 -10.37
C LYS B 1421 -2.21 -10.48 -10.13
N GLU B 1422 -1.70 -9.54 -10.92
CA GLU B 1422 -2.00 -8.13 -10.71
C GLU B 1422 -3.47 -7.83 -11.04
N VAL B 1423 -3.95 -8.35 -12.16
CA VAL B 1423 -5.30 -8.04 -12.64
C VAL B 1423 -6.31 -8.88 -11.86
N PRO B 1424 -7.28 -8.26 -11.20
CA PRO B 1424 -8.41 -9.01 -10.66
C PRO B 1424 -9.49 -9.21 -11.71
N VAL B 1425 -10.37 -10.17 -11.43
CA VAL B 1425 -11.43 -10.55 -12.37
C VAL B 1425 -12.77 -10.49 -11.65
N ILE B 1426 -13.78 -9.99 -12.36
CA ILE B 1426 -15.16 -9.95 -11.87
C ILE B 1426 -15.99 -10.86 -12.79
N PHE B 1427 -16.65 -11.84 -12.18
CA PHE B 1427 -17.44 -12.82 -12.92
C PHE B 1427 -18.93 -12.54 -12.72
N ILE B 1428 -19.67 -12.50 -13.82
CA ILE B 1428 -21.11 -12.30 -13.82
C ILE B 1428 -21.76 -13.59 -14.26
N HIS B 1429 -22.54 -14.21 -13.38
CA HIS B 1429 -23.23 -15.46 -13.68
C HIS B 1429 -24.74 -15.27 -13.57
N PRO B 1430 -25.44 -15.09 -14.69
CA PRO B 1430 -26.90 -14.98 -14.62
C PRO B 1430 -27.54 -16.28 -14.20
N LEU B 1431 -28.66 -16.17 -13.49
CA LEU B 1431 -29.42 -17.30 -13.02
C LEU B 1431 -30.67 -17.48 -13.87
N ASN B 1432 -31.48 -18.48 -13.51
CA ASN B 1432 -32.74 -18.69 -14.19
C ASN B 1432 -33.88 -17.85 -13.62
N THR B 1433 -33.68 -17.24 -12.45
CA THR B 1433 -34.69 -16.42 -11.81
C THR B 1433 -34.53 -14.94 -12.14
N GLY B 1434 -33.57 -14.57 -12.98
CA GLY B 1434 -33.34 -13.20 -13.38
C GLY B 1434 -32.26 -12.49 -12.60
N LEU B 1435 -32.00 -12.91 -11.37
CA LEU B 1435 -30.95 -12.30 -10.57
C LEU B 1435 -29.58 -12.78 -11.05
N PHE B 1436 -28.54 -12.08 -10.61
CA PHE B 1436 -27.18 -12.36 -11.03
C PHE B 1436 -26.32 -12.76 -9.83
N ARG B 1437 -25.37 -13.65 -10.09
CA ARG B 1437 -24.43 -14.12 -9.07
C ARG B 1437 -23.03 -13.64 -9.43
N ILE B 1438 -22.31 -13.14 -8.41
CA ILE B 1438 -21.03 -12.49 -8.60
C ILE B 1438 -19.95 -13.24 -7.85
N LYS B 1439 -18.82 -13.49 -8.50
CA LYS B 1439 -17.63 -14.05 -7.87
C LYS B 1439 -16.41 -13.27 -8.34
N ILE B 1440 -15.57 -12.85 -7.39
CA ILE B 1440 -14.41 -12.01 -7.68
C ILE B 1440 -13.16 -12.73 -7.19
N GLN B 1441 -12.15 -12.81 -8.05
CA GLN B 1441 -10.89 -13.48 -7.74
C GLN B 1441 -9.75 -12.47 -7.72
N GLY B 1442 -8.84 -12.65 -6.78
CA GLY B 1442 -7.65 -11.82 -6.73
C GLY B 1442 -7.89 -10.35 -6.47
N ALA B 1443 -8.81 -10.03 -5.57
CA ALA B 1443 -9.09 -8.64 -5.20
C ALA B 1443 -8.91 -8.43 -3.70
N THR B 1444 -8.01 -9.19 -3.08
CA THR B 1444 -7.71 -9.08 -1.67
C THR B 1444 -6.29 -8.58 -1.47
N GLY B 1445 -6.15 -7.51 -0.70
CA GLY B 1445 -4.86 -6.93 -0.39
C GLY B 1445 -4.70 -6.74 1.10
N LYS B 1446 -3.97 -5.69 1.46
CA LYS B 1446 -3.77 -5.39 2.88
C LYS B 1446 -5.09 -5.05 3.57
N PHE B 1447 -5.94 -4.27 2.90
CA PHE B 1447 -7.23 -3.88 3.48
C PHE B 1447 -8.35 -4.83 3.05
N ASN B 1448 -8.12 -6.13 3.25
CA ASN B 1448 -9.11 -7.17 2.98
C ASN B 1448 -9.66 -7.08 1.55
N MET B 1449 -10.97 -6.92 1.42
CA MET B 1449 -11.64 -6.91 0.12
C MET B 1449 -12.31 -5.57 -0.10
N VAL B 1450 -12.96 -5.43 -1.26
CA VAL B 1450 -13.68 -4.22 -1.63
C VAL B 1450 -15.17 -4.42 -1.32
N ILE B 1451 -15.79 -3.36 -0.83
CA ILE B 1451 -17.17 -3.44 -0.33
C ILE B 1451 -18.26 -3.39 -1.42
N PRO B 1452 -18.16 -2.57 -2.47
CA PRO B 1452 -19.35 -2.35 -3.30
C PRO B 1452 -19.87 -3.60 -3.97
N LEU B 1453 -19.03 -4.65 -4.09
CA LEU B 1453 -19.47 -5.91 -4.69
C LEU B 1453 -18.63 -7.01 -4.05
N VAL B 1454 -19.16 -7.60 -2.97
CA VAL B 1454 -18.44 -8.61 -2.22
C VAL B 1454 -18.57 -9.96 -2.90
N ASP B 1455 -17.76 -10.92 -2.50
CA ASP B 1455 -17.81 -12.25 -3.09
C ASP B 1455 -19.12 -12.94 -2.74
N GLY B 1456 -19.68 -13.65 -3.71
CA GLY B 1456 -20.94 -14.36 -3.52
C GLY B 1456 -22.11 -13.44 -3.25
N MET B 1457 -22.24 -12.39 -4.04
CA MET B 1457 -23.33 -11.43 -3.90
C MET B 1457 -24.38 -11.68 -4.96
N ILE B 1458 -25.60 -11.21 -4.69
CA ILE B 1458 -26.71 -11.27 -5.63
C ILE B 1458 -27.22 -9.85 -5.87
N VAL B 1459 -27.31 -9.45 -7.13
CA VAL B 1459 -27.73 -8.12 -7.51
C VAL B 1459 -28.74 -8.22 -8.65
N SER B 1460 -29.79 -7.41 -8.58
CA SER B 1460 -30.79 -7.37 -9.63
C SER B 1460 -30.24 -6.64 -10.85
N ARG B 1461 -30.97 -6.74 -11.96
CA ARG B 1461 -30.50 -6.13 -13.20
C ARG B 1461 -30.53 -4.61 -13.14
N ARG B 1462 -31.38 -4.03 -12.28
CA ARG B 1462 -31.49 -2.58 -12.19
C ARG B 1462 -30.18 -1.95 -11.74
N ALA B 1463 -29.55 -2.52 -10.71
CA ALA B 1463 -28.35 -1.96 -10.11
C ALA B 1463 -27.12 -2.80 -10.43
N LEU B 1464 -27.03 -3.29 -11.67
CA LEU B 1464 -25.90 -4.12 -12.07
C LEU B 1464 -24.75 -3.27 -12.62
N GLY B 1465 -25.03 -2.46 -13.65
CA GLY B 1465 -23.98 -1.66 -14.25
C GLY B 1465 -23.40 -0.64 -13.29
N PHE B 1466 -24.26 0.01 -12.49
CA PHE B 1466 -23.78 0.99 -11.54
C PHE B 1466 -22.87 0.35 -10.50
N LEU B 1467 -23.26 -0.80 -9.98
CA LEU B 1467 -22.43 -1.47 -8.97
C LEU B 1467 -21.13 -1.97 -9.58
N VAL B 1468 -21.17 -2.46 -10.81
CA VAL B 1468 -19.94 -2.91 -11.47
C VAL B 1468 -18.98 -1.74 -11.66
N ARG B 1469 -19.51 -0.60 -12.12
CA ARG B 1469 -18.65 0.58 -12.30
C ARG B 1469 -18.08 1.05 -10.97
N GLN B 1470 -18.90 1.07 -9.93
CA GLN B 1470 -18.40 1.49 -8.61
C GLN B 1470 -17.32 0.55 -8.11
N THR B 1471 -17.50 -0.75 -8.32
CA THR B 1471 -16.47 -1.72 -7.91
C THR B 1471 -15.18 -1.51 -8.69
N VAL B 1472 -15.28 -1.25 -9.99
CA VAL B 1472 -14.08 -1.00 -10.78
C VAL B 1472 -13.36 0.24 -10.26
N ILE B 1473 -14.11 1.30 -9.97
CA ILE B 1473 -13.50 2.53 -9.47
C ILE B 1473 -12.79 2.26 -8.14
N ASN B 1474 -13.46 1.56 -7.22
CA ASN B 1474 -12.88 1.31 -5.91
C ASN B 1474 -11.64 0.42 -6.02
N ILE B 1475 -11.69 -0.60 -6.87
CA ILE B 1475 -10.54 -1.49 -7.04
C ILE B 1475 -9.36 -0.74 -7.62
N CYS B 1476 -9.60 0.10 -8.63
CA CYS B 1476 -8.50 0.86 -9.23
C CYS B 1476 -7.91 1.85 -8.23
N ARG B 1477 -8.77 2.52 -7.45
CA ARG B 1477 -8.26 3.44 -6.44
C ARG B 1477 -7.41 2.71 -5.40
N ARG B 1478 -7.88 1.55 -4.95
CA ARG B 1478 -7.11 0.77 -3.99
C ARG B 1478 -5.77 0.33 -4.58
N LYS B 1479 -5.78 -0.10 -5.84
CA LYS B 1479 -4.54 -0.53 -6.49
C LYS B 1479 -3.55 0.61 -6.60
N ARG B 1480 -4.04 1.80 -6.99
CA ARG B 1480 -3.15 2.96 -7.08
C ARG B 1480 -2.61 3.36 -5.71
N LEU B 1481 -3.46 3.32 -4.68
CA LEU B 1481 -3.02 3.71 -3.35
C LEU B 1481 -2.00 2.73 -2.78
N GLU B 1482 -2.15 1.44 -3.09
CA GLU B 1482 -1.25 0.43 -2.53
C GLU B 1482 0.17 0.60 -3.05
N SER B 1483 0.33 0.89 -4.34
CA SER B 1483 1.65 0.97 -4.93
C SER B 1483 2.45 2.12 -4.34
N ASP B 1484 3.76 1.94 -4.24
CA ASP B 1484 4.63 2.95 -3.64
C ASP B 1484 5.27 3.88 -4.66
N SER B 1485 5.23 3.53 -5.94
CA SER B 1485 5.83 4.35 -6.99
C SER B 1485 4.79 5.16 -7.75
N TYR B 1486 3.76 5.64 -7.07
CA TYR B 1486 2.68 6.39 -7.69
C TYR B 1486 2.49 7.73 -6.98
N SER B 1487 2.29 8.77 -7.78
CA SER B 1487 1.98 10.11 -7.31
C SER B 1487 0.83 10.68 -8.12
N PRO B 1488 0.06 11.61 -7.55
CA PRO B 1488 -1.08 12.16 -8.29
C PRO B 1488 -0.61 12.85 -9.55
N PRO B 1489 -1.47 12.88 -10.59
CA PRO B 1489 -1.04 13.44 -11.88
C PRO B 1489 -0.59 14.88 -11.81
N HIS B 1490 -1.16 15.69 -10.91
CA HIS B 1490 -0.70 17.07 -10.80
C HIS B 1490 0.73 17.14 -10.29
N VAL B 1491 1.14 16.18 -9.46
CA VAL B 1491 2.54 16.12 -9.05
C VAL B 1491 3.44 15.82 -10.25
N ARG B 1492 3.00 14.92 -11.13
CA ARG B 1492 3.76 14.65 -12.35
C ARG B 1492 3.88 15.90 -13.19
N ARG B 1493 2.78 16.65 -13.35
CA ARG B 1493 2.82 17.88 -14.13
C ARG B 1493 3.76 18.91 -13.50
N LYS B 1494 3.72 19.03 -12.18
CA LYS B 1494 4.60 19.97 -11.49
C LYS B 1494 6.06 19.61 -11.68
N GLN B 1495 6.39 18.32 -11.57
CA GLN B 1495 7.77 17.89 -11.79
C GLN B 1495 8.20 18.14 -13.22
N LYS B 1496 7.30 17.89 -14.19
CA LYS B 1496 7.64 18.17 -15.58
C LYS B 1496 7.88 19.66 -15.81
N ILE B 1497 7.06 20.51 -15.19
CA ILE B 1497 7.24 21.96 -15.35
C ILE B 1497 8.57 22.40 -14.74
N THR B 1498 8.90 21.86 -13.56
CA THR B 1498 10.19 22.19 -12.96
C THR B 1498 11.35 21.75 -13.84
N ASP B 1499 11.24 20.56 -14.42
CA ASP B 1499 12.29 20.08 -15.32
C ASP B 1499 12.41 20.98 -16.55
N ILE B 1500 11.29 21.42 -17.11
CA ILE B 1500 11.33 22.32 -18.26
C ILE B 1500 12.00 23.63 -17.89
N VAL B 1501 11.66 24.17 -16.71
CA VAL B 1501 12.29 25.41 -16.26
C VAL B 1501 13.80 25.22 -16.13
N ASN B 1502 14.22 24.12 -15.52
CA ASN B 1502 15.65 23.89 -15.32
C ASN B 1502 16.39 23.72 -16.64
N LYS B 1503 15.77 23.05 -17.61
CA LYS B 1503 16.46 22.73 -18.85
C LYS B 1503 16.28 23.79 -19.95
N TYR B 1504 15.44 24.80 -19.74
CA TYR B 1504 15.18 25.75 -20.82
C TYR B 1504 15.13 27.21 -20.39
N ARG B 1505 15.44 27.53 -19.15
CA ARG B 1505 15.41 28.92 -18.73
C ARG B 1505 16.51 29.71 -19.42
N ASN B 1506 16.30 31.02 -19.52
CA ASN B 1506 17.25 31.92 -20.14
C ASN B 1506 17.99 32.71 -19.07
N LYS B 1507 19.32 32.68 -19.12
CA LYS B 1507 20.16 33.35 -18.13
C LYS B 1507 20.40 34.78 -18.60
N GLN B 1508 19.58 35.71 -18.11
CA GLN B 1508 19.69 37.11 -18.49
C GLN B 1508 19.54 37.96 -17.24
N LEU B 1509 20.18 39.13 -17.27
CA LEU B 1509 20.03 40.09 -16.19
C LEU B 1509 18.75 40.90 -16.37
N GLU B 1510 18.41 41.69 -15.37
CA GLU B 1510 17.19 42.49 -15.43
C GLU B 1510 17.19 43.48 -16.59
N PRO B 1511 18.23 44.30 -16.80
CA PRO B 1511 18.23 45.17 -17.98
C PRO B 1511 18.20 44.41 -19.28
N GLU B 1512 18.80 43.22 -19.32
CA GLU B 1512 18.80 42.43 -20.54
C GLU B 1512 17.44 41.83 -20.86
N PHE B 1513 16.52 41.80 -19.89
CA PHE B 1513 15.22 41.18 -20.10
C PHE B 1513 14.17 42.17 -20.61
N TYR B 1514 14.21 43.41 -20.14
CA TYR B 1514 13.24 44.41 -20.60
C TYR B 1514 13.37 44.65 -22.09
N THR B 1515 14.61 44.74 -22.60
CA THR B 1515 14.81 44.95 -24.02
C THR B 1515 14.36 43.77 -24.86
N SER B 1516 14.18 42.60 -24.25
CA SER B 1516 13.66 41.46 -25.00
C SER B 1516 12.22 41.67 -25.42
N LEU B 1517 11.42 42.34 -24.58
CA LEU B 1517 10.00 42.54 -24.88
C LEU B 1517 9.83 43.37 -26.15
N PHE B 1518 10.62 44.44 -26.29
CA PHE B 1518 10.43 45.35 -27.41
C PHE B 1518 10.85 44.72 -28.73
N GLN B 1519 11.84 43.84 -28.71
CA GLN B 1519 12.30 43.20 -29.94
C GLN B 1519 11.21 42.31 -30.52
N GLU B 1520 11.05 42.36 -31.84
CA GLU B 1520 10.01 41.58 -32.49
C GLU B 1520 10.37 40.10 -32.47
N VAL B 1521 9.35 39.26 -32.64
CA VAL B 1521 9.50 37.81 -32.66
C VAL B 1521 8.74 37.27 -33.86
N GLY B 1522 9.07 36.02 -34.22
CA GLY B 1522 8.47 35.34 -35.34
C GLY B 1522 9.33 35.33 -36.59
N LEU B 1523 10.33 36.21 -36.67
CA LEU B 1523 11.25 36.23 -37.79
C LEU B 1523 12.60 35.59 -37.45
N LYS B 1524 12.68 34.88 -36.33
CA LYS B 1524 13.95 34.29 -35.92
C LYS B 1524 14.45 33.28 -36.93
N ASN B 1525 13.56 32.45 -37.46
CA ASN B 1525 13.93 31.49 -38.50
C ASN B 1525 13.84 32.07 -39.89
N CYS B 1526 13.42 33.33 -40.04
CA CYS B 1526 13.32 33.97 -41.34
C CYS B 1526 14.32 35.12 -41.52
N SER B 1527 14.88 35.66 -40.45
CA SER B 1527 15.84 36.75 -40.56
C SER B 1527 17.08 36.45 -39.71
N GLN C 50 2.24 -106.97 15.87
CA GLN C 50 2.58 -106.25 17.09
C GLN C 50 1.41 -105.41 17.58
N GLY C 51 0.26 -106.06 17.77
CA GLY C 51 -0.91 -105.37 18.26
C GLY C 51 -0.92 -105.07 19.75
N HIS C 52 0.04 -105.61 20.49
CA HIS C 52 0.11 -105.38 21.93
C HIS C 52 0.82 -104.07 22.28
N THR C 53 1.35 -103.35 21.28
CA THR C 53 1.98 -102.06 21.55
C THR C 53 0.93 -101.06 22.02
N SER C 54 1.38 -100.15 22.88
CA SER C 54 0.50 -99.19 23.52
C SER C 54 0.81 -97.77 23.05
N VAL C 55 -0.23 -96.95 22.96
CA VAL C 55 -0.06 -95.56 22.55
C VAL C 55 0.73 -94.78 23.59
N LEU C 56 0.49 -95.07 24.88
CA LEU C 56 1.12 -94.32 25.95
C LEU C 56 2.59 -94.69 26.17
N HIS C 57 3.12 -95.64 25.38
CA HIS C 57 4.50 -96.08 25.57
C HIS C 57 5.50 -94.95 25.32
N SER C 58 5.24 -94.12 24.31
CA SER C 58 6.21 -93.07 23.96
C SER C 58 6.39 -92.08 25.10
N TYR C 59 5.32 -91.76 25.81
CA TYR C 59 5.39 -90.83 26.92
C TYR C 59 6.13 -91.46 28.09
N PRO C 60 6.67 -90.64 29.00
CA PRO C 60 7.39 -91.18 30.16
C PRO C 60 6.52 -92.11 30.99
N GLU C 61 7.18 -92.98 31.74
CA GLU C 61 6.47 -94.03 32.47
C GLU C 61 5.68 -93.47 33.65
N SER C 62 6.20 -92.44 34.31
CA SER C 62 5.51 -91.87 35.46
C SER C 62 4.16 -91.27 35.05
N VAL C 63 4.17 -90.41 34.04
CA VAL C 63 2.93 -89.82 33.56
C VAL C 63 2.03 -90.89 32.94
N GLY C 64 2.63 -91.90 32.32
CA GLY C 64 1.82 -92.97 31.76
C GLY C 64 1.04 -93.73 32.83
N ARG C 65 1.72 -94.10 33.92
CA ARG C 65 1.02 -94.79 35.00
C ARG C 65 0.03 -93.87 35.71
N GLU C 66 0.34 -92.58 35.82
CA GLU C 66 -0.61 -91.64 36.37
C GLU C 66 -1.88 -91.61 35.54
N VAL C 67 -1.73 -91.51 34.22
CA VAL C 67 -2.88 -91.52 33.32
C VAL C 67 -3.66 -92.82 33.46
N ALA C 68 -2.94 -93.94 33.49
CA ALA C 68 -3.60 -95.24 33.56
C ALA C 68 -4.45 -95.37 34.81
N ASN C 69 -3.87 -95.09 35.98
CA ASN C 69 -4.64 -95.24 37.21
C ASN C 69 -5.78 -94.24 37.26
N ALA C 70 -5.53 -92.98 36.85
CA ALA C 70 -6.58 -91.97 36.91
C ALA C 70 -7.74 -92.28 35.98
N VAL C 71 -7.48 -92.99 34.88
CA VAL C 71 -8.56 -93.31 33.95
C VAL C 71 -9.25 -94.63 34.27
N VAL C 72 -8.57 -95.57 34.94
CA VAL C 72 -9.19 -96.85 35.25
C VAL C 72 -9.85 -96.90 36.62
N ARG C 73 -9.49 -96.00 37.54
CA ARG C 73 -10.14 -96.01 38.85
C ARG C 73 -11.64 -95.77 38.78
N PRO C 74 -12.15 -94.75 38.07
CA PRO C 74 -13.61 -94.60 37.99
C PRO C 74 -14.32 -95.78 37.35
N LEU C 75 -13.70 -96.39 36.33
CA LEU C 75 -14.32 -97.55 35.69
C LEU C 75 -14.42 -98.72 36.65
N GLY C 76 -13.36 -98.97 37.41
CA GLY C 76 -13.40 -100.04 38.39
C GLY C 76 -14.41 -99.77 39.49
N GLN C 77 -14.50 -98.52 39.94
CA GLN C 77 -15.49 -98.17 40.95
C GLN C 77 -16.91 -98.38 40.42
N VAL C 78 -17.16 -98.01 39.17
CA VAL C 78 -18.49 -98.17 38.60
C VAL C 78 -18.83 -99.65 38.44
N LEU C 79 -17.89 -100.45 37.92
CA LEU C 79 -18.16 -101.87 37.72
C LEU C 79 -18.41 -102.57 39.04
N GLY C 80 -17.62 -102.27 40.06
CA GLY C 80 -17.84 -102.83 41.37
C GLY C 80 -19.08 -102.26 42.04
N THR C 81 -19.58 -103.03 43.01
CA THR C 81 -20.79 -102.70 43.76
C THR C 81 -21.94 -102.37 42.82
N PRO C 82 -22.50 -103.37 42.13
CA PRO C 82 -23.60 -103.09 41.20
C PRO C 82 -24.82 -102.52 41.91
N SER C 83 -25.53 -101.65 41.20
CA SER C 83 -26.70 -100.98 41.74
C SER C 83 -27.85 -101.06 40.73
N VAL C 84 -29.07 -100.95 41.25
CA VAL C 84 -30.25 -101.06 40.40
C VAL C 84 -30.34 -99.90 39.42
N ALA C 85 -29.91 -98.71 39.83
CA ALA C 85 -30.03 -97.54 38.98
C ALA C 85 -29.15 -97.69 37.74
N GLY C 86 -29.69 -97.25 36.60
CA GLY C 86 -28.99 -97.32 35.34
C GLY C 86 -28.35 -95.99 34.99
N SER C 87 -27.02 -95.97 34.99
CA SER C 87 -26.27 -94.76 34.68
C SER C 87 -25.90 -94.65 33.21
N GLU C 88 -26.37 -95.58 32.38
CA GLU C 88 -26.04 -95.61 30.94
C GLU C 88 -24.54 -95.69 30.72
N ASN C 89 -23.85 -96.37 31.64
CA ASN C 89 -22.40 -96.61 31.57
C ASN C 89 -21.69 -95.25 31.55
N LEU C 90 -20.56 -95.11 30.86
CA LEU C 90 -19.87 -93.83 30.75
C LEU C 90 -19.52 -93.54 29.30
N LEU C 91 -19.38 -94.59 28.50
CA LEU C 91 -18.98 -94.45 27.11
C LEU C 91 -20.20 -94.57 26.20
N LYS C 92 -20.23 -93.74 25.16
CA LYS C 92 -21.38 -93.66 24.27
C LYS C 92 -21.03 -93.91 22.81
N THR C 93 -19.90 -93.39 22.32
CA THR C 93 -19.57 -93.44 20.91
C THR C 93 -18.34 -94.31 20.67
N ASP C 94 -18.04 -94.49 19.38
CA ASP C 94 -16.90 -95.32 18.99
C ASP C 94 -15.59 -94.70 19.43
N LYS C 95 -15.46 -93.37 19.33
CA LYS C 95 -14.22 -92.72 19.72
C LYS C 95 -13.95 -92.90 21.21
N GLU C 96 -14.99 -92.82 22.04
CA GLU C 96 -14.81 -92.95 23.48
C GLU C 96 -14.31 -94.34 23.85
N VAL C 97 -14.95 -95.38 23.31
CA VAL C 97 -14.53 -96.75 23.64
C VAL C 97 -13.14 -97.02 23.06
N LYS C 98 -12.84 -96.46 21.88
CA LYS C 98 -11.52 -96.64 21.30
C LYS C 98 -10.45 -96.01 22.20
N TRP C 99 -10.70 -94.80 22.70
CA TRP C 99 -9.76 -94.14 23.60
C TRP C 99 -9.59 -94.95 24.89
N THR C 100 -10.70 -95.44 25.44
CA THR C 100 -10.61 -96.22 26.67
C THR C 100 -9.82 -97.50 26.46
N MET C 101 -10.04 -98.18 25.34
CA MET C 101 -9.29 -99.39 25.05
C MET C 101 -7.81 -99.08 24.85
N GLU C 102 -7.50 -97.99 24.16
CA GLU C 102 -6.10 -97.65 23.92
C GLU C 102 -5.39 -97.26 25.20
N VAL C 103 -6.11 -96.75 26.20
CA VAL C 103 -5.43 -96.43 27.45
C VAL C 103 -5.34 -97.66 28.36
N ILE C 104 -6.35 -98.53 28.36
CA ILE C 104 -6.27 -99.71 29.20
C ILE C 104 -5.29 -100.73 28.65
N CYS C 105 -4.98 -100.68 27.34
CA CYS C 105 -3.95 -101.54 26.80
C CYS C 105 -2.60 -101.26 27.45
N TYR C 106 -2.27 -99.98 27.65
CA TYR C 106 -1.06 -99.67 28.41
C TYR C 106 -1.26 -99.91 29.90
N GLY C 107 -2.48 -99.71 30.40
CA GLY C 107 -2.72 -99.97 31.81
C GLY C 107 -2.47 -101.40 32.20
N LEU C 108 -2.70 -102.34 31.28
CA LEU C 108 -2.44 -103.75 31.57
C LEU C 108 -0.97 -104.00 31.84
N THR C 109 -0.08 -103.38 31.06
CA THR C 109 1.36 -103.57 31.25
C THR C 109 1.87 -102.96 32.54
N LEU C 110 1.06 -102.16 33.23
CA LEU C 110 1.50 -101.52 34.45
C LEU C 110 1.80 -102.59 35.50
N PRO C 111 2.83 -102.39 36.33
CA PRO C 111 3.18 -103.41 37.33
C PRO C 111 2.04 -103.66 38.31
N LEU C 112 2.09 -104.83 38.95
CA LEU C 112 1.02 -105.26 39.84
C LEU C 112 1.04 -104.45 41.13
N ASP C 113 0.71 -103.17 41.03
CA ASP C 113 0.68 -102.27 42.18
C ASP C 113 -0.67 -101.58 42.25
N GLY C 114 -1.14 -101.32 43.47
CA GLY C 114 -2.42 -100.66 43.62
C GLY C 114 -3.57 -101.54 43.18
N GLU C 115 -4.61 -100.90 42.65
CA GLU C 115 -5.82 -101.59 42.22
C GLU C 115 -6.13 -101.34 40.75
N THR C 116 -5.17 -100.80 39.99
CA THR C 116 -5.41 -100.53 38.58
C THR C 116 -5.51 -101.83 37.78
N VAL C 117 -4.62 -102.79 38.06
CA VAL C 117 -4.59 -104.02 37.29
C VAL C 117 -5.86 -104.83 37.49
N LYS C 118 -6.34 -104.92 38.74
CA LYS C 118 -7.56 -105.69 38.99
C LYS C 118 -8.76 -105.05 38.32
N TYR C 119 -8.85 -103.72 38.36
CA TYR C 119 -9.93 -103.03 37.66
C TYR C 119 -9.86 -103.28 36.17
N CYS C 120 -8.65 -103.22 35.60
CA CYS C 120 -8.49 -103.44 34.16
C CYS C 120 -8.92 -104.86 33.78
N VAL C 121 -8.47 -105.86 34.53
CA VAL C 121 -8.83 -107.23 34.19
C VAL C 121 -10.32 -107.46 34.40
N ASP C 122 -10.92 -106.84 35.43
CA ASP C 122 -12.35 -106.99 35.65
C ASP C 122 -13.15 -106.42 34.49
N VAL C 123 -12.81 -105.20 34.05
CA VAL C 123 -13.56 -104.60 32.95
C VAL C 123 -13.30 -105.37 31.65
N TYR C 124 -12.09 -105.87 31.46
CA TYR C 124 -11.80 -106.66 30.27
C TYR C 124 -12.62 -107.95 30.25
N THR C 125 -12.71 -108.63 31.39
CA THR C 125 -13.51 -109.85 31.47
C THR C 125 -14.98 -109.55 31.26
N ASP C 126 -15.47 -108.44 31.82
CA ASP C 126 -16.87 -108.07 31.62
C ASP C 126 -17.16 -107.81 30.15
N TRP C 127 -16.24 -107.12 29.46
CA TRP C 127 -16.46 -106.85 28.04
C TRP C 127 -16.31 -108.12 27.20
N ILE C 128 -15.47 -109.07 27.64
CA ILE C 128 -15.31 -110.33 26.91
C ILE C 128 -16.61 -111.11 26.94
N MET C 129 -17.27 -111.16 28.09
CA MET C 129 -18.50 -111.92 28.23
C MET C 129 -19.65 -111.38 27.38
N ALA C 130 -19.50 -110.17 26.84
CA ALA C 130 -20.53 -109.61 25.97
C ALA C 130 -20.78 -110.49 24.76
N LEU C 131 -19.75 -111.19 24.26
CA LEU C 131 -19.95 -112.07 23.13
C LEU C 131 -20.84 -113.25 23.48
N VAL C 132 -20.86 -113.65 24.74
CA VAL C 132 -21.73 -114.75 25.16
C VAL C 132 -23.17 -114.27 25.31
N LEU C 133 -23.41 -113.34 26.23
CA LEU C 133 -24.72 -112.78 26.46
C LEU C 133 -24.60 -111.29 26.72
N PRO C 134 -25.47 -110.48 26.12
CA PRO C 134 -25.41 -109.03 26.35
C PRO C 134 -25.72 -108.67 27.79
N LYS C 135 -25.10 -107.58 28.24
CA LYS C 135 -25.32 -107.06 29.58
C LYS C 135 -25.51 -105.56 29.52
N ASP C 136 -26.08 -105.00 30.58
CA ASP C 136 -26.32 -103.56 30.67
C ASP C 136 -25.18 -102.82 31.36
N SER C 137 -24.10 -103.50 31.73
CA SER C 137 -22.97 -102.87 32.39
C SER C 137 -21.80 -102.63 31.44
N ILE C 138 -22.05 -102.63 30.13
CA ILE C 138 -21.00 -102.43 29.14
C ILE C 138 -21.45 -101.34 28.17
N PRO C 139 -20.50 -100.66 27.54
CA PRO C 139 -20.88 -99.64 26.54
C PRO C 139 -21.62 -100.26 25.35
N LEU C 140 -22.55 -99.47 24.81
CA LEU C 140 -23.37 -99.94 23.70
C LEU C 140 -22.57 -100.35 22.45
N PRO C 141 -21.58 -99.59 21.98
CA PRO C 141 -20.89 -99.98 20.74
C PRO C 141 -20.26 -101.37 20.78
N VAL C 142 -19.91 -101.87 21.97
CA VAL C 142 -19.39 -103.23 22.07
C VAL C 142 -20.44 -104.24 21.61
N ILE C 143 -21.70 -104.03 22.00
CA ILE C 143 -22.76 -104.94 21.60
C ILE C 143 -22.97 -104.91 20.10
N LYS C 144 -22.96 -103.72 19.50
CA LYS C 144 -23.29 -103.60 18.08
C LYS C 144 -22.27 -104.32 17.21
N GLU C 145 -20.98 -104.19 17.52
CA GLU C 145 -19.91 -104.79 16.74
C GLU C 145 -18.98 -105.56 17.68
N PRO C 146 -19.37 -106.76 18.08
CA PRO C 146 -18.51 -107.54 18.99
C PRO C 146 -17.36 -108.21 18.26
N ASN C 147 -17.58 -108.62 17.01
CA ASN C 147 -16.55 -109.34 16.27
C ASN C 147 -15.31 -108.49 16.04
N GLN C 148 -15.50 -107.22 15.73
CA GLN C 148 -14.38 -106.33 15.46
C GLN C 148 -13.74 -105.76 16.72
N TYR C 149 -14.27 -106.09 17.90
CA TYR C 149 -13.73 -105.57 19.15
C TYR C 149 -13.14 -106.64 20.05
N VAL C 150 -13.69 -107.86 20.04
CA VAL C 150 -13.14 -108.91 20.90
C VAL C 150 -11.73 -109.28 20.46
N GLN C 151 -11.42 -109.18 19.17
CA GLN C 151 -10.07 -109.47 18.71
C GLN C 151 -9.06 -108.51 19.33
N THR C 152 -9.37 -107.21 19.29
CA THR C 152 -8.49 -106.23 19.92
C THR C 152 -8.44 -106.42 21.43
N ILE C 153 -9.58 -106.75 22.03
CA ILE C 153 -9.63 -106.97 23.49
C ILE C 153 -8.67 -108.09 23.88
N LEU C 154 -8.70 -109.19 23.13
CA LEU C 154 -7.80 -110.30 23.40
C LEU C 154 -6.36 -109.93 23.13
N LYS C 155 -6.09 -109.26 22.00
CA LYS C 155 -4.71 -108.92 21.67
C LYS C 155 -4.10 -107.98 22.70
N HIS C 156 -4.92 -107.17 23.36
CA HIS C 156 -4.41 -106.32 24.42
C HIS C 156 -4.02 -107.14 25.65
N LEU C 157 -4.68 -108.28 25.87
CA LEU C 157 -4.42 -109.10 27.05
C LEU C 157 -3.08 -109.83 26.99
N GLN C 158 -2.42 -109.83 25.84
CA GLN C 158 -1.17 -110.58 25.71
C GLN C 158 -0.10 -110.04 26.65
N ASN C 159 -0.08 -108.73 26.88
CA ASN C 159 0.87 -108.15 27.82
C ASN C 159 0.62 -108.60 29.25
N LEU C 160 -0.62 -108.98 29.58
CA LEU C 160 -0.93 -109.33 30.96
C LEU C 160 -0.20 -110.60 31.39
N PHE C 161 -0.13 -111.60 30.51
CA PHE C 161 0.48 -112.88 30.85
C PHE C 161 2.00 -112.85 30.75
N VAL C 162 2.60 -111.72 30.39
CA VAL C 162 4.06 -111.61 30.41
C VAL C 162 4.54 -111.79 31.84
N PRO C 163 5.54 -112.64 32.09
CA PRO C 163 5.95 -112.89 33.48
C PRO C 163 6.42 -111.62 34.17
N ARG C 164 6.01 -111.48 35.43
CA ARG C 164 6.39 -110.34 36.25
C ARG C 164 6.66 -110.84 37.66
N GLN C 165 7.55 -110.13 38.37
CA GLN C 165 8.00 -110.54 39.70
C GLN C 165 7.41 -109.64 40.79
N GLU C 166 6.19 -109.15 40.59
CA GLU C 166 5.59 -108.24 41.57
C GLU C 166 4.98 -109.02 42.73
N GLN C 167 3.99 -109.85 42.46
CA GLN C 167 3.30 -110.61 43.50
C GLN C 167 2.78 -111.91 42.89
N GLY C 168 3.25 -113.04 43.43
CA GLY C 168 2.84 -114.33 42.89
C GLY C 168 1.36 -114.61 43.06
N SER C 169 0.84 -114.37 44.27
CA SER C 169 -0.55 -114.73 44.54
C SER C 169 -1.52 -113.90 43.72
N SER C 170 -1.33 -112.57 43.71
CA SER C 170 -2.25 -111.70 42.98
C SER C 170 -2.19 -111.95 41.48
N GLN C 171 -0.98 -112.10 40.94
CA GLN C 171 -0.84 -112.35 39.51
C GLN C 171 -1.45 -113.71 39.14
N ILE C 172 -1.24 -114.72 39.98
CA ILE C 172 -1.82 -116.03 39.71
C ILE C 172 -3.35 -115.94 39.74
N ARG C 173 -3.90 -115.21 40.71
CA ARG C 173 -5.34 -115.05 40.79
C ARG C 173 -5.89 -114.35 39.55
N LEU C 174 -5.22 -113.28 39.11
CA LEU C 174 -5.67 -112.57 37.93
C LEU C 174 -5.60 -113.46 36.69
N CYS C 175 -4.50 -114.22 36.56
CA CYS C 175 -4.35 -115.10 35.40
C CYS C 175 -5.42 -116.18 35.39
N LEU C 176 -5.72 -116.76 36.55
CA LEU C 176 -6.74 -117.81 36.58
C LEU C 176 -8.13 -117.22 36.34
N GLN C 177 -8.37 -115.99 36.79
CA GLN C 177 -9.63 -115.33 36.48
C GLN C 177 -9.77 -115.11 34.98
N VAL C 178 -8.71 -114.66 34.33
CA VAL C 178 -8.74 -114.45 32.88
C VAL C 178 -8.96 -115.77 32.16
N LEU C 179 -8.29 -116.83 32.62
CA LEU C 179 -8.47 -118.14 32.00
C LEU C 179 -9.89 -118.65 32.18
N ARG C 180 -10.48 -118.44 33.35
CA ARG C 180 -11.87 -118.83 33.57
C ARG C 180 -12.81 -118.06 32.64
N ALA C 181 -12.56 -116.76 32.47
CA ALA C 181 -13.37 -115.97 31.55
C ALA C 181 -13.24 -116.47 30.13
N ILE C 182 -12.02 -116.79 29.70
CA ILE C 182 -11.81 -117.31 28.35
C ILE C 182 -12.52 -118.65 28.18
N GLN C 183 -12.42 -119.52 29.18
CA GLN C 183 -13.08 -120.82 29.10
C GLN C 183 -14.60 -120.66 29.03
N LYS C 184 -15.17 -119.76 29.82
CA LYS C 184 -16.60 -119.51 29.76
C LYS C 184 -17.01 -118.97 28.40
N LEU C 185 -16.21 -118.06 27.85
CA LEU C 185 -16.50 -117.53 26.51
C LEU C 185 -16.47 -118.65 25.47
N ALA C 186 -15.48 -119.54 25.56
CA ALA C 186 -15.35 -120.61 24.58
C ALA C 186 -16.50 -121.59 24.69
N ARG C 187 -16.92 -121.94 25.90
CA ARG C 187 -17.93 -122.97 26.11
C ARG C 187 -19.34 -122.42 26.23
N GLU C 188 -19.54 -121.11 26.07
CA GLU C 188 -20.86 -120.53 26.21
C GLU C 188 -21.29 -119.64 25.04
N SER C 189 -20.36 -119.16 24.22
CA SER C 189 -20.71 -118.32 23.09
C SER C 189 -21.00 -119.17 21.86
N SER C 190 -21.79 -118.59 20.95
CA SER C 190 -22.18 -119.28 19.72
C SER C 190 -21.99 -118.45 18.46
N LEU C 191 -21.86 -117.12 18.57
CA LEU C 191 -21.70 -116.26 17.41
C LEU C 191 -20.25 -115.85 17.19
N MET C 192 -19.31 -116.72 17.55
CA MET C 192 -17.89 -116.43 17.35
C MET C 192 -17.52 -116.71 15.90
N ALA C 193 -17.10 -115.67 15.18
CA ALA C 193 -16.71 -115.84 13.79
C ALA C 193 -15.41 -116.60 13.69
N ARG C 194 -15.14 -117.12 12.49
CA ARG C 194 -13.94 -117.93 12.29
C ARG C 194 -12.67 -117.11 12.51
N GLU C 195 -12.69 -115.84 12.11
CA GLU C 195 -11.53 -114.97 12.35
C GLU C 195 -11.30 -114.79 13.84
N THR C 196 -12.36 -114.64 14.62
CA THR C 196 -12.23 -114.55 16.06
C THR C 196 -11.66 -115.85 16.64
N TRP C 197 -12.10 -117.00 16.11
CA TRP C 197 -11.52 -118.27 16.53
C TRP C 197 -10.03 -118.31 16.27
N GLU C 198 -9.61 -117.89 15.07
CA GLU C 198 -8.20 -117.94 14.72
C GLU C 198 -7.37 -117.01 15.60
N VAL C 199 -7.86 -115.79 15.84
CA VAL C 199 -7.10 -114.87 16.67
C VAL C 199 -7.06 -115.35 18.11
N LEU C 200 -8.14 -115.96 18.61
CA LEU C 200 -8.10 -116.51 19.96
C LEU C 200 -7.10 -117.65 20.08
N LEU C 201 -7.07 -118.53 19.08
CA LEU C 201 -6.11 -119.63 19.11
C LEU C 201 -4.68 -119.12 19.05
N LEU C 202 -4.43 -118.12 18.20
CA LEU C 202 -3.09 -117.53 18.14
C LEU C 202 -2.73 -116.86 19.45
N PHE C 203 -3.69 -116.20 20.10
CA PHE C 203 -3.46 -115.62 21.42
C PHE C 203 -3.06 -116.69 22.44
N LEU C 204 -3.81 -117.79 22.47
CA LEU C 204 -3.50 -118.86 23.42
C LEU C 204 -2.13 -119.44 23.16
N LEU C 205 -1.80 -119.67 21.89
CA LEU C 205 -0.47 -120.17 21.55
C LEU C 205 0.61 -119.20 21.99
N GLN C 206 0.40 -117.90 21.76
CA GLN C 206 1.41 -116.91 22.12
C GLN C 206 1.62 -116.84 23.62
N ILE C 207 0.53 -116.85 24.40
CA ILE C 207 0.70 -116.76 25.85
C ILE C 207 1.32 -118.03 26.40
N ASN C 208 0.95 -119.20 25.84
CA ASN C 208 1.57 -120.44 26.28
C ASN C 208 3.06 -120.45 25.98
N ASP C 209 3.45 -119.94 24.80
CA ASP C 209 4.87 -119.88 24.46
C ASP C 209 5.60 -118.90 25.37
N ILE C 210 4.99 -117.76 25.67
CA ILE C 210 5.68 -116.73 26.44
C ILE C 210 5.77 -117.08 27.92
N LEU C 211 4.89 -117.94 28.43
CA LEU C 211 4.93 -118.32 29.83
C LEU C 211 5.72 -119.59 30.10
N LEU C 212 6.18 -120.29 29.07
CA LEU C 212 6.85 -121.57 29.27
C LEU C 212 8.18 -121.73 28.54
N ALA C 213 8.50 -120.85 27.58
CA ALA C 213 9.79 -120.97 26.89
C ALA C 213 10.98 -120.86 27.84
N PRO C 214 11.05 -119.91 28.77
CA PRO C 214 12.15 -119.91 29.72
C PRO C 214 12.05 -121.08 30.68
N PRO C 215 13.17 -121.55 31.22
CA PRO C 215 13.11 -122.65 32.19
C PRO C 215 12.36 -122.24 33.45
N THR C 216 11.43 -123.10 33.87
CA THR C 216 10.61 -122.84 35.05
C THR C 216 11.47 -123.13 36.29
N VAL C 217 11.68 -122.10 37.12
CA VAL C 217 12.59 -122.20 38.25
C VAL C 217 11.93 -121.61 39.49
N GLN C 218 12.40 -122.06 40.65
CA GLN C 218 12.11 -121.46 41.95
C GLN C 218 10.63 -121.56 42.32
N GLY C 219 9.86 -122.40 41.63
CA GLY C 219 8.44 -122.53 41.94
C GLY C 219 7.66 -121.24 41.77
N GLY C 220 7.98 -120.47 40.73
CA GLY C 220 7.36 -119.18 40.51
C GLY C 220 6.00 -119.27 39.87
N ILE C 221 5.71 -118.30 39.00
CA ILE C 221 4.39 -118.23 38.36
C ILE C 221 4.19 -119.44 37.45
N ALA C 222 5.18 -119.76 36.62
CA ALA C 222 5.02 -120.83 35.65
C ALA C 222 4.83 -122.19 36.33
N GLU C 223 5.61 -122.47 37.37
CA GLU C 223 5.51 -123.76 38.04
C GLU C 223 4.15 -123.93 38.69
N ASN C 224 3.62 -122.87 39.30
CA ASN C 224 2.34 -122.95 39.99
C ASN C 224 1.15 -122.74 39.06
N LEU C 225 1.38 -122.38 37.79
CA LEU C 225 0.29 -122.10 36.87
C LEU C 225 0.21 -123.02 35.67
N ALA C 226 1.26 -123.80 35.37
CA ALA C 226 1.26 -124.61 34.15
C ALA C 226 0.16 -125.67 34.18
N GLU C 227 -0.07 -126.29 35.34
CA GLU C 227 -1.07 -127.34 35.45
C GLU C 227 -2.46 -126.86 35.05
N LYS C 228 -2.72 -125.56 35.15
CA LYS C 228 -3.98 -125.00 34.70
C LYS C 228 -3.87 -124.42 33.30
N LEU C 229 -2.72 -123.82 32.97
CA LEU C 229 -2.54 -123.20 31.66
C LEU C 229 -2.64 -124.24 30.54
N ILE C 230 -1.89 -125.34 30.68
CA ILE C 230 -1.92 -126.37 29.63
C ILE C 230 -3.30 -127.00 29.55
N GLY C 231 -3.93 -127.25 30.71
CA GLY C 231 -5.26 -127.84 30.69
C GLY C 231 -6.28 -126.99 29.97
N VAL C 232 -6.31 -125.69 30.29
CA VAL C 232 -7.28 -124.81 29.64
C VAL C 232 -6.94 -124.63 28.16
N LEU C 233 -5.64 -124.60 27.82
CA LEU C 233 -5.26 -124.49 26.42
C LEU C 233 -5.77 -125.68 25.63
N PHE C 234 -5.58 -126.89 26.15
CA PHE C 234 -6.02 -128.07 25.42
C PHE C 234 -7.54 -128.17 25.40
N GLU C 235 -8.20 -127.75 26.49
CA GLU C 235 -9.66 -127.77 26.50
C GLU C 235 -10.24 -126.83 25.45
N VAL C 236 -9.71 -125.61 25.38
CA VAL C 236 -10.23 -124.66 24.40
C VAL C 236 -9.83 -125.09 22.98
N TRP C 237 -8.68 -125.75 22.82
CA TRP C 237 -8.33 -126.28 21.51
C TRP C 237 -9.32 -127.35 21.08
N LEU C 238 -9.71 -128.23 22.02
CA LEU C 238 -10.75 -129.21 21.72
C LEU C 238 -12.06 -128.53 21.34
N LEU C 239 -12.44 -127.48 22.08
CA LEU C 239 -13.67 -126.77 21.78
C LEU C 239 -13.63 -126.16 20.38
N ALA C 240 -12.50 -125.54 20.04
CA ALA C 240 -12.35 -124.94 18.71
C ALA C 240 -12.40 -126.00 17.62
N CYS C 241 -11.74 -127.14 17.84
CA CYS C 241 -11.79 -128.23 16.87
C CYS C 241 -13.21 -128.72 16.66
N THR C 242 -13.98 -128.80 17.75
CA THR C 242 -15.39 -129.17 17.62
C THR C 242 -16.16 -128.12 16.82
N ARG C 243 -15.88 -126.84 17.06
CA ARG C 243 -16.61 -125.79 16.37
C ARG C 243 -16.18 -125.68 14.91
N CYS C 244 -14.90 -125.39 14.67
CA CYS C 244 -14.39 -125.25 13.31
C CYS C 244 -12.93 -125.68 13.28
N PHE C 245 -12.61 -126.62 12.41
CA PHE C 245 -11.24 -127.14 12.34
C PHE C 245 -10.30 -126.05 11.83
N PRO C 246 -9.21 -125.78 12.53
CA PRO C 246 -8.28 -124.73 12.09
C PRO C 246 -7.54 -125.13 10.82
N THR C 247 -6.89 -124.13 10.22
CA THR C 247 -6.17 -124.34 8.98
C THR C 247 -4.93 -125.21 9.21
N PRO C 248 -4.51 -125.97 8.21
CA PRO C 248 -3.29 -126.79 8.33
C PRO C 248 -2.07 -125.96 8.69
N PRO C 249 -1.91 -124.74 8.16
CA PRO C 249 -0.79 -123.91 8.64
C PRO C 249 -0.86 -123.63 10.13
N TYR C 250 -2.06 -123.45 10.68
CA TYR C 250 -2.19 -123.26 12.13
C TYR C 250 -1.71 -124.50 12.88
N TRP C 251 -2.06 -125.69 12.37
CA TRP C 251 -1.61 -126.92 13.01
C TRP C 251 -0.10 -127.06 12.94
N LYS C 252 0.49 -126.71 11.80
CA LYS C 252 1.95 -126.77 11.67
C LYS C 252 2.63 -125.81 12.64
N THR C 253 2.10 -124.58 12.75
CA THR C 253 2.66 -123.62 13.68
C THR C 253 2.53 -124.10 15.12
N ALA C 254 1.38 -124.69 15.46
CA ALA C 254 1.18 -125.22 16.80
C ALA C 254 2.16 -126.34 17.10
N LYS C 255 2.35 -127.25 16.15
CA LYS C 255 3.30 -128.35 16.34
C LYS C 255 4.71 -127.82 16.52
N GLU C 256 5.10 -126.82 15.72
CA GLU C 256 6.43 -126.24 15.85
C GLU C 256 6.60 -125.55 17.20
N MET C 257 5.58 -124.84 17.66
CA MET C 257 5.71 -124.07 18.89
C MET C 257 5.71 -124.97 20.12
N VAL C 258 4.85 -125.99 20.15
CA VAL C 258 4.70 -126.80 21.35
C VAL C 258 5.98 -127.57 21.66
N ALA C 259 6.70 -128.02 20.63
CA ALA C 259 7.92 -128.78 20.85
C ALA C 259 9.01 -127.96 21.51
N ASN C 260 8.91 -126.63 21.45
CA ASN C 260 9.93 -125.79 22.05
C ASN C 260 9.82 -125.77 23.57
N TRP C 261 8.63 -125.96 24.11
CA TRP C 261 8.40 -125.91 25.55
C TRP C 261 7.74 -127.18 26.04
N ARG C 262 8.12 -128.31 25.47
CA ARG C 262 7.62 -129.62 25.89
C ARG C 262 8.49 -130.24 26.98
N HIS C 263 9.14 -129.41 27.79
CA HIS C 263 10.05 -129.87 28.83
C HIS C 263 9.42 -129.81 30.21
N HIS C 264 8.11 -129.97 30.32
CA HIS C 264 7.44 -129.94 31.61
C HIS C 264 6.60 -131.19 31.79
N PRO C 265 6.43 -131.65 33.03
CA PRO C 265 5.52 -132.78 33.26
C PRO C 265 4.08 -132.49 32.86
N ALA C 266 3.64 -131.23 33.02
CA ALA C 266 2.24 -130.90 32.82
C ALA C 266 1.82 -131.12 31.37
N VAL C 267 2.63 -130.65 30.42
CA VAL C 267 2.27 -130.80 29.01
C VAL C 267 2.22 -132.27 28.62
N VAL C 268 3.18 -133.06 29.10
CA VAL C 268 3.21 -134.48 28.77
C VAL C 268 1.98 -135.19 29.33
N GLU C 269 1.66 -134.93 30.60
CA GLU C 269 0.52 -135.63 31.20
C GLU C 269 -0.79 -135.18 30.56
N GLN C 270 -0.92 -133.90 30.23
CA GLN C 270 -2.14 -133.44 29.58
C GLN C 270 -2.29 -134.05 28.19
N TRP C 271 -1.19 -134.13 27.43
CA TRP C 271 -1.25 -134.77 26.12
C TRP C 271 -1.62 -136.23 26.26
N SER C 272 -1.07 -136.92 27.27
CA SER C 272 -1.42 -138.31 27.49
C SER C 272 -2.91 -138.46 27.79
N LYS C 273 -3.44 -137.59 28.65
CA LYS C 273 -4.86 -137.68 29.00
C LYS C 273 -5.75 -137.44 27.78
N VAL C 274 -5.44 -136.40 27.01
CA VAL C 274 -6.31 -136.08 25.88
C VAL C 274 -6.21 -137.15 24.80
N ILE C 275 -5.01 -137.71 24.58
CA ILE C 275 -4.89 -138.76 23.59
C ILE C 275 -5.58 -140.04 24.07
N CYS C 276 -5.56 -140.31 25.37
CA CYS C 276 -6.30 -141.47 25.88
C CYS C 276 -7.79 -141.30 25.65
N ALA C 277 -8.33 -140.10 25.94
CA ALA C 277 -9.75 -139.87 25.72
C ALA C 277 -10.10 -139.97 24.24
N LEU C 278 -9.26 -139.40 23.37
CA LEU C 278 -9.51 -139.47 21.93
C LEU C 278 -9.48 -140.90 21.44
N THR C 279 -8.52 -141.70 21.91
CA THR C 279 -8.46 -143.11 21.52
C THR C 279 -9.68 -143.86 22.01
N SER C 280 -10.15 -143.57 23.22
CA SER C 280 -11.35 -144.23 23.71
C SER C 280 -12.56 -143.91 22.83
N ARG C 281 -12.73 -142.63 22.48
CA ARG C 281 -13.85 -142.25 21.62
C ARG C 281 -13.72 -142.89 20.24
N LEU C 282 -12.50 -142.91 19.69
CA LEU C 282 -12.30 -143.49 18.36
C LEU C 282 -12.59 -144.99 18.38
N LEU C 283 -12.16 -145.69 19.43
CA LEU C 283 -12.44 -147.12 19.52
C LEU C 283 -13.93 -147.38 19.68
N ARG C 284 -14.61 -146.55 20.46
CA ARG C 284 -16.07 -146.70 20.57
C ARG C 284 -16.74 -146.48 19.22
N PHE C 285 -16.27 -145.50 18.44
CA PHE C 285 -16.88 -145.21 17.15
C PHE C 285 -16.60 -146.34 16.14
N THR C 286 -15.38 -146.88 16.15
CA THR C 286 -14.93 -147.75 15.07
C THR C 286 -15.20 -149.23 15.31
N TYR C 287 -15.48 -149.64 16.55
CA TYR C 287 -15.66 -151.05 16.86
C TYR C 287 -17.09 -151.38 17.26
N GLY C 288 -17.63 -150.70 18.26
CA GLY C 288 -18.96 -150.97 18.73
C GLY C 288 -18.96 -151.82 19.98
N PRO C 289 -19.91 -152.76 20.05
CA PRO C 289 -20.03 -153.58 21.27
C PRO C 289 -19.08 -154.76 21.33
N SER C 290 -18.55 -155.23 20.20
CA SER C 290 -17.67 -156.39 20.21
C SER C 290 -16.40 -156.12 20.99
N PHE C 291 -15.79 -154.97 20.78
CA PHE C 291 -14.58 -154.61 21.51
C PHE C 291 -14.93 -154.19 22.93
N PRO C 292 -14.30 -154.77 23.95
CA PRO C 292 -14.62 -154.38 25.33
C PRO C 292 -14.34 -152.90 25.57
N ALA C 293 -15.20 -152.27 26.36
CA ALA C 293 -15.09 -150.84 26.62
C ALA C 293 -13.80 -150.53 27.38
N PHE C 294 -13.17 -149.42 27.01
CA PHE C 294 -11.92 -148.98 27.63
C PHE C 294 -12.23 -147.95 28.71
N LYS C 295 -11.66 -148.15 29.89
CA LYS C 295 -11.90 -147.24 31.01
C LYS C 295 -11.24 -145.90 30.73
N VAL C 296 -11.91 -144.83 31.17
CA VAL C 296 -11.40 -143.47 31.00
C VAL C 296 -11.97 -142.62 32.14
N PRO C 297 -11.16 -141.74 32.74
CA PRO C 297 -11.71 -140.86 33.78
C PRO C 297 -12.81 -139.97 33.25
N ASP C 298 -13.79 -139.69 34.11
CA ASP C 298 -14.96 -138.92 33.71
C ASP C 298 -14.58 -137.49 33.33
N GLU C 299 -13.61 -136.91 34.03
CA GLU C 299 -13.17 -135.56 33.70
C GLU C 299 -12.59 -135.49 32.30
N ASP C 300 -11.76 -136.46 31.94
CA ASP C 300 -11.17 -136.48 30.60
C ASP C 300 -12.24 -136.65 29.52
N ALA C 301 -13.26 -137.47 29.81
CA ALA C 301 -14.38 -137.60 28.88
C ALA C 301 -15.12 -136.27 28.74
N SER C 302 -15.31 -135.57 29.86
CA SER C 302 -15.97 -134.27 29.81
C SER C 302 -15.13 -133.24 29.06
N LEU C 303 -13.81 -133.43 29.00
CA LEU C 303 -12.97 -132.49 28.29
C LEU C 303 -13.27 -132.43 26.80
N ILE C 304 -13.95 -133.43 26.26
CA ILE C 304 -14.31 -133.49 24.85
C ILE C 304 -15.82 -133.41 24.73
N PRO C 305 -16.36 -132.45 23.97
CA PRO C 305 -17.81 -132.37 23.78
C PRO C 305 -18.34 -133.62 23.10
N PRO C 306 -19.53 -134.08 23.48
CA PRO C 306 -20.07 -135.32 22.90
C PRO C 306 -20.80 -135.10 21.58
N GLU C 307 -20.63 -133.93 20.96
CA GLU C 307 -21.31 -133.61 19.72
C GLU C 307 -20.31 -133.46 18.56
N MET C 308 -19.38 -134.41 18.47
CA MET C 308 -18.39 -134.40 17.40
C MET C 308 -18.74 -135.43 16.34
N ASP C 309 -18.43 -135.11 15.09
CA ASP C 309 -18.62 -136.05 13.99
C ASP C 309 -17.53 -137.12 14.03
N ASN C 310 -17.87 -138.30 13.51
CA ASN C 310 -16.92 -139.41 13.52
C ASN C 310 -15.69 -139.09 12.67
N GLU C 311 -15.90 -138.53 11.48
CA GLU C 311 -14.76 -138.14 10.64
C GLU C 311 -13.95 -137.03 11.30
N CYS C 312 -14.63 -136.08 11.95
CA CYS C 312 -13.93 -135.03 12.69
C CYS C 312 -13.12 -135.64 13.83
N VAL C 313 -13.68 -136.62 14.52
CA VAL C 313 -12.96 -137.28 15.61
C VAL C 313 -11.71 -137.97 15.08
N ALA C 314 -11.85 -138.69 13.96
CA ALA C 314 -10.69 -139.38 13.40
C ALA C 314 -9.62 -138.38 12.97
N GLN C 315 -10.03 -137.29 12.32
CA GLN C 315 -9.05 -136.30 11.87
C GLN C 315 -8.33 -135.64 13.05
N THR C 316 -9.08 -135.26 14.08
CA THR C 316 -8.45 -134.59 15.22
C THR C 316 -7.61 -135.57 16.04
N TRP C 317 -7.96 -136.85 16.03
CA TRP C 317 -7.09 -137.84 16.67
C TRP C 317 -5.79 -138.01 15.91
N PHE C 318 -5.87 -138.05 14.57
CA PHE C 318 -4.65 -138.15 13.78
C PHE C 318 -3.77 -136.93 13.96
N ARG C 319 -4.37 -135.74 14.03
CA ARG C 319 -3.58 -134.53 14.26
C ARG C 319 -2.97 -134.53 15.66
N PHE C 320 -3.75 -134.92 16.68
CA PHE C 320 -3.24 -134.93 18.05
C PHE C 320 -2.16 -135.98 18.26
N LEU C 321 -2.10 -137.00 17.41
CA LEU C 321 -1.12 -138.07 17.62
C LEU C 321 0.30 -137.54 17.47
N HIS C 322 0.52 -136.62 16.54
CA HIS C 322 1.85 -136.10 16.25
C HIS C 322 2.08 -134.70 16.84
N MET C 323 1.29 -134.31 17.84
CA MET C 323 1.49 -133.01 18.46
C MET C 323 2.84 -132.92 19.14
N LEU C 324 3.26 -133.99 19.81
CA LEU C 324 4.56 -134.02 20.47
C LEU C 324 5.67 -134.55 19.57
N SER C 325 5.36 -134.80 18.29
CA SER C 325 6.34 -135.29 17.31
C SER C 325 6.84 -136.64 17.79
N ASN C 326 8.15 -136.85 17.92
CA ASN C 326 8.66 -138.14 18.39
C ASN C 326 8.81 -138.12 19.90
N PRO C 327 8.05 -138.93 20.64
CA PRO C 327 8.21 -138.97 22.10
C PRO C 327 9.59 -139.42 22.53
N VAL C 328 10.29 -140.19 21.69
CA VAL C 328 11.62 -140.67 22.04
C VAL C 328 12.61 -139.51 22.18
N ASP C 329 12.32 -138.37 21.55
CA ASP C 329 13.22 -137.21 21.63
C ASP C 329 13.44 -136.78 23.07
N LEU C 330 12.51 -137.05 23.98
CA LEU C 330 12.70 -136.73 25.38
C LEU C 330 13.85 -137.50 26.00
N SER C 331 14.23 -138.64 25.41
CA SER C 331 15.30 -139.46 25.96
C SER C 331 16.69 -138.85 25.74
N ASN C 332 16.81 -137.82 24.92
CA ASN C 332 18.10 -137.19 24.64
C ASN C 332 18.05 -135.71 25.04
N PRO C 333 18.72 -135.31 26.12
CA PRO C 333 18.71 -133.89 26.50
C PRO C 333 19.29 -132.97 25.44
N ALA C 334 20.15 -133.49 24.55
CA ALA C 334 20.71 -132.66 23.50
C ALA C 334 19.63 -132.17 22.54
N ILE C 335 18.67 -133.04 22.20
CA ILE C 335 17.60 -132.65 21.30
C ILE C 335 16.75 -131.54 21.91
N ILE C 336 16.41 -131.69 23.19
CA ILE C 336 15.59 -130.69 23.86
C ILE C 336 16.36 -129.38 24.00
N SER C 337 17.66 -129.46 24.26
CA SER C 337 18.48 -128.26 24.44
C SER C 337 18.62 -127.45 23.17
N SER C 338 18.25 -128.00 22.02
CA SER C 338 18.33 -127.29 20.74
C SER C 338 17.21 -126.29 20.53
N THR C 339 16.36 -126.08 21.53
CA THR C 339 15.29 -125.11 21.41
C THR C 339 15.87 -123.70 21.25
N PRO C 340 15.32 -122.89 20.34
CA PRO C 340 15.87 -121.52 20.17
C PRO C 340 15.87 -120.72 21.46
N LYS C 341 14.84 -120.86 22.30
CA LYS C 341 14.87 -120.20 23.60
C LYS C 341 15.95 -120.79 24.49
N PHE C 342 16.08 -122.11 24.51
CA PHE C 342 17.17 -122.75 25.23
C PHE C 342 18.52 -122.35 24.65
N GLN C 343 18.61 -122.29 23.32
CA GLN C 343 19.81 -121.75 22.69
C GLN C 343 20.03 -120.30 23.11
N GLU C 344 18.95 -119.52 23.17
CA GLU C 344 19.03 -118.17 23.73
C GLU C 344 19.37 -118.22 25.22
N GLN C 345 18.78 -119.17 25.95
CA GLN C 345 19.04 -119.30 27.38
C GLN C 345 20.51 -119.61 27.65
N PHE C 346 21.21 -120.19 26.68
CA PHE C 346 22.62 -120.49 26.83
C PHE C 346 23.52 -119.38 26.27
N LEU C 347 23.07 -118.69 25.22
CA LEU C 347 23.91 -117.68 24.58
C LEU C 347 23.72 -116.31 25.23
N ASN C 348 22.49 -115.78 25.21
CA ASN C 348 22.21 -114.48 25.81
C ASN C 348 22.09 -114.59 27.32
N VAL C 349 21.12 -115.37 27.80
CA VAL C 349 20.96 -115.59 29.23
C VAL C 349 22.17 -116.36 29.75
N SER C 350 22.58 -116.05 30.97
CA SER C 350 23.72 -116.73 31.58
C SER C 350 23.31 -118.11 32.09
N GLY C 351 22.74 -118.93 31.21
CA GLY C 351 22.38 -120.28 31.57
C GLY C 351 23.29 -121.32 30.96
N MET C 352 24.19 -121.87 31.76
CA MET C 352 25.10 -122.90 31.28
C MET C 352 24.36 -124.23 31.10
N PRO C 353 24.88 -125.12 30.27
CA PRO C 353 24.26 -126.45 30.15
C PRO C 353 24.16 -127.17 31.49
N GLN C 354 25.18 -127.06 32.34
CA GLN C 354 25.06 -127.56 33.70
C GLN C 354 24.04 -126.74 34.49
N GLU C 355 24.04 -125.42 34.31
CA GLU C 355 23.06 -124.58 34.97
C GLU C 355 21.66 -124.88 34.47
N LEU C 356 21.51 -125.13 33.17
CA LEU C 356 20.23 -125.59 32.64
C LEU C 356 19.84 -126.93 33.23
N ASN C 357 20.83 -127.80 33.48
CA ASN C 357 20.56 -129.10 34.08
C ASN C 357 20.10 -128.96 35.52
N GLN C 358 20.83 -128.18 36.33
CA GLN C 358 20.42 -127.96 37.71
C GLN C 358 19.13 -127.16 37.80
N TYR C 359 18.76 -126.46 36.74
CA TYR C 359 17.44 -125.87 36.67
C TYR C 359 16.38 -126.96 36.63
N PRO C 360 15.23 -126.75 37.27
CA PRO C 360 14.17 -127.78 37.27
C PRO C 360 13.53 -128.01 35.91
N CYS C 361 13.97 -127.31 34.86
CA CYS C 361 13.37 -127.48 33.55
C CYS C 361 13.59 -128.89 33.00
N LEU C 362 14.82 -129.41 33.12
CA LEU C 362 15.13 -130.72 32.59
C LEU C 362 15.75 -131.65 33.64
N LYS C 363 15.80 -131.23 34.90
CA LYS C 363 16.26 -132.13 35.95
C LYS C 363 15.25 -133.22 36.29
N HIS C 364 13.99 -133.06 35.88
CA HIS C 364 12.95 -134.05 36.08
C HIS C 364 12.66 -134.85 34.82
N LEU C 365 13.60 -134.86 33.87
CA LEU C 365 13.42 -135.62 32.64
C LEU C 365 13.16 -137.11 32.85
N PRO C 366 13.81 -137.82 33.78
CA PRO C 366 13.52 -139.26 33.93
C PRO C 366 12.05 -139.57 34.16
N GLN C 367 11.43 -138.93 35.15
CA GLN C 367 10.02 -139.22 35.44
C GLN C 367 9.10 -138.75 34.32
N ILE C 368 9.46 -137.64 33.65
CA ILE C 368 8.65 -137.17 32.53
C ILE C 368 8.67 -138.19 31.40
N PHE C 369 9.86 -138.72 31.08
CA PHE C 369 9.97 -139.73 30.05
C PHE C 369 9.22 -141.01 30.45
N PHE C 370 9.33 -141.39 31.72
CA PHE C 370 8.62 -142.58 32.19
C PHE C 370 7.11 -142.40 32.05
N ARG C 371 6.59 -141.21 32.41
CA ARG C 371 5.17 -140.95 32.28
C ARG C 371 4.73 -140.96 30.82
N ALA C 372 5.53 -140.36 29.95
CA ALA C 372 5.19 -140.36 28.53
C ALA C 372 5.14 -141.77 27.96
N MET C 373 6.14 -142.59 28.30
CA MET C 373 6.15 -143.96 27.81
C MET C 373 5.02 -144.78 28.43
N ARG C 374 4.65 -144.50 29.68
CA ARG C 374 3.53 -145.19 30.28
C ARG C 374 2.22 -144.82 29.59
N GLY C 375 2.05 -143.54 29.23
CA GLY C 375 0.88 -143.15 28.47
C GLY C 375 0.81 -143.82 27.12
N ILE C 376 1.96 -143.90 26.43
CA ILE C 376 2.00 -144.61 25.16
C ILE C 376 1.64 -146.07 25.36
N SER C 377 2.15 -146.69 26.42
CA SER C 377 1.84 -148.08 26.71
C SER C 377 0.35 -148.27 26.98
N CYS C 378 -0.26 -147.36 27.74
CA CYS C 378 -1.68 -147.46 28.03
C CYS C 378 -2.51 -147.36 26.76
N LEU C 379 -2.18 -146.39 25.90
CA LEU C 379 -2.99 -146.23 24.68
C LEU C 379 -2.81 -147.41 23.74
N VAL C 380 -1.58 -147.93 23.61
CA VAL C 380 -1.39 -149.06 22.71
C VAL C 380 -2.00 -150.33 23.30
N ASP C 381 -2.06 -150.45 24.63
CA ASP C 381 -2.73 -151.59 25.24
C ASP C 381 -4.24 -151.50 25.03
N ALA C 382 -4.80 -150.30 25.09
CA ALA C 382 -6.21 -150.12 24.74
C ALA C 382 -6.44 -150.50 23.29
N PHE C 383 -5.50 -150.14 22.41
CA PHE C 383 -5.60 -150.55 21.01
C PHE C 383 -5.57 -152.07 20.88
N LEU C 384 -4.69 -152.73 21.63
CA LEU C 384 -4.43 -154.15 21.42
C LEU C 384 -5.66 -155.00 21.74
N GLY C 385 -6.33 -154.71 22.85
CA GLY C 385 -7.46 -155.52 23.27
C GLY C 385 -7.56 -155.70 24.76
N ILE C 386 -6.53 -155.26 25.49
CA ILE C 386 -6.57 -155.30 26.95
C ILE C 386 -7.28 -154.04 27.44
N SER C 387 -8.62 -154.11 27.52
CA SER C 387 -9.39 -152.95 27.96
C SER C 387 -9.07 -152.61 29.42
N ARG C 388 -8.95 -153.64 30.26
CA ARG C 388 -8.60 -153.44 31.66
C ARG C 388 -7.16 -153.89 31.89
N PRO C 389 -6.21 -152.98 32.01
CA PRO C 389 -4.82 -153.37 32.26
C PRO C 389 -4.63 -153.80 33.71
N ARG C 390 -3.49 -154.42 33.97
CA ARG C 390 -3.15 -154.84 35.32
C ARG C 390 -3.04 -153.64 36.23
N SER C 391 -3.67 -153.74 37.41
CA SER C 391 -3.63 -152.62 38.36
C SER C 391 -2.23 -152.40 38.93
N ASP C 392 -1.36 -153.39 38.86
CA ASP C 392 0.00 -153.25 39.36
C ASP C 392 0.89 -152.58 38.33
N SER C 461 -2.23 -158.26 41.40
CA SER C 461 -2.40 -157.98 39.98
C SER C 461 -3.64 -158.66 39.43
N GLU C 462 -3.87 -158.52 38.13
CA GLU C 462 -4.99 -159.14 37.45
C GLU C 462 -4.51 -159.93 36.25
N PRO C 463 -5.10 -161.08 35.98
CA PRO C 463 -4.78 -161.80 34.74
C PRO C 463 -5.30 -161.01 33.55
N ARG C 464 -4.41 -160.73 32.61
CA ARG C 464 -4.80 -159.96 31.43
C ARG C 464 -5.81 -160.76 30.62
N PRO C 465 -6.92 -160.15 30.21
CA PRO C 465 -7.90 -160.88 29.40
C PRO C 465 -7.31 -161.31 28.07
N LEU C 466 -7.82 -162.42 27.55
CA LEU C 466 -7.39 -162.89 26.25
C LEU C 466 -7.73 -161.84 25.20
N PRO C 467 -6.85 -161.64 24.21
CA PRO C 467 -7.09 -160.59 23.22
C PRO C 467 -8.40 -160.79 22.47
N ALA C 468 -9.06 -159.67 22.18
CA ALA C 468 -10.36 -159.72 21.53
C ALA C 468 -10.24 -160.36 20.15
N PRO C 469 -11.25 -161.13 19.73
CA PRO C 469 -11.20 -161.74 18.40
C PRO C 469 -11.09 -160.73 17.27
N ARG C 470 -11.64 -159.53 17.45
CA ARG C 470 -11.59 -158.48 16.44
C ARG C 470 -10.50 -157.46 16.73
N ARG C 471 -9.39 -157.88 17.31
CA ARG C 471 -8.29 -156.98 17.60
C ARG C 471 -7.63 -156.53 16.29
N PRO C 472 -7.03 -155.35 16.27
CA PRO C 472 -6.36 -154.88 15.06
C PRO C 472 -5.18 -155.75 14.69
N LYS C 473 -4.91 -155.82 13.39
CA LYS C 473 -3.80 -156.62 12.89
C LYS C 473 -2.48 -156.08 13.40
N VAL C 474 -1.53 -157.00 13.65
CA VAL C 474 -0.25 -156.62 14.23
C VAL C 474 0.54 -155.75 13.27
N ASN C 475 0.46 -156.04 11.97
CA ASN C 475 1.19 -155.24 10.99
C ASN C 475 0.72 -153.79 10.99
N SER C 476 -0.60 -153.57 11.10
CA SER C 476 -1.12 -152.21 11.16
C SER C 476 -0.63 -151.49 12.41
N ILE C 477 -0.60 -152.18 13.55
CA ILE C 477 -0.12 -151.56 14.78
C ILE C 477 1.36 -151.19 14.65
N LEU C 478 2.16 -152.07 14.06
CA LEU C 478 3.57 -151.77 13.86
C LEU C 478 3.75 -150.61 12.89
N ASN C 479 2.91 -150.52 11.87
CA ASN C 479 2.98 -149.39 10.94
C ASN C 479 2.63 -148.08 11.65
N LEU C 480 1.63 -148.11 12.53
CA LEU C 480 1.17 -146.88 13.17
C LEU C 480 2.12 -146.44 14.28
N PHE C 481 2.28 -147.28 15.32
CA PHE C 481 3.06 -146.91 16.48
C PHE C 481 4.38 -147.64 16.59
N GLY C 482 4.66 -148.61 15.72
CA GLY C 482 5.83 -149.45 15.89
C GLY C 482 7.14 -148.69 15.81
N SER C 483 7.20 -147.64 15.00
CA SER C 483 8.44 -146.88 14.86
C SER C 483 8.82 -146.21 16.17
N TRP C 484 7.86 -145.56 16.83
CA TRP C 484 8.13 -144.92 18.11
C TRP C 484 8.56 -145.94 19.15
N LEU C 485 7.89 -147.09 19.19
CA LEU C 485 8.20 -148.12 20.17
C LEU C 485 9.62 -148.66 19.96
N PHE C 486 9.97 -148.95 18.71
CA PHE C 486 11.31 -149.46 18.41
C PHE C 486 12.37 -148.42 18.74
N ASP C 487 12.13 -147.15 18.40
CA ASP C 487 13.09 -146.11 18.73
C ASP C 487 13.26 -145.96 20.23
N ALA C 488 12.16 -146.04 20.99
CA ALA C 488 12.26 -145.96 22.44
C ALA C 488 13.00 -147.16 23.01
N ALA C 489 12.82 -148.33 22.41
CA ALA C 489 13.53 -149.52 22.89
C ALA C 489 15.01 -149.47 22.57
N PHE C 490 15.37 -148.88 21.43
CA PHE C 490 16.74 -148.92 20.93
C PHE C 490 17.54 -147.66 21.26
N VAL C 491 16.96 -146.68 21.92
CA VAL C 491 17.69 -145.46 22.26
C VAL C 491 18.54 -145.73 23.50
N HIS C 492 19.83 -145.40 23.40
CA HIS C 492 20.80 -145.69 24.45
C HIS C 492 20.79 -147.18 24.80
N CYS C 493 20.65 -148.01 23.76
CA CYS C 493 20.54 -149.46 23.94
C CYS C 493 21.90 -150.12 23.91
N ALA C 536 31.89 -145.58 38.80
CA ALA C 536 31.07 -145.75 37.60
C ALA C 536 29.63 -145.34 37.87
N SER C 537 29.45 -144.11 38.36
CA SER C 537 28.13 -143.59 38.67
C SER C 537 28.02 -142.17 38.16
N GLU C 538 26.78 -141.76 37.85
CA GLU C 538 26.51 -140.42 37.36
C GLU C 538 25.11 -140.00 37.80
N PHE C 539 24.84 -138.70 37.66
CA PHE C 539 23.55 -138.16 38.06
C PHE C 539 22.38 -138.75 37.29
N PRO C 540 22.38 -138.83 35.96
CA PRO C 540 21.21 -139.38 35.26
C PRO C 540 21.01 -140.86 35.54
N ASP C 541 19.76 -141.29 35.49
CA ASP C 541 19.39 -142.68 35.70
C ASP C 541 19.34 -143.47 34.41
N ASN C 542 19.70 -142.85 33.28
CA ASN C 542 19.69 -143.44 31.94
C ASN C 542 18.30 -143.83 31.47
N TYR C 543 17.25 -143.36 32.15
CA TYR C 543 15.86 -143.60 31.74
C TYR C 543 15.57 -145.09 31.60
N GLU C 544 16.02 -145.86 32.60
CA GLU C 544 15.83 -147.31 32.57
C GLU C 544 14.35 -147.68 32.60
N ALA C 545 13.56 -146.99 33.41
CA ALA C 545 12.12 -147.23 33.43
C ALA C 545 11.51 -146.99 32.06
N GLY C 546 12.07 -146.08 31.29
CA GLY C 546 11.59 -145.86 29.93
C GLY C 546 11.70 -147.11 29.08
N ARG C 547 12.85 -147.77 29.11
CA ARG C 547 13.03 -149.01 28.37
C ARG C 547 12.20 -150.14 28.95
N ALA C 548 12.02 -150.15 30.28
CA ALA C 548 11.18 -151.16 30.90
C ALA C 548 9.76 -151.08 30.35
N GLU C 549 9.16 -149.88 30.35
CA GLU C 549 7.83 -149.73 29.75
C GLU C 549 7.87 -149.95 28.24
N ALA C 550 9.00 -149.62 27.59
CA ALA C 550 9.11 -149.76 26.15
C ALA C 550 8.92 -151.21 25.74
N CYS C 551 9.63 -152.14 26.39
CA CYS C 551 9.30 -153.50 26.00
C CYS C 551 8.13 -154.05 26.80
N GLY C 552 7.64 -153.37 27.81
CA GLY C 552 6.34 -153.76 28.31
C GLY C 552 5.42 -153.79 27.10
N THR C 553 5.41 -152.65 26.41
CA THR C 553 4.61 -152.53 25.19
C THR C 553 5.03 -153.53 24.11
N LEU C 554 6.33 -153.56 23.78
CA LEU C 554 6.79 -154.34 22.64
C LEU C 554 6.68 -155.85 22.91
N CYS C 555 7.13 -156.29 24.08
CA CYS C 555 6.96 -157.65 24.53
C CYS C 555 5.49 -158.07 24.43
N ARG C 556 4.58 -157.23 24.94
CA ARG C 556 3.17 -157.57 24.90
C ARG C 556 2.66 -157.68 23.47
N ILE C 557 3.05 -156.73 22.60
CA ILE C 557 2.58 -156.74 21.22
C ILE C 557 3.07 -157.98 20.50
N PHE C 558 4.35 -158.31 20.66
CA PHE C 558 4.90 -159.50 20.00
C PHE C 558 4.39 -160.79 20.61
N CYS C 559 3.82 -160.75 21.81
CA CYS C 559 3.24 -161.93 22.44
C CYS C 559 1.78 -162.14 22.07
N SER C 560 1.33 -161.62 20.93
CA SER C 560 -0.04 -161.79 20.49
C SER C 560 -0.11 -161.71 18.98
N LYS C 561 -0.85 -162.64 18.38
CA LYS C 561 -1.09 -162.68 16.94
C LYS C 561 -2.30 -163.57 16.67
N LYS C 562 -2.56 -163.83 15.39
CA LYS C 562 -3.70 -164.65 14.96
C LYS C 562 -3.18 -165.79 14.10
N THR C 563 -2.91 -166.93 14.74
CA THR C 563 -2.50 -168.19 14.08
C THR C 563 -1.51 -167.97 12.95
N GLY C 564 -0.61 -167.00 13.14
CA GLY C 564 0.39 -166.70 12.13
C GLY C 564 -0.02 -165.61 11.18
N GLU C 565 0.68 -164.47 11.23
CA GLU C 565 0.42 -163.34 10.37
C GLU C 565 1.73 -162.81 9.82
N GLU C 566 1.65 -162.13 8.68
CA GLU C 566 2.84 -161.55 8.06
C GLU C 566 3.47 -160.51 8.97
N ILE C 567 4.65 -160.82 9.50
CA ILE C 567 5.41 -159.90 10.34
C ILE C 567 6.69 -159.55 9.60
N LEU C 568 7.03 -158.27 9.58
CA LEU C 568 8.22 -157.83 8.87
C LEU C 568 9.45 -158.49 9.47
N PRO C 569 10.27 -159.20 8.67
CA PRO C 569 11.46 -159.85 9.24
C PRO C 569 12.42 -158.87 9.88
N ALA C 570 12.49 -157.63 9.38
CA ALA C 570 13.29 -156.61 10.05
C ALA C 570 12.76 -156.33 11.45
N TYR C 571 11.43 -156.25 11.60
CA TYR C 571 10.84 -156.02 12.91
C TYR C 571 11.11 -157.19 13.84
N LEU C 572 10.99 -158.42 13.34
CA LEU C 572 11.29 -159.59 14.16
C LEU C 572 12.73 -159.60 14.60
N SER C 573 13.65 -159.26 13.69
CA SER C 573 15.06 -159.19 14.05
C SER C 573 15.31 -158.10 15.09
N ARG C 574 14.68 -156.94 14.92
CA ARG C 574 14.86 -155.84 15.86
C ARG C 574 14.36 -156.22 17.25
N PHE C 575 13.21 -156.89 17.31
CA PHE C 575 12.72 -157.40 18.59
C PHE C 575 13.70 -158.43 19.16
N TYR C 576 14.26 -159.28 18.29
CA TYR C 576 15.23 -160.28 18.74
C TYR C 576 16.49 -159.60 19.27
N MET C 577 17.05 -158.66 18.51
CA MET C 577 18.24 -157.97 18.99
C MET C 577 17.92 -157.08 20.18
N LEU C 578 16.68 -156.64 20.31
CA LEU C 578 16.25 -155.99 21.54
C LEU C 578 16.36 -156.94 22.72
N LEU C 579 15.95 -158.19 22.53
CA LEU C 579 16.16 -159.20 23.57
C LEU C 579 17.64 -159.43 23.83
N ILE C 580 18.46 -159.42 22.76
CA ILE C 580 19.89 -159.67 22.91
C ILE C 580 20.51 -158.64 23.87
N GLN C 581 20.21 -157.36 23.66
CA GLN C 581 20.70 -156.35 24.58
C GLN C 581 20.00 -156.42 25.93
N GLY C 582 18.74 -156.84 25.96
CA GLY C 582 18.04 -157.00 27.21
C GLY C 582 18.46 -158.21 28.00
N LEU C 583 19.07 -159.20 27.35
CA LEU C 583 19.54 -160.40 28.03
C LEU C 583 20.99 -160.31 28.47
N GLN C 584 21.64 -159.16 28.28
CA GLN C 584 23.00 -158.99 28.75
C GLN C 584 23.04 -159.00 30.27
N ILE C 585 23.96 -159.79 30.83
CA ILE C 585 23.95 -160.07 32.27
C ILE C 585 25.35 -159.90 32.86
N ASN C 586 26.34 -159.67 32.00
CA ASN C 586 27.71 -159.56 32.48
C ASN C 586 27.95 -158.20 33.13
N ASP C 587 27.78 -157.14 32.36
CA ASP C 587 27.89 -155.77 32.84
C ASP C 587 26.70 -154.91 32.43
N TYR C 588 26.11 -155.17 31.27
CA TYR C 588 24.93 -154.44 30.81
C TYR C 588 23.66 -155.07 31.39
N VAL C 589 23.67 -155.19 32.72
CA VAL C 589 22.57 -155.81 33.45
C VAL C 589 21.52 -154.73 33.67
N CYS C 590 20.57 -154.63 32.73
CA CYS C 590 19.48 -153.67 32.84
C CYS C 590 18.38 -154.33 33.65
N HIS C 591 18.39 -154.08 34.96
CA HIS C 591 17.47 -154.78 35.86
C HIS C 591 16.00 -154.55 35.51
N PRO C 592 15.51 -153.30 35.38
CA PRO C 592 14.11 -153.14 34.97
C PRO C 592 13.82 -153.69 33.60
N VAL C 593 14.77 -153.60 32.66
CA VAL C 593 14.52 -154.09 31.31
C VAL C 593 14.39 -155.61 31.30
N LEU C 594 15.31 -156.30 31.98
CA LEU C 594 15.20 -157.75 32.04
C LEU C 594 13.95 -158.18 32.80
N ALA C 595 13.61 -157.47 33.87
CA ALA C 595 12.39 -157.79 34.60
C ALA C 595 11.17 -157.63 33.70
N SER C 596 11.12 -156.55 32.91
CA SER C 596 9.98 -156.32 32.03
C SER C 596 9.91 -157.38 30.94
N VAL C 597 11.04 -157.74 30.34
CA VAL C 597 10.99 -158.73 29.27
C VAL C 597 10.64 -160.11 29.81
N ILE C 598 11.00 -160.40 31.06
CA ILE C 598 10.63 -161.67 31.66
C ILE C 598 9.13 -161.69 31.97
N LEU C 599 8.63 -160.61 32.60
CA LEU C 599 7.26 -160.61 33.09
C LEU C 599 6.25 -160.47 31.95
N ASN C 600 6.53 -159.59 30.99
CA ASN C 600 5.57 -159.24 29.96
C ASN C 600 5.55 -160.23 28.80
N SER C 601 6.36 -161.28 28.84
CA SER C 601 6.42 -162.27 27.76
C SER C 601 6.33 -163.69 28.31
N PRO C 602 5.17 -164.09 28.84
CA PRO C 602 4.95 -165.52 29.12
C PRO C 602 4.82 -166.35 27.84
N PRO C 603 3.99 -165.93 26.85
CA PRO C 603 3.81 -166.80 25.67
C PRO C 603 4.86 -166.54 24.59
N LEU C 604 5.97 -165.89 24.94
CA LEU C 604 6.99 -165.58 23.95
C LEU C 604 7.51 -166.83 23.28
N PHE C 605 7.75 -167.89 24.04
CA PHE C 605 8.21 -169.17 23.49
C PHE C 605 7.01 -169.95 23.01
N CYS C 606 6.55 -169.62 21.80
CA CYS C 606 5.41 -170.28 21.19
C CYS C 606 5.70 -170.45 19.70
N CYS C 607 4.67 -170.82 18.95
CA CYS C 607 4.78 -171.11 17.54
C CYS C 607 4.30 -169.91 16.71
N ASP C 608 4.18 -170.11 15.41
CA ASP C 608 3.72 -169.15 14.40
C ASP C 608 4.73 -168.04 14.14
N LEU C 609 5.86 -168.02 14.84
CA LEU C 609 6.93 -167.09 14.55
C LEU C 609 8.22 -167.89 14.30
N LYS C 610 9.23 -167.20 13.78
CA LYS C 610 10.49 -167.82 13.42
C LYS C 610 11.65 -167.03 14.01
N GLY C 611 12.79 -167.69 14.13
CA GLY C 611 13.97 -167.08 14.68
C GLY C 611 14.06 -167.09 16.19
N ILE C 612 13.03 -167.56 16.88
CA ILE C 612 13.11 -167.68 18.33
C ILE C 612 14.09 -168.79 18.72
N ASP C 613 14.23 -169.80 17.86
CA ASP C 613 15.08 -170.95 18.18
C ASP C 613 16.55 -170.56 18.30
N VAL C 614 17.02 -169.69 17.41
CA VAL C 614 18.43 -169.29 17.46
C VAL C 614 18.74 -168.54 18.75
N VAL C 615 17.73 -167.85 19.32
CA VAL C 615 17.95 -167.13 20.57
C VAL C 615 17.76 -168.03 21.78
N VAL C 616 17.25 -169.25 21.58
CA VAL C 616 17.09 -170.18 22.69
C VAL C 616 18.41 -170.43 23.42
N PRO C 617 19.53 -170.67 22.74
CA PRO C 617 20.81 -170.69 23.48
C PRO C 617 21.10 -169.38 24.18
N TYR C 618 20.78 -168.25 23.53
CA TYR C 618 20.97 -166.95 24.17
C TYR C 618 20.06 -166.78 25.38
N PHE C 619 18.80 -167.20 25.27
CA PHE C 619 17.92 -167.19 26.42
C PHE C 619 18.48 -168.04 27.55
N ILE C 620 18.92 -169.26 27.22
CA ILE C 620 19.44 -170.16 28.25
C ILE C 620 20.64 -169.56 28.95
N SER C 621 21.55 -168.95 28.18
CA SER C 621 22.66 -168.23 28.78
C SER C 621 22.16 -167.12 29.69
N ALA C 622 21.14 -166.38 29.24
CA ALA C 622 20.50 -165.41 30.11
C ALA C 622 19.73 -166.08 31.23
N LEU C 623 18.98 -167.14 30.92
CA LEU C 623 18.19 -167.83 31.94
C LEU C 623 19.09 -168.47 32.98
N GLU C 624 20.23 -169.05 32.55
CA GLU C 624 21.17 -169.63 33.49
C GLU C 624 21.81 -168.58 34.39
N THR C 625 21.65 -167.29 34.07
CA THR C 625 22.18 -166.22 34.89
C THR C 625 21.09 -165.45 35.62
N ILE C 626 19.82 -165.84 35.49
CA ILE C 626 18.73 -165.25 36.24
C ILE C 626 17.96 -166.29 37.04
N LEU C 627 17.63 -167.42 36.43
CA LEU C 627 16.90 -168.47 37.15
C LEU C 627 17.67 -169.03 38.34
N PRO C 628 18.95 -169.39 38.23
CA PRO C 628 19.66 -169.90 39.42
C PRO C 628 19.83 -168.87 40.51
N ASP C 629 19.67 -167.58 40.21
CA ASP C 629 19.76 -166.56 41.25
C ASP C 629 18.71 -166.81 42.32
N ARG C 630 19.10 -166.57 43.57
CA ARG C 630 18.25 -166.89 44.72
C ARG C 630 17.59 -165.64 45.32
N GLU C 631 18.39 -164.65 45.70
CA GLU C 631 17.84 -163.51 46.44
C GLU C 631 16.90 -162.68 45.58
N LEU C 632 17.32 -162.34 44.35
CA LEU C 632 16.56 -161.47 43.46
C LEU C 632 16.24 -160.13 44.11
N SER C 633 16.98 -159.77 45.16
CA SER C 633 16.84 -158.45 45.76
C SER C 633 17.28 -157.36 44.79
N LYS C 634 18.13 -157.72 43.82
CA LYS C 634 18.50 -156.78 42.77
C LYS C 634 17.30 -156.37 41.95
N PHE C 635 16.38 -157.30 41.69
CA PHE C 635 15.16 -157.03 40.95
C PHE C 635 13.94 -156.88 41.85
N LYS C 636 14.11 -156.98 43.17
CA LYS C 636 12.97 -156.92 44.08
C LYS C 636 12.38 -155.53 44.18
N SER C 637 13.20 -154.50 43.95
CA SER C 637 12.71 -153.12 44.07
C SER C 637 11.62 -152.82 43.05
N TYR C 638 11.76 -153.36 41.83
CA TYR C 638 10.79 -153.08 40.78
C TYR C 638 9.51 -153.89 40.98
N VAL C 639 9.64 -155.20 41.10
CA VAL C 639 8.49 -156.09 41.26
C VAL C 639 8.78 -157.08 42.38
N ASN C 640 7.71 -157.66 42.91
CA ASN C 640 7.84 -158.62 43.99
C ASN C 640 8.53 -159.90 43.50
N PRO C 641 9.30 -160.57 44.35
CA PRO C 641 9.98 -161.80 43.92
C PRO C 641 9.02 -162.90 43.50
N THR C 642 7.83 -162.96 44.10
CA THR C 642 6.92 -164.08 43.83
C THR C 642 6.48 -164.09 42.37
N GLU C 643 5.96 -162.97 41.88
CA GLU C 643 5.48 -162.92 40.50
C GLU C 643 6.62 -163.10 39.51
N LEU C 644 7.79 -162.51 39.79
CA LEU C 644 8.93 -162.67 38.90
C LEU C 644 9.37 -164.12 38.83
N ARG C 645 9.43 -164.80 39.98
CA ARG C 645 9.80 -166.22 39.99
C ARG C 645 8.76 -167.06 39.26
N ARG C 646 7.48 -166.77 39.46
CA ARG C 646 6.43 -167.51 38.76
C ARG C 646 6.55 -167.34 37.25
N SER C 647 6.76 -166.11 36.79
CA SER C 647 6.90 -165.86 35.36
C SER C 647 8.16 -166.52 34.81
N SER C 648 9.25 -166.49 35.57
CA SER C 648 10.48 -167.15 35.14
C SER C 648 10.29 -168.65 35.01
N ILE C 649 9.60 -169.26 35.97
CA ILE C 649 9.33 -170.69 35.88
C ILE C 649 8.43 -170.99 34.69
N ASN C 650 7.40 -170.17 34.46
CA ASN C 650 6.48 -170.41 33.35
C ASN C 650 7.20 -170.30 32.01
N ILE C 651 8.05 -169.28 31.85
CA ILE C 651 8.78 -169.13 30.59
C ILE C 651 9.84 -170.22 30.44
N LEU C 652 10.41 -170.68 31.56
CA LEU C 652 11.34 -171.80 31.51
C LEU C 652 10.65 -173.08 31.08
N LEU C 653 9.43 -173.32 31.58
CA LEU C 653 8.71 -174.55 31.26
C LEU C 653 8.46 -174.67 29.77
N SER C 654 8.41 -173.56 29.05
CA SER C 654 8.27 -173.60 27.61
C SER C 654 9.55 -174.05 26.91
N LEU C 655 10.65 -174.19 27.63
CA LEU C 655 11.93 -174.57 27.05
C LEU C 655 12.40 -175.96 27.45
N LEU C 656 11.74 -176.62 28.40
CA LEU C 656 12.17 -177.96 28.80
C LEU C 656 12.20 -178.95 27.64
N PRO C 657 11.17 -179.07 26.80
CA PRO C 657 11.24 -180.06 25.71
C PRO C 657 12.27 -179.73 24.64
N LEU C 658 12.76 -178.50 24.58
CA LEU C 658 13.61 -178.08 23.46
C LEU C 658 14.95 -178.81 23.40
N PRO C 659 15.75 -178.89 24.48
CA PRO C 659 17.04 -179.60 24.34
C PRO C 659 16.90 -181.06 23.97
N HIS C 660 15.87 -181.74 24.47
CA HIS C 660 15.67 -183.13 24.11
C HIS C 660 15.13 -183.28 22.70
N HIS C 661 14.35 -182.29 22.24
CA HIS C 661 13.75 -182.35 20.91
C HIS C 661 14.70 -181.83 19.84
N PHE C 662 15.83 -181.23 20.23
CA PHE C 662 16.80 -180.75 19.26
C PHE C 662 18.00 -181.69 19.15
N GLY C 663 18.68 -181.93 20.28
CA GLY C 663 19.82 -182.83 20.28
C GLY C 663 21.02 -182.32 19.51
N THR C 664 21.30 -182.92 18.36
CA THR C 664 22.48 -182.61 17.56
C THR C 664 22.12 -181.92 16.25
N VAL C 665 21.09 -181.08 16.28
CA VAL C 665 20.60 -180.38 15.08
C VAL C 665 21.24 -179.00 15.01
N LYS C 666 21.86 -178.70 13.87
CA LYS C 666 22.45 -177.40 13.64
C LYS C 666 21.38 -176.37 13.29
N SER C 667 21.75 -175.09 13.42
CA SER C 667 20.83 -174.01 13.12
C SER C 667 21.59 -172.82 12.59
N GLU C 668 20.90 -171.98 11.82
CA GLU C 668 21.49 -170.74 11.33
C GLU C 668 21.66 -169.75 12.47
N VAL C 669 22.79 -169.04 12.47
CA VAL C 669 23.15 -168.16 13.58
C VAL C 669 23.48 -166.78 13.03
N VAL C 670 23.08 -165.75 13.78
CA VAL C 670 23.38 -164.36 13.46
C VAL C 670 24.39 -163.85 14.47
N LEU C 671 25.56 -163.45 14.00
CA LEU C 671 26.57 -162.84 14.87
C LEU C 671 27.48 -161.98 13.99
N GLU C 672 27.24 -160.67 14.00
CA GLU C 672 27.99 -159.72 13.17
C GLU C 672 28.36 -158.49 13.99
N GLY C 673 28.89 -158.71 15.18
CA GLY C 673 29.33 -157.61 16.03
C GLY C 673 29.46 -158.06 17.47
N LYS C 674 29.62 -157.07 18.34
CA LYS C 674 29.74 -157.30 19.78
C LYS C 674 28.35 -157.59 20.33
N PHE C 675 27.87 -158.81 20.05
CA PHE C 675 26.57 -159.26 20.51
C PHE C 675 26.65 -160.50 21.39
N SER C 676 27.85 -160.91 21.80
CA SER C 676 28.06 -162.13 22.56
C SER C 676 28.32 -161.79 24.02
N ASN C 677 27.64 -162.50 24.92
CA ASN C 677 27.80 -162.32 26.35
C ASN C 677 28.86 -163.26 26.95
N ASP C 678 29.47 -164.12 26.13
CA ASP C 678 30.51 -165.01 26.60
C ASP C 678 31.83 -164.61 25.95
N ASP C 679 32.82 -164.29 26.77
CA ASP C 679 34.15 -163.91 26.30
C ASP C 679 35.21 -164.92 26.76
N SER C 680 34.82 -166.19 26.84
CA SER C 680 35.72 -167.27 27.24
C SER C 680 36.28 -168.02 26.05
N SER C 681 36.54 -167.29 24.95
CA SER C 681 37.05 -167.86 23.71
C SER C 681 36.10 -168.93 23.15
N SER C 682 34.90 -168.46 22.75
CA SER C 682 33.89 -169.35 22.19
C SER C 682 33.19 -168.74 20.98
N TYR C 683 33.76 -167.72 20.35
CA TYR C 683 33.09 -167.07 19.23
C TYR C 683 32.99 -167.99 18.03
N ASP C 684 34.09 -168.62 17.63
CA ASP C 684 34.10 -169.51 16.47
C ASP C 684 33.82 -170.95 16.88
N LYS C 685 32.73 -171.15 17.60
CA LYS C 685 32.33 -172.49 18.03
C LYS C 685 30.83 -172.53 18.29
N PRO C 686 30.09 -173.31 17.51
CA PRO C 686 28.64 -173.44 17.76
C PRO C 686 28.39 -174.12 19.10
N ILE C 687 27.25 -173.80 19.70
CA ILE C 687 26.86 -174.36 20.99
C ILE C 687 25.91 -175.53 20.75
N THR C 688 26.33 -176.72 21.12
CA THR C 688 25.49 -177.89 20.98
C THR C 688 24.41 -177.91 22.05
N PHE C 689 23.39 -178.73 21.83
CA PHE C 689 22.29 -178.83 22.77
C PHE C 689 22.48 -179.91 23.83
N LEU C 690 23.57 -180.68 23.77
CA LEU C 690 23.90 -181.57 24.87
C LEU C 690 24.36 -180.79 26.09
N SER C 691 25.28 -179.85 25.88
CA SER C 691 25.71 -178.97 26.98
C SER C 691 24.54 -178.11 27.45
N LEU C 692 23.71 -177.65 26.51
CA LEU C 692 22.53 -176.88 26.89
C LEU C 692 21.56 -177.73 27.71
N LYS C 693 21.42 -179.01 27.37
CA LYS C 693 20.57 -179.90 28.14
C LYS C 693 21.13 -180.12 29.55
N LEU C 694 22.45 -180.27 29.66
CA LEU C 694 23.06 -180.40 30.97
C LEU C 694 22.84 -179.14 31.81
N ARG C 695 23.02 -177.97 31.19
CA ARG C 695 22.76 -176.72 31.89
C ARG C 695 21.29 -176.61 32.31
N LEU C 696 20.39 -177.04 31.42
CA LEU C 696 18.96 -176.97 31.72
C LEU C 696 18.61 -177.86 32.90
N VAL C 697 19.12 -179.09 32.92
CA VAL C 697 18.79 -179.99 34.02
C VAL C 697 19.41 -179.49 35.32
N ASN C 698 20.61 -178.90 35.25
CA ASN C 698 21.24 -178.37 36.45
C ASN C 698 20.45 -177.20 37.01
N ILE C 699 20.05 -176.26 36.14
CA ILE C 699 19.28 -175.11 36.63
C ILE C 699 17.89 -175.56 37.08
N LEU C 700 17.34 -176.59 36.46
CA LEU C 700 16.03 -177.09 36.88
C LEU C 700 16.10 -177.69 38.26
N ILE C 701 17.11 -178.53 38.53
CA ILE C 701 17.23 -179.11 39.87
C ILE C 701 17.57 -178.02 40.89
N GLY C 702 18.35 -177.01 40.50
CA GLY C 702 18.62 -175.91 41.42
C GLY C 702 17.36 -175.13 41.78
N ALA C 703 16.55 -174.79 40.78
CA ALA C 703 15.30 -174.07 41.04
C ALA C 703 14.34 -174.94 41.85
N LEU C 704 14.34 -176.25 41.59
CA LEU C 704 13.55 -177.19 42.38
C LEU C 704 13.98 -177.17 43.83
N GLN C 705 15.29 -177.15 44.09
CA GLN C 705 15.78 -177.13 45.46
C GLN C 705 15.46 -175.81 46.14
N THR C 706 15.51 -174.71 45.40
CA THR C 706 15.32 -173.38 46.00
C THR C 706 13.88 -172.88 45.92
N GLU C 707 12.96 -173.64 45.32
CA GLU C 707 11.59 -173.16 45.19
C GLU C 707 10.89 -173.14 46.54
N THR C 708 10.11 -172.09 46.78
CA THR C 708 9.38 -171.92 48.04
C THR C 708 7.90 -171.64 47.84
N ASP C 709 7.53 -170.89 46.80
CA ASP C 709 6.14 -170.51 46.61
C ASP C 709 5.28 -171.74 46.33
N PRO C 710 4.11 -171.86 46.96
CA PRO C 710 3.30 -173.09 46.77
C PRO C 710 2.88 -173.33 45.33
N ASN C 711 2.26 -172.35 44.68
CA ASN C 711 1.87 -172.52 43.29
C ASN C 711 3.08 -172.72 42.39
N ASN C 712 4.15 -171.96 42.64
CA ASN C 712 5.38 -172.15 41.89
C ASN C 712 6.00 -173.51 42.20
N THR C 713 5.86 -174.00 43.44
CA THR C 713 6.34 -175.33 43.76
C THR C 713 5.57 -176.38 42.95
N GLN C 714 4.25 -176.21 42.82
CA GLN C 714 3.46 -177.14 42.02
C GLN C 714 3.88 -177.10 40.55
N MET C 715 4.12 -175.89 40.03
CA MET C 715 4.60 -175.77 38.65
C MET C 715 5.94 -176.48 38.47
N ILE C 716 6.84 -176.31 39.44
CA ILE C 716 8.15 -176.95 39.38
C ILE C 716 7.99 -178.46 39.42
N LEU C 717 7.09 -178.97 40.27
CA LEU C 717 6.86 -180.41 40.35
C LEU C 717 6.32 -180.95 39.03
N GLY C 718 5.38 -180.23 38.42
CA GLY C 718 4.86 -180.66 37.13
C GLY C 718 5.93 -180.69 36.06
N ALA C 719 6.75 -179.64 36.00
CA ALA C 719 7.83 -179.59 35.02
C ALA C 719 8.82 -180.72 35.25
N MET C 720 9.16 -181.00 36.51
CA MET C 720 10.11 -182.05 36.83
C MET C 720 9.57 -183.43 36.45
N LEU C 721 8.30 -183.70 36.76
CA LEU C 721 7.76 -185.00 36.38
C LEU C 721 7.69 -185.13 34.86
N ASN C 722 7.33 -184.06 34.17
CA ASN C 722 7.29 -184.11 32.70
C ASN C 722 8.68 -184.38 32.13
N ILE C 723 9.70 -183.70 32.63
CA ILE C 723 11.04 -183.88 32.08
C ILE C 723 11.57 -185.27 32.44
N VAL C 724 11.25 -185.78 33.63
CA VAL C 724 11.71 -187.10 34.03
C VAL C 724 11.09 -188.17 33.13
N GLN C 725 9.77 -188.08 32.91
CA GLN C 725 9.13 -189.08 32.05
C GLN C 725 9.60 -188.95 30.61
N ASP C 726 9.85 -187.72 30.14
CA ASP C 726 10.34 -187.53 28.79
C ASP C 726 11.74 -188.14 28.63
N SER C 727 12.61 -187.93 29.61
CA SER C 727 13.94 -188.51 29.55
C SER C 727 13.89 -190.03 29.63
N ALA C 728 13.01 -190.57 30.47
CA ALA C 728 12.87 -192.02 30.55
C ALA C 728 12.39 -192.60 29.23
N LEU C 729 11.41 -191.96 28.60
CA LEU C 729 10.93 -192.44 27.30
C LEU C 729 12.03 -192.32 26.24
N LEU C 730 12.79 -191.22 26.27
CA LEU C 730 13.85 -191.04 25.30
C LEU C 730 14.94 -192.09 25.43
N GLU C 731 15.31 -192.42 26.67
CA GLU C 731 16.34 -193.44 26.88
C GLU C 731 15.82 -194.84 26.62
N ALA C 732 14.51 -195.06 26.81
CA ALA C 732 13.94 -196.36 26.48
C ALA C 732 13.83 -196.56 24.98
N ILE C 733 13.53 -195.50 24.25
CA ILE C 733 13.41 -195.59 22.79
C ILE C 733 14.78 -195.42 22.14
N ALA C 789 19.07 -192.19 31.00
CA ALA C 789 18.44 -191.23 31.91
C ALA C 789 18.26 -191.86 33.29
N ALA C 790 18.87 -193.02 33.50
CA ALA C 790 18.75 -193.71 34.78
C ALA C 790 19.36 -192.88 35.90
N GLY C 791 20.54 -192.29 35.66
CA GLY C 791 21.18 -191.50 36.69
C GLY C 791 20.36 -190.28 37.08
N LEU C 792 19.85 -189.54 36.08
CA LEU C 792 19.05 -188.36 36.38
C LEU C 792 17.73 -188.73 37.04
N LEU C 793 17.14 -189.86 36.64
CA LEU C 793 15.90 -190.31 37.28
C LEU C 793 16.15 -190.68 38.74
N ILE C 794 17.25 -191.38 39.01
CA ILE C 794 17.57 -191.76 40.39
C ILE C 794 17.84 -190.51 41.23
N ARG C 795 18.59 -189.55 40.67
CA ARG C 795 18.83 -188.31 41.40
C ARG C 795 17.53 -187.56 41.65
N SER C 796 16.63 -187.54 40.67
CA SER C 796 15.36 -186.84 40.83
C SER C 796 14.51 -187.48 41.93
N ILE C 797 14.40 -188.81 41.94
CA ILE C 797 13.59 -189.45 42.97
C ILE C 797 14.24 -189.31 44.34
N HIS C 798 15.58 -189.37 44.40
CA HIS C 798 16.27 -189.18 45.67
C HIS C 798 16.05 -187.76 46.20
N LEU C 799 16.10 -186.76 45.32
CA LEU C 799 15.85 -185.40 45.74
C LEU C 799 14.39 -185.21 46.16
N VAL C 800 13.46 -185.88 45.48
CA VAL C 800 12.06 -185.81 45.88
C VAL C 800 11.88 -186.36 47.29
N THR C 801 12.49 -187.52 47.56
CA THR C 801 12.40 -188.09 48.90
C THR C 801 13.07 -187.19 49.94
N GLN C 802 14.22 -186.62 49.59
CA GLN C 802 14.93 -185.76 50.54
C GLN C 802 14.10 -184.51 50.86
N ARG C 803 13.45 -183.93 49.85
CA ARG C 803 12.60 -182.78 50.11
C ARG C 803 11.36 -183.15 50.89
N LEU C 804 10.75 -184.30 50.58
CA LEU C 804 9.59 -184.75 51.35
C LEU C 804 9.98 -184.99 52.81
N ASN C 805 11.24 -185.32 53.05
CA ASN C 805 11.72 -185.41 54.42
C ASN C 805 12.03 -184.04 55.01
N SER C 806 12.45 -183.09 54.16
CA SER C 806 12.93 -181.79 54.62
C SER C 806 12.06 -180.63 54.14
N GLN C 807 11.86 -180.49 52.82
CA GLN C 807 11.22 -179.31 52.26
C GLN C 807 9.77 -179.54 51.85
N TRP C 808 9.49 -180.58 51.08
CA TRP C 808 8.13 -180.85 50.60
C TRP C 808 7.37 -181.68 51.62
N ARG C 809 7.28 -181.14 52.84
CA ARG C 809 6.60 -181.84 53.92
C ARG C 809 5.62 -180.92 54.65
N GLN C 810 5.90 -179.61 54.65
CA GLN C 810 5.16 -178.70 55.51
C GLN C 810 3.79 -178.37 54.95
N ASP C 811 3.74 -177.74 53.78
CA ASP C 811 2.48 -177.28 53.23
C ASP C 811 1.62 -178.46 52.78
N MET C 812 0.34 -178.45 53.19
CA MET C 812 -0.56 -179.55 52.81
C MET C 812 -0.79 -179.58 51.31
N SER C 813 -0.94 -178.42 50.68
CA SER C 813 -1.07 -178.39 49.21
C SER C 813 0.19 -178.90 48.55
N ILE C 814 1.36 -178.48 49.05
CA ILE C 814 2.62 -179.06 48.58
C ILE C 814 2.68 -180.53 48.96
N SER C 815 2.14 -180.89 50.12
CA SER C 815 2.15 -182.29 50.54
C SER C 815 1.35 -183.15 49.57
N LEU C 816 0.11 -182.76 49.27
CA LEU C 816 -0.68 -183.54 48.31
C LEU C 816 -0.09 -183.47 46.92
N ALA C 817 0.55 -182.37 46.56
CA ALA C 817 1.26 -182.31 45.29
C ALA C 817 2.36 -183.36 45.23
N ALA C 818 3.11 -183.51 46.34
CA ALA C 818 4.17 -184.52 46.39
C ALA C 818 3.60 -185.93 46.36
N LEU C 819 2.48 -186.17 47.04
CA LEU C 819 1.84 -187.49 46.94
C LEU C 819 1.41 -187.80 45.52
N GLU C 820 0.76 -186.84 44.83
CA GLU C 820 0.32 -187.09 43.46
C GLU C 820 1.52 -187.27 42.53
N LEU C 821 2.62 -186.55 42.80
CA LEU C 821 3.83 -186.74 42.01
C LEU C 821 4.40 -188.13 42.21
N LEU C 822 4.49 -188.58 43.47
CA LEU C 822 5.01 -189.93 43.75
C LEU C 822 4.13 -190.99 43.11
N SER C 823 2.81 -190.78 43.11
CA SER C 823 1.94 -191.66 42.36
C SER C 823 2.29 -191.65 40.87
N GLY C 824 2.50 -190.46 40.31
CA GLY C 824 2.97 -190.37 38.94
C GLY C 824 4.39 -190.89 38.78
N LEU C 825 5.25 -190.66 39.77
CA LEU C 825 6.61 -191.17 39.71
C LEU C 825 6.62 -192.69 39.69
N ALA C 826 5.73 -193.32 40.46
CA ALA C 826 5.65 -194.78 40.47
C ALA C 826 5.23 -195.34 39.13
N LYS C 827 4.55 -194.54 38.29
CA LYS C 827 4.14 -195.00 36.97
C LYS C 827 5.36 -195.24 36.08
N THR C 1196 -15.49 -191.10 30.25
CA THR C 1196 -16.25 -190.12 29.49
C THR C 1196 -15.37 -188.93 29.11
N VAL C 1197 -14.31 -189.19 28.35
CA VAL C 1197 -13.39 -188.15 27.92
C VAL C 1197 -13.78 -187.73 26.51
N PHE C 1198 -14.42 -186.57 26.39
CA PHE C 1198 -14.89 -186.09 25.09
C PHE C 1198 -13.72 -185.70 24.20
N ILE C 1199 -13.91 -185.89 22.90
CA ILE C 1199 -12.96 -185.46 21.88
C ILE C 1199 -13.67 -184.49 20.95
N PHE C 1200 -13.07 -183.30 20.76
CA PHE C 1200 -13.61 -182.28 19.87
C PHE C 1200 -12.54 -181.87 18.88
N TYR C 1201 -12.86 -181.96 17.59
CA TYR C 1201 -11.98 -181.52 16.51
C TYR C 1201 -12.58 -180.23 15.93
N MET C 1202 -12.02 -179.10 16.33
CA MET C 1202 -12.57 -177.80 15.96
C MET C 1202 -11.78 -177.21 14.80
N LYS C 1203 -12.48 -176.86 13.74
CA LYS C 1203 -11.93 -176.18 12.59
C LYS C 1203 -12.18 -174.68 12.71
N PRO C 1204 -11.42 -173.86 11.99
CA PRO C 1204 -11.62 -172.41 12.07
C PRO C 1204 -13.03 -172.01 11.63
N GLY C 1205 -13.55 -170.98 12.29
CA GLY C 1205 -14.89 -170.49 11.98
C GLY C 1205 -16.01 -171.46 12.33
N GLN C 1206 -15.95 -172.08 13.51
CA GLN C 1206 -16.99 -172.99 13.96
C GLN C 1206 -17.47 -172.55 15.33
N LYS C 1207 -18.77 -172.40 15.47
CA LYS C 1207 -19.36 -171.97 16.73
C LYS C 1207 -20.49 -172.89 17.21
N THR C 1208 -21.29 -173.42 16.30
CA THR C 1208 -22.44 -174.24 16.66
C THR C 1208 -22.01 -175.69 16.88
N ASN C 1209 -22.54 -176.30 17.94
CA ASN C 1209 -22.22 -177.69 18.25
C ASN C 1209 -22.67 -178.63 17.13
N GLN C 1210 -23.84 -178.36 16.54
CA GLN C 1210 -24.31 -179.18 15.43
C GLN C 1210 -23.35 -179.10 14.24
N GLU C 1211 -22.87 -177.91 13.92
CA GLU C 1211 -21.89 -177.76 12.85
C GLU C 1211 -20.60 -178.50 13.19
N ILE C 1212 -20.17 -178.43 14.45
CA ILE C 1212 -18.97 -179.16 14.87
C ILE C 1212 -19.15 -180.65 14.66
N LEU C 1213 -20.30 -181.19 15.06
CA LEU C 1213 -20.56 -182.61 14.87
C LEU C 1213 -20.59 -182.98 13.39
N LYS C 1214 -21.24 -182.14 12.57
CA LYS C 1214 -21.31 -182.41 11.14
C LYS C 1214 -19.94 -182.41 10.49
N ASN C 1215 -19.08 -181.48 10.92
CA ASN C 1215 -17.72 -181.42 10.36
C ASN C 1215 -16.82 -182.52 10.88
N VAL C 1216 -17.04 -183.00 12.11
CA VAL C 1216 -16.17 -184.03 12.67
C VAL C 1216 -16.60 -185.45 12.28
N GLU C 1217 -17.87 -185.66 11.93
CA GLU C 1217 -18.31 -186.99 11.53
C GLU C 1217 -17.75 -187.40 10.18
N SER C 1218 -17.25 -186.46 9.39
CA SER C 1218 -16.69 -186.78 8.09
C SER C 1218 -15.33 -187.46 8.24
N SER C 1219 -15.03 -188.35 7.30
CA SER C 1219 -13.76 -189.05 7.29
C SER C 1219 -12.68 -188.21 6.62
N ARG C 1220 -11.44 -188.69 6.70
CA ARG C 1220 -10.25 -188.08 6.11
C ARG C 1220 -10.21 -186.57 6.28
N THR C 1221 -10.67 -186.08 7.43
CA THR C 1221 -10.65 -184.67 7.75
C THR C 1221 -9.92 -184.43 9.07
N VAL C 1222 -8.89 -185.23 9.33
CA VAL C 1222 -8.14 -185.17 10.58
C VAL C 1222 -6.66 -185.03 10.26
N GLN C 1223 -5.96 -184.27 11.09
CA GLN C 1223 -4.51 -184.15 10.97
C GLN C 1223 -3.86 -185.50 11.23
N PRO C 1224 -2.86 -185.89 10.41
CA PRO C 1224 -2.16 -187.15 10.69
C PRO C 1224 -1.56 -187.20 12.09
N HIS C 1225 -1.03 -186.08 12.57
CA HIS C 1225 -0.59 -186.01 13.97
C HIS C 1225 -1.78 -186.23 14.90
N PHE C 1226 -2.90 -185.57 14.63
CA PHE C 1226 -4.11 -185.80 15.43
C PHE C 1226 -4.62 -187.22 15.25
N LEU C 1227 -4.53 -187.75 14.04
CA LEU C 1227 -5.00 -189.12 13.79
C LEU C 1227 -4.23 -190.12 14.63
N GLU C 1228 -2.91 -189.97 14.70
CA GLU C 1228 -2.12 -190.83 15.57
C GLU C 1228 -2.35 -190.50 17.04
N PHE C 1229 -2.67 -189.24 17.34
CA PHE C 1229 -2.97 -188.85 18.71
C PHE C 1229 -4.19 -189.59 19.24
N LEU C 1230 -5.21 -189.74 18.40
CA LEU C 1230 -6.36 -190.57 18.78
C LEU C 1230 -5.92 -192.01 19.05
N LEU C 1231 -5.01 -192.53 18.22
CA LEU C 1231 -4.47 -193.86 18.46
C LEU C 1231 -3.50 -193.87 19.64
N SER C 1232 -2.79 -192.76 19.87
CA SER C 1232 -1.81 -192.72 20.95
C SER C 1232 -2.46 -192.79 22.32
N LEU C 1233 -3.68 -192.25 22.45
CA LEU C 1233 -4.36 -192.30 23.74
C LEU C 1233 -4.62 -193.73 24.18
N GLY C 1234 -5.03 -194.59 23.27
CA GLY C 1234 -5.28 -195.98 23.59
C GLY C 1234 -5.95 -196.68 22.43
N TRP C 1235 -6.31 -197.93 22.69
CA TRP C 1235 -7.01 -198.75 21.71
C TRP C 1235 -8.52 -198.62 21.91
N SER C 1236 -9.28 -199.45 21.23
CA SER C 1236 -10.73 -199.44 21.34
C SER C 1236 -11.32 -200.81 21.02
N ILE C 1274 -14.17 -194.10 8.40
CA ILE C 1274 -13.27 -194.24 9.53
C ILE C 1274 -14.04 -194.63 10.79
N GLY C 1275 -13.36 -194.64 11.92
CA GLY C 1275 -14.00 -194.94 13.19
C GLY C 1275 -14.56 -193.71 13.87
N ALA C 1276 -15.34 -192.91 13.14
CA ALA C 1276 -15.97 -191.73 13.74
C ALA C 1276 -16.90 -192.14 14.86
N SER C 1277 -17.69 -193.20 14.66
CA SER C 1277 -18.49 -193.75 15.75
C SER C 1277 -17.59 -194.28 16.86
N ILE C 1278 -16.45 -194.87 16.49
CA ILE C 1278 -15.49 -195.33 17.49
C ILE C 1278 -14.87 -194.14 18.23
N PHE C 1279 -14.48 -193.10 17.48
CA PHE C 1279 -13.86 -191.94 18.10
C PHE C 1279 -14.81 -191.24 19.07
N ASN C 1280 -16.05 -191.03 18.65
CA ASN C 1280 -17.03 -190.41 19.54
C ASN C 1280 -17.56 -191.39 20.58
N GLY C 1281 -17.40 -192.69 20.34
CA GLY C 1281 -17.86 -193.70 21.26
C GLY C 1281 -19.29 -194.17 21.08
N GLN C 1282 -19.89 -193.94 19.90
CA GLN C 1282 -21.27 -194.35 19.69
C GLN C 1282 -21.44 -195.86 19.76
N LYS C 1283 -20.52 -196.60 19.14
CA LYS C 1283 -20.52 -198.07 19.21
C LYS C 1283 -19.45 -198.63 20.11
N LYS C 1284 -18.28 -197.98 20.21
CA LYS C 1284 -17.22 -198.41 21.10
C LYS C 1284 -16.29 -197.24 21.33
N VAL C 1285 -16.15 -196.83 22.59
CA VAL C 1285 -15.29 -195.71 22.93
C VAL C 1285 -13.84 -196.14 22.76
N LEU C 1286 -12.95 -195.15 22.70
CA LEU C 1286 -11.52 -195.43 22.72
C LEU C 1286 -11.18 -195.92 24.12
N TYR C 1287 -11.14 -197.24 24.27
CA TYR C 1287 -11.08 -197.87 25.59
C TYR C 1287 -9.64 -198.27 25.90
N TYR C 1288 -9.05 -197.59 26.87
CA TYR C 1288 -7.75 -197.97 27.42
C TYR C 1288 -7.99 -198.77 28.68
N ALA C 1289 -7.85 -200.09 28.59
CA ALA C 1289 -8.11 -200.98 29.73
C ALA C 1289 -6.92 -200.93 30.69
N ASP C 1290 -6.82 -199.80 31.39
CA ASP C 1290 -5.78 -199.63 32.39
C ASP C 1290 -6.07 -200.51 33.61
N ALA C 1291 -4.99 -200.96 34.26
CA ALA C 1291 -5.14 -201.81 35.43
C ALA C 1291 -5.62 -201.04 36.65
N LEU C 1292 -5.64 -199.71 36.59
CA LEU C 1292 -6.04 -198.88 37.72
C LEU C 1292 -7.43 -198.27 37.54
N THR C 1293 -7.66 -197.56 36.44
CA THR C 1293 -8.92 -196.87 36.21
C THR C 1293 -9.39 -197.15 34.78
N GLU C 1294 -10.70 -197.02 34.59
CA GLU C 1294 -11.32 -197.17 33.28
C GLU C 1294 -11.49 -195.80 32.64
N ILE C 1295 -10.91 -195.62 31.46
CA ILE C 1295 -10.96 -194.37 30.73
C ILE C 1295 -11.72 -194.62 29.43
N ALA C 1296 -12.78 -193.83 29.22
CA ALA C 1296 -13.63 -193.94 28.03
C ALA C 1296 -13.50 -192.64 27.24
N PHE C 1297 -12.59 -192.61 26.28
CA PHE C 1297 -12.42 -191.44 25.44
C PHE C 1297 -13.59 -191.32 24.48
N VAL C 1298 -14.51 -190.40 24.76
CA VAL C 1298 -15.71 -190.21 23.95
C VAL C 1298 -15.62 -188.91 23.17
N VAL C 1377 -14.29 -185.49 32.28
CA VAL C 1377 -13.38 -184.57 31.62
C VAL C 1377 -13.67 -184.51 30.12
N SER C 1378 -12.95 -183.66 29.41
CA SER C 1378 -13.14 -183.52 27.97
C SER C 1378 -11.84 -183.01 27.36
N VAL C 1379 -11.52 -183.53 26.18
CA VAL C 1379 -10.32 -183.15 25.44
C VAL C 1379 -10.75 -182.43 24.17
N VAL C 1380 -10.18 -181.25 23.94
CA VAL C 1380 -10.52 -180.42 22.79
C VAL C 1380 -9.28 -180.27 21.92
N TRP C 1381 -9.42 -180.60 20.64
CA TRP C 1381 -8.35 -180.45 19.66
C TRP C 1381 -8.72 -179.30 18.73
N VAL C 1382 -7.98 -178.19 18.83
CA VAL C 1382 -8.27 -176.98 18.09
C VAL C 1382 -7.11 -176.68 17.15
N GLU C 1383 -7.43 -176.42 15.88
CA GLU C 1383 -6.39 -176.10 14.90
C GLU C 1383 -5.87 -174.68 15.05
N ARG C 1384 -6.61 -173.81 15.74
CA ARG C 1384 -6.21 -172.43 15.97
C ARG C 1384 -6.28 -172.12 17.46
N TYR C 1385 -5.24 -171.43 17.97
CA TYR C 1385 -5.20 -171.13 19.39
C TYR C 1385 -6.17 -170.01 19.76
N ASP C 1386 -6.51 -169.15 18.81
CA ASP C 1386 -7.44 -168.06 19.08
C ASP C 1386 -8.90 -168.50 19.05
N ASP C 1387 -9.18 -169.74 18.65
CA ASP C 1387 -10.53 -170.27 18.63
C ASP C 1387 -10.91 -170.96 19.93
N ILE C 1388 -10.02 -170.99 20.92
CA ILE C 1388 -10.31 -171.66 22.18
C ILE C 1388 -11.41 -170.92 22.94
N GLU C 1389 -11.44 -169.59 22.82
CA GLU C 1389 -12.43 -168.80 23.55
C GLU C 1389 -13.85 -169.21 23.16
N ASN C 1390 -14.09 -169.43 21.88
CA ASN C 1390 -15.40 -169.88 21.39
C ASN C 1390 -15.51 -171.38 21.62
N PHE C 1391 -15.99 -171.74 22.81
CA PHE C 1391 -16.14 -173.13 23.20
C PHE C 1391 -17.56 -173.37 23.68
N PRO C 1392 -18.22 -174.43 23.22
CA PRO C 1392 -19.59 -174.75 23.69
C PRO C 1392 -19.60 -175.37 25.08
N LEU C 1393 -19.36 -174.52 26.08
CA LEU C 1393 -19.31 -174.99 27.46
C LEU C 1393 -20.69 -175.44 27.94
N SER C 1394 -21.74 -174.74 27.51
CA SER C 1394 -23.09 -175.10 27.95
C SER C 1394 -23.49 -176.49 27.48
N GLU C 1395 -22.91 -176.96 26.37
CA GLU C 1395 -23.18 -178.30 25.88
C GLU C 1395 -22.67 -179.38 26.82
N LEU C 1396 -21.71 -179.05 27.69
CA LEU C 1396 -21.24 -180.02 28.68
C LEU C 1396 -22.35 -180.38 29.65
N MET C 1397 -23.16 -179.40 30.05
CA MET C 1397 -24.26 -179.66 30.99
C MET C 1397 -25.27 -180.61 30.37
N THR C 1398 -25.60 -180.43 29.09
CA THR C 1398 -26.57 -181.29 28.43
C THR C 1398 -25.92 -182.57 27.94
N GLU C 1399 -24.87 -182.46 27.13
CA GLU C 1399 -24.18 -183.62 26.59
C GLU C 1399 -23.03 -184.04 27.50
N THR C 1418 -22.96 -175.75 42.74
CA THR C 1418 -21.66 -176.33 43.05
C THR C 1418 -21.27 -177.39 42.01
N LEU C 1419 -22.22 -177.75 41.16
CA LEU C 1419 -21.97 -178.74 40.11
C LEU C 1419 -21.39 -178.12 38.85
N GLU C 1420 -21.30 -176.80 38.77
CA GLU C 1420 -20.78 -176.15 37.57
C GLU C 1420 -19.30 -176.47 37.34
N LYS C 1421 -18.50 -176.41 38.40
CA LYS C 1421 -17.06 -176.59 38.29
C LYS C 1421 -16.63 -178.04 38.38
N GLU C 1422 -17.56 -178.97 38.56
CA GLU C 1422 -17.19 -180.37 38.72
C GLU C 1422 -16.51 -180.92 37.47
N VAL C 1423 -17.03 -180.60 36.30
CA VAL C 1423 -16.49 -181.12 35.04
C VAL C 1423 -15.29 -180.27 34.59
N PRO C 1424 -14.12 -180.88 34.42
CA PRO C 1424 -12.98 -180.15 33.88
C PRO C 1424 -12.88 -180.31 32.37
N VAL C 1425 -12.20 -179.33 31.76
CA VAL C 1425 -12.03 -179.29 30.31
C VAL C 1425 -10.54 -179.20 30.00
N ILE C 1426 -10.10 -180.01 29.04
CA ILE C 1426 -8.70 -180.03 28.60
C ILE C 1426 -8.66 -179.64 27.13
N PHE C 1427 -7.77 -178.71 26.80
CA PHE C 1427 -7.62 -178.20 25.44
C PHE C 1427 -6.26 -178.61 24.90
N ILE C 1428 -6.25 -179.10 23.66
CA ILE C 1428 -5.02 -179.48 22.96
C ILE C 1428 -4.97 -178.68 21.67
N HIS C 1429 -3.81 -178.10 21.37
CA HIS C 1429 -3.63 -177.27 20.18
C HIS C 1429 -2.32 -177.64 19.48
N PRO C 1430 -2.38 -178.22 18.29
CA PRO C 1430 -1.15 -178.45 17.53
C PRO C 1430 -0.56 -177.14 17.01
N LEU C 1431 0.72 -177.20 16.68
CA LEU C 1431 1.47 -176.03 16.23
C LEU C 1431 2.10 -176.30 14.87
N ASN C 1432 2.35 -175.21 14.13
CA ASN C 1432 2.98 -175.34 12.82
C ASN C 1432 4.42 -175.81 12.90
N THR C 1433 5.05 -175.70 14.07
CA THR C 1433 6.42 -176.14 14.27
C THR C 1433 6.52 -177.61 14.64
N GLY C 1434 5.39 -178.32 14.75
CA GLY C 1434 5.39 -179.73 15.08
C GLY C 1434 5.07 -180.04 16.53
N LEU C 1435 5.20 -179.07 17.42
CA LEU C 1435 4.89 -179.28 18.82
C LEU C 1435 3.40 -179.08 19.07
N PHE C 1436 2.99 -179.18 20.34
CA PHE C 1436 1.59 -179.06 20.72
C PHE C 1436 1.46 -178.13 21.92
N ARG C 1437 0.34 -177.41 21.97
CA ARG C 1437 0.06 -176.47 23.04
C ARG C 1437 -1.16 -176.95 23.81
N ILE C 1438 -1.08 -176.91 25.14
CA ILE C 1438 -2.10 -177.47 26.02
C ILE C 1438 -2.68 -176.34 26.87
N LYS C 1439 -4.01 -176.29 26.94
CA LYS C 1439 -4.72 -175.35 27.79
C LYS C 1439 -5.67 -176.10 28.70
N ILE C 1440 -5.74 -175.67 29.95
CA ILE C 1440 -6.55 -176.33 30.98
C ILE C 1440 -7.50 -175.31 31.59
N GLN C 1441 -8.76 -175.71 31.75
CA GLN C 1441 -9.77 -174.89 32.40
C GLN C 1441 -10.45 -175.68 33.50
N GLY C 1442 -10.77 -175.00 34.60
CA GLY C 1442 -11.46 -175.64 35.72
C GLY C 1442 -10.59 -176.49 36.61
N ALA C 1443 -9.27 -176.42 36.47
CA ALA C 1443 -8.40 -177.24 37.30
C ALA C 1443 -8.40 -176.77 38.75
N THR C 1444 -8.54 -175.47 38.99
CA THR C 1444 -8.53 -174.95 40.34
C THR C 1444 -9.76 -175.41 41.11
N GLY C 1445 -9.58 -175.62 42.42
CA GLY C 1445 -10.67 -176.07 43.27
C GLY C 1445 -10.37 -175.81 44.74
N LYS C 1446 -10.70 -176.78 45.59
CA LYS C 1446 -10.36 -176.67 47.01
C LYS C 1446 -8.85 -176.57 47.19
N PHE C 1447 -8.10 -177.38 46.46
CA PHE C 1447 -6.64 -177.33 46.47
C PHE C 1447 -6.18 -176.27 45.47
N ASN C 1448 -4.87 -176.24 45.19
CA ASN C 1448 -4.33 -175.23 44.29
C ASN C 1448 -4.70 -175.50 42.84
N MET C 1449 -4.27 -176.64 42.30
CA MET C 1449 -4.49 -176.97 40.90
C MET C 1449 -4.18 -178.46 40.71
N VAL C 1450 -4.11 -178.88 39.45
CA VAL C 1450 -3.71 -180.23 39.10
C VAL C 1450 -2.20 -180.29 38.99
N ILE C 1451 -1.61 -181.36 39.52
CA ILE C 1451 -0.15 -181.47 39.64
C ILE C 1451 0.51 -181.85 38.32
N PRO C 1452 0.12 -182.95 37.64
CA PRO C 1452 0.92 -183.42 36.49
C PRO C 1452 0.97 -182.44 35.34
N LEU C 1453 -0.18 -182.04 34.83
CA LEU C 1453 -0.28 -181.17 33.65
C LEU C 1453 -0.68 -179.78 34.12
N VAL C 1454 0.31 -178.89 34.24
CA VAL C 1454 0.07 -177.51 34.63
C VAL C 1454 -0.36 -176.72 33.40
N ASP C 1455 -0.90 -175.52 33.63
CA ASP C 1455 -1.38 -174.70 32.53
C ASP C 1455 -0.22 -174.22 31.67
N GLY C 1456 -0.47 -174.13 30.35
CA GLY C 1456 0.54 -173.67 29.42
C GLY C 1456 1.73 -174.60 29.31
N MET C 1457 1.47 -175.89 29.18
CA MET C 1457 2.53 -176.89 29.11
C MET C 1457 2.74 -177.35 27.68
N ILE C 1458 3.97 -177.72 27.35
CA ILE C 1458 4.33 -178.23 26.03
C ILE C 1458 4.96 -179.61 26.22
N VAL C 1459 4.48 -180.58 25.44
CA VAL C 1459 4.92 -181.97 25.57
C VAL C 1459 5.20 -182.53 24.18
N SER C 1460 5.94 -183.64 24.17
CA SER C 1460 6.31 -184.31 22.93
C SER C 1460 5.15 -185.18 22.43
N ARG C 1461 5.27 -185.61 21.17
CA ARG C 1461 4.21 -186.41 20.56
C ARG C 1461 4.21 -187.84 21.09
N ARG C 1462 5.40 -188.41 21.32
CA ARG C 1462 5.47 -189.80 21.76
C ARG C 1462 4.77 -190.01 23.10
N ALA C 1463 5.01 -189.11 24.05
CA ALA C 1463 4.40 -189.20 25.37
C ALA C 1463 3.10 -188.42 25.47
N LEU C 1464 2.63 -187.84 24.36
CA LEU C 1464 1.40 -187.06 24.41
C LEU C 1464 0.23 -187.91 24.90
N GLY C 1465 0.03 -189.08 24.30
CA GLY C 1465 -1.01 -189.97 24.76
C GLY C 1465 -0.80 -190.43 26.18
N PHE C 1466 0.43 -190.80 26.52
CA PHE C 1466 0.71 -191.30 27.87
C PHE C 1466 0.57 -190.20 28.91
N LEU C 1467 1.08 -189.01 28.64
CA LEU C 1467 0.93 -187.93 29.60
C LEU C 1467 -0.53 -187.50 29.73
N VAL C 1468 -1.27 -187.53 28.62
CA VAL C 1468 -2.69 -187.18 28.69
C VAL C 1468 -3.46 -188.20 29.51
N ARG C 1469 -3.21 -189.49 29.30
CA ARG C 1469 -3.90 -190.51 30.07
C ARG C 1469 -3.54 -190.40 31.55
N GLN C 1470 -2.27 -190.13 31.85
CA GLN C 1470 -1.87 -189.94 33.25
C GLN C 1470 -2.54 -188.71 33.86
N THR C 1471 -2.63 -187.62 33.10
CA THR C 1471 -3.30 -186.42 33.59
C THR C 1471 -4.78 -186.69 33.87
N VAL C 1472 -5.44 -187.43 32.98
CA VAL C 1472 -6.85 -187.76 33.18
C VAL C 1472 -7.01 -188.62 34.42
N ILE C 1473 -6.12 -189.60 34.61
CA ILE C 1473 -6.20 -190.47 35.79
C ILE C 1473 -6.01 -189.65 37.05
N ASN C 1474 -5.04 -188.74 37.06
CA ASN C 1474 -4.80 -187.91 38.24
C ASN C 1474 -5.97 -186.98 38.52
N ILE C 1475 -6.57 -186.42 37.46
CA ILE C 1475 -7.73 -185.55 37.64
C ILE C 1475 -8.90 -186.34 38.21
N CYS C 1476 -9.11 -187.57 37.72
CA CYS C 1476 -10.16 -188.41 38.26
C CYS C 1476 -9.91 -188.76 39.72
N ARG C 1477 -8.65 -189.04 40.07
CA ARG C 1477 -8.32 -189.31 41.46
C ARG C 1477 -8.59 -188.10 42.34
N ARG C 1478 -8.22 -186.91 41.86
CA ARG C 1478 -8.51 -185.69 42.62
C ARG C 1478 -10.01 -185.48 42.78
N LYS C 1479 -10.78 -185.70 41.72
CA LYS C 1479 -12.22 -185.53 41.79
C LYS C 1479 -12.84 -186.50 42.79
N ARG C 1480 -12.40 -187.76 42.76
CA ARG C 1480 -12.91 -188.74 43.71
C ARG C 1480 -12.53 -188.40 45.14
N LEU C 1481 -11.29 -187.96 45.35
CA LEU C 1481 -10.83 -187.63 46.70
C LEU C 1481 -11.55 -186.40 47.24
N GLU C 1482 -11.74 -185.38 46.40
CA GLU C 1482 -12.43 -184.16 46.82
C GLU C 1482 -13.89 -184.43 47.15
N VAL D 1545 -8.74 -153.75 6.68
CA VAL D 1545 -9.96 -153.46 7.39
C VAL D 1545 -10.06 -151.98 7.74
N LEU D 1546 -10.69 -151.67 8.86
CA LEU D 1546 -10.84 -150.27 9.26
C LEU D 1546 -9.51 -149.61 9.58
N ASP D 1547 -8.47 -150.41 9.85
CA ASP D 1547 -7.13 -149.84 9.96
C ASP D 1547 -6.64 -149.32 8.61
N LYS D 1548 -6.80 -150.13 7.56
CA LYS D 1548 -6.43 -149.67 6.22
C LYS D 1548 -7.32 -148.51 5.77
N LEU D 1549 -8.61 -148.56 6.12
CA LEU D 1549 -9.51 -147.45 5.79
C LEU D 1549 -9.07 -146.17 6.48
N LEU D 1550 -8.70 -146.26 7.76
CA LEU D 1550 -8.21 -145.10 8.50
C LEU D 1550 -6.92 -144.57 7.87
N GLU D 1551 -6.03 -145.47 7.47
CA GLU D 1551 -4.80 -145.03 6.81
C GLU D 1551 -5.10 -144.31 5.51
N ASN D 1552 -6.04 -144.83 4.72
CA ASN D 1552 -6.40 -144.18 3.46
C ASN D 1552 -7.03 -142.82 3.70
N ILE D 1553 -7.91 -142.70 4.69
CA ILE D 1553 -8.54 -141.41 4.98
C ILE D 1553 -7.49 -140.41 5.46
N GLY D 1554 -6.57 -140.83 6.32
CA GLY D 1554 -5.51 -139.94 6.76
C GLY D 1554 -4.59 -139.51 5.63
N HIS D 1555 -4.27 -140.44 4.72
CA HIS D 1555 -3.42 -140.11 3.60
C HIS D 1555 -4.11 -139.16 2.63
N THR D 1556 -5.42 -139.33 2.45
CA THR D 1556 -6.16 -138.45 1.55
C THR D 1556 -6.13 -137.01 2.04
N SER D 1557 -6.21 -136.81 3.35
CA SER D 1557 -6.16 -135.47 3.93
C SER D 1557 -4.82 -134.79 3.66
N THR D 1574 13.19 -146.05 9.67
CA THR D 1574 13.82 -147.22 10.26
C THR D 1574 14.60 -146.84 11.52
N PRO D 1575 14.54 -147.69 12.54
CA PRO D 1575 15.30 -147.43 13.77
C PRO D 1575 16.79 -147.41 13.50
N CYS D 1576 17.49 -146.59 14.30
CA CYS D 1576 18.92 -146.35 14.11
C CYS D 1576 19.80 -147.40 14.79
N GLY D 1577 19.27 -148.60 15.05
CA GLY D 1577 20.09 -149.64 15.66
C GLY D 1577 21.24 -150.08 14.77
N MET D 1578 20.96 -150.34 13.50
CA MET D 1578 21.96 -150.74 12.53
C MET D 1578 21.64 -150.07 11.20
N ASN D 1579 22.30 -150.54 10.14
CA ASN D 1579 22.11 -150.00 8.80
C ASN D 1579 21.26 -150.96 7.96
N TYR D 1580 21.09 -150.60 6.69
CA TYR D 1580 20.28 -151.41 5.79
C TYR D 1580 20.93 -152.77 5.52
N ASP D 1581 22.26 -152.80 5.38
CA ASP D 1581 22.94 -154.04 5.05
C ASP D 1581 22.86 -155.05 6.20
N GLN D 1582 23.02 -154.58 7.44
CA GLN D 1582 22.90 -155.48 8.58
C GLN D 1582 21.50 -156.07 8.68
N GLU D 1583 20.48 -155.24 8.49
CA GLU D 1583 19.11 -155.74 8.49
C GLU D 1583 18.89 -156.75 7.37
N LYS D 1584 19.43 -156.46 6.18
CA LYS D 1584 19.32 -157.39 5.06
C LYS D 1584 19.95 -158.73 5.40
N GLU D 1585 21.15 -158.71 5.98
CA GLU D 1585 21.84 -159.95 6.33
C GLU D 1585 21.05 -160.74 7.36
N ILE D 1586 20.55 -160.07 8.41
CA ILE D 1586 19.84 -160.77 9.47
C ILE D 1586 18.53 -161.36 8.95
N ILE D 1587 17.79 -160.59 8.14
CA ILE D 1587 16.54 -161.14 7.60
C ILE D 1587 16.82 -162.26 6.61
N GLU D 1588 17.93 -162.18 5.87
CA GLU D 1588 18.29 -163.27 4.99
C GLU D 1588 18.60 -164.54 5.76
N VAL D 1589 19.31 -164.42 6.87
CA VAL D 1589 19.60 -165.57 7.72
C VAL D 1589 18.30 -166.15 8.29
N ILE D 1590 17.40 -165.26 8.72
CA ILE D 1590 16.12 -165.71 9.26
C ILE D 1590 15.32 -166.46 8.20
N LEU D 1591 15.29 -165.92 6.97
CA LEU D 1591 14.54 -166.57 5.90
C LEU D 1591 15.15 -167.91 5.53
N ARG D 1592 16.48 -167.99 5.46
CA ARG D 1592 17.11 -169.26 5.12
C ARG D 1592 16.96 -170.29 6.24
N GLN D 1593 16.84 -169.84 7.49
CA GLN D 1593 16.56 -170.76 8.58
C GLN D 1593 15.12 -171.27 8.51
N ASN D 1594 14.16 -170.36 8.27
CA ASN D 1594 12.77 -170.76 8.18
C ASN D 1594 12.54 -171.71 7.01
N ALA D 1595 13.15 -171.42 5.87
CA ALA D 1595 13.03 -172.31 4.72
C ALA D 1595 13.66 -173.67 5.00
N GLN D 1596 14.69 -173.71 5.84
CA GLN D 1596 15.32 -174.95 6.23
C GLN D 1596 14.67 -175.60 7.45
N GLU D 1597 13.68 -174.94 8.06
CA GLU D 1597 12.98 -175.54 9.19
C GLU D 1597 12.22 -176.78 8.77
N ASP D 1598 11.81 -176.86 7.50
CA ASP D 1598 11.15 -178.07 7.02
C ASP D 1598 12.08 -179.28 7.05
N GLU D 1599 13.40 -179.06 7.04
CA GLU D 1599 14.36 -180.14 7.10
C GLU D 1599 14.62 -180.60 8.53
N TYR D 1600 14.55 -179.68 9.51
CA TYR D 1600 14.72 -180.08 10.89
C TYR D 1600 13.63 -181.05 11.33
N ILE D 1601 12.38 -180.76 10.97
CA ILE D 1601 11.28 -181.66 11.31
C ILE D 1601 11.47 -183.00 10.62
N GLN D 1602 11.95 -182.97 9.37
CA GLN D 1602 12.24 -184.21 8.65
C GLN D 1602 13.42 -184.93 9.28
N SER D 1603 14.40 -184.19 9.80
CA SER D 1603 15.46 -184.83 10.58
C SER D 1603 14.88 -185.50 11.81
N HIS D 1604 13.95 -184.83 12.48
CA HIS D 1604 13.28 -185.46 13.61
C HIS D 1604 12.10 -186.31 13.14
N ASN D 1605 11.88 -186.36 11.82
CA ASN D 1605 11.11 -187.43 11.24
C ASN D 1605 12.00 -188.61 10.88
N PHE D 1606 13.26 -188.34 10.54
CA PHE D 1606 14.25 -189.41 10.44
C PHE D 1606 14.39 -190.11 11.78
N ASP D 1607 14.43 -189.35 12.87
CA ASP D 1607 14.17 -189.91 14.18
C ASP D 1607 12.71 -190.33 14.26
N SER D 1608 12.46 -191.51 14.81
CA SER D 1608 11.11 -192.04 14.85
C SER D 1608 10.23 -191.21 15.78
N ALA D 1609 9.06 -190.82 15.27
CA ALA D 1609 8.09 -190.03 16.01
C ALA D 1609 8.70 -188.77 16.61
#